data_7W7D
#
_entry.id   7W7D
#
_cell.length_a   82.585
_cell.length_b   135.026
_cell.length_c   160.969
_cell.angle_alpha   112.488
_cell.angle_beta   100.412
_cell.angle_gamma   93.776
#
_symmetry.space_group_name_H-M   'P 1'
#
loop_
_entity.id
_entity.type
_entity.pdbx_description
1 polymer 'Putative ABC transport system, ATP-binding protein'
2 polymer 'Putative ABC transport system integral membrane protein'
3 non-polymer 'PROTOPORPHYRIN IX CONTAINING FE'
#
loop_
_entity_poly.entity_id
_entity_poly.type
_entity_poly.pdbx_seq_one_letter_code
_entity_poly.pdbx_strand_id
1 'polypeptide(L)'
;MSAAPVLSITNASVVYPDGISTVTALDSANVEIFPGELVAIVGESGSGKSTLLSIAGFLQEPTSGTVTLHGAEGLDATST
RREHIGFVFQQPNLLGSLTAREQLLITDHLRGIKPRKDRADELLARVGLKGLGGRRVAQLSGGQRQRVNIARALMGNPQL
LLADEPTSALDARLSKEIVELLRDVTKEFALATLMVTHDRSQLAYADRFVEMADGKALQTAKLWSHPQFEK
;
A,C,E,G,I,K
2 'polypeptide(L)'
;MFLGIRDIRAAAGRFALIASVVGLITLLIVMLTGLTQGLGKQNTSAIEALAPHSVVFTTAGGSSPEFTSSEISEQQAERW
KDSTPLGVSQTRIESDQNANTTAVMGLPEGTPLPDSVGGFIEQGALLPAELADFLHVRAGDHITLGGATVTVAGTVKTEN
YSHTPVVWVDTATWQLVSHTKAVGTVLLLNQEPTIQPQDNEVVTDLKGAFQAMPAYKSERSSLLSMQAFLYIISALVTVA
FLTVWTLQRTRDIAVLAALGASKRYLLIDALGQAAIILAAGVALGAGIGALLGWLIAGSVPFSLGWVSVLGPALGIWLLG
LIGATIAVRNVTKVDPQIALGATA
;
B,D,F,H,J,L
#
# COMPACT_ATOMS: atom_id res chain seq x y z
N ALA A 3 29.07 38.81 -37.46
CA ALA A 3 28.78 40.20 -37.15
C ALA A 3 27.35 40.57 -37.54
N ALA A 4 26.55 39.56 -37.85
CA ALA A 4 25.16 39.78 -38.25
C ALA A 4 24.30 38.60 -37.83
N PRO A 5 23.27 38.83 -37.02
CA PRO A 5 22.42 37.71 -36.58
C PRO A 5 21.62 37.12 -37.73
N VAL A 6 21.32 35.83 -37.62
CA VAL A 6 20.47 35.15 -38.58
C VAL A 6 19.00 35.25 -38.19
N LEU A 7 18.70 35.01 -36.91
CA LEU A 7 17.33 35.03 -36.40
C LEU A 7 17.24 35.94 -35.18
N SER A 8 16.16 36.71 -35.11
CA SER A 8 15.90 37.59 -33.97
C SER A 8 14.43 37.47 -33.59
N ILE A 9 14.17 36.84 -32.44
CA ILE A 9 12.83 36.73 -31.87
C ILE A 9 12.73 37.73 -30.73
N THR A 10 11.97 38.81 -30.95
CA THR A 10 11.86 39.89 -29.97
C THR A 10 10.46 39.89 -29.37
N ASN A 11 10.38 39.69 -28.06
CA ASN A 11 9.13 39.77 -27.30
C ASN A 11 7.99 39.05 -28.01
N ALA A 12 8.22 37.79 -28.33
CA ALA A 12 7.25 36.96 -29.03
C ALA A 12 6.42 36.15 -28.05
N SER A 13 5.14 36.01 -28.35
CA SER A 13 4.23 35.25 -27.50
C SER A 13 3.20 34.55 -28.37
N VAL A 14 2.82 33.34 -27.98
CA VAL A 14 1.84 32.55 -28.71
C VAL A 14 0.75 32.11 -27.74
N VAL A 15 -0.50 32.27 -28.17
CA VAL A 15 -1.68 31.89 -27.37
C VAL A 15 -2.56 30.98 -28.22
N TYR A 16 -2.64 29.69 -27.84
CA TYR A 16 -3.51 28.79 -28.58
C TYR A 16 -4.86 28.67 -27.88
N PRO A 17 -5.93 28.47 -28.63
CA PRO A 17 -7.22 28.20 -27.99
C PRO A 17 -7.29 26.77 -27.47
N ASP A 18 -7.02 26.59 -26.18
CA ASP A 18 -7.05 25.28 -25.54
C ASP A 18 -8.51 24.91 -25.27
N GLY A 19 -9.15 24.26 -26.25
CA GLY A 19 -10.54 23.89 -26.10
C GLY A 19 -11.43 25.11 -26.04
N ILE A 20 -12.24 25.23 -24.98
CA ILE A 20 -13.15 26.35 -24.86
C ILE A 20 -12.42 27.60 -24.39
N SER A 21 -11.32 27.45 -23.65
CA SER A 21 -10.58 28.57 -23.11
C SER A 21 -9.30 28.79 -23.91
N THR A 22 -8.46 29.71 -23.44
CA THR A 22 -7.17 30.00 -24.06
C THR A 22 -6.04 29.66 -23.11
N VAL A 23 -4.86 29.46 -23.67
CA VAL A 23 -3.66 29.12 -22.91
C VAL A 23 -2.47 29.82 -23.54
N THR A 24 -1.68 30.51 -22.72
CA THR A 24 -0.46 31.19 -23.18
C THR A 24 0.65 30.17 -23.29
N ALA A 25 0.98 29.77 -24.53
CA ALA A 25 2.03 28.78 -24.73
C ALA A 25 3.41 29.43 -24.62
N LEU A 26 3.69 30.41 -25.47
CA LEU A 26 4.92 31.19 -25.41
C LEU A 26 4.61 32.55 -24.82
N ASP A 27 5.45 33.01 -23.90
CA ASP A 27 5.23 34.25 -23.17
C ASP A 27 6.47 35.13 -23.26
N SER A 28 6.44 36.09 -24.17
CA SER A 28 7.50 37.11 -24.30
C SER A 28 8.86 36.48 -24.45
N ALA A 29 9.00 35.66 -25.51
CA ALA A 29 10.27 35.02 -25.81
C ALA A 29 11.20 35.98 -26.54
N ASN A 30 12.47 35.99 -26.12
CA ASN A 30 13.50 36.82 -26.73
C ASN A 30 14.73 35.95 -27.00
N VAL A 31 15.02 35.68 -28.27
CA VAL A 31 16.16 34.85 -28.65
C VAL A 31 16.78 35.41 -29.92
N GLU A 32 18.10 35.38 -30.00
CA GLU A 32 18.84 35.84 -31.17
C GLU A 32 19.99 34.88 -31.44
N ILE A 33 20.12 34.44 -32.69
CA ILE A 33 21.14 33.48 -33.08
C ILE A 33 22.00 34.09 -34.17
N PHE A 34 23.30 33.87 -34.06
CA PHE A 34 24.29 34.34 -35.01
C PHE A 34 24.83 33.17 -35.82
N PRO A 35 25.44 33.44 -36.98
CA PRO A 35 25.96 32.34 -37.80
C PRO A 35 26.96 31.51 -37.03
N GLY A 36 26.82 30.19 -37.13
CA GLY A 36 27.73 29.27 -36.49
C GLY A 36 27.41 28.92 -35.04
N GLU A 37 26.33 29.46 -34.48
CA GLU A 37 25.95 29.16 -33.11
C GLU A 37 25.04 27.95 -33.05
N LEU A 38 25.25 27.11 -32.04
CA LEU A 38 24.31 26.07 -31.65
C LEU A 38 23.72 26.45 -30.29
N VAL A 39 22.48 26.92 -30.29
CA VAL A 39 21.79 27.32 -29.07
C VAL A 39 20.76 26.24 -28.75
N ALA A 40 20.93 25.60 -27.59
CA ALA A 40 19.97 24.60 -27.12
C ALA A 40 18.85 25.27 -26.33
N ILE A 41 17.69 24.63 -26.33
CA ILE A 41 16.53 25.06 -25.55
C ILE A 41 16.14 23.91 -24.62
N VAL A 42 16.38 24.08 -23.32
CA VAL A 42 16.13 23.04 -22.35
C VAL A 42 14.90 23.41 -21.52
N GLY A 43 14.32 22.40 -20.89
CA GLY A 43 13.15 22.58 -20.06
C GLY A 43 12.31 21.32 -20.08
N GLU A 44 11.43 21.22 -19.09
CA GLU A 44 10.56 20.07 -18.98
C GLU A 44 9.58 20.01 -20.17
N SER A 45 8.91 18.87 -20.28
CA SER A 45 7.94 18.67 -21.35
C SER A 45 6.73 19.60 -21.11
N GLY A 46 6.45 20.44 -22.10
CA GLY A 46 5.34 21.38 -22.00
C GLY A 46 5.70 22.75 -21.47
N SER A 47 6.98 23.11 -21.47
CA SER A 47 7.41 24.42 -21.01
C SER A 47 7.38 25.48 -22.10
N GLY A 48 7.11 25.10 -23.34
CA GLY A 48 7.10 26.03 -24.45
C GLY A 48 8.26 25.89 -25.41
N LYS A 49 9.04 24.81 -25.31
CA LYS A 49 10.14 24.59 -26.24
C LYS A 49 9.64 24.47 -27.67
N SER A 50 8.72 23.54 -27.90
CA SER A 50 8.21 23.33 -29.26
C SER A 50 7.52 24.57 -29.79
N THR A 51 6.78 25.28 -28.94
CA THR A 51 6.12 26.51 -29.37
C THR A 51 7.14 27.54 -29.84
N LEU A 52 8.25 27.68 -29.12
CA LEU A 52 9.30 28.59 -29.55
C LEU A 52 9.90 28.13 -30.87
N LEU A 53 10.12 26.83 -31.03
CA LEU A 53 10.67 26.31 -32.28
C LEU A 53 9.77 26.62 -33.46
N SER A 54 8.47 26.30 -33.34
CA SER A 54 7.56 26.58 -34.44
C SER A 54 7.54 28.07 -34.78
N ILE A 55 7.71 28.94 -33.78
CA ILE A 55 7.81 30.36 -34.06
C ILE A 55 9.07 30.67 -34.85
N ALA A 56 10.21 30.08 -34.46
CA ALA A 56 11.46 30.32 -35.16
C ALA A 56 11.44 29.76 -36.58
N GLY A 57 10.61 28.77 -36.86
CA GLY A 57 10.50 28.19 -38.18
C GLY A 57 9.37 28.75 -39.02
N PHE A 58 8.76 29.86 -38.60
CA PHE A 58 7.69 30.49 -39.35
C PHE A 58 6.55 29.52 -39.64
N LEU A 59 6.38 28.52 -38.78
CA LEU A 59 5.26 27.60 -38.89
C LEU A 59 3.98 28.18 -38.30
N GLN A 60 4.09 29.25 -37.52
CA GLN A 60 2.93 29.99 -37.03
C GLN A 60 3.41 31.35 -36.56
N GLU A 61 2.62 32.38 -36.85
CA GLU A 61 2.99 33.70 -36.39
C GLU A 61 2.68 33.84 -34.90
N PRO A 62 3.49 34.62 -34.18
CA PRO A 62 3.20 34.87 -32.77
C PRO A 62 1.94 35.71 -32.62
N THR A 63 1.20 35.45 -31.53
CA THR A 63 0.04 36.28 -31.23
C THR A 63 0.45 37.68 -30.81
N SER A 64 1.71 37.88 -30.44
CA SER A 64 2.25 39.20 -30.13
C SER A 64 3.77 39.12 -30.24
N GLY A 65 4.37 40.26 -30.54
CA GLY A 65 5.80 40.32 -30.80
C GLY A 65 6.14 39.99 -32.23
N THR A 66 7.42 40.16 -32.57
CA THR A 66 7.88 40.03 -33.94
C THR A 66 9.04 39.03 -34.00
N VAL A 67 9.13 38.33 -35.13
CA VAL A 67 10.21 37.40 -35.41
C VAL A 67 10.77 37.75 -36.78
N THR A 68 12.07 38.06 -36.83
CA THR A 68 12.72 38.53 -38.06
C THR A 68 13.88 37.60 -38.38
N LEU A 69 13.88 37.05 -39.59
CA LEU A 69 15.00 36.29 -40.11
C LEU A 69 15.70 37.15 -41.16
N HIS A 70 16.91 37.61 -40.85
CA HIS A 70 17.59 38.54 -41.72
C HIS A 70 18.05 37.83 -42.99
N GLY A 71 17.97 38.56 -44.11
CA GLY A 71 18.15 37.96 -45.42
C GLY A 71 16.88 37.42 -46.04
N ALA A 72 15.77 37.37 -45.30
CA ALA A 72 14.49 36.89 -45.79
C ALA A 72 13.39 37.94 -45.57
N GLU A 73 13.77 39.20 -45.38
CA GLU A 73 12.79 40.26 -45.19
C GLU A 73 11.95 40.45 -46.45
N GLY A 74 10.66 40.66 -46.25
CA GLY A 74 9.75 40.81 -47.37
C GLY A 74 9.29 39.50 -47.99
N LEU A 75 9.26 38.42 -47.20
CA LEU A 75 8.85 37.12 -47.68
C LEU A 75 7.79 36.54 -46.75
N ASP A 76 6.82 35.84 -47.32
CA ASP A 76 5.79 35.18 -46.53
C ASP A 76 6.41 34.07 -45.69
N ALA A 77 5.60 33.54 -44.77
CA ALA A 77 6.09 32.51 -43.85
C ALA A 77 6.57 31.27 -44.62
N THR A 78 5.78 30.81 -45.58
CA THR A 78 6.13 29.60 -46.31
C THR A 78 7.40 29.80 -47.14
N SER A 79 7.47 30.91 -47.87
CA SER A 79 8.67 31.18 -48.68
C SER A 79 9.92 31.30 -47.81
N THR A 80 9.77 31.80 -46.58
CA THR A 80 10.93 31.88 -45.68
C THR A 80 11.45 30.50 -45.34
N ARG A 81 10.55 29.57 -44.99
CA ARG A 81 10.98 28.21 -44.68
C ARG A 81 11.70 27.57 -45.87
N ARG A 82 11.18 27.80 -47.07
CA ARG A 82 11.69 27.10 -48.24
C ARG A 82 13.13 27.51 -48.55
N GLU A 83 13.47 28.78 -48.35
CA GLU A 83 14.74 29.31 -48.82
C GLU A 83 15.77 29.55 -47.74
N HIS A 84 15.37 29.61 -46.46
CA HIS A 84 16.30 30.01 -45.42
C HIS A 84 16.36 29.10 -44.22
N ILE A 85 15.48 28.10 -44.11
CA ILE A 85 15.39 27.27 -42.92
C ILE A 85 15.46 25.81 -43.30
N GLY A 86 16.18 25.03 -42.50
CA GLY A 86 16.18 23.59 -42.62
C GLY A 86 15.63 22.95 -41.36
N PHE A 87 14.70 22.01 -41.51
CA PHE A 87 14.00 21.43 -40.36
C PHE A 87 14.50 20.00 -40.13
N VAL A 88 14.96 19.74 -38.90
CA VAL A 88 15.25 18.39 -38.45
C VAL A 88 14.16 17.99 -37.46
N PHE A 89 13.04 17.50 -37.99
CA PHE A 89 11.88 17.19 -37.19
C PHE A 89 12.19 16.10 -36.17
N GLN A 90 11.38 16.07 -35.10
CA GLN A 90 11.55 15.04 -34.09
C GLN A 90 11.42 13.65 -34.69
N GLN A 91 10.36 13.43 -35.45
CA GLN A 91 10.37 12.21 -36.25
C GLN A 91 11.05 12.49 -37.58
N PRO A 92 11.81 11.52 -38.10
CA PRO A 92 12.57 11.78 -39.34
C PRO A 92 11.73 12.35 -40.46
N ASN A 93 10.44 12.02 -40.50
CA ASN A 93 9.53 12.53 -41.51
C ASN A 93 10.04 12.23 -42.93
N LEU A 94 10.48 11.00 -43.13
CA LEU A 94 10.85 10.53 -44.45
C LEU A 94 9.61 10.08 -45.21
N LEU A 95 9.48 10.53 -46.47
CA LEU A 95 8.35 10.12 -47.29
C LEU A 95 8.49 8.66 -47.70
N GLY A 96 7.44 7.87 -47.44
CA GLY A 96 7.57 6.43 -47.53
C GLY A 96 8.04 5.95 -48.89
N SER A 97 7.49 6.51 -49.97
CA SER A 97 7.74 6.00 -51.31
C SER A 97 9.05 6.47 -51.91
N LEU A 98 9.82 7.30 -51.21
CA LEU A 98 11.07 7.83 -51.74
C LEU A 98 12.26 7.15 -51.09
N THR A 99 13.37 7.11 -51.82
CA THR A 99 14.62 6.57 -51.30
C THR A 99 15.39 7.66 -50.55
N ALA A 100 16.42 7.21 -49.81
CA ALA A 100 17.24 8.13 -49.04
C ALA A 100 17.70 9.32 -49.88
N ARG A 101 18.25 9.04 -51.05
CA ARG A 101 18.69 10.14 -51.90
C ARG A 101 17.52 10.98 -52.38
N GLU A 102 16.39 10.33 -52.71
CA GLU A 102 15.22 11.07 -53.16
C GLU A 102 14.67 11.99 -52.09
N GLN A 103 14.91 11.69 -50.80
CA GLN A 103 14.43 12.56 -49.74
C GLN A 103 15.09 13.94 -49.79
N LEU A 104 16.30 14.02 -50.34
CA LEU A 104 16.94 15.32 -50.52
C LEU A 104 16.47 16.00 -51.80
N LEU A 105 16.35 15.24 -52.89
CA LEU A 105 16.03 15.84 -54.18
C LEU A 105 14.65 16.50 -54.17
N ILE A 106 13.70 15.96 -53.41
CA ILE A 106 12.34 16.49 -53.44
C ILE A 106 12.29 17.92 -52.93
N THR A 107 13.20 18.28 -52.01
CA THR A 107 13.28 19.67 -51.58
C THR A 107 13.77 20.57 -52.71
N ASP A 108 14.77 20.11 -53.46
CA ASP A 108 15.20 20.84 -54.65
C ASP A 108 14.04 20.99 -55.63
N HIS A 109 13.23 19.95 -55.80
CA HIS A 109 12.14 20.03 -56.76
C HIS A 109 11.08 21.04 -56.32
N LEU A 110 10.73 21.04 -55.03
CA LEU A 110 9.75 22.01 -54.55
C LEU A 110 10.32 23.43 -54.55
N ARG A 111 11.63 23.57 -54.61
CA ARG A 111 12.26 24.87 -54.77
C ARG A 111 12.41 25.26 -56.24
N GLY A 112 12.05 24.37 -57.17
CA GLY A 112 12.08 24.71 -58.57
C GLY A 112 13.41 24.59 -59.28
N ILE A 113 14.26 23.65 -58.87
CA ILE A 113 15.56 23.43 -59.50
C ILE A 113 15.72 21.96 -59.84
N LYS A 114 16.38 21.69 -60.97
CA LYS A 114 16.67 20.34 -61.43
C LYS A 114 17.38 19.55 -60.34
N PRO A 115 16.79 18.45 -59.86
CA PRO A 115 17.38 17.72 -58.73
C PRO A 115 18.85 17.39 -58.97
N ARG A 116 19.68 17.64 -57.96
CA ARG A 116 21.13 17.46 -58.03
C ARG A 116 21.48 16.13 -57.37
N LYS A 117 21.78 15.11 -58.20
CA LYS A 117 22.09 13.79 -57.66
C LYS A 117 23.44 13.76 -56.97
N ASP A 118 24.45 14.40 -57.56
CA ASP A 118 25.78 14.39 -56.97
C ASP A 118 25.77 15.04 -55.59
N ARG A 119 25.18 16.23 -55.48
CA ARG A 119 25.10 16.92 -54.20
C ARG A 119 24.40 16.07 -53.15
N ALA A 120 23.32 15.39 -53.55
CA ALA A 120 22.59 14.56 -52.59
C ALA A 120 23.48 13.45 -52.04
N ASP A 121 24.29 12.82 -52.90
CA ASP A 121 25.17 11.74 -52.44
C ASP A 121 26.29 12.29 -51.57
N GLU A 122 26.85 13.45 -51.94
CA GLU A 122 27.89 14.07 -51.13
C GLU A 122 27.38 14.36 -49.72
N LEU A 123 26.17 14.94 -49.62
CA LEU A 123 25.62 15.26 -48.31
C LEU A 123 25.28 13.99 -47.53
N LEU A 124 24.74 12.98 -48.20
CA LEU A 124 24.50 11.70 -47.55
C LEU A 124 25.79 11.12 -47.00
N ALA A 125 26.89 11.25 -47.75
CA ALA A 125 28.18 10.81 -47.24
C ALA A 125 28.63 11.68 -46.08
N ARG A 126 28.40 13.00 -46.17
CA ARG A 126 28.77 13.90 -45.09
C ARG A 126 28.06 13.53 -43.79
N VAL A 127 26.86 12.96 -43.90
CA VAL A 127 26.09 12.55 -42.73
C VAL A 127 26.42 11.10 -42.42
N GLY A 128 27.40 10.54 -43.13
CA GLY A 128 27.83 9.18 -42.86
C GLY A 128 26.96 8.11 -43.48
N LEU A 129 26.32 8.40 -44.61
CA LEU A 129 25.54 7.41 -45.34
C LEU A 129 26.04 7.27 -46.77
N LYS A 130 27.33 7.48 -46.99
CA LYS A 130 27.91 7.40 -48.33
C LYS A 130 27.51 6.10 -49.01
N GLY A 131 26.97 6.23 -50.22
CA GLY A 131 26.57 5.08 -51.00
C GLY A 131 25.20 4.53 -50.70
N LEU A 132 24.52 5.05 -49.69
CA LEU A 132 23.20 4.56 -49.32
C LEU A 132 22.07 5.35 -49.97
N GLY A 133 22.38 6.18 -50.98
CA GLY A 133 21.33 6.95 -51.63
C GLY A 133 20.20 6.12 -52.20
N GLY A 134 20.45 4.84 -52.49
CA GLY A 134 19.44 3.97 -53.06
C GLY A 134 18.59 3.24 -52.05
N ARG A 135 18.95 3.30 -50.77
CA ARG A 135 18.18 2.62 -49.75
C ARG A 135 16.77 3.20 -49.67
N ARG A 136 15.79 2.34 -49.41
CA ARG A 136 14.45 2.80 -49.09
C ARG A 136 14.27 2.89 -47.57
N VAL A 137 13.14 3.46 -47.16
CA VAL A 137 12.92 3.68 -45.74
C VAL A 137 12.95 2.37 -44.98
N ALA A 138 12.49 1.28 -45.60
CA ALA A 138 12.52 -0.03 -44.93
C ALA A 138 13.94 -0.54 -44.72
N GLN A 139 14.92 -0.02 -45.48
CA GLN A 139 16.31 -0.40 -45.33
C GLN A 139 17.11 0.61 -44.53
N LEU A 140 16.46 1.44 -43.74
CA LEU A 140 17.13 2.47 -42.95
C LEU A 140 16.83 2.24 -41.47
N SER A 141 17.86 2.31 -40.65
CA SER A 141 17.70 2.18 -39.21
C SER A 141 17.21 3.50 -38.62
N GLY A 142 16.89 3.47 -37.32
CA GLY A 142 16.44 4.68 -36.66
C GLY A 142 17.44 5.81 -36.79
N GLY A 143 18.70 5.54 -36.47
CA GLY A 143 19.74 6.54 -36.64
C GLY A 143 19.91 6.97 -38.08
N GLN A 144 19.84 6.00 -39.00
CA GLN A 144 20.03 6.33 -40.42
C GLN A 144 18.94 7.27 -40.91
N ARG A 145 17.69 7.02 -40.52
CA ARG A 145 16.61 7.92 -40.93
C ARG A 145 16.86 9.33 -40.40
N GLN A 146 17.28 9.43 -39.14
CA GLN A 146 17.58 10.75 -38.58
C GLN A 146 18.75 11.41 -39.30
N ARG A 147 19.72 10.61 -39.75
CA ARG A 147 20.82 11.16 -40.53
C ARG A 147 20.34 11.70 -41.86
N VAL A 148 19.44 10.98 -42.53
CA VAL A 148 18.85 11.48 -43.78
C VAL A 148 18.12 12.78 -43.53
N ASN A 149 17.40 12.86 -42.41
CA ASN A 149 16.66 14.07 -42.07
C ASN A 149 17.60 15.27 -41.95
N ILE A 150 18.71 15.12 -41.24
CA ILE A 150 19.69 16.19 -41.13
C ILE A 150 20.16 16.62 -42.51
N ALA A 151 20.52 15.64 -43.35
CA ALA A 151 21.00 15.97 -44.70
C ALA A 151 19.93 16.73 -45.49
N ARG A 152 18.67 16.36 -45.34
CA ARG A 152 17.60 17.05 -46.05
C ARG A 152 17.49 18.50 -45.62
N ALA A 153 17.71 18.78 -44.33
CA ALA A 153 17.70 20.16 -43.87
C ALA A 153 18.84 20.96 -44.47
N LEU A 154 19.92 20.28 -44.84
CA LEU A 154 21.09 20.91 -45.43
C LEU A 154 21.00 21.02 -46.95
N MET A 155 20.01 20.38 -47.57
CA MET A 155 19.93 20.35 -49.02
C MET A 155 19.75 21.75 -49.60
N GLY A 156 18.88 22.55 -48.99
CA GLY A 156 18.63 23.88 -49.49
C GLY A 156 19.62 24.92 -49.04
N ASN A 157 20.67 24.52 -48.34
CA ASN A 157 21.67 25.43 -47.79
C ASN A 157 21.02 26.57 -47.01
N PRO A 158 20.34 26.28 -45.91
CA PRO A 158 19.69 27.33 -45.13
C PRO A 158 20.70 28.05 -44.24
N GLN A 159 20.26 29.18 -43.68
CA GLN A 159 21.04 29.86 -42.66
C GLN A 159 20.56 29.57 -41.26
N LEU A 160 19.40 28.93 -41.12
CA LEU A 160 18.84 28.56 -39.82
C LEU A 160 18.49 27.09 -39.85
N LEU A 161 19.03 26.33 -38.91
CA LEU A 161 18.75 24.91 -38.78
C LEU A 161 18.03 24.67 -37.46
N LEU A 162 16.82 24.11 -37.52
CA LEU A 162 16.00 23.89 -36.34
C LEU A 162 15.86 22.38 -36.12
N ALA A 163 16.28 21.92 -34.96
CA ALA A 163 16.22 20.50 -34.60
C ALA A 163 15.30 20.35 -33.39
N ASP A 164 14.25 19.54 -33.53
CA ASP A 164 13.23 19.36 -32.51
C ASP A 164 13.44 17.98 -31.88
N GLU A 165 14.28 17.93 -30.84
CA GLU A 165 14.55 16.71 -30.10
C GLU A 165 14.88 15.54 -31.02
N PRO A 166 15.85 15.71 -31.93
CA PRO A 166 16.10 14.68 -32.94
C PRO A 166 16.71 13.40 -32.37
N THR A 167 16.94 13.32 -31.06
CA THR A 167 17.51 12.13 -30.44
C THR A 167 16.52 11.46 -29.50
N SER A 168 15.23 11.65 -29.73
CA SER A 168 14.21 11.19 -28.79
C SER A 168 13.98 9.69 -28.87
N ALA A 169 14.24 9.08 -30.01
CA ALA A 169 14.06 7.64 -30.17
C ALA A 169 15.37 6.90 -30.35
N LEU A 170 16.48 7.50 -29.91
CA LEU A 170 17.82 6.93 -30.09
C LEU A 170 18.49 6.76 -28.74
N ASP A 171 19.24 5.67 -28.60
CA ASP A 171 19.98 5.40 -27.38
C ASP A 171 21.11 6.41 -27.19
N ALA A 172 21.84 6.26 -26.09
CA ALA A 172 22.86 7.24 -25.75
C ALA A 172 23.92 7.33 -26.84
N ARG A 173 24.40 6.18 -27.32
CA ARG A 173 25.43 6.19 -28.34
C ARG A 173 24.94 6.89 -29.61
N LEU A 174 23.79 6.46 -30.13
CA LEU A 174 23.30 7.02 -31.39
C LEU A 174 22.97 8.51 -31.26
N SER A 175 22.44 8.90 -30.10
CA SER A 175 22.07 10.30 -29.91
C SER A 175 23.29 11.20 -29.85
N LYS A 176 24.39 10.69 -29.28
CA LYS A 176 25.65 11.43 -29.33
C LYS A 176 26.07 11.70 -30.76
N GLU A 177 26.05 10.67 -31.61
CA GLU A 177 26.45 10.83 -33.00
C GLU A 177 25.63 11.90 -33.68
N ILE A 178 24.33 11.95 -33.41
CA ILE A 178 23.46 12.92 -34.09
C ILE A 178 23.77 14.32 -33.63
N VAL A 179 23.99 14.50 -32.33
CA VAL A 179 24.33 15.82 -31.81
C VAL A 179 25.71 16.25 -32.29
N GLU A 180 26.68 15.31 -32.26
CA GLU A 180 27.99 15.60 -32.83
C GLU A 180 27.86 16.00 -34.30
N LEU A 181 27.08 15.23 -35.07
CA LEU A 181 26.84 15.59 -36.46
C LEU A 181 26.19 16.97 -36.57
N LEU A 182 25.19 17.23 -35.74
CA LEU A 182 24.52 18.54 -35.78
C LEU A 182 25.49 19.67 -35.45
N ARG A 183 26.27 19.51 -34.37
CA ARG A 183 27.25 20.53 -34.03
C ARG A 183 28.30 20.67 -35.11
N ASP A 184 28.81 19.55 -35.65
CA ASP A 184 29.84 19.62 -36.67
C ASP A 184 29.32 20.33 -37.92
N VAL A 185 28.10 20.01 -38.34
CA VAL A 185 27.54 20.68 -39.50
C VAL A 185 27.29 22.14 -39.22
N THR A 186 26.83 22.47 -38.01
CA THR A 186 26.62 23.87 -37.63
C THR A 186 27.90 24.67 -37.79
N LYS A 187 29.03 24.11 -37.34
CA LYS A 187 30.29 24.82 -37.44
C LYS A 187 30.81 24.86 -38.87
N GLU A 188 30.74 23.73 -39.58
CA GLU A 188 31.34 23.66 -40.90
C GLU A 188 30.65 24.60 -41.89
N PHE A 189 29.32 24.71 -41.80
CA PHE A 189 28.55 25.50 -42.75
C PHE A 189 28.03 26.82 -42.16
N ALA A 190 28.57 27.25 -41.02
CA ALA A 190 28.22 28.52 -40.41
C ALA A 190 26.70 28.67 -40.25
N LEU A 191 26.04 27.59 -39.88
CA LEU A 191 24.61 27.62 -39.66
C LEU A 191 24.29 28.19 -38.29
N ALA A 192 23.12 28.81 -38.17
CA ALA A 192 22.55 29.17 -36.88
C ALA A 192 21.49 28.12 -36.54
N THR A 193 21.70 27.41 -35.45
CA THR A 193 20.91 26.23 -35.14
C THR A 193 20.25 26.35 -33.78
N LEU A 194 18.92 26.25 -33.75
CA LEU A 194 18.18 26.00 -32.52
C LEU A 194 17.93 24.50 -32.38
N MET A 195 18.19 23.97 -31.19
CA MET A 195 17.99 22.55 -30.91
C MET A 195 17.22 22.43 -29.60
N VAL A 196 15.98 21.94 -29.69
CA VAL A 196 15.19 21.65 -28.51
C VAL A 196 15.54 20.26 -28.01
N THR A 197 15.78 20.14 -26.72
CA THR A 197 16.17 18.86 -26.12
C THR A 197 15.78 18.87 -24.66
N HIS A 198 15.46 17.69 -24.14
CA HIS A 198 15.24 17.53 -22.71
C HIS A 198 16.39 16.81 -22.03
N ASP A 199 17.27 16.17 -22.81
CA ASP A 199 18.44 15.48 -22.28
C ASP A 199 19.52 16.52 -22.00
N ARG A 200 19.71 16.85 -20.73
CA ARG A 200 20.73 17.84 -20.40
C ARG A 200 22.13 17.31 -20.65
N SER A 201 22.27 16.01 -20.96
CA SER A 201 23.57 15.43 -21.29
C SER A 201 24.10 15.92 -22.63
N GLN A 202 23.25 16.55 -23.44
CA GLN A 202 23.66 17.02 -24.75
C GLN A 202 24.04 18.50 -24.74
N LEU A 203 23.83 19.20 -23.62
CA LEU A 203 24.20 20.60 -23.56
C LEU A 203 25.70 20.82 -23.74
N ALA A 204 26.51 19.80 -23.47
CA ALA A 204 27.96 19.96 -23.61
C ALA A 204 28.36 20.24 -25.05
N TYR A 205 27.52 19.87 -26.03
CA TYR A 205 27.82 20.08 -27.44
C TYR A 205 27.25 21.39 -27.97
N ALA A 206 26.47 22.11 -27.16
CA ALA A 206 25.81 23.34 -27.55
C ALA A 206 26.62 24.55 -27.08
N ASP A 207 26.63 25.60 -27.90
CA ASP A 207 27.34 26.81 -27.52
C ASP A 207 26.62 27.55 -26.40
N ARG A 208 25.29 27.60 -26.45
CA ARG A 208 24.48 28.19 -25.41
C ARG A 208 23.24 27.32 -25.20
N PHE A 209 22.47 27.66 -24.17
CA PHE A 209 21.20 26.98 -23.92
C PHE A 209 20.24 27.97 -23.26
N VAL A 210 18.95 27.81 -23.56
CA VAL A 210 17.88 28.55 -22.91
C VAL A 210 17.04 27.59 -22.08
N GLU A 211 16.78 27.96 -20.83
CA GLU A 211 15.85 27.23 -19.97
C GLU A 211 14.46 27.85 -20.09
N MET A 212 13.44 27.00 -20.09
CA MET A 212 12.07 27.44 -20.30
C MET A 212 11.15 26.81 -19.25
N ALA A 213 10.21 27.62 -18.76
CA ALA A 213 9.22 27.14 -17.80
C ALA A 213 7.93 27.90 -18.01
N ASP A 214 6.84 27.15 -18.18
CA ASP A 214 5.51 27.75 -18.33
C ASP A 214 5.49 28.78 -19.45
N GLY A 215 6.22 28.49 -20.53
CA GLY A 215 6.21 29.37 -21.68
C GLY A 215 7.03 30.62 -21.54
N LYS A 216 7.84 30.73 -20.49
CA LYS A 216 8.71 31.88 -20.29
C LYS A 216 10.16 31.42 -20.34
N ALA A 217 10.97 32.10 -21.14
CA ALA A 217 12.38 31.79 -21.25
C ALA A 217 13.14 32.47 -20.13
N LEU A 218 14.14 31.78 -19.59
CA LEU A 218 14.97 32.33 -18.52
C LEU A 218 16.33 32.79 -19.03
N MET B 1 4.43 17.53 -58.25
CA MET B 1 4.27 16.42 -59.18
C MET B 1 5.32 15.35 -58.93
N PHE B 2 6.34 15.72 -58.16
CA PHE B 2 7.42 14.77 -57.84
C PHE B 2 6.92 13.62 -56.99
N LEU B 3 6.40 13.92 -55.80
CA LEU B 3 5.91 12.86 -54.92
C LEU B 3 4.72 12.14 -55.52
N GLY B 4 3.82 12.87 -56.18
CA GLY B 4 2.61 12.24 -56.69
C GLY B 4 2.89 11.09 -57.64
N ILE B 5 3.85 11.27 -58.54
CA ILE B 5 4.13 10.24 -59.55
C ILE B 5 4.76 9.01 -58.90
N ARG B 6 5.63 9.21 -57.91
CA ARG B 6 6.30 8.07 -57.28
C ARG B 6 5.44 7.37 -56.25
N ASP B 7 4.43 8.06 -55.68
CA ASP B 7 3.43 7.35 -54.91
C ASP B 7 2.75 6.28 -55.75
N ILE B 8 2.48 6.58 -57.01
CA ILE B 8 1.82 5.62 -57.89
C ILE B 8 2.74 4.43 -58.15
N ARG B 9 4.03 4.69 -58.38
CA ARG B 9 4.97 3.61 -58.64
C ARG B 9 4.98 2.61 -57.49
N ALA B 10 5.10 3.10 -56.26
CA ALA B 10 5.31 2.24 -55.10
C ALA B 10 4.02 1.65 -54.56
N ALA B 11 2.86 2.17 -54.96
CA ALA B 11 1.57 1.64 -54.53
C ALA B 11 0.67 1.51 -55.76
N ALA B 12 1.05 0.64 -56.68
CA ALA B 12 0.25 0.45 -57.89
C ALA B 12 -0.99 -0.39 -57.61
N GLY B 13 -1.01 -1.12 -56.51
CA GLY B 13 -2.13 -1.96 -56.13
C GLY B 13 -3.37 -1.13 -55.88
N ARG B 14 -3.27 -0.18 -54.95
CA ARG B 14 -4.43 0.61 -54.57
C ARG B 14 -5.01 1.35 -55.77
N PHE B 15 -4.15 1.92 -56.60
CA PHE B 15 -4.63 2.67 -57.76
C PHE B 15 -5.22 1.75 -58.81
N ALA B 16 -4.68 0.54 -58.96
CA ALA B 16 -5.24 -0.40 -59.93
C ALA B 16 -6.69 -0.73 -59.62
N LEU B 17 -7.01 -0.92 -58.34
CA LEU B 17 -8.40 -1.19 -57.97
C LEU B 17 -9.30 -0.05 -58.41
N ILE B 18 -8.93 1.20 -58.07
CA ILE B 18 -9.76 2.34 -58.40
C ILE B 18 -9.73 2.61 -59.89
N ALA B 19 -8.55 2.51 -60.52
CA ALA B 19 -8.44 2.76 -61.95
C ALA B 19 -9.28 1.76 -62.74
N SER B 20 -9.41 0.52 -62.25
CA SER B 20 -10.29 -0.43 -62.92
C SER B 20 -11.74 0.02 -62.86
N VAL B 21 -12.17 0.56 -61.71
CA VAL B 21 -13.54 1.05 -61.59
C VAL B 21 -13.78 2.19 -62.57
N VAL B 22 -12.85 3.14 -62.66
CA VAL B 22 -12.98 4.21 -63.64
C VAL B 22 -12.95 3.63 -65.05
N GLY B 23 -12.11 2.63 -65.28
CA GLY B 23 -12.04 2.02 -66.60
C GLY B 23 -13.34 1.32 -66.98
N LEU B 24 -13.96 0.64 -66.01
CA LEU B 24 -15.24 -0.02 -66.30
C LEU B 24 -16.30 1.00 -66.69
N ILE B 25 -16.42 2.09 -65.92
CA ILE B 25 -17.43 3.09 -66.22
C ILE B 25 -17.19 3.70 -67.60
N THR B 26 -15.93 3.98 -67.93
CA THR B 26 -15.63 4.49 -69.27
C THR B 26 -15.92 3.43 -70.32
N LEU B 27 -15.61 2.17 -70.03
CA LEU B 27 -15.95 1.09 -70.95
C LEU B 27 -17.45 1.05 -71.21
N LEU B 28 -18.25 1.08 -70.14
CA LEU B 28 -19.70 1.07 -70.29
C LEU B 28 -20.18 2.29 -71.08
N ILE B 29 -19.63 3.48 -70.78
CA ILE B 29 -20.07 4.68 -71.46
C ILE B 29 -19.68 4.64 -72.93
N VAL B 30 -18.44 4.21 -73.22
CA VAL B 30 -17.99 4.17 -74.61
C VAL B 30 -18.83 3.18 -75.41
N MET B 31 -19.11 2.01 -74.84
CA MET B 31 -19.90 1.02 -75.56
C MET B 31 -21.37 1.39 -75.63
N LEU B 32 -21.89 2.02 -74.57
CA LEU B 32 -23.26 2.52 -74.64
C LEU B 32 -23.39 3.62 -75.68
N THR B 33 -22.37 4.48 -75.78
CA THR B 33 -22.38 5.54 -76.79
C THR B 33 -22.45 4.93 -78.20
N GLY B 34 -21.59 3.96 -78.48
CA GLY B 34 -21.59 3.34 -79.79
C GLY B 34 -22.91 2.66 -80.12
N LEU B 35 -23.56 2.07 -79.11
CA LEU B 35 -24.81 1.37 -79.35
C LEU B 35 -25.94 2.36 -79.65
N THR B 36 -25.91 3.52 -79.01
CA THR B 36 -26.95 4.52 -79.24
C THR B 36 -26.81 5.14 -80.63
N GLN B 37 -25.57 5.41 -81.06
CA GLN B 37 -25.35 5.88 -82.43
C GLN B 37 -25.66 4.80 -83.45
N GLY B 38 -25.32 3.55 -83.13
CA GLY B 38 -25.64 2.46 -84.05
C GLY B 38 -27.14 2.27 -84.23
N LEU B 39 -27.87 2.27 -83.11
CA LEU B 39 -29.32 2.15 -83.20
C LEU B 39 -29.92 3.38 -83.86
N GLY B 40 -29.35 4.55 -83.62
CA GLY B 40 -29.84 5.77 -84.26
C GLY B 40 -29.70 5.72 -85.77
N LYS B 41 -28.57 5.22 -86.26
CA LYS B 41 -28.39 5.06 -87.69
C LYS B 41 -29.23 3.91 -88.22
N GLN B 42 -29.50 2.91 -87.38
CA GLN B 42 -30.39 1.83 -87.77
C GLN B 42 -31.79 2.32 -88.09
N ASN B 43 -32.22 3.41 -87.46
CA ASN B 43 -33.56 3.96 -87.67
C ASN B 43 -33.60 5.11 -88.68
N THR B 44 -32.52 5.86 -88.84
CA THR B 44 -32.57 7.11 -89.59
C THR B 44 -31.65 7.15 -90.80
N SER B 45 -30.84 6.11 -91.02
CA SER B 45 -29.81 6.20 -92.05
C SER B 45 -30.42 6.48 -93.42
N ALA B 46 -31.59 5.91 -93.70
CA ALA B 46 -32.21 6.11 -95.00
C ALA B 46 -32.71 7.55 -95.17
N ILE B 47 -33.52 8.02 -94.22
CA ILE B 47 -34.05 9.39 -94.31
C ILE B 47 -32.92 10.40 -94.28
N GLU B 48 -31.95 10.20 -93.38
CA GLU B 48 -30.80 11.09 -93.30
C GLU B 48 -30.03 11.12 -94.62
N ALA B 49 -29.86 9.96 -95.24
CA ALA B 49 -29.17 9.90 -96.53
C ALA B 49 -29.85 10.79 -97.56
N LEU B 50 -31.17 10.77 -97.61
CA LEU B 50 -31.90 11.60 -98.57
C LEU B 50 -31.73 13.10 -98.28
N ALA B 51 -31.36 13.47 -97.07
CA ALA B 51 -31.05 14.85 -96.72
C ALA B 51 -32.12 15.83 -97.21
N PRO B 52 -33.35 15.73 -96.71
CA PRO B 52 -34.36 16.73 -97.02
C PRO B 52 -34.25 17.95 -96.13
N HIS B 53 -34.72 19.08 -96.64
CA HIS B 53 -34.76 20.31 -95.85
C HIS B 53 -35.93 20.30 -94.87
N SER B 54 -37.14 20.24 -95.40
CA SER B 54 -38.36 20.06 -94.61
C SER B 54 -39.08 18.79 -95.05
N VAL B 55 -40.03 18.36 -94.23
CA VAL B 55 -40.80 17.15 -94.52
C VAL B 55 -42.25 17.40 -94.13
N VAL B 56 -43.17 17.21 -95.08
CA VAL B 56 -44.59 17.46 -94.86
C VAL B 56 -45.27 16.16 -94.48
N PHE B 57 -46.01 16.17 -93.38
CA PHE B 57 -46.72 15.00 -92.87
C PHE B 57 -48.22 15.18 -93.05
N THR B 58 -48.96 14.14 -92.64
CA THR B 58 -50.42 14.17 -92.58
C THR B 58 -50.82 13.61 -91.23
N THR B 59 -51.76 14.29 -90.56
CA THR B 59 -52.15 13.94 -89.21
C THR B 59 -53.67 13.72 -89.15
N ALA B 60 -54.11 13.28 -87.97
CA ALA B 60 -55.53 13.10 -87.68
C ALA B 60 -55.79 13.59 -86.27
N GLY B 61 -56.86 14.37 -86.10
CA GLY B 61 -57.15 14.94 -84.79
C GLY B 61 -56.08 15.87 -84.27
N GLY B 62 -55.37 16.55 -85.17
CA GLY B 62 -54.32 17.46 -84.77
C GLY B 62 -53.25 16.85 -83.90
N SER B 63 -53.04 15.54 -84.01
CA SER B 63 -52.02 14.86 -83.22
C SER B 63 -50.65 15.04 -83.86
N SER B 64 -49.63 14.58 -83.14
CA SER B 64 -48.27 14.63 -83.66
C SER B 64 -48.13 13.73 -84.87
N PRO B 65 -47.40 14.16 -85.90
CA PRO B 65 -47.25 13.32 -87.09
C PRO B 65 -46.53 12.02 -86.78
N GLU B 66 -46.94 10.96 -87.47
CA GLU B 66 -46.35 9.64 -87.32
C GLU B 66 -46.16 9.01 -88.70
N PHE B 67 -44.97 8.48 -88.95
CA PHE B 67 -44.71 7.79 -90.20
C PHE B 67 -45.64 6.60 -90.42
N THR B 68 -46.20 6.04 -89.35
CA THR B 68 -47.07 4.87 -89.48
C THR B 68 -48.49 5.23 -89.92
N SER B 69 -48.85 6.52 -89.95
CA SER B 69 -50.23 6.92 -90.19
C SER B 69 -50.37 8.05 -91.19
N SER B 70 -49.28 8.48 -91.81
CA SER B 70 -49.31 9.61 -92.74
C SER B 70 -49.40 9.10 -94.18
N GLU B 71 -50.22 9.78 -94.98
CA GLU B 71 -50.34 9.51 -96.40
C GLU B 71 -50.50 10.84 -97.14
N ILE B 72 -49.93 10.92 -98.34
CA ILE B 72 -50.00 12.12 -99.17
C ILE B 72 -50.85 11.80 -100.39
N SER B 73 -51.95 12.53 -100.56
CA SER B 73 -52.80 12.37 -101.73
C SER B 73 -52.18 13.08 -102.94
N GLU B 74 -52.63 12.69 -104.13
CA GLU B 74 -52.08 13.26 -105.35
C GLU B 74 -52.27 14.77 -105.40
N GLN B 75 -53.46 15.25 -105.02
CA GLN B 75 -53.68 16.68 -104.99
C GLN B 75 -52.80 17.34 -103.93
N GLN B 76 -52.67 16.70 -102.77
CA GLN B 76 -51.77 17.21 -101.74
C GLN B 76 -50.36 17.34 -102.28
N ALA B 77 -49.93 16.41 -103.13
CA ALA B 77 -48.59 16.49 -103.70
C ALA B 77 -48.48 17.64 -104.71
N GLU B 78 -49.54 17.89 -105.47
CA GLU B 78 -49.50 18.98 -106.44
C GLU B 78 -49.50 20.33 -105.75
N ARG B 79 -50.06 20.41 -104.54
CA ARG B 79 -50.06 21.66 -103.79
C ARG B 79 -48.64 22.16 -103.57
N TRP B 80 -47.83 21.37 -102.87
CA TRP B 80 -46.43 21.72 -102.62
C TRP B 80 -45.64 21.57 -103.92
N LYS B 81 -45.26 22.69 -104.52
CA LYS B 81 -44.46 22.64 -105.72
C LYS B 81 -42.99 22.40 -105.38
N ASP B 82 -42.25 21.88 -106.36
CA ASP B 82 -40.84 21.55 -106.17
C ASP B 82 -40.65 20.60 -104.99
N SER B 83 -41.41 19.51 -104.98
CA SER B 83 -41.39 18.54 -103.90
C SER B 83 -41.70 17.16 -104.46
N THR B 84 -41.13 16.14 -103.84
CA THR B 84 -41.32 14.76 -104.29
C THR B 84 -41.98 13.94 -103.20
N PRO B 85 -42.97 13.12 -103.54
CA PRO B 85 -43.63 12.27 -102.54
C PRO B 85 -42.77 11.05 -102.23
N LEU B 86 -42.59 10.79 -100.94
CA LEU B 86 -41.86 9.62 -100.45
C LEU B 86 -42.82 8.70 -99.72
N GLY B 87 -42.92 7.46 -100.18
CA GLY B 87 -43.73 6.45 -99.51
C GLY B 87 -42.85 5.54 -98.68
N VAL B 88 -43.24 5.36 -97.43
CA VAL B 88 -42.48 4.55 -96.48
C VAL B 88 -43.43 3.51 -95.90
N SER B 89 -43.14 2.24 -96.12
CA SER B 89 -43.93 1.17 -95.55
C SER B 89 -43.01 0.01 -95.21
N GLN B 90 -43.48 -0.85 -94.31
CA GLN B 90 -42.82 -2.11 -93.99
C GLN B 90 -43.78 -3.24 -94.28
N THR B 91 -43.30 -4.26 -95.00
CA THR B 91 -44.15 -5.37 -95.39
C THR B 91 -43.27 -6.60 -95.59
N ARG B 92 -43.91 -7.72 -95.90
CA ARG B 92 -43.23 -9.00 -96.06
C ARG B 92 -42.72 -9.14 -97.48
N ILE B 93 -41.46 -9.57 -97.62
CA ILE B 93 -40.87 -9.92 -98.90
C ILE B 93 -40.62 -11.42 -98.92
N GLU B 94 -41.01 -12.08 -100.01
CA GLU B 94 -40.90 -13.53 -100.13
C GLU B 94 -40.28 -13.87 -101.47
N SER B 95 -39.19 -14.61 -101.45
CA SER B 95 -38.54 -15.13 -102.64
C SER B 95 -38.75 -16.63 -102.76
N ASP B 96 -38.33 -17.17 -103.91
CA ASP B 96 -38.44 -18.61 -104.15
C ASP B 96 -37.63 -19.41 -103.14
N GLN B 97 -36.58 -18.82 -102.57
CA GLN B 97 -35.67 -19.54 -101.69
C GLN B 97 -35.78 -19.14 -100.22
N ASN B 98 -36.29 -17.96 -99.93
CA ASN B 98 -36.35 -17.45 -98.56
C ASN B 98 -37.39 -16.34 -98.49
N ALA B 99 -37.55 -15.77 -97.30
CA ALA B 99 -38.48 -14.66 -97.10
C ALA B 99 -38.08 -13.93 -95.83
N ASN B 100 -38.62 -12.73 -95.67
CA ASN B 100 -38.34 -11.88 -94.52
C ASN B 100 -39.23 -10.63 -94.63
N THR B 101 -39.22 -9.83 -93.58
CA THR B 101 -39.89 -8.54 -93.58
C THR B 101 -38.85 -7.44 -93.77
N THR B 102 -39.19 -6.45 -94.58
CA THR B 102 -38.28 -5.35 -94.86
C THR B 102 -39.08 -4.07 -95.09
N ALA B 103 -38.38 -2.94 -94.98
CA ALA B 103 -38.98 -1.66 -95.28
C ALA B 103 -38.91 -1.39 -96.78
N VAL B 104 -39.97 -0.79 -97.31
CA VAL B 104 -40.07 -0.43 -98.72
C VAL B 104 -40.28 1.07 -98.82
N MET B 105 -39.38 1.75 -99.51
CA MET B 105 -39.54 3.16 -99.80
C MET B 105 -39.81 3.35 -101.29
N GLY B 106 -40.80 4.20 -101.60
CA GLY B 106 -41.14 4.45 -102.99
C GLY B 106 -41.00 5.90 -103.35
N LEU B 107 -40.34 6.18 -104.46
CA LEU B 107 -40.14 7.53 -104.98
C LEU B 107 -40.48 7.57 -106.46
N PRO B 108 -40.67 8.77 -107.02
CA PRO B 108 -41.02 8.85 -108.44
C PRO B 108 -39.90 8.31 -109.32
N GLU B 109 -40.28 7.69 -110.42
CA GLU B 109 -39.31 7.06 -111.28
C GLU B 109 -38.32 8.09 -111.79
N GLY B 110 -37.04 7.72 -111.79
CA GLY B 110 -35.97 8.58 -112.26
C GLY B 110 -35.36 9.48 -111.21
N THR B 111 -35.93 9.54 -110.02
CA THR B 111 -35.34 10.37 -108.96
C THR B 111 -33.96 9.81 -108.59
N PRO B 112 -32.91 10.63 -108.63
CA PRO B 112 -31.58 10.12 -108.25
C PRO B 112 -31.53 9.79 -106.76
N LEU B 113 -30.98 8.63 -106.46
CA LEU B 113 -30.84 8.20 -105.07
C LEU B 113 -29.57 8.77 -104.44
N PRO B 114 -29.55 8.96 -103.12
CA PRO B 114 -28.36 9.47 -102.46
C PRO B 114 -27.15 8.58 -102.69
N ASP B 115 -25.96 9.19 -102.73
CA ASP B 115 -24.74 8.44 -102.95
C ASP B 115 -24.58 7.31 -101.94
N SER B 116 -25.13 7.50 -100.73
CA SER B 116 -25.21 6.40 -99.77
C SER B 116 -25.82 5.16 -100.41
N VAL B 117 -26.81 5.37 -101.29
CA VAL B 117 -27.48 4.28 -101.97
C VAL B 117 -27.09 4.17 -103.44
N GLY B 118 -26.77 5.29 -104.09
CA GLY B 118 -26.38 5.31 -105.49
C GLY B 118 -27.48 4.83 -106.43
N GLY B 119 -27.20 4.85 -107.72
CA GLY B 119 -28.23 4.50 -108.68
C GLY B 119 -29.35 5.52 -108.72
N PHE B 120 -30.39 5.17 -109.47
CA PHE B 120 -31.58 6.01 -109.60
C PHE B 120 -32.81 5.12 -109.50
N ILE B 121 -33.94 5.74 -109.12
CA ILE B 121 -35.20 5.01 -109.02
C ILE B 121 -35.58 4.44 -110.38
N GLU B 122 -35.68 3.12 -110.44
CA GLU B 122 -36.05 2.41 -111.65
C GLU B 122 -37.40 1.72 -111.48
N GLN B 123 -38.01 1.36 -112.62
CA GLN B 123 -39.26 0.60 -112.59
C GLN B 123 -39.04 -0.74 -111.90
N GLY B 124 -39.82 -1.01 -110.86
CA GLY B 124 -39.66 -2.22 -110.08
C GLY B 124 -39.05 -1.96 -108.71
N ALA B 125 -38.36 -2.96 -108.15
CA ALA B 125 -37.79 -2.88 -106.81
C ALA B 125 -36.29 -3.08 -106.88
N LEU B 126 -35.54 -2.19 -106.21
CA LEU B 126 -34.09 -2.31 -106.08
C LEU B 126 -33.76 -2.89 -104.71
N LEU B 127 -33.15 -4.08 -104.70
CA LEU B 127 -32.94 -4.77 -103.44
C LEU B 127 -31.54 -4.46 -102.88
N PRO B 128 -31.42 -4.39 -101.56
CA PRO B 128 -30.09 -4.33 -100.93
C PRO B 128 -29.29 -5.58 -101.25
N ALA B 129 -27.99 -5.39 -101.51
CA ALA B 129 -27.14 -6.50 -101.93
C ALA B 129 -27.19 -7.64 -100.92
N GLU B 130 -27.17 -7.32 -99.62
CA GLU B 130 -27.21 -8.38 -98.60
C GLU B 130 -28.54 -9.12 -98.62
N LEU B 131 -29.64 -8.40 -98.86
CA LEU B 131 -30.94 -9.05 -98.91
C LEU B 131 -31.06 -9.96 -100.13
N ALA B 132 -30.55 -9.53 -101.28
CA ALA B 132 -30.60 -10.38 -102.47
C ALA B 132 -29.82 -11.67 -102.27
N ASP B 133 -28.66 -11.58 -101.60
CA ASP B 133 -27.90 -12.79 -101.30
C ASP B 133 -28.64 -13.69 -100.33
N PHE B 134 -29.30 -13.11 -99.31
CA PHE B 134 -30.07 -13.91 -98.37
C PHE B 134 -31.15 -14.72 -99.06
N LEU B 135 -31.88 -14.10 -99.99
CA LEU B 135 -32.99 -14.75 -100.68
C LEU B 135 -32.53 -15.63 -101.84
N HIS B 136 -31.24 -15.65 -102.16
CA HIS B 136 -30.74 -16.39 -103.30
C HIS B 136 -31.40 -15.89 -104.59
N VAL B 137 -31.58 -14.57 -104.66
CA VAL B 137 -32.23 -13.91 -105.78
C VAL B 137 -31.21 -13.07 -106.53
N ARG B 138 -31.38 -12.99 -107.84
CA ARG B 138 -30.54 -12.19 -108.70
C ARG B 138 -31.40 -11.15 -109.41
N ALA B 139 -30.75 -10.24 -110.12
CA ALA B 139 -31.48 -9.20 -110.85
C ALA B 139 -32.34 -9.82 -111.95
N GLY B 140 -33.64 -9.52 -111.93
CA GLY B 140 -34.57 -10.03 -112.91
C GLY B 140 -35.49 -11.13 -112.42
N ASP B 141 -35.34 -11.60 -111.19
CA ASP B 141 -36.18 -12.65 -110.66
C ASP B 141 -37.44 -12.07 -110.01
N HIS B 142 -38.51 -12.85 -110.04
CA HIS B 142 -39.78 -12.40 -109.48
C HIS B 142 -39.81 -12.64 -107.98
N ILE B 143 -40.37 -11.68 -107.25
CA ILE B 143 -40.49 -11.75 -105.80
C ILE B 143 -41.87 -11.24 -105.39
N THR B 144 -42.36 -11.75 -104.27
CA THR B 144 -43.64 -11.32 -103.72
C THR B 144 -43.35 -10.22 -102.68
N LEU B 145 -43.81 -9.00 -102.97
CA LEU B 145 -43.57 -7.85 -102.11
C LEU B 145 -44.92 -7.34 -101.60
N GLY B 146 -45.17 -7.52 -100.31
CA GLY B 146 -46.43 -7.10 -99.73
C GLY B 146 -47.64 -7.69 -100.41
N GLY B 147 -47.55 -8.96 -100.82
CA GLY B 147 -48.66 -9.63 -101.47
C GLY B 147 -48.78 -9.39 -102.97
N ALA B 148 -47.79 -8.72 -103.57
CA ALA B 148 -47.78 -8.43 -105.00
C ALA B 148 -46.46 -8.88 -105.60
N THR B 149 -46.53 -9.46 -106.80
CA THR B 149 -45.33 -9.91 -107.47
C THR B 149 -44.66 -8.74 -108.17
N VAL B 150 -43.37 -8.54 -107.86
CA VAL B 150 -42.59 -7.44 -108.42
C VAL B 150 -41.27 -8.00 -108.93
N THR B 151 -40.74 -7.36 -109.96
CA THR B 151 -39.47 -7.77 -110.54
C THR B 151 -38.33 -7.02 -109.87
N VAL B 152 -37.26 -7.75 -109.56
CA VAL B 152 -36.07 -7.16 -108.96
C VAL B 152 -35.36 -6.35 -110.04
N ALA B 153 -35.31 -5.03 -109.88
CA ALA B 153 -34.68 -4.16 -110.86
C ALA B 153 -33.16 -4.16 -110.76
N GLY B 154 -32.62 -4.47 -109.60
CA GLY B 154 -31.17 -4.46 -109.42
C GLY B 154 -30.83 -4.45 -107.95
N THR B 155 -29.53 -4.55 -107.68
CA THR B 155 -29.03 -4.54 -106.32
C THR B 155 -28.50 -3.16 -105.96
N VAL B 156 -28.51 -2.86 -104.66
CA VAL B 156 -28.07 -1.57 -104.17
C VAL B 156 -27.39 -1.79 -102.82
N LYS B 157 -26.94 -0.71 -102.20
CA LYS B 157 -26.39 -0.79 -100.85
C LYS B 157 -27.53 -0.82 -99.83
N THR B 158 -27.18 -1.00 -98.56
CA THR B 158 -28.17 -1.18 -97.51
C THR B 158 -28.29 0.11 -96.70
N GLU B 159 -29.50 0.65 -96.63
CA GLU B 159 -29.91 1.65 -95.65
C GLU B 159 -31.04 1.07 -94.82
N ASN B 160 -31.36 1.76 -93.72
CA ASN B 160 -32.26 1.20 -92.72
C ASN B 160 -33.39 2.16 -92.41
N TYR B 161 -34.54 1.58 -92.08
CA TYR B 161 -35.70 2.31 -91.58
C TYR B 161 -36.40 1.42 -90.58
N SER B 162 -36.45 1.86 -89.32
CA SER B 162 -37.09 1.08 -88.25
C SER B 162 -36.47 -0.32 -88.18
N HIS B 163 -35.15 -0.36 -88.06
CA HIS B 163 -34.38 -1.58 -87.90
C HIS B 163 -34.56 -2.55 -89.07
N THR B 164 -35.01 -2.05 -90.21
CA THR B 164 -35.16 -2.88 -91.39
C THR B 164 -34.45 -2.25 -92.58
N PRO B 165 -33.93 -3.07 -93.49
CA PRO B 165 -33.35 -2.52 -94.72
C PRO B 165 -34.42 -1.94 -95.63
N VAL B 166 -34.01 -0.97 -96.45
CA VAL B 166 -34.93 -0.23 -97.30
C VAL B 166 -34.87 -0.82 -98.70
N VAL B 167 -36.02 -1.28 -99.18
CA VAL B 167 -36.18 -1.69 -100.58
C VAL B 167 -36.75 -0.51 -101.34
N TRP B 168 -36.07 -0.12 -102.42
CA TRP B 168 -36.41 1.09 -103.15
C TRP B 168 -37.21 0.72 -104.40
N VAL B 169 -38.40 1.29 -104.53
CA VAL B 169 -39.30 0.98 -105.63
C VAL B 169 -39.85 2.29 -106.20
N ASP B 170 -40.40 2.20 -107.40
CA ASP B 170 -41.03 3.35 -108.01
C ASP B 170 -42.34 3.66 -107.30
N THR B 171 -42.73 4.94 -107.35
CA THR B 171 -43.92 5.37 -106.64
C THR B 171 -45.12 4.52 -107.01
N ALA B 172 -45.21 4.11 -108.28
CA ALA B 172 -46.31 3.26 -108.71
C ALA B 172 -46.25 1.90 -108.01
N THR B 173 -45.06 1.30 -107.95
CA THR B 173 -44.93 -0.01 -107.33
C THR B 173 -45.25 0.05 -105.84
N TRP B 174 -44.77 1.09 -105.15
CA TRP B 174 -45.04 1.22 -103.73
C TRP B 174 -46.53 1.27 -103.44
N GLN B 175 -47.29 1.94 -104.30
CA GLN B 175 -48.74 1.98 -104.12
C GLN B 175 -49.34 0.59 -104.16
N LEU B 176 -48.88 -0.25 -105.08
CA LEU B 176 -49.39 -1.62 -105.16
C LEU B 176 -48.95 -2.44 -103.95
N VAL B 177 -47.71 -2.24 -103.48
CA VAL B 177 -47.21 -3.04 -102.38
C VAL B 177 -47.80 -2.60 -101.04
N SER B 178 -48.14 -1.32 -100.89
CA SER B 178 -48.68 -0.80 -99.65
C SER B 178 -50.19 -0.61 -99.69
N HIS B 179 -50.84 -0.90 -100.81
CA HIS B 179 -52.30 -0.90 -100.90
C HIS B 179 -52.88 0.46 -100.49
N THR B 180 -52.45 1.50 -101.21
CA THR B 180 -52.86 2.85 -100.90
C THR B 180 -53.03 3.65 -102.19
N LYS B 181 -54.03 4.53 -102.21
CA LYS B 181 -54.22 5.44 -103.33
C LYS B 181 -53.35 6.68 -103.21
N ALA B 182 -52.72 6.91 -102.06
CA ALA B 182 -51.85 8.06 -101.89
C ALA B 182 -50.61 7.92 -102.77
N VAL B 183 -50.00 9.07 -103.06
CA VAL B 183 -48.76 9.11 -103.83
C VAL B 183 -47.54 8.97 -102.94
N GLY B 184 -47.72 8.93 -101.63
CA GLY B 184 -46.62 8.75 -100.72
C GLY B 184 -47.08 8.88 -99.29
N THR B 185 -46.12 8.72 -98.38
CA THR B 185 -46.40 8.86 -96.96
C THR B 185 -45.98 10.21 -96.41
N VAL B 186 -44.94 10.83 -96.97
CA VAL B 186 -44.50 12.16 -96.58
C VAL B 186 -44.08 12.89 -97.86
N LEU B 187 -43.81 14.19 -97.70
CA LEU B 187 -43.31 15.01 -98.80
C LEU B 187 -41.94 15.57 -98.40
N LEU B 188 -40.93 15.26 -99.19
CA LEU B 188 -39.58 15.74 -98.96
C LEU B 188 -39.37 17.07 -99.67
N LEU B 189 -38.94 18.08 -98.92
CA LEU B 189 -38.64 19.40 -99.46
C LEU B 189 -37.15 19.68 -99.32
N ASN B 190 -36.49 19.91 -100.45
CA ASN B 190 -35.06 20.21 -100.43
C ASN B 190 -34.76 21.70 -100.25
N GLN B 191 -35.65 22.57 -100.67
CA GLN B 191 -35.50 24.00 -100.43
C GLN B 191 -36.38 24.43 -99.25
N GLU B 192 -36.23 25.68 -98.86
CA GLU B 192 -37.04 26.20 -97.78
C GLU B 192 -38.49 26.40 -98.25
N PRO B 193 -39.47 26.02 -97.45
CA PRO B 193 -40.87 26.15 -97.89
C PRO B 193 -41.30 27.61 -97.97
N THR B 194 -41.81 28.00 -99.14
CA THR B 194 -42.30 29.35 -99.37
C THR B 194 -43.82 29.40 -99.41
N ILE B 195 -44.48 28.28 -99.11
CA ILE B 195 -45.93 28.19 -99.04
C ILE B 195 -46.33 27.88 -97.60
N GLN B 196 -47.48 28.41 -97.21
CA GLN B 196 -47.98 28.12 -95.87
C GLN B 196 -48.78 26.81 -95.88
N PRO B 197 -48.65 26.01 -94.82
CA PRO B 197 -49.24 24.67 -94.85
C PRO B 197 -50.71 24.67 -94.50
N GLN B 198 -51.36 23.56 -94.87
CA GLN B 198 -52.79 23.39 -94.69
C GLN B 198 -53.11 22.94 -93.27
N ASP B 199 -54.40 23.01 -92.93
CA ASP B 199 -54.85 22.62 -91.59
C ASP B 199 -54.35 21.23 -91.20
N ASN B 200 -54.38 20.29 -92.14
CA ASN B 200 -53.96 18.92 -91.90
C ASN B 200 -52.49 18.70 -92.20
N GLU B 201 -51.80 19.70 -92.74
CA GLU B 201 -50.39 19.59 -93.08
C GLU B 201 -49.52 20.19 -91.99
N VAL B 202 -48.27 19.73 -91.95
CA VAL B 202 -47.32 20.15 -90.92
C VAL B 202 -45.92 20.01 -91.49
N VAL B 203 -45.16 21.09 -91.43
CA VAL B 203 -43.76 21.08 -91.89
C VAL B 203 -42.86 20.77 -90.71
N THR B 204 -41.83 19.97 -90.97
CA THR B 204 -40.92 19.53 -89.92
C THR B 204 -39.50 19.51 -90.45
N ASP B 205 -38.55 19.72 -89.54
CA ASP B 205 -37.14 19.63 -89.86
C ASP B 205 -36.69 18.17 -89.90
N LEU B 206 -35.47 17.95 -90.41
CA LEU B 206 -34.94 16.59 -90.50
C LEU B 206 -34.93 15.92 -89.13
N LYS B 207 -34.50 16.65 -88.09
CA LYS B 207 -34.52 16.09 -86.74
C LYS B 207 -35.93 15.70 -86.34
N GLY B 208 -36.86 16.65 -86.41
CA GLY B 208 -38.24 16.35 -86.03
C GLY B 208 -38.85 15.25 -86.87
N ALA B 209 -38.38 15.08 -88.10
CA ALA B 209 -38.88 13.98 -88.92
C ALA B 209 -38.53 12.63 -88.31
N PHE B 210 -37.39 12.53 -87.61
CA PHE B 210 -37.06 11.28 -86.94
C PHE B 210 -38.01 11.03 -85.77
N GLN B 211 -38.38 12.08 -85.05
CA GLN B 211 -39.33 11.93 -83.95
C GLN B 211 -40.69 11.45 -84.44
N ALA B 212 -40.97 11.57 -85.73
CA ALA B 212 -42.19 11.01 -86.29
C ALA B 212 -42.12 9.51 -86.44
N MET B 213 -40.93 8.93 -86.26
CA MET B 213 -40.75 7.48 -86.23
C MET B 213 -41.06 6.97 -84.82
N PRO B 214 -41.76 5.84 -84.71
CA PRO B 214 -42.26 5.44 -83.38
C PRO B 214 -41.17 5.13 -82.37
N ALA B 215 -40.23 4.25 -82.74
CA ALA B 215 -39.22 3.78 -81.80
C ALA B 215 -38.11 4.78 -81.53
N TYR B 216 -37.90 5.77 -82.40
CA TYR B 216 -36.64 6.51 -82.37
C TYR B 216 -36.51 7.36 -81.12
N LYS B 217 -37.41 8.33 -80.93
CA LYS B 217 -37.27 9.22 -79.78
C LYS B 217 -37.38 8.45 -78.47
N SER B 218 -38.38 7.58 -78.35
CA SER B 218 -38.62 6.87 -77.10
C SER B 218 -37.50 5.91 -76.73
N GLU B 219 -36.60 5.60 -77.67
CA GLU B 219 -35.50 4.68 -77.41
C GLU B 219 -34.14 5.36 -77.37
N ARG B 220 -33.93 6.39 -78.19
CA ARG B 220 -32.69 7.15 -78.09
C ARG B 220 -32.68 8.02 -76.83
N SER B 221 -33.83 8.57 -76.46
CA SER B 221 -33.88 9.39 -75.25
C SER B 221 -33.50 8.56 -74.03
N SER B 222 -34.05 7.35 -73.92
CA SER B 222 -33.72 6.50 -72.78
C SER B 222 -32.24 6.15 -72.77
N LEU B 223 -31.66 5.90 -73.94
CA LEU B 223 -30.23 5.61 -74.00
C LEU B 223 -29.39 6.82 -73.61
N LEU B 224 -29.81 8.02 -74.03
CA LEU B 224 -29.08 9.23 -73.65
C LEU B 224 -29.16 9.48 -72.15
N SER B 225 -30.33 9.26 -71.56
CA SER B 225 -30.46 9.46 -70.12
C SER B 225 -29.51 8.55 -69.36
N MET B 226 -29.40 7.29 -69.79
CA MET B 226 -28.42 6.40 -69.16
C MET B 226 -27.01 6.96 -69.30
N GLN B 227 -26.67 7.50 -70.47
CA GLN B 227 -25.34 8.09 -70.63
C GLN B 227 -25.14 9.27 -69.68
N ALA B 228 -26.17 10.08 -69.48
CA ALA B 228 -26.02 11.23 -68.57
C ALA B 228 -25.77 10.76 -67.14
N PHE B 229 -26.55 9.78 -66.67
CA PHE B 229 -26.30 9.22 -65.36
C PHE B 229 -24.89 8.63 -65.25
N LEU B 230 -24.44 7.96 -66.30
CA LEU B 230 -23.11 7.34 -66.24
C LEU B 230 -22.02 8.40 -66.13
N TYR B 231 -22.12 9.49 -66.88
CA TYR B 231 -21.16 10.56 -66.73
C TYR B 231 -21.18 11.13 -65.31
N ILE B 232 -22.38 11.31 -64.75
CA ILE B 232 -22.49 11.81 -63.39
C ILE B 232 -21.87 10.83 -62.41
N ILE B 233 -22.17 9.54 -62.57
CA ILE B 233 -21.64 8.55 -61.64
C ILE B 233 -20.12 8.53 -61.70
N SER B 234 -19.54 8.63 -62.89
CA SER B 234 -18.08 8.68 -62.99
C SER B 234 -17.52 9.85 -62.20
N ALA B 235 -18.09 11.04 -62.41
CA ALA B 235 -17.60 12.23 -61.71
C ALA B 235 -17.66 12.05 -60.19
N LEU B 236 -18.79 11.54 -59.69
CA LEU B 236 -18.93 11.37 -58.24
C LEU B 236 -17.96 10.31 -57.73
N VAL B 237 -17.77 9.23 -58.47
CA VAL B 237 -16.84 8.19 -58.04
C VAL B 237 -15.45 8.77 -57.84
N THR B 238 -14.98 9.57 -58.80
CA THR B 238 -13.66 10.18 -58.65
C THR B 238 -13.63 11.12 -57.44
N VAL B 239 -14.64 11.97 -57.31
CA VAL B 239 -14.67 12.91 -56.19
C VAL B 239 -14.74 12.15 -54.87
N ALA B 240 -15.60 11.15 -54.79
CA ALA B 240 -15.72 10.38 -53.56
C ALA B 240 -14.40 9.73 -53.19
N PHE B 241 -13.77 9.05 -54.14
CA PHE B 241 -12.50 8.39 -53.85
C PHE B 241 -11.40 9.40 -53.54
N LEU B 242 -11.26 10.42 -54.38
CA LEU B 242 -10.13 11.34 -54.24
C LEU B 242 -10.19 12.17 -52.96
N THR B 243 -11.39 12.49 -52.47
CA THR B 243 -11.47 13.21 -51.20
C THR B 243 -10.91 12.35 -50.07
N VAL B 244 -11.36 11.10 -49.99
CA VAL B 244 -10.84 10.20 -48.95
C VAL B 244 -9.35 9.96 -49.16
N TRP B 245 -8.92 9.89 -50.42
CA TRP B 245 -7.52 9.60 -50.69
C TRP B 245 -6.62 10.77 -50.29
N THR B 246 -6.99 11.98 -50.69
CA THR B 246 -6.18 13.15 -50.34
C THR B 246 -6.07 13.30 -48.83
N LEU B 247 -7.11 12.94 -48.09
CA LEU B 247 -7.02 12.93 -46.64
C LEU B 247 -5.94 11.97 -46.15
N GLN B 248 -5.68 10.90 -46.90
CA GLN B 248 -4.64 9.95 -46.52
C GLN B 248 -3.24 10.56 -46.62
N ARG B 249 -3.05 11.52 -47.52
CA ARG B 249 -1.74 12.12 -47.73
C ARG B 249 -1.46 13.32 -46.82
N THR B 250 -2.42 13.72 -45.99
CA THR B 250 -2.27 14.90 -45.15
C THR B 250 -0.89 14.95 -44.49
N ARG B 251 -0.40 13.80 -44.01
CA ARG B 251 0.88 13.78 -43.31
C ARG B 251 2.03 14.12 -44.26
N ASP B 252 2.05 13.47 -45.42
CA ASP B 252 3.11 13.75 -46.39
C ASP B 252 2.96 15.16 -46.96
N ILE B 253 1.72 15.60 -47.18
CA ILE B 253 1.49 16.96 -47.65
C ILE B 253 1.93 17.97 -46.61
N ALA B 254 1.66 17.68 -45.33
CA ALA B 254 2.07 18.58 -44.26
C ALA B 254 3.59 18.71 -44.22
N VAL B 255 4.31 17.60 -44.42
CA VAL B 255 5.76 17.64 -44.37
C VAL B 255 6.30 18.56 -45.47
N LEU B 256 5.74 18.45 -46.67
CA LEU B 256 6.17 19.32 -47.76
C LEU B 256 5.83 20.77 -47.47
N ALA B 257 4.67 21.03 -46.89
CA ALA B 257 4.31 22.40 -46.51
C ALA B 257 5.30 22.94 -45.48
N ALA B 258 5.62 22.14 -44.46
CA ALA B 258 6.58 22.57 -43.46
C ALA B 258 7.93 22.90 -44.10
N LEU B 259 8.37 22.10 -45.06
CA LEU B 259 9.65 22.33 -45.71
C LEU B 259 9.66 23.61 -46.54
N GLY B 260 8.47 24.11 -46.93
CA GLY B 260 8.35 25.33 -47.71
C GLY B 260 7.58 25.16 -49.01
N ALA B 261 7.01 23.99 -49.29
CA ALA B 261 6.25 23.81 -50.53
C ALA B 261 5.06 24.75 -50.57
N SER B 262 4.96 25.52 -51.66
CA SER B 262 3.86 26.46 -51.84
C SER B 262 2.53 25.70 -52.00
N LYS B 263 1.43 26.43 -51.83
CA LYS B 263 0.12 25.84 -52.06
C LYS B 263 -0.04 25.40 -53.51
N ARG B 264 0.44 26.21 -54.45
CA ARG B 264 0.38 25.84 -55.86
C ARG B 264 1.05 24.50 -56.09
N TYR B 265 2.21 24.27 -55.47
CA TYR B 265 2.93 23.02 -55.67
C TYR B 265 2.12 21.83 -55.17
N LEU B 266 1.55 21.94 -53.97
CA LEU B 266 0.80 20.84 -53.39
C LEU B 266 -0.45 20.53 -54.22
N LEU B 267 -1.13 21.57 -54.72
CA LEU B 267 -2.33 21.34 -55.52
C LEU B 267 -1.98 20.69 -56.86
N ILE B 268 -0.89 21.13 -57.49
CA ILE B 268 -0.46 20.52 -58.74
C ILE B 268 -0.08 19.06 -58.52
N ASP B 269 0.63 18.78 -57.41
CA ASP B 269 0.99 17.41 -57.08
C ASP B 269 -0.24 16.52 -57.02
N ALA B 270 -1.25 16.92 -56.24
CA ALA B 270 -2.43 16.08 -56.05
C ALA B 270 -3.19 15.90 -57.35
N LEU B 271 -3.44 16.99 -58.07
CA LEU B 271 -4.19 16.89 -59.32
C LEU B 271 -3.40 16.12 -60.38
N GLY B 272 -2.08 16.28 -60.39
CA GLY B 272 -1.26 15.51 -61.31
C GLY B 272 -1.38 14.01 -61.08
N GLN B 273 -1.34 13.59 -59.82
CA GLN B 273 -1.51 12.18 -59.51
C GLN B 273 -2.87 11.67 -59.98
N ALA B 274 -3.93 12.44 -59.69
CA ALA B 274 -5.27 12.04 -60.10
C ALA B 274 -5.39 11.98 -61.63
N ALA B 275 -4.83 12.97 -62.32
CA ALA B 275 -4.94 13.00 -63.77
C ALA B 275 -4.31 11.76 -64.39
N ILE B 276 -3.13 11.37 -63.89
CA ILE B 276 -2.50 10.15 -64.41
C ILE B 276 -3.38 8.93 -64.12
N ILE B 277 -3.92 8.84 -62.92
CA ILE B 277 -4.76 7.70 -62.57
C ILE B 277 -6.01 7.68 -63.45
N LEU B 278 -6.66 8.83 -63.59
CA LEU B 278 -7.85 8.92 -64.42
C LEU B 278 -7.53 8.62 -65.88
N ALA B 279 -6.39 9.10 -66.37
CA ALA B 279 -5.98 8.82 -67.74
C ALA B 279 -5.83 7.31 -67.97
N ALA B 280 -5.12 6.62 -67.08
CA ALA B 280 -4.96 5.18 -67.21
C ALA B 280 -6.33 4.49 -67.26
N GLY B 281 -7.20 4.79 -66.30
CA GLY B 281 -8.51 4.14 -66.27
C GLY B 281 -9.32 4.39 -67.54
N VAL B 282 -9.35 5.65 -67.99
CA VAL B 282 -10.13 6.00 -69.16
C VAL B 282 -9.56 5.37 -70.41
N ALA B 283 -8.22 5.39 -70.57
CA ALA B 283 -7.59 4.79 -71.74
C ALA B 283 -7.90 3.30 -71.81
N LEU B 284 -7.74 2.60 -70.70
CA LEU B 284 -8.01 1.16 -70.70
C LEU B 284 -9.48 0.87 -71.00
N GLY B 285 -10.39 1.63 -70.38
CA GLY B 285 -11.81 1.43 -70.62
C GLY B 285 -12.18 1.70 -72.07
N ALA B 286 -11.70 2.83 -72.61
CA ALA B 286 -12.02 3.17 -73.99
C ALA B 286 -11.30 2.23 -74.97
N GLY B 287 -10.10 1.78 -74.62
CA GLY B 287 -9.40 0.81 -75.41
C GLY B 287 -10.16 -0.50 -75.50
N ILE B 288 -10.45 -1.09 -74.34
CA ILE B 288 -11.25 -2.32 -74.32
C ILE B 288 -12.61 -2.09 -74.96
N GLY B 289 -13.16 -0.88 -74.82
CA GLY B 289 -14.45 -0.56 -75.38
C GLY B 289 -14.52 -0.67 -76.89
N ALA B 290 -13.64 0.05 -77.57
CA ALA B 290 -13.61 0.00 -79.03
C ALA B 290 -13.36 -1.41 -79.53
N LEU B 291 -12.52 -2.16 -78.83
CA LEU B 291 -12.22 -3.53 -79.24
C LEU B 291 -13.46 -4.42 -79.12
N LEU B 292 -14.10 -4.43 -77.94
CA LEU B 292 -15.31 -5.22 -77.78
C LEU B 292 -16.40 -4.80 -78.75
N GLY B 293 -16.51 -3.49 -79.02
CA GLY B 293 -17.53 -3.03 -79.94
C GLY B 293 -17.28 -3.51 -81.35
N TRP B 294 -16.05 -3.34 -81.83
CA TRP B 294 -15.69 -3.87 -83.15
C TRP B 294 -15.89 -5.38 -83.20
N LEU B 295 -15.60 -6.07 -82.10
CA LEU B 295 -15.81 -7.51 -82.04
C LEU B 295 -17.29 -7.86 -82.04
N ILE B 296 -18.14 -6.95 -81.56
CA ILE B 296 -19.57 -7.22 -81.45
C ILE B 296 -20.37 -6.59 -82.60
N ALA B 297 -19.78 -5.68 -83.37
CA ALA B 297 -20.53 -4.91 -84.36
C ALA B 297 -21.09 -5.77 -85.48
N GLY B 298 -20.93 -7.10 -85.36
CA GLY B 298 -21.48 -8.01 -86.34
C GLY B 298 -22.78 -8.61 -85.85
N SER B 299 -22.88 -8.77 -84.53
CA SER B 299 -24.08 -9.33 -83.92
C SER B 299 -25.04 -8.24 -83.45
N VAL B 300 -24.52 -7.08 -83.06
CA VAL B 300 -25.34 -5.99 -82.54
C VAL B 300 -25.04 -4.71 -83.31
N PRO B 301 -26.05 -3.90 -83.61
CA PRO B 301 -25.80 -2.62 -84.28
C PRO B 301 -24.92 -1.72 -83.43
N PHE B 302 -23.75 -1.38 -83.95
CA PHE B 302 -22.76 -0.62 -83.20
C PHE B 302 -22.03 0.32 -84.14
N SER B 303 -22.18 1.62 -83.93
CA SER B 303 -21.50 2.62 -84.72
C SER B 303 -20.19 2.99 -84.02
N LEU B 304 -19.07 2.80 -84.70
CA LEU B 304 -17.74 2.92 -84.09
C LEU B 304 -16.88 3.85 -84.94
N GLY B 305 -16.68 5.08 -84.46
CA GLY B 305 -15.73 5.99 -85.09
C GLY B 305 -14.67 6.46 -84.12
N TRP B 306 -13.99 7.55 -84.46
CA TRP B 306 -13.04 8.15 -83.51
C TRP B 306 -13.77 9.03 -82.51
N VAL B 307 -14.79 9.76 -82.95
CA VAL B 307 -15.47 10.69 -82.05
C VAL B 307 -16.39 9.92 -81.10
N SER B 308 -16.87 8.75 -81.51
CA SER B 308 -17.80 7.98 -80.69
C SER B 308 -17.09 7.16 -79.62
N VAL B 309 -15.77 7.05 -79.68
CA VAL B 309 -14.98 6.41 -78.64
C VAL B 309 -14.19 7.44 -77.82
N LEU B 310 -13.62 8.44 -78.49
CA LEU B 310 -12.78 9.42 -77.81
C LEU B 310 -13.56 10.62 -77.30
N GLY B 311 -14.70 10.94 -77.89
CA GLY B 311 -15.54 11.99 -77.39
C GLY B 311 -15.92 11.75 -75.94
N PRO B 312 -16.59 10.62 -75.68
CA PRO B 312 -16.92 10.30 -74.28
C PRO B 312 -15.69 10.13 -73.40
N ALA B 313 -14.61 9.55 -73.93
CA ALA B 313 -13.41 9.37 -73.13
C ALA B 313 -12.88 10.70 -72.62
N LEU B 314 -12.74 11.69 -73.51
CA LEU B 314 -12.23 12.99 -73.08
C LEU B 314 -13.23 13.67 -72.15
N GLY B 315 -14.52 13.51 -72.41
CA GLY B 315 -15.52 14.05 -71.51
C GLY B 315 -15.40 13.48 -70.11
N ILE B 316 -15.24 12.16 -70.02
CA ILE B 316 -15.11 11.53 -68.71
C ILE B 316 -13.86 12.01 -68.00
N TRP B 317 -12.74 12.08 -68.74
CA TRP B 317 -11.49 12.50 -68.11
C TRP B 317 -11.56 13.93 -67.61
N LEU B 318 -12.21 14.81 -68.37
CA LEU B 318 -12.33 16.20 -67.92
C LEU B 318 -13.30 16.31 -66.75
N LEU B 319 -14.39 15.54 -66.76
CA LEU B 319 -15.25 15.46 -65.59
C LEU B 319 -14.45 15.00 -64.38
N GLY B 320 -13.55 14.04 -64.56
CA GLY B 320 -12.71 13.59 -63.46
C GLY B 320 -11.78 14.66 -62.95
N LEU B 321 -11.22 15.47 -63.87
CA LEU B 321 -10.34 16.56 -63.45
C LEU B 321 -11.10 17.61 -62.67
N ILE B 322 -12.31 17.96 -63.12
CA ILE B 322 -13.14 18.89 -62.37
C ILE B 322 -13.49 18.30 -61.02
N GLY B 323 -13.88 17.03 -61.00
CA GLY B 323 -14.12 16.36 -59.73
C GLY B 323 -12.88 16.30 -58.87
N ALA B 324 -11.72 16.05 -59.48
CA ALA B 324 -10.49 15.92 -58.71
C ALA B 324 -10.11 17.22 -58.02
N THR B 325 -10.17 18.34 -58.73
CA THR B 325 -9.87 19.62 -58.10
C THR B 325 -10.80 19.89 -56.93
N ILE B 326 -12.07 19.50 -57.05
CA ILE B 326 -12.99 19.64 -55.93
C ILE B 326 -12.51 18.83 -54.73
N ALA B 327 -11.95 17.64 -54.99
CA ALA B 327 -11.54 16.77 -53.89
C ALA B 327 -10.19 17.16 -53.31
N VAL B 328 -9.31 17.77 -54.14
CA VAL B 328 -7.98 18.17 -53.70
C VAL B 328 -7.94 19.57 -53.11
N ARG B 329 -9.06 20.30 -53.16
CA ARG B 329 -9.11 21.66 -52.64
C ARG B 329 -8.49 21.76 -51.25
N ASN B 330 -8.64 20.72 -50.43
CA ASN B 330 -8.19 20.78 -49.05
C ASN B 330 -6.70 20.48 -48.88
N VAL B 331 -5.95 20.33 -49.98
CA VAL B 331 -4.51 20.11 -49.86
C VAL B 331 -3.77 21.38 -49.48
N THR B 332 -4.35 22.55 -49.76
CA THR B 332 -3.70 23.82 -49.45
C THR B 332 -4.05 24.35 -48.07
N LYS B 333 -4.99 23.71 -47.37
CA LYS B 333 -5.39 24.11 -46.03
C LYS B 333 -4.69 23.30 -44.94
N VAL B 334 -3.86 22.32 -45.32
CA VAL B 334 -3.19 21.48 -44.34
C VAL B 334 -2.19 22.31 -43.57
N ASP B 335 -2.36 22.38 -42.26
CA ASP B 335 -1.45 23.13 -41.41
C ASP B 335 -0.10 22.42 -41.37
N PRO B 336 1.02 23.13 -41.58
CA PRO B 336 2.32 22.44 -41.58
C PRO B 336 2.78 22.00 -40.20
N GLN B 337 2.14 22.48 -39.14
CA GLN B 337 2.49 22.01 -37.79
C GLN B 337 2.09 20.55 -37.56
N ILE B 338 1.33 19.95 -38.47
CA ILE B 338 0.99 18.54 -38.31
C ILE B 338 2.22 17.66 -38.43
N ALA B 339 3.32 18.20 -38.95
CA ALA B 339 4.55 17.44 -39.12
C ALA B 339 5.41 17.41 -37.87
N LEU B 340 5.27 18.41 -37.00
CA LEU B 340 6.06 18.48 -35.78
C LEU B 340 5.55 17.56 -34.69
N GLY B 341 4.40 16.92 -34.87
CA GLY B 341 3.85 16.03 -33.87
C GLY B 341 4.23 14.57 -34.05
N ALA C 3 2.65 -8.63 -0.18
CA ALA C 3 3.56 -9.77 -0.34
C ALA C 3 3.15 -10.62 -1.55
N ALA C 4 2.48 -9.99 -2.51
CA ALA C 4 2.02 -10.68 -3.70
C ALA C 4 1.96 -9.71 -4.88
N PRO C 5 2.91 -9.79 -5.82
CA PRO C 5 2.96 -8.80 -6.90
C PRO C 5 1.80 -8.96 -7.86
N VAL C 6 1.42 -7.84 -8.47
CA VAL C 6 0.42 -7.87 -9.54
C VAL C 6 1.08 -8.19 -10.87
N LEU C 7 2.22 -7.55 -11.15
CA LEU C 7 2.94 -7.71 -12.40
C LEU C 7 4.37 -8.10 -12.09
N SER C 8 4.90 -9.06 -12.85
CA SER C 8 6.27 -9.53 -12.68
C SER C 8 6.96 -9.59 -14.04
N ILE C 9 7.85 -8.65 -14.29
CA ILE C 9 8.70 -8.66 -15.48
C ILE C 9 10.04 -9.24 -15.06
N THR C 10 10.33 -10.47 -15.50
CA THR C 10 11.55 -11.16 -15.11
C THR C 10 12.43 -11.35 -16.35
N ASN C 11 13.61 -10.73 -16.34
CA ASN C 11 14.60 -10.88 -17.40
C ASN C 11 13.95 -10.78 -18.78
N ALA C 12 13.21 -9.69 -18.99
CA ALA C 12 12.50 -9.48 -20.23
C ALA C 12 13.37 -8.67 -21.19
N SER C 13 13.38 -9.09 -22.46
CA SER C 13 14.16 -8.42 -23.48
C SER C 13 13.37 -8.37 -24.78
N VAL C 14 13.52 -7.25 -25.50
CA VAL C 14 12.83 -7.04 -26.76
C VAL C 14 13.86 -6.62 -27.81
N VAL C 15 13.81 -7.25 -28.98
CA VAL C 15 14.70 -6.94 -30.09
C VAL C 15 13.83 -6.65 -31.31
N TYR C 16 13.83 -5.38 -31.75
CA TYR C 16 13.07 -5.11 -32.96
C TYR C 16 13.98 -5.15 -34.16
N PRO C 17 13.46 -5.52 -35.33
CA PRO C 17 14.26 -5.41 -36.55
C PRO C 17 14.37 -3.95 -36.96
N ASP C 18 15.53 -3.34 -36.72
CA ASP C 18 15.75 -1.93 -37.06
C ASP C 18 16.34 -1.86 -38.45
N GLY C 19 15.47 -1.85 -39.46
CA GLY C 19 15.88 -1.84 -40.85
C GLY C 19 16.60 -3.12 -41.26
N ILE C 20 17.85 -3.00 -41.70
CA ILE C 20 18.60 -4.18 -42.13
C ILE C 20 19.06 -5.01 -40.95
N SER C 21 19.38 -4.36 -39.83
CA SER C 21 19.86 -5.01 -38.63
C SER C 21 18.72 -5.13 -37.62
N THR C 22 19.04 -5.62 -36.43
CA THR C 22 18.09 -5.73 -35.33
C THR C 22 18.44 -4.70 -34.27
N VAL C 23 17.67 -4.69 -33.18
CA VAL C 23 17.92 -3.72 -32.12
C VAL C 23 17.35 -4.23 -30.79
N THR C 24 18.22 -4.38 -29.79
CA THR C 24 17.82 -4.79 -28.45
C THR C 24 17.20 -3.60 -27.73
N ALA C 25 15.87 -3.47 -27.82
CA ALA C 25 15.21 -2.34 -27.18
C ALA C 25 15.13 -2.49 -25.68
N LEU C 26 15.02 -3.72 -25.18
CA LEU C 26 15.02 -4.00 -23.76
C LEU C 26 15.93 -5.19 -23.52
N ASP C 27 16.79 -5.10 -22.51
CA ASP C 27 17.83 -6.10 -22.27
C ASP C 27 17.74 -6.60 -20.83
N SER C 28 17.08 -7.73 -20.63
CA SER C 28 17.05 -8.43 -19.34
C SER C 28 16.55 -7.51 -18.22
N ALA C 29 15.36 -6.98 -18.42
CA ALA C 29 14.72 -6.13 -17.42
C ALA C 29 14.04 -6.98 -16.35
N ASN C 30 14.21 -6.58 -15.09
CA ASN C 30 13.59 -7.27 -13.97
C ASN C 30 12.87 -6.25 -13.11
N VAL C 31 11.54 -6.26 -13.16
CA VAL C 31 10.71 -5.30 -12.43
C VAL C 31 9.48 -6.02 -11.88
N GLU C 32 9.07 -5.64 -10.66
CA GLU C 32 7.89 -6.17 -10.02
C GLU C 32 7.12 -5.04 -9.35
N ILE C 33 5.80 -5.04 -9.54
CA ILE C 33 4.92 -4.01 -9.02
C ILE C 33 3.84 -4.69 -8.20
N PHE C 34 3.60 -4.18 -7.00
CA PHE C 34 2.62 -4.70 -6.06
C PHE C 34 1.41 -3.81 -5.97
N PRO C 35 0.28 -4.32 -5.48
CA PRO C 35 -0.94 -3.49 -5.41
C PRO C 35 -0.71 -2.28 -4.52
N GLY C 36 -1.17 -1.13 -5.00
CA GLY C 36 -1.03 0.12 -4.27
C GLY C 36 0.26 0.87 -4.52
N GLU C 37 1.17 0.31 -5.32
CA GLU C 37 2.43 0.97 -5.63
C GLU C 37 2.31 1.87 -6.84
N LEU C 38 2.97 3.02 -6.79
CA LEU C 38 3.22 3.85 -7.95
C LEU C 38 4.73 3.77 -8.21
N VAL C 39 5.12 2.96 -9.19
CA VAL C 39 6.52 2.77 -9.55
C VAL C 39 6.81 3.62 -10.77
N ALA C 40 7.69 4.61 -10.61
CA ALA C 40 8.13 5.43 -11.72
C ALA C 40 9.32 4.77 -12.42
N ILE C 41 9.37 4.93 -13.74
CA ILE C 41 10.48 4.47 -14.56
C ILE C 41 11.08 5.72 -15.19
N VAL C 42 12.27 6.09 -14.75
CA VAL C 42 12.91 7.32 -15.21
C VAL C 42 14.06 6.96 -16.13
N GLY C 43 14.46 7.92 -16.94
CA GLY C 43 15.53 7.74 -17.89
C GLY C 43 15.31 8.63 -19.11
N GLU C 44 16.40 8.86 -19.84
CA GLU C 44 16.33 9.73 -20.99
C GLU C 44 15.45 9.12 -22.10
N SER C 45 15.14 9.96 -23.08
CA SER C 45 14.33 9.52 -24.22
C SER C 45 15.12 8.50 -25.04
N GLY C 46 14.57 7.29 -25.17
CA GLY C 46 15.24 6.23 -25.88
C GLY C 46 16.05 5.30 -25.03
N SER C 47 15.84 5.30 -23.72
CA SER C 47 16.56 4.43 -22.80
C SER C 47 15.88 3.08 -22.60
N GLY C 48 14.66 2.90 -23.11
CA GLY C 48 13.92 1.67 -22.93
C GLY C 48 12.74 1.77 -22.01
N LYS C 49 12.33 2.98 -21.62
CA LYS C 49 11.13 3.12 -20.79
C LYS C 49 9.88 2.65 -21.53
N SER C 50 9.64 3.20 -22.72
CA SER C 50 8.43 2.84 -23.45
C SER C 50 8.44 1.37 -23.85
N THR C 51 9.62 0.83 -24.20
CA THR C 51 9.69 -0.58 -24.53
C THR C 51 9.29 -1.45 -23.34
N LEU C 52 9.76 -1.09 -22.15
CA LEU C 52 9.33 -1.81 -20.95
C LEU C 52 7.83 -1.64 -20.72
N LEU C 53 7.31 -0.42 -20.93
CA LEU C 53 5.89 -0.20 -20.77
C LEU C 53 5.08 -1.09 -21.71
N SER C 54 5.41 -1.06 -23.01
CA SER C 54 4.71 -1.90 -23.97
C SER C 54 4.77 -3.37 -23.57
N ILE C 55 5.90 -3.81 -23.04
CA ILE C 55 6.00 -5.18 -22.55
C ILE C 55 5.04 -5.40 -21.39
N ALA C 56 5.03 -4.47 -20.42
CA ALA C 56 4.16 -4.60 -19.25
C ALA C 56 2.69 -4.53 -19.63
N GLY C 57 2.37 -3.88 -20.74
CA GLY C 57 1.01 -3.74 -21.19
C GLY C 57 0.54 -4.80 -22.17
N PHE C 58 1.31 -5.89 -22.30
CA PHE C 58 0.95 -7.00 -23.20
C PHE C 58 0.68 -6.50 -24.61
N LEU C 59 1.32 -5.40 -25.00
CA LEU C 59 1.22 -4.92 -26.36
C LEU C 59 2.19 -5.63 -27.30
N GLN C 60 3.22 -6.28 -26.77
CA GLN C 60 4.11 -7.11 -27.57
C GLN C 60 4.86 -8.05 -26.64
N GLU C 61 5.06 -9.29 -27.10
CA GLU C 61 5.79 -10.25 -26.30
C GLU C 61 7.30 -9.99 -26.39
N PRO C 62 8.03 -10.25 -25.32
CA PRO C 62 9.49 -10.11 -25.38
C PRO C 62 10.12 -11.17 -26.27
N THR C 63 11.20 -10.78 -26.94
CA THR C 63 11.97 -11.75 -27.72
C THR C 63 12.65 -12.77 -26.82
N SER C 64 12.76 -12.48 -25.53
CA SER C 64 13.28 -13.41 -24.54
C SER C 64 12.81 -12.93 -23.18
N GLY C 65 12.71 -13.88 -22.24
CA GLY C 65 12.17 -13.58 -20.93
C GLY C 65 10.65 -13.64 -20.92
N THR C 66 10.10 -13.55 -19.72
CA THR C 66 8.67 -13.74 -19.51
C THR C 66 8.09 -12.56 -18.75
N VAL C 67 6.81 -12.28 -19.02
CA VAL C 67 6.06 -11.22 -18.34
C VAL C 67 4.75 -11.84 -17.86
N THR C 68 4.52 -11.79 -16.55
CA THR C 68 3.39 -12.46 -15.92
C THR C 68 2.52 -11.45 -15.19
N LEU C 69 1.23 -11.46 -15.49
CA LEU C 69 0.24 -10.70 -14.74
C LEU C 69 -0.59 -11.70 -13.94
N HIS C 70 -0.47 -11.66 -12.62
CA HIS C 70 -1.11 -12.67 -11.78
C HIS C 70 -2.61 -12.42 -11.70
N GLY C 71 -3.35 -13.53 -11.64
CA GLY C 71 -4.80 -13.49 -11.77
C GLY C 71 -5.31 -13.57 -13.20
N ALA C 72 -4.40 -13.52 -14.19
CA ALA C 72 -4.78 -13.58 -15.60
C ALA C 72 -4.01 -14.66 -16.34
N GLU C 73 -3.44 -15.63 -15.61
CA GLU C 73 -2.70 -16.70 -16.25
C GLU C 73 -3.63 -17.53 -17.13
N GLY C 74 -3.10 -18.01 -18.26
CA GLY C 74 -3.89 -18.78 -19.19
C GLY C 74 -4.77 -17.96 -20.09
N LEU C 75 -4.38 -16.72 -20.39
CA LEU C 75 -5.14 -15.84 -21.25
C LEU C 75 -4.25 -15.32 -22.36
N ASP C 76 -4.84 -15.12 -23.54
CA ASP C 76 -4.12 -14.53 -24.65
C ASP C 76 -3.78 -13.08 -24.34
N ALA C 77 -2.94 -12.49 -25.20
CA ALA C 77 -2.46 -11.13 -24.96
C ALA C 77 -3.62 -10.15 -24.90
N THR C 78 -4.55 -10.23 -25.86
CA THR C 78 -5.63 -9.25 -25.95
C THR C 78 -6.60 -9.38 -24.78
N SER C 79 -6.97 -10.62 -24.41
CA SER C 79 -7.91 -10.82 -23.31
C SER C 79 -7.35 -10.27 -22.00
N THR C 80 -6.03 -10.34 -21.81
CA THR C 80 -5.44 -9.81 -20.58
C THR C 80 -5.62 -8.30 -20.49
N ARG C 81 -5.34 -7.59 -21.59
CA ARG C 81 -5.51 -6.14 -21.60
C ARG C 81 -6.96 -5.73 -21.34
N ARG C 82 -7.91 -6.45 -21.93
CA ARG C 82 -9.30 -6.03 -21.83
C ARG C 82 -9.82 -6.11 -20.40
N GLU C 83 -9.35 -7.08 -19.62
CA GLU C 83 -9.94 -7.36 -18.32
C GLU C 83 -9.09 -6.94 -17.12
N HIS C 84 -7.79 -6.71 -17.30
CA HIS C 84 -6.93 -6.48 -16.16
C HIS C 84 -6.03 -5.26 -16.28
N ILE C 85 -6.02 -4.55 -17.40
CA ILE C 85 -5.10 -3.44 -17.61
C ILE C 85 -5.88 -2.20 -18.04
N GLY C 86 -5.44 -1.04 -17.53
CA GLY C 86 -5.94 0.24 -17.99
C GLY C 86 -4.80 1.09 -18.55
N PHE C 87 -4.99 1.66 -19.73
CA PHE C 87 -3.92 2.40 -20.42
C PHE C 87 -4.19 3.89 -20.34
N VAL C 88 -3.25 4.62 -19.78
CA VAL C 88 -3.24 6.08 -19.85
C VAL C 88 -2.18 6.43 -20.89
N PHE C 89 -2.59 6.44 -22.16
CA PHE C 89 -1.66 6.63 -23.25
C PHE C 89 -0.97 7.99 -23.14
N GLN C 90 0.21 8.10 -23.75
CA GLN C 90 0.92 9.38 -23.75
C GLN C 90 0.05 10.48 -24.36
N GLN C 91 -0.44 10.24 -25.55
CA GLN C 91 -1.50 11.08 -26.08
C GLN C 91 -2.85 10.58 -25.57
N PRO C 92 -3.79 11.48 -25.29
CA PRO C 92 -5.07 11.06 -24.70
C PRO C 92 -5.76 9.94 -25.49
N ASN C 93 -5.56 9.90 -26.81
CA ASN C 93 -6.17 8.88 -27.66
C ASN C 93 -7.68 8.79 -27.43
N LEU C 94 -8.35 9.93 -27.52
CA LEU C 94 -9.79 9.99 -27.46
C LEU C 94 -10.37 9.81 -28.85
N LEU C 95 -11.39 8.97 -28.97
CA LEU C 95 -12.04 8.78 -30.26
C LEU C 95 -12.88 10.01 -30.61
N GLY C 96 -12.68 10.53 -31.83
CA GLY C 96 -13.21 11.84 -32.16
C GLY C 96 -14.72 11.92 -32.09
N SER C 97 -15.41 10.87 -32.57
CA SER C 97 -16.86 10.89 -32.71
C SER C 97 -17.61 10.59 -31.42
N LEU C 98 -16.91 10.30 -30.33
CA LEU C 98 -17.54 9.97 -29.06
C LEU C 98 -17.52 11.14 -28.10
N THR C 99 -18.48 11.17 -27.19
CA THR C 99 -18.52 12.17 -26.13
C THR C 99 -17.63 11.73 -24.97
N ALA C 100 -17.42 12.64 -24.03
CA ALA C 100 -16.58 12.34 -22.86
C ALA C 100 -17.01 11.05 -22.19
N ARG C 101 -18.30 10.95 -21.83
CA ARG C 101 -18.78 9.72 -21.19
C ARG C 101 -18.68 8.53 -22.14
N GLU C 102 -18.93 8.74 -23.43
CA GLU C 102 -18.84 7.64 -24.38
C GLU C 102 -17.42 7.09 -24.48
N GLN C 103 -16.41 7.91 -24.16
CA GLN C 103 -15.05 7.41 -24.12
C GLN C 103 -14.90 6.31 -23.08
N LEU C 104 -15.69 6.38 -22.01
CA LEU C 104 -15.70 5.34 -21.00
C LEU C 104 -16.64 4.20 -21.38
N LEU C 105 -17.84 4.54 -21.86
CA LEU C 105 -18.84 3.52 -22.16
C LEU C 105 -18.38 2.57 -23.24
N ILE C 106 -17.60 3.07 -24.21
CA ILE C 106 -17.20 2.21 -25.33
C ILE C 106 -16.34 1.05 -24.84
N THR C 107 -15.59 1.25 -23.76
CA THR C 107 -14.85 0.15 -23.17
C THR C 107 -15.79 -0.90 -22.61
N ASP C 108 -16.85 -0.48 -21.91
CA ASP C 108 -17.85 -1.43 -21.44
C ASP C 108 -18.48 -2.20 -22.61
N HIS C 109 -18.71 -1.50 -23.72
CA HIS C 109 -19.33 -2.16 -24.87
C HIS C 109 -18.40 -3.20 -25.47
N LEU C 110 -17.11 -2.88 -25.57
CA LEU C 110 -16.15 -3.84 -26.10
C LEU C 110 -15.87 -4.98 -25.13
N ARG C 111 -16.24 -4.83 -23.86
CA ARG C 111 -16.16 -5.91 -22.90
C ARG C 111 -17.41 -6.77 -22.86
N GLY C 112 -18.44 -6.41 -23.62
CA GLY C 112 -19.64 -7.23 -23.70
C GLY C 112 -20.65 -6.99 -22.59
N ILE C 113 -20.66 -5.79 -22.01
CA ILE C 113 -21.59 -5.45 -20.94
C ILE C 113 -22.30 -4.16 -21.31
N LYS C 114 -23.59 -4.08 -20.99
CA LYS C 114 -24.37 -2.89 -21.26
C LYS C 114 -23.70 -1.68 -20.60
N PRO C 115 -23.26 -0.68 -21.38
CA PRO C 115 -22.48 0.43 -20.79
C PRO C 115 -23.20 1.04 -19.60
N ARG C 116 -22.46 1.19 -18.50
CA ARG C 116 -23.01 1.69 -17.24
C ARG C 116 -22.71 3.18 -17.14
N LYS C 117 -23.74 4.00 -17.31
CA LYS C 117 -23.57 5.45 -17.27
C LYS C 117 -23.25 5.94 -15.86
N ASP C 118 -23.86 5.33 -14.85
CA ASP C 118 -23.60 5.76 -13.47
C ASP C 118 -22.13 5.64 -13.13
N ARG C 119 -21.54 4.46 -13.36
CA ARG C 119 -20.10 4.31 -13.12
C ARG C 119 -19.31 5.30 -13.96
N ALA C 120 -19.70 5.50 -15.22
CA ALA C 120 -19.00 6.42 -16.08
C ALA C 120 -19.06 7.85 -15.53
N ASP C 121 -20.20 8.25 -14.98
CA ASP C 121 -20.32 9.58 -14.40
C ASP C 121 -19.59 9.69 -13.07
N GLU C 122 -19.69 8.65 -12.23
CA GLU C 122 -18.95 8.66 -10.98
C GLU C 122 -17.46 8.84 -11.23
N LEU C 123 -16.91 8.09 -12.19
CA LEU C 123 -15.50 8.16 -12.47
C LEU C 123 -15.12 9.50 -13.07
N LEU C 124 -15.96 10.04 -13.95
CA LEU C 124 -15.74 11.37 -14.49
C LEU C 124 -15.70 12.42 -13.38
N ALA C 125 -16.56 12.25 -12.36
CA ALA C 125 -16.52 13.17 -11.23
C ALA C 125 -15.23 13.02 -10.43
N ARG C 126 -14.81 11.78 -10.16
CA ARG C 126 -13.59 11.55 -9.38
C ARG C 126 -12.37 12.18 -10.05
N VAL C 127 -12.37 12.24 -11.38
CA VAL C 127 -11.23 12.80 -12.10
C VAL C 127 -11.41 14.30 -12.23
N GLY C 128 -12.45 14.84 -11.58
CA GLY C 128 -12.65 16.27 -11.59
C GLY C 128 -13.34 16.82 -12.82
N LEU C 129 -14.18 16.02 -13.47
CA LEU C 129 -14.93 16.45 -14.64
C LEU C 129 -16.44 16.33 -14.44
N LYS C 130 -16.89 16.50 -13.20
CA LYS C 130 -18.32 16.39 -12.90
C LYS C 130 -19.14 17.26 -13.84
N GLY C 131 -20.16 16.66 -14.45
CA GLY C 131 -21.05 17.40 -15.32
C GLY C 131 -20.50 17.76 -16.67
N LEU C 132 -19.33 17.24 -17.04
CA LEU C 132 -18.74 17.49 -18.35
C LEU C 132 -18.88 16.31 -19.30
N GLY C 133 -19.68 15.31 -18.93
CA GLY C 133 -19.88 14.15 -19.78
C GLY C 133 -20.38 14.47 -21.18
N GLY C 134 -21.00 15.64 -21.35
CA GLY C 134 -21.52 16.04 -22.65
C GLY C 134 -20.53 16.75 -23.55
N ARG C 135 -19.35 17.09 -23.04
CA ARG C 135 -18.35 17.78 -23.85
C ARG C 135 -17.83 16.85 -24.93
N ARG C 136 -17.52 17.42 -26.09
CA ARG C 136 -16.83 16.69 -27.13
C ARG C 136 -15.34 16.98 -27.07
N VAL C 137 -14.56 16.16 -27.78
CA VAL C 137 -13.10 16.27 -27.71
C VAL C 137 -12.64 17.65 -28.13
N ALA C 138 -13.32 18.26 -29.10
CA ALA C 138 -12.94 19.58 -29.55
C ALA C 138 -13.14 20.64 -28.46
N GLN C 139 -14.01 20.38 -27.49
CA GLN C 139 -14.27 21.31 -26.40
C GLN C 139 -13.53 20.95 -25.12
N LEU C 140 -12.51 20.10 -25.20
CA LEU C 140 -11.74 19.66 -24.04
C LEU C 140 -10.30 20.12 -24.16
N SER C 141 -9.76 20.66 -23.07
CA SER C 141 -8.39 21.13 -23.03
C SER C 141 -7.43 19.96 -22.84
N GLY C 142 -6.14 20.26 -22.89
CA GLY C 142 -5.13 19.22 -22.71
C GLY C 142 -5.30 18.48 -21.41
N GLY C 143 -5.37 19.21 -20.30
CA GLY C 143 -5.57 18.55 -19.02
C GLY C 143 -6.86 17.77 -18.95
N GLN C 144 -7.94 18.32 -19.51
CA GLN C 144 -9.22 17.63 -19.45
C GLN C 144 -9.20 16.35 -20.26
N ARG C 145 -8.61 16.37 -21.46
CA ARG C 145 -8.53 15.16 -22.26
C ARG C 145 -7.75 14.08 -21.53
N GLN C 146 -6.63 14.45 -20.88
CA GLN C 146 -5.87 13.49 -20.12
C GLN C 146 -6.67 12.96 -18.93
N ARG C 147 -7.50 13.82 -18.33
CA ARG C 147 -8.36 13.38 -17.23
C ARG C 147 -9.38 12.36 -17.70
N VAL C 148 -9.98 12.56 -18.87
CA VAL C 148 -10.89 11.57 -19.44
C VAL C 148 -10.15 10.25 -19.65
N ASN C 149 -8.90 10.33 -20.12
CA ASN C 149 -8.11 9.12 -20.34
C ASN C 149 -7.96 8.32 -19.06
N ILE C 150 -7.62 9.00 -17.95
CA ILE C 150 -7.53 8.32 -16.66
C ILE C 150 -8.87 7.66 -16.33
N ALA C 151 -9.97 8.41 -16.50
CA ALA C 151 -11.29 7.86 -16.21
C ALA C 151 -11.60 6.65 -17.08
N ARG C 152 -11.20 6.70 -18.36
CA ARG C 152 -11.45 5.55 -19.23
C ARG C 152 -10.66 4.34 -18.78
N ALA C 153 -9.44 4.55 -18.27
CA ALA C 153 -8.64 3.45 -17.76
C ALA C 153 -9.25 2.84 -16.51
N LEU C 154 -10.03 3.63 -15.76
CA LEU C 154 -10.65 3.17 -14.53
C LEU C 154 -12.01 2.52 -14.74
N MET C 155 -12.59 2.64 -15.94
CA MET C 155 -13.93 2.11 -16.17
C MET C 155 -13.97 0.60 -15.97
N GLY C 156 -12.94 -0.11 -16.44
CA GLY C 156 -12.91 -1.55 -16.38
C GLY C 156 -12.42 -2.15 -15.08
N ASN C 157 -12.20 -1.34 -14.06
CA ASN C 157 -11.66 -1.80 -12.77
C ASN C 157 -10.43 -2.68 -13.00
N PRO C 158 -9.37 -2.13 -13.57
CA PRO C 158 -8.18 -2.94 -13.86
C PRO C 158 -7.36 -3.20 -12.61
N GLN C 159 -6.42 -4.13 -12.73
CA GLN C 159 -5.42 -4.38 -11.70
C GLN C 159 -4.09 -3.74 -12.01
N LEU C 160 -3.85 -3.34 -13.26
CA LEU C 160 -2.60 -2.69 -13.65
C LEU C 160 -2.95 -1.42 -14.41
N LEU C 161 -2.42 -0.29 -13.94
CA LEU C 161 -2.63 0.99 -14.59
C LEU C 161 -1.30 1.49 -15.13
N LEU C 162 -1.20 1.64 -16.45
CA LEU C 162 0.03 2.06 -17.10
C LEU C 162 -0.15 3.47 -17.67
N ALA C 163 0.72 4.38 -17.27
CA ALA C 163 0.68 5.77 -17.72
C ALA C 163 1.98 6.09 -18.44
N ASP C 164 1.88 6.51 -19.69
CA ASP C 164 3.05 6.79 -20.53
C ASP C 164 3.23 8.30 -20.64
N GLU C 165 3.98 8.88 -19.70
CA GLU C 165 4.29 10.30 -19.71
C GLU C 165 3.04 11.15 -19.90
N PRO C 166 2.02 10.99 -19.06
CA PRO C 166 0.75 11.70 -19.28
C PRO C 166 0.84 13.20 -19.03
N THR C 167 2.01 13.72 -18.66
CA THR C 167 2.18 15.14 -18.39
C THR C 167 3.12 15.81 -19.39
N SER C 168 3.21 15.23 -20.60
CA SER C 168 4.20 15.71 -21.57
C SER C 168 3.79 17.04 -22.22
N ALA C 169 2.49 17.32 -22.30
CA ALA C 169 2.00 18.55 -22.91
C ALA C 169 1.31 19.46 -21.90
N LEU C 170 1.72 19.39 -20.63
CA LEU C 170 1.09 20.14 -19.55
C LEU C 170 2.12 20.98 -18.82
N ASP C 171 1.73 22.21 -18.48
CA ASP C 171 2.61 23.10 -17.72
C ASP C 171 2.80 22.54 -16.30
N ALA C 172 3.62 23.25 -15.52
CA ALA C 172 3.99 22.75 -14.19
C ALA C 172 2.77 22.57 -13.31
N ARG C 173 1.87 23.56 -13.30
CA ARG C 173 0.68 23.50 -12.45
C ARG C 173 -0.18 22.30 -12.83
N LEU C 174 -0.49 22.16 -14.13
CA LEU C 174 -1.39 21.09 -14.56
C LEU C 174 -0.76 19.72 -14.37
N SER C 175 0.55 19.60 -14.60
CA SER C 175 1.21 18.31 -14.50
C SER C 175 1.26 17.81 -13.07
N LYS C 176 1.38 18.72 -12.09
CA LYS C 176 1.27 18.31 -10.69
C LYS C 176 -0.11 17.70 -10.42
N GLU C 177 -1.17 18.39 -10.85
CA GLU C 177 -2.53 17.89 -10.63
C GLU C 177 -2.70 16.50 -11.21
N ILE C 178 -2.11 16.24 -12.38
CA ILE C 178 -2.31 14.97 -13.04
C ILE C 178 -1.58 13.85 -12.31
N VAL C 179 -0.36 14.12 -11.85
CA VAL C 179 0.38 13.08 -11.12
C VAL C 179 -0.27 12.84 -9.76
N GLU C 180 -0.72 13.91 -9.10
CA GLU C 180 -1.47 13.76 -7.85
C GLU C 180 -2.70 12.88 -8.07
N LEU C 181 -3.45 13.13 -9.14
CA LEU C 181 -4.61 12.31 -9.44
C LEU C 181 -4.21 10.85 -9.63
N LEU C 182 -3.11 10.60 -10.34
CA LEU C 182 -2.65 9.23 -10.54
C LEU C 182 -2.29 8.58 -9.21
N ARG C 183 -1.50 9.28 -8.39
CA ARG C 183 -1.17 8.75 -7.07
C ARG C 183 -2.42 8.54 -6.24
N ASP C 184 -3.32 9.52 -6.24
CA ASP C 184 -4.53 9.42 -5.42
C ASP C 184 -5.43 8.29 -5.87
N VAL C 185 -5.61 8.13 -7.19
CA VAL C 185 -6.45 7.05 -7.69
C VAL C 185 -5.80 5.71 -7.43
N THR C 186 -4.47 5.62 -7.62
CA THR C 186 -3.75 4.38 -7.35
C THR C 186 -3.99 3.92 -5.92
N LYS C 187 -3.85 4.83 -4.96
CA LYS C 187 -4.05 4.48 -3.56
C LYS C 187 -5.52 4.19 -3.27
N GLU C 188 -6.42 5.00 -3.83
CA GLU C 188 -7.84 4.87 -3.49
C GLU C 188 -8.41 3.54 -3.99
N PHE C 189 -7.95 3.06 -5.14
CA PHE C 189 -8.49 1.83 -5.72
C PHE C 189 -7.51 0.67 -5.62
N ALA C 190 -6.48 0.80 -4.79
CA ALA C 190 -5.51 -0.28 -4.59
C ALA C 190 -4.96 -0.79 -5.92
N LEU C 191 -4.72 0.14 -6.84
CA LEU C 191 -4.17 -0.22 -8.14
C LEU C 191 -2.65 -0.40 -8.06
N ALA C 192 -2.14 -1.24 -8.96
CA ALA C 192 -0.71 -1.32 -9.20
C ALA C 192 -0.40 -0.53 -10.46
N THR C 193 0.39 0.52 -10.33
CA THR C 193 0.60 1.48 -11.40
C THR C 193 2.08 1.57 -11.75
N LEU C 194 2.41 1.28 -12.99
CA LEU C 194 3.70 1.64 -13.57
C LEU C 194 3.52 2.95 -14.32
N MET C 195 4.42 3.89 -14.10
CA MET C 195 4.33 5.20 -14.72
C MET C 195 5.68 5.57 -15.31
N VAL C 196 5.77 5.61 -16.63
CA VAL C 196 6.96 6.07 -17.30
C VAL C 196 6.95 7.61 -17.30
N THR C 197 8.07 8.21 -16.95
CA THR C 197 8.14 9.65 -16.87
C THR C 197 9.57 10.11 -17.15
N HIS C 198 9.68 11.26 -17.81
CA HIS C 198 10.97 11.87 -18.05
C HIS C 198 11.24 13.05 -17.12
N ASP C 199 10.20 13.58 -16.48
CA ASP C 199 10.32 14.69 -15.55
C ASP C 199 10.81 14.17 -14.21
N ARG C 200 12.01 14.59 -13.80
CA ARG C 200 12.58 14.14 -12.54
C ARG C 200 11.89 14.78 -11.34
N SER C 201 11.04 15.78 -11.56
CA SER C 201 10.32 16.45 -10.49
C SER C 201 9.14 15.65 -9.96
N GLN C 202 8.70 14.61 -10.66
CA GLN C 202 7.53 13.84 -10.26
C GLN C 202 7.87 12.59 -9.45
N LEU C 203 9.14 12.25 -9.32
CA LEU C 203 9.48 11.06 -8.54
C LEU C 203 9.01 11.17 -7.11
N ALA C 204 8.76 12.39 -6.62
CA ALA C 204 8.31 12.54 -5.24
C ALA C 204 6.97 11.86 -5.02
N TYR C 205 6.16 11.71 -6.06
CA TYR C 205 4.84 11.11 -5.93
C TYR C 205 4.86 9.59 -6.05
N ALA C 206 6.01 9.01 -6.37
CA ALA C 206 6.14 7.57 -6.58
C ALA C 206 6.72 6.92 -5.33
N ASP C 207 6.24 5.71 -5.04
CA ASP C 207 6.75 4.99 -3.88
C ASP C 207 8.16 4.51 -4.12
N ARG C 208 8.44 4.07 -5.34
CA ARG C 208 9.79 3.71 -5.76
C ARG C 208 10.00 4.27 -7.16
N PHE C 209 11.24 4.16 -7.65
CA PHE C 209 11.53 4.54 -9.01
C PHE C 209 12.63 3.65 -9.54
N VAL C 210 12.56 3.32 -10.83
CA VAL C 210 13.60 2.58 -11.52
C VAL C 210 14.24 3.50 -12.55
N GLU C 211 15.56 3.65 -12.46
CA GLU C 211 16.29 4.42 -13.45
C GLU C 211 16.73 3.48 -14.58
N MET C 212 16.65 3.98 -15.81
CA MET C 212 16.93 3.17 -16.99
C MET C 212 17.81 3.91 -17.97
N ALA C 213 18.70 3.15 -18.62
CA ALA C 213 19.60 3.67 -19.65
C ALA C 213 19.89 2.58 -20.66
N ASP C 214 19.65 2.89 -21.93
CA ASP C 214 19.95 1.97 -23.04
C ASP C 214 19.31 0.61 -22.82
N GLY C 215 18.06 0.60 -22.35
CA GLY C 215 17.30 -0.62 -22.22
C GLY C 215 17.68 -1.51 -21.05
N LYS C 216 18.49 -1.03 -20.12
CA LYS C 216 18.85 -1.80 -18.94
C LYS C 216 18.44 -1.02 -17.70
N ALA C 217 17.73 -1.70 -16.80
CA ALA C 217 17.31 -1.08 -15.54
C ALA C 217 18.47 -1.13 -14.55
N LEU C 218 18.78 0.02 -13.96
CA LEU C 218 19.83 0.11 -12.95
C LEU C 218 19.24 -0.22 -11.59
N GLN C 219 19.87 -1.14 -10.87
CA GLN C 219 19.40 -1.57 -9.58
C GLN C 219 20.58 -1.99 -8.73
N THR C 220 20.58 -1.55 -7.47
CA THR C 220 21.67 -1.85 -6.55
C THR C 220 21.60 -3.30 -6.08
N MET D 1 -19.31 -2.37 -32.72
CA MET D 1 -20.46 -1.73 -33.36
C MET D 1 -20.77 -0.40 -32.68
N PHE D 2 -20.19 -0.18 -31.50
CA PHE D 2 -20.40 1.05 -30.75
C PHE D 2 -19.81 2.25 -31.49
N LEU D 3 -18.50 2.22 -31.74
CA LEU D 3 -17.84 3.32 -32.44
C LEU D 3 -18.37 3.46 -33.87
N GLY D 4 -18.58 2.34 -34.55
CA GLY D 4 -18.96 2.40 -35.96
C GLY D 4 -20.21 3.21 -36.22
N ILE D 5 -21.25 3.00 -35.41
CA ILE D 5 -22.52 3.67 -35.64
C ILE D 5 -22.41 5.17 -35.35
N ARG D 6 -21.64 5.54 -34.33
CA ARG D 6 -21.50 6.94 -33.95
C ARG D 6 -20.51 7.70 -34.83
N ASP D 7 -19.60 7.00 -35.51
CA ASP D 7 -18.82 7.65 -36.56
C ASP D 7 -19.73 8.24 -37.64
N ILE D 8 -20.78 7.52 -38.01
CA ILE D 8 -21.69 8.00 -39.04
C ILE D 8 -22.45 9.24 -38.58
N ARG D 9 -22.94 9.23 -37.34
CA ARG D 9 -23.72 10.36 -36.85
C ARG D 9 -22.92 11.65 -36.89
N ALA D 10 -21.67 11.60 -36.41
CA ALA D 10 -20.89 12.82 -36.26
C ALA D 10 -20.18 13.25 -37.54
N ALA D 11 -20.08 12.36 -38.53
CA ALA D 11 -19.44 12.68 -39.80
C ALA D 11 -20.34 12.17 -40.94
N ALA D 12 -21.53 12.77 -41.04
CA ALA D 12 -22.49 12.36 -42.06
C ALA D 12 -22.15 12.89 -43.44
N GLY D 13 -21.28 13.89 -43.53
CA GLY D 13 -20.94 14.49 -44.81
C GLY D 13 -20.29 13.54 -45.80
N ARG D 14 -19.14 12.97 -45.43
CA ARG D 14 -18.42 12.10 -46.36
C ARG D 14 -19.25 10.89 -46.75
N PHE D 15 -20.00 10.32 -45.80
CA PHE D 15 -20.81 9.15 -46.11
C PHE D 15 -21.94 9.49 -47.09
N ALA D 16 -22.49 10.71 -47.02
CA ALA D 16 -23.51 11.11 -47.96
C ALA D 16 -22.98 11.09 -49.39
N LEU D 17 -21.75 11.54 -49.59
CA LEU D 17 -21.17 11.53 -50.94
C LEU D 17 -21.12 10.11 -51.49
N ILE D 18 -20.58 9.16 -50.72
CA ILE D 18 -20.46 7.79 -51.20
C ILE D 18 -21.83 7.13 -51.29
N ALA D 19 -22.70 7.36 -50.31
CA ALA D 19 -24.03 6.76 -50.35
C ALA D 19 -24.81 7.25 -51.56
N SER D 20 -24.59 8.50 -51.97
CA SER D 20 -25.24 8.99 -53.19
C SER D 20 -24.76 8.22 -54.40
N VAL D 21 -23.45 7.96 -54.50
CA VAL D 21 -22.93 7.18 -55.62
C VAL D 21 -23.55 5.79 -55.62
N VAL D 22 -23.61 5.15 -54.46
CA VAL D 22 -24.24 3.83 -54.37
C VAL D 22 -25.72 3.93 -54.72
N GLY D 23 -26.38 4.98 -54.26
CA GLY D 23 -27.79 5.15 -54.59
C GLY D 23 -28.02 5.38 -56.06
N LEU D 24 -27.16 6.18 -56.70
CA LEU D 24 -27.29 6.42 -58.13
C LEU D 24 -27.15 5.12 -58.91
N ILE D 25 -26.12 4.32 -58.59
CA ILE D 25 -25.91 3.07 -59.30
C ILE D 25 -27.09 2.14 -59.12
N THR D 26 -27.64 2.07 -57.90
CA THR D 26 -28.84 1.27 -57.68
C THR D 26 -30.03 1.85 -58.43
N LEU D 27 -30.16 3.17 -58.46
CA LEU D 27 -31.22 3.80 -59.25
C LEU D 27 -31.12 3.37 -60.71
N LEU D 28 -29.92 3.44 -61.29
CA LEU D 28 -29.72 3.01 -62.67
C LEU D 28 -30.07 1.54 -62.84
N ILE D 29 -29.65 0.70 -61.90
CA ILE D 29 -29.90 -0.73 -62.01
C ILE D 29 -31.39 -1.05 -61.89
N VAL D 30 -32.08 -0.36 -60.98
CA VAL D 30 -33.49 -0.68 -60.75
C VAL D 30 -34.32 -0.43 -62.01
N MET D 31 -34.09 0.70 -62.69
CA MET D 31 -34.87 0.98 -63.88
C MET D 31 -34.44 0.12 -65.06
N LEU D 32 -33.15 -0.17 -65.16
CA LEU D 32 -32.70 -1.08 -66.21
C LEU D 32 -33.28 -2.48 -66.02
N THR D 33 -33.34 -2.95 -64.78
CA THR D 33 -33.96 -4.25 -64.51
C THR D 33 -35.42 -4.25 -64.92
N GLY D 34 -36.18 -3.26 -64.45
CA GLY D 34 -37.58 -3.17 -64.82
C GLY D 34 -37.80 -3.00 -66.31
N LEU D 35 -36.91 -2.26 -66.97
CA LEU D 35 -37.07 -2.01 -68.39
C LEU D 35 -36.82 -3.28 -69.21
N THR D 36 -35.89 -4.12 -68.77
CA THR D 36 -35.61 -5.35 -69.49
C THR D 36 -36.76 -6.34 -69.37
N GLN D 37 -37.36 -6.43 -68.17
CA GLN D 37 -38.54 -7.27 -67.98
C GLN D 37 -39.75 -6.70 -68.71
N GLY D 38 -39.90 -5.38 -68.70
CA GLY D 38 -41.03 -4.77 -69.40
C GLY D 38 -40.97 -4.97 -70.90
N LEU D 39 -39.81 -4.77 -71.49
CA LEU D 39 -39.66 -4.98 -72.92
C LEU D 39 -39.83 -6.45 -73.29
N GLY D 40 -39.43 -7.36 -72.41
CA GLY D 40 -39.60 -8.77 -72.71
C GLY D 40 -41.06 -9.16 -72.90
N LYS D 41 -41.93 -8.64 -72.03
CA LYS D 41 -43.36 -8.87 -72.23
C LYS D 41 -43.90 -8.08 -73.40
N GLN D 42 -43.31 -6.92 -73.71
CA GLN D 42 -43.73 -6.17 -74.88
C GLN D 42 -43.52 -6.99 -76.16
N ASN D 43 -42.58 -7.91 -76.15
CA ASN D 43 -42.31 -8.78 -77.29
C ASN D 43 -43.03 -10.12 -77.18
N THR D 44 -43.31 -10.59 -75.95
CA THR D 44 -43.78 -11.94 -75.74
C THR D 44 -45.14 -12.03 -75.05
N SER D 45 -45.73 -10.91 -74.63
CA SER D 45 -46.94 -10.96 -73.81
C SER D 45 -48.06 -11.69 -74.53
N ALA D 46 -48.17 -11.51 -75.85
CA ALA D 46 -49.24 -12.16 -76.60
C ALA D 46 -49.05 -13.67 -76.65
N ILE D 47 -47.86 -14.11 -77.08
CA ILE D 47 -47.59 -15.54 -77.18
C ILE D 47 -47.66 -16.20 -75.80
N GLU D 48 -47.13 -15.52 -74.78
CA GLU D 48 -47.19 -16.07 -73.43
C GLU D 48 -48.62 -16.34 -73.00
N ALA D 49 -49.55 -15.43 -73.33
CA ALA D 49 -50.95 -15.64 -72.98
C ALA D 49 -51.48 -16.96 -73.55
N LEU D 50 -51.14 -17.27 -74.80
CA LEU D 50 -51.59 -18.52 -75.41
C LEU D 50 -50.99 -19.74 -74.75
N ALA D 51 -49.85 -19.59 -74.07
CA ALA D 51 -49.23 -20.65 -73.28
C ALA D 51 -49.17 -21.98 -74.04
N PRO D 52 -48.40 -22.04 -75.14
CA PRO D 52 -48.18 -23.32 -75.80
C PRO D 52 -47.05 -24.10 -75.15
N HIS D 53 -47.12 -25.43 -75.28
CA HIS D 53 -46.07 -26.30 -74.74
C HIS D 53 -44.86 -26.32 -75.66
N SER D 54 -45.04 -26.77 -76.90
CA SER D 54 -44.01 -26.73 -77.93
C SER D 54 -44.50 -25.88 -79.09
N VAL D 55 -43.56 -25.51 -79.97
CA VAL D 55 -43.86 -24.64 -81.10
C VAL D 55 -43.06 -25.13 -82.31
N VAL D 56 -43.76 -25.44 -83.40
CA VAL D 56 -43.15 -25.94 -84.62
C VAL D 56 -42.97 -24.78 -85.59
N PHE D 57 -41.76 -24.62 -86.11
CA PHE D 57 -41.44 -23.56 -87.04
C PHE D 57 -41.19 -24.14 -88.44
N THR D 58 -40.93 -23.25 -89.38
CA THR D 58 -40.55 -23.60 -90.74
C THR D 58 -39.33 -22.79 -91.14
N THR D 59 -38.35 -23.44 -91.74
CA THR D 59 -37.08 -22.81 -92.07
C THR D 59 -36.78 -22.99 -93.55
N ALA D 60 -35.70 -22.35 -93.98
CA ALA D 60 -35.19 -22.49 -95.34
C ALA D 60 -33.68 -22.55 -95.29
N GLY D 61 -33.10 -23.51 -96.02
CA GLY D 61 -31.66 -23.70 -95.97
C GLY D 61 -31.13 -24.06 -94.61
N GLY D 62 -31.94 -24.74 -93.80
CA GLY D 62 -31.51 -25.14 -92.47
C GLY D 62 -31.06 -24.00 -91.59
N SER D 63 -31.54 -22.79 -91.83
CA SER D 63 -31.19 -21.64 -91.01
C SER D 63 -32.00 -21.62 -89.72
N SER D 64 -31.64 -20.70 -88.84
CA SER D 64 -32.39 -20.56 -87.59
C SER D 64 -33.82 -20.11 -87.88
N PRO D 65 -34.80 -20.66 -87.16
CA PRO D 65 -36.19 -20.25 -87.42
C PRO D 65 -36.40 -18.78 -87.14
N GLU D 66 -37.24 -18.15 -87.95
CA GLU D 66 -37.57 -16.74 -87.81
C GLU D 66 -39.06 -16.54 -88.00
N PHE D 67 -39.69 -15.79 -87.09
CA PHE D 67 -41.10 -15.47 -87.22
C PHE D 67 -41.40 -14.71 -88.50
N THR D 68 -40.42 -14.03 -89.08
CA THR D 68 -40.63 -13.25 -90.29
C THR D 68 -40.64 -14.11 -91.56
N SER D 69 -40.31 -15.40 -91.46
CA SER D 69 -40.11 -16.23 -92.65
C SER D 69 -40.81 -17.58 -92.56
N SER D 70 -41.60 -17.83 -91.52
CA SER D 70 -42.24 -19.13 -91.34
C SER D 70 -43.66 -19.12 -91.87
N GLU D 71 -44.03 -20.19 -92.58
CA GLU D 71 -45.40 -20.42 -93.04
C GLU D 71 -45.70 -21.90 -92.95
N ILE D 72 -46.95 -22.23 -92.62
CA ILE D 72 -47.40 -23.60 -92.49
C ILE D 72 -48.41 -23.90 -93.61
N SER D 73 -48.10 -24.89 -94.44
CA SER D 73 -49.03 -25.30 -95.48
C SER D 73 -50.17 -26.11 -94.88
N GLU D 74 -51.30 -26.17 -95.61
CA GLU D 74 -52.49 -26.83 -95.09
C GLU D 74 -52.26 -28.31 -94.86
N GLN D 75 -51.61 -29.00 -95.80
CA GLN D 75 -51.29 -30.41 -95.61
C GLN D 75 -50.25 -30.60 -94.53
N GLN D 76 -49.24 -29.71 -94.48
CA GLN D 76 -48.26 -29.76 -93.41
C GLN D 76 -48.94 -29.71 -92.05
N ALA D 77 -50.04 -28.94 -91.94
CA ALA D 77 -50.77 -28.86 -90.69
C ALA D 77 -51.50 -30.17 -90.39
N GLU D 78 -51.99 -30.87 -91.41
CA GLU D 78 -52.69 -32.12 -91.17
C GLU D 78 -51.77 -33.21 -90.67
N ARG D 79 -50.48 -33.12 -91.01
CA ARG D 79 -49.52 -34.11 -90.50
C ARG D 79 -49.51 -34.10 -88.98
N TRP D 80 -49.09 -32.97 -88.39
CA TRP D 80 -49.09 -32.82 -86.95
C TRP D 80 -50.53 -32.74 -86.45
N LYS D 81 -51.02 -33.80 -85.82
CA LYS D 81 -52.35 -33.78 -85.23
C LYS D 81 -52.30 -33.16 -83.84
N ASP D 82 -53.48 -32.77 -83.36
CA ASP D 82 -53.60 -32.09 -82.06
C ASP D 82 -52.78 -30.80 -82.04
N SER D 83 -52.94 -30.01 -83.11
CA SER D 83 -52.19 -28.77 -83.27
C SER D 83 -53.13 -27.67 -83.75
N THR D 84 -52.81 -26.44 -83.38
CA THR D 84 -53.59 -25.27 -83.75
C THR D 84 -52.73 -24.32 -84.56
N PRO D 85 -53.21 -23.85 -85.72
CA PRO D 85 -52.40 -22.90 -86.52
C PRO D 85 -52.51 -21.49 -85.98
N LEU D 86 -51.35 -20.85 -85.80
CA LEU D 86 -51.27 -19.46 -85.37
C LEU D 86 -50.65 -18.63 -86.48
N GLY D 87 -51.37 -17.62 -86.95
CA GLY D 87 -50.85 -16.67 -87.93
C GLY D 87 -50.44 -15.38 -87.25
N VAL D 88 -49.21 -14.96 -87.53
CA VAL D 88 -48.64 -13.76 -86.93
C VAL D 88 -48.12 -12.86 -88.05
N SER D 89 -48.68 -11.66 -88.15
CA SER D 89 -48.22 -10.67 -89.11
C SER D 89 -48.36 -9.28 -88.50
N GLN D 90 -47.58 -8.34 -89.05
CA GLN D 90 -47.71 -6.93 -88.72
C GLN D 90 -48.01 -6.15 -89.99
N THR D 91 -49.02 -5.29 -89.92
CA THR D 91 -49.45 -4.54 -91.09
C THR D 91 -50.12 -3.25 -90.62
N ARG D 92 -50.51 -2.42 -91.60
CA ARG D 92 -51.12 -1.13 -91.33
C ARG D 92 -52.62 -1.28 -91.12
N ILE D 93 -53.14 -0.62 -90.09
CA ILE D 93 -54.57 -0.53 -89.84
C ILE D 93 -55.01 0.90 -90.04
N GLU D 94 -56.10 1.10 -90.79
CA GLU D 94 -56.60 2.42 -91.14
C GLU D 94 -58.09 2.47 -90.91
N SER D 95 -58.53 3.44 -90.11
CA SER D 95 -59.95 3.70 -89.88
C SER D 95 -60.38 4.96 -90.63
N ASP D 96 -61.69 5.21 -90.60
CA ASP D 96 -62.22 6.39 -91.27
C ASP D 96 -61.62 7.68 -90.71
N GLN D 97 -61.17 7.65 -89.45
CA GLN D 97 -60.67 8.85 -88.79
C GLN D 97 -59.17 8.84 -88.55
N ASN D 98 -58.53 7.67 -88.59
CA ASN D 98 -57.11 7.57 -88.29
C ASN D 98 -56.59 6.26 -88.87
N ALA D 99 -55.29 6.02 -88.68
CA ALA D 99 -54.65 4.80 -89.13
C ALA D 99 -53.35 4.62 -88.35
N ASN D 100 -52.80 3.40 -88.44
CA ASN D 100 -51.57 3.07 -87.76
C ASN D 100 -51.18 1.66 -88.16
N THR D 101 -49.98 1.24 -87.76
CA THR D 101 -49.52 -0.13 -87.94
C THR D 101 -49.63 -0.89 -86.63
N THR D 102 -50.08 -2.14 -86.73
CA THR D 102 -50.26 -2.99 -85.55
C THR D 102 -49.99 -4.43 -85.95
N ALA D 103 -49.75 -5.27 -84.95
CA ALA D 103 -49.58 -6.70 -85.18
C ALA D 103 -50.94 -7.39 -85.24
N VAL D 104 -51.05 -8.35 -86.15
CA VAL D 104 -52.28 -9.13 -86.33
C VAL D 104 -51.93 -10.60 -86.14
N MET D 105 -52.60 -11.25 -85.19
CA MET D 105 -52.48 -12.68 -84.98
C MET D 105 -53.76 -13.38 -85.42
N GLY D 106 -53.60 -14.49 -86.14
CA GLY D 106 -54.74 -15.23 -86.66
C GLY D 106 -54.79 -16.66 -86.17
N LEU D 107 -55.95 -17.10 -85.72
CA LEU D 107 -56.18 -18.45 -85.23
C LEU D 107 -57.44 -19.01 -85.88
N PRO D 108 -57.64 -20.33 -85.84
CA PRO D 108 -58.83 -20.91 -86.46
C PRO D 108 -60.10 -20.41 -85.81
N GLU D 109 -61.15 -20.27 -86.62
CA GLU D 109 -62.39 -19.68 -86.15
C GLU D 109 -63.01 -20.50 -85.02
N GLY D 110 -63.46 -19.80 -83.98
CA GLY D 110 -64.10 -20.42 -82.84
C GLY D 110 -63.18 -20.89 -81.74
N THR D 111 -61.87 -20.89 -81.96
CA THR D 111 -60.95 -21.32 -80.92
C THR D 111 -61.02 -20.37 -79.73
N PRO D 112 -61.24 -20.88 -78.52
CA PRO D 112 -61.29 -20.01 -77.34
C PRO D 112 -59.93 -19.39 -77.06
N LEU D 113 -59.94 -18.10 -76.77
CA LEU D 113 -58.68 -17.43 -76.47
C LEU D 113 -58.30 -17.68 -75.01
N PRO D 114 -57.02 -17.64 -74.69
CA PRO D 114 -56.60 -17.87 -73.30
C PRO D 114 -57.25 -16.85 -72.37
N ASP D 115 -57.55 -17.30 -71.14
CA ASP D 115 -58.19 -16.42 -70.17
C ASP D 115 -57.40 -15.13 -69.97
N SER D 116 -56.08 -15.18 -70.19
CA SER D 116 -55.29 -13.96 -70.23
C SER D 116 -55.90 -12.96 -71.21
N VAL D 117 -56.43 -13.46 -72.34
CA VAL D 117 -57.03 -12.62 -73.35
C VAL D 117 -58.55 -12.74 -73.38
N GLY D 118 -59.09 -13.91 -73.03
CA GLY D 118 -60.53 -14.11 -73.01
C GLY D 118 -61.19 -13.98 -74.38
N GLY D 119 -62.52 -14.15 -74.40
CA GLY D 119 -63.25 -14.15 -75.65
C GLY D 119 -62.96 -15.40 -76.48
N PHE D 120 -63.48 -15.36 -77.70
CA PHE D 120 -63.31 -16.46 -78.64
C PHE D 120 -62.94 -15.90 -80.01
N ILE D 121 -62.26 -16.72 -80.80
CA ILE D 121 -61.95 -16.32 -82.18
C ILE D 121 -63.25 -16.20 -82.96
N GLU D 122 -63.56 -15.00 -83.43
CA GLU D 122 -64.74 -14.74 -84.23
C GLU D 122 -64.36 -14.33 -85.64
N GLN D 123 -65.30 -14.48 -86.55
CA GLN D 123 -65.10 -13.99 -87.92
C GLN D 123 -64.84 -12.50 -87.90
N GLY D 124 -63.71 -12.09 -88.48
CA GLY D 124 -63.31 -10.70 -88.47
C GLY D 124 -62.14 -10.43 -87.56
N ALA D 125 -62.03 -9.20 -87.06
CA ALA D 125 -60.90 -8.77 -86.23
C ALA D 125 -61.41 -8.28 -84.88
N LEU D 126 -60.79 -8.76 -83.82
CA LEU D 126 -61.07 -8.28 -82.46
C LEU D 126 -59.98 -7.27 -82.10
N LEU D 127 -60.39 -6.00 -81.90
CA LEU D 127 -59.42 -4.95 -81.71
C LEU D 127 -59.18 -4.68 -80.23
N PRO D 128 -57.96 -4.31 -79.85
CA PRO D 128 -57.72 -3.80 -78.50
C PRO D 128 -58.51 -2.52 -78.26
N ALA D 129 -59.08 -2.41 -77.06
CA ALA D 129 -59.94 -1.27 -76.75
C ALA D 129 -59.21 0.06 -76.93
N GLU D 130 -57.94 0.12 -76.53
CA GLU D 130 -57.21 1.37 -76.62
C GLU D 130 -56.97 1.80 -78.06
N LEU D 131 -56.73 0.82 -78.96
CA LEU D 131 -56.56 1.16 -80.36
C LEU D 131 -57.85 1.68 -80.98
N ALA D 132 -58.98 1.06 -80.63
CA ALA D 132 -60.26 1.53 -81.14
C ALA D 132 -60.56 2.95 -80.69
N ASP D 133 -60.20 3.28 -79.45
CA ASP D 133 -60.39 4.64 -78.96
C ASP D 133 -59.55 5.63 -79.76
N PHE D 134 -58.30 5.27 -80.04
CA PHE D 134 -57.44 6.15 -80.84
C PHE D 134 -58.03 6.40 -82.22
N LEU D 135 -58.53 5.34 -82.87
CA LEU D 135 -59.04 5.44 -84.24
C LEU D 135 -60.47 5.98 -84.31
N HIS D 136 -61.14 6.16 -83.17
CA HIS D 136 -62.53 6.62 -83.17
C HIS D 136 -63.43 5.64 -83.92
N VAL D 137 -63.22 4.35 -83.69
CA VAL D 137 -63.99 3.30 -84.34
C VAL D 137 -64.74 2.52 -83.27
N ARG D 138 -65.98 2.15 -83.58
CA ARG D 138 -66.83 1.39 -82.68
C ARG D 138 -67.17 0.04 -83.29
N ALA D 139 -67.92 -0.76 -82.54
CA ALA D 139 -68.33 -2.08 -83.02
C ALA D 139 -69.27 -1.92 -84.21
N GLY D 140 -68.88 -2.50 -85.34
CA GLY D 140 -69.67 -2.42 -86.56
C GLY D 140 -69.13 -1.48 -87.61
N ASP D 141 -68.05 -0.76 -87.31
CA ASP D 141 -67.47 0.18 -88.26
C ASP D 141 -66.43 -0.52 -89.13
N HIS D 142 -66.29 -0.03 -90.36
CA HIS D 142 -65.34 -0.61 -91.30
C HIS D 142 -63.98 0.07 -91.15
N ILE D 143 -62.93 -0.74 -91.22
CA ILE D 143 -61.55 -0.25 -91.13
C ILE D 143 -60.71 -0.96 -92.19
N THR D 144 -59.66 -0.27 -92.64
CA THR D 144 -58.74 -0.82 -93.62
C THR D 144 -57.55 -1.42 -92.89
N LEU D 145 -57.40 -2.74 -92.98
CA LEU D 145 -56.33 -3.48 -92.33
C LEU D 145 -55.49 -4.14 -93.41
N GLY D 146 -54.27 -3.65 -93.62
CA GLY D 146 -53.42 -4.20 -94.64
C GLY D 146 -54.04 -4.19 -96.03
N GLY D 147 -54.79 -3.12 -96.33
CA GLY D 147 -55.43 -2.99 -97.63
C GLY D 147 -56.77 -3.66 -97.76
N ALA D 148 -57.33 -4.19 -96.67
CA ALA D 148 -58.63 -4.85 -96.72
C ALA D 148 -59.55 -4.26 -95.66
N THR D 149 -60.80 -4.02 -96.04
CA THR D 149 -61.79 -3.47 -95.13
C THR D 149 -62.43 -4.60 -94.32
N VAL D 150 -62.37 -4.50 -93.00
CA VAL D 150 -62.92 -5.52 -92.11
C VAL D 150 -63.78 -4.84 -91.04
N THR D 151 -64.79 -5.56 -90.58
CA THR D 151 -65.69 -5.06 -89.56
C THR D 151 -65.18 -5.43 -88.17
N VAL D 152 -65.27 -4.48 -87.25
CA VAL D 152 -64.82 -4.73 -85.88
C VAL D 152 -65.81 -5.68 -85.22
N ALA D 153 -65.34 -6.90 -84.91
CA ALA D 153 -66.20 -7.90 -84.30
C ALA D 153 -66.40 -7.66 -82.81
N GLY D 154 -65.45 -7.01 -82.16
CA GLY D 154 -65.55 -6.77 -80.73
C GLY D 154 -64.21 -6.37 -80.15
N THR D 155 -64.26 -6.00 -78.88
CA THR D 155 -63.07 -5.60 -78.13
C THR D 155 -62.56 -6.74 -77.26
N VAL D 156 -61.28 -6.68 -76.93
CA VAL D 156 -60.60 -7.68 -76.13
C VAL D 156 -59.58 -6.96 -75.25
N LYS D 157 -58.81 -7.74 -74.49
CA LYS D 157 -57.74 -7.16 -73.71
C LYS D 157 -56.53 -6.88 -74.60
N THR D 158 -55.51 -6.24 -74.03
CA THR D 158 -54.35 -5.81 -74.79
C THR D 158 -53.18 -6.75 -74.50
N GLU D 159 -52.67 -7.37 -75.56
CA GLU D 159 -51.38 -8.05 -75.56
C GLU D 159 -50.50 -7.43 -76.63
N ASN D 160 -49.21 -7.75 -76.58
CA ASN D 160 -48.22 -7.08 -77.41
C ASN D 160 -47.41 -8.11 -78.18
N TYR D 161 -47.00 -7.73 -79.40
CA TYR D 161 -46.08 -8.52 -80.20
C TYR D 161 -45.21 -7.56 -80.98
N SER D 162 -43.90 -7.62 -80.75
CA SER D 162 -42.95 -6.75 -81.43
C SER D 162 -43.34 -5.28 -81.27
N HIS D 163 -43.55 -4.88 -80.01
CA HIS D 163 -43.87 -3.50 -79.65
C HIS D 163 -45.17 -3.01 -80.27
N THR D 164 -46.02 -3.92 -80.72
CA THR D 164 -47.31 -3.58 -81.29
C THR D 164 -48.41 -4.34 -80.59
N PRO D 165 -49.60 -3.75 -80.49
CA PRO D 165 -50.74 -4.51 -79.95
C PRO D 165 -51.18 -5.59 -80.91
N VAL D 166 -51.78 -6.64 -80.36
CA VAL D 166 -52.18 -7.81 -81.13
C VAL D 166 -53.67 -7.72 -81.43
N VAL D 167 -54.00 -7.71 -82.73
CA VAL D 167 -55.36 -7.83 -83.20
C VAL D 167 -55.61 -9.30 -83.53
N TRP D 168 -56.67 -9.87 -82.96
CA TRP D 168 -56.94 -11.30 -83.07
C TRP D 168 -58.02 -11.52 -84.12
N VAL D 169 -57.70 -12.35 -85.12
CA VAL D 169 -58.59 -12.61 -86.25
C VAL D 169 -58.63 -14.10 -86.53
N ASP D 170 -59.64 -14.51 -87.30
CA ASP D 170 -59.76 -15.89 -87.74
C ASP D 170 -58.70 -16.19 -88.80
N THR D 171 -58.36 -17.48 -88.92
CA THR D 171 -57.32 -17.89 -89.85
C THR D 171 -57.59 -17.42 -91.26
N ALA D 172 -58.86 -17.43 -91.68
CA ALA D 172 -59.20 -16.98 -93.03
C ALA D 172 -58.91 -15.50 -93.21
N THR D 173 -59.30 -14.67 -92.24
CA THR D 173 -59.09 -13.24 -92.35
C THR D 173 -57.60 -12.88 -92.39
N TRP D 174 -56.80 -13.54 -91.54
CA TRP D 174 -55.37 -13.25 -91.50
C TRP D 174 -54.71 -13.49 -92.85
N GLN D 175 -55.13 -14.53 -93.57
CA GLN D 175 -54.59 -14.80 -94.89
C GLN D 175 -54.83 -13.63 -95.84
N LEU D 176 -56.01 -13.01 -95.77
CA LEU D 176 -56.31 -11.88 -96.63
C LEU D 176 -55.45 -10.67 -96.27
N VAL D 177 -55.20 -10.45 -94.98
CA VAL D 177 -54.42 -9.28 -94.56
C VAL D 177 -52.94 -9.48 -94.85
N SER D 178 -52.46 -10.73 -94.82
CA SER D 178 -51.05 -11.03 -95.04
C SER D 178 -50.76 -11.53 -96.45
N HIS D 179 -51.79 -11.68 -97.28
CA HIS D 179 -51.61 -12.01 -98.69
C HIS D 179 -50.83 -13.31 -98.86
N THR D 180 -51.37 -14.38 -98.26
CA THR D 180 -50.72 -15.68 -98.31
C THR D 180 -51.80 -16.76 -98.31
N LYS D 181 -51.54 -17.84 -99.05
CA LYS D 181 -52.44 -19.00 -99.05
C LYS D 181 -52.18 -19.94 -97.88
N ALA D 182 -51.10 -19.74 -97.13
CA ALA D 182 -50.82 -20.58 -95.97
C ALA D 182 -51.89 -20.36 -94.89
N VAL D 183 -52.04 -21.39 -94.04
CA VAL D 183 -53.02 -21.32 -92.96
C VAL D 183 -52.45 -20.68 -91.70
N GLY D 184 -51.17 -20.37 -91.66
CA GLY D 184 -50.59 -19.71 -90.50
C GLY D 184 -49.10 -19.59 -90.64
N THR D 185 -48.49 -18.97 -89.63
CA THR D 185 -47.05 -18.81 -89.57
C THR D 185 -46.37 -19.80 -88.64
N VAL D 186 -47.04 -20.22 -87.57
CA VAL D 186 -46.52 -21.23 -86.65
C VAL D 186 -47.67 -22.13 -86.21
N LEU D 187 -47.30 -23.22 -85.53
CA LEU D 187 -48.27 -24.15 -84.96
C LEU D 187 -48.05 -24.26 -83.45
N LEU D 188 -49.09 -23.97 -82.68
CA LEU D 188 -49.05 -24.09 -81.22
C LEU D 188 -49.46 -25.50 -80.83
N LEU D 189 -48.61 -26.18 -80.05
CA LEU D 189 -48.88 -27.53 -79.58
C LEU D 189 -49.04 -27.53 -78.07
N ASN D 190 -50.22 -27.96 -77.61
CA ASN D 190 -50.51 -28.05 -76.19
C ASN D 190 -50.12 -29.40 -75.59
N GLN D 191 -49.96 -30.43 -76.41
CA GLN D 191 -49.60 -31.76 -75.95
C GLN D 191 -48.13 -32.05 -76.25
N GLU D 192 -47.67 -33.23 -75.83
CA GLU D 192 -46.31 -33.65 -76.08
C GLU D 192 -46.14 -33.98 -77.57
N PRO D 193 -45.04 -33.57 -78.19
CA PRO D 193 -44.86 -33.86 -79.62
C PRO D 193 -44.59 -35.33 -79.86
N THR D 194 -45.52 -36.01 -80.52
CA THR D 194 -45.40 -37.44 -80.82
C THR D 194 -45.12 -37.72 -82.29
N ILE D 195 -44.90 -36.69 -83.09
CA ILE D 195 -44.59 -36.85 -84.52
C ILE D 195 -43.16 -36.38 -84.76
N GLN D 196 -42.47 -37.07 -85.67
CA GLN D 196 -41.11 -36.64 -85.97
C GLN D 196 -41.12 -35.58 -87.07
N PRO D 197 -40.30 -34.54 -86.93
CA PRO D 197 -40.30 -33.45 -87.91
C PRO D 197 -39.38 -33.72 -89.09
N GLN D 198 -39.61 -32.97 -90.17
CA GLN D 198 -38.81 -33.14 -91.36
C GLN D 198 -37.52 -32.34 -91.25
N ASP D 199 -36.59 -32.61 -92.18
CA ASP D 199 -35.31 -31.91 -92.17
C ASP D 199 -35.50 -30.40 -92.11
N ASN D 200 -36.51 -29.89 -92.79
CA ASN D 200 -36.78 -28.45 -92.84
C ASN D 200 -37.67 -27.96 -91.71
N GLU D 201 -38.19 -28.87 -90.87
CA GLU D 201 -39.04 -28.51 -89.75
C GLU D 201 -38.23 -28.50 -88.46
N VAL D 202 -38.73 -27.75 -87.48
CA VAL D 202 -38.04 -27.61 -86.21
C VAL D 202 -39.02 -27.32 -85.08
N VAL D 203 -39.02 -28.17 -84.04
CA VAL D 203 -39.83 -27.98 -82.85
C VAL D 203 -38.98 -27.29 -81.80
N THR D 204 -39.59 -26.36 -81.06
CA THR D 204 -38.89 -25.57 -80.07
C THR D 204 -39.78 -25.35 -78.85
N ASP D 205 -39.14 -25.18 -77.69
CA ASP D 205 -39.85 -24.85 -76.48
C ASP D 205 -40.22 -23.37 -76.45
N LEU D 206 -41.05 -22.99 -75.47
CA LEU D 206 -41.54 -21.62 -75.39
C LEU D 206 -40.37 -20.63 -75.33
N LYS D 207 -39.35 -20.92 -74.53
CA LYS D 207 -38.19 -20.04 -74.45
C LYS D 207 -37.52 -19.90 -75.82
N GLY D 208 -37.15 -21.04 -76.42
CA GLY D 208 -36.51 -21.00 -77.73
C GLY D 208 -37.37 -20.36 -78.80
N ALA D 209 -38.69 -20.40 -78.62
CA ALA D 209 -39.58 -19.74 -79.59
C ALA D 209 -39.37 -18.24 -79.59
N PHE D 210 -38.95 -17.67 -78.46
CA PHE D 210 -38.68 -16.24 -78.42
C PHE D 210 -37.46 -15.87 -79.25
N GLN D 211 -36.46 -16.76 -79.33
CA GLN D 211 -35.30 -16.49 -80.18
C GLN D 211 -35.69 -16.31 -81.64
N ALA D 212 -36.84 -16.84 -82.05
CA ALA D 212 -37.31 -16.61 -83.41
C ALA D 212 -37.86 -15.20 -83.59
N MET D 213 -38.02 -14.45 -82.52
CA MET D 213 -38.40 -13.05 -82.62
C MET D 213 -37.17 -12.20 -82.90
N PRO D 214 -37.26 -11.24 -83.82
CA PRO D 214 -36.06 -10.52 -84.27
C PRO D 214 -35.41 -9.68 -83.17
N ALA D 215 -36.22 -8.85 -82.50
CA ALA D 215 -35.71 -7.91 -81.53
C ALA D 215 -35.40 -8.53 -80.16
N TYR D 216 -35.97 -9.69 -79.85
CA TYR D 216 -36.00 -10.15 -78.46
C TYR D 216 -34.61 -10.52 -77.96
N LYS D 217 -33.97 -11.50 -78.60
CA LYS D 217 -32.68 -11.98 -78.10
C LYS D 217 -31.63 -10.88 -78.17
N SER D 218 -31.53 -10.20 -79.31
CA SER D 218 -30.48 -9.21 -79.49
C SER D 218 -30.65 -7.99 -78.59
N GLU D 219 -31.81 -7.83 -77.96
CA GLU D 219 -32.06 -6.67 -77.10
C GLU D 219 -32.14 -7.03 -75.62
N ARG D 220 -32.66 -8.21 -75.28
CA ARG D 220 -32.64 -8.64 -73.88
C ARG D 220 -31.23 -9.00 -73.45
N SER D 221 -30.46 -9.63 -74.34
CA SER D 221 -29.08 -9.96 -74.00
C SER D 221 -28.26 -8.70 -73.73
N SER D 222 -28.41 -7.68 -74.58
CA SER D 222 -27.66 -6.44 -74.38
C SER D 222 -28.07 -5.75 -73.08
N LEU D 223 -29.36 -5.76 -72.76
CA LEU D 223 -29.79 -5.16 -71.50
C LEU D 223 -29.27 -5.96 -70.30
N LEU D 224 -29.28 -7.29 -70.40
CA LEU D 224 -28.77 -8.10 -69.31
C LEU D 224 -27.26 -7.90 -69.14
N SER D 225 -26.53 -7.79 -70.25
CA SER D 225 -25.09 -7.55 -70.16
C SER D 225 -24.80 -6.24 -69.45
N MET D 226 -25.55 -5.18 -69.75
CA MET D 226 -25.37 -3.92 -69.05
C MET D 226 -25.61 -4.09 -67.55
N GLN D 227 -26.65 -4.83 -67.17
CA GLN D 227 -26.90 -5.06 -65.75
C GLN D 227 -25.73 -5.76 -65.09
N ALA D 228 -25.11 -6.71 -65.80
CA ALA D 228 -23.97 -7.43 -65.22
C ALA D 228 -22.82 -6.47 -64.95
N PHE D 229 -22.51 -5.60 -65.91
CA PHE D 229 -21.49 -4.58 -65.67
C PHE D 229 -21.85 -3.70 -64.49
N LEU D 230 -23.13 -3.34 -64.37
CA LEU D 230 -23.53 -2.44 -63.28
C LEU D 230 -23.35 -3.12 -61.92
N TYR D 231 -23.72 -4.41 -61.81
CA TYR D 231 -23.48 -5.12 -60.56
C TYR D 231 -22.00 -5.17 -60.23
N ILE D 232 -21.16 -5.46 -61.24
CA ILE D 232 -19.72 -5.49 -61.00
C ILE D 232 -19.21 -4.11 -60.60
N ILE D 233 -19.67 -3.07 -61.30
CA ILE D 233 -19.22 -1.72 -60.98
C ILE D 233 -19.60 -1.36 -59.55
N SER D 234 -20.81 -1.72 -59.12
CA SER D 234 -21.20 -1.45 -57.74
C SER D 234 -20.26 -2.13 -56.75
N ALA D 235 -20.01 -3.43 -56.94
CA ALA D 235 -19.12 -4.16 -56.04
C ALA D 235 -17.73 -3.53 -56.00
N LEU D 236 -17.18 -3.19 -57.17
CA LEU D 236 -15.84 -2.61 -57.20
C LEU D 236 -15.83 -1.23 -56.55
N VAL D 237 -16.86 -0.43 -56.79
CA VAL D 237 -16.92 0.90 -56.19
C VAL D 237 -16.85 0.82 -54.67
N THR D 238 -17.65 -0.07 -54.08
CA THR D 238 -17.62 -0.22 -52.63
C THR D 238 -16.26 -0.73 -52.15
N VAL D 239 -15.72 -1.75 -52.82
CA VAL D 239 -14.43 -2.30 -52.42
C VAL D 239 -13.35 -1.24 -52.56
N ALA D 240 -13.34 -0.52 -53.68
CA ALA D 240 -12.36 0.54 -53.87
C ALA D 240 -12.46 1.59 -52.79
N PHE D 241 -13.68 2.08 -52.53
CA PHE D 241 -13.88 3.11 -51.51
C PHE D 241 -13.58 2.58 -50.10
N LEU D 242 -14.10 1.40 -49.77
CA LEU D 242 -14.02 0.91 -48.41
C LEU D 242 -12.59 0.57 -48.00
N THR D 243 -11.74 0.14 -48.94
CA THR D 243 -10.35 -0.13 -48.59
C THR D 243 -9.65 1.13 -48.11
N VAL D 244 -9.76 2.21 -48.88
CA VAL D 244 -9.15 3.48 -48.47
C VAL D 244 -9.77 3.98 -47.17
N TRP D 245 -11.07 3.74 -46.98
CA TRP D 245 -11.74 4.25 -45.79
C TRP D 245 -11.25 3.54 -44.53
N THR D 246 -11.21 2.20 -44.54
CA THR D 246 -10.75 1.47 -43.36
C THR D 246 -9.32 1.84 -43.02
N LEU D 247 -8.50 2.15 -44.02
CA LEU D 247 -7.14 2.63 -43.77
C LEU D 247 -7.17 3.95 -43.00
N GLN D 248 -8.24 4.73 -43.14
CA GLN D 248 -8.36 6.00 -42.41
C GLN D 248 -8.59 5.77 -40.92
N ARG D 249 -9.22 4.67 -40.54
CA ARG D 249 -9.54 4.42 -39.13
C ARG D 249 -8.44 3.71 -38.37
N THR D 250 -7.33 3.38 -39.03
CA THR D 250 -6.25 2.61 -38.39
C THR D 250 -5.94 3.14 -37.00
N ARG D 251 -5.91 4.46 -36.84
CA ARG D 251 -5.56 5.03 -35.54
C ARG D 251 -6.63 4.75 -34.51
N ASP D 252 -7.90 4.99 -34.84
CA ASP D 252 -8.98 4.73 -33.90
C ASP D 252 -9.13 3.24 -33.65
N ILE D 253 -8.95 2.42 -34.69
CA ILE D 253 -9.01 0.98 -34.50
C ILE D 253 -7.88 0.51 -33.61
N ALA D 254 -6.68 1.09 -33.77
CA ALA D 254 -5.56 0.72 -32.91
C ALA D 254 -5.85 1.04 -31.45
N VAL D 255 -6.48 2.20 -31.19
CA VAL D 255 -6.79 2.58 -29.82
C VAL D 255 -7.77 1.59 -29.19
N LEU D 256 -8.81 1.20 -29.93
CA LEU D 256 -9.73 0.20 -29.43
C LEU D 256 -9.03 -1.15 -29.29
N ALA D 257 -8.17 -1.49 -30.26
CA ALA D 257 -7.37 -2.70 -30.14
C ALA D 257 -6.45 -2.63 -28.93
N ALA D 258 -5.77 -1.51 -28.75
CA ALA D 258 -4.90 -1.34 -27.59
C ALA D 258 -5.68 -1.48 -26.30
N LEU D 259 -6.91 -0.96 -26.26
CA LEU D 259 -7.73 -1.05 -25.06
C LEU D 259 -8.16 -2.48 -24.77
N GLY D 260 -8.15 -3.37 -25.76
CA GLY D 260 -8.53 -4.75 -25.54
C GLY D 260 -9.65 -5.23 -26.44
N ALA D 261 -10.07 -4.40 -27.38
CA ALA D 261 -11.14 -4.78 -28.28
C ALA D 261 -10.75 -6.02 -29.09
N SER D 262 -11.60 -7.03 -29.06
CA SER D 262 -11.34 -8.25 -29.80
C SER D 262 -11.35 -7.99 -31.30
N LYS D 263 -10.78 -8.94 -32.05
CA LYS D 263 -10.79 -8.85 -33.50
C LYS D 263 -12.22 -8.90 -34.05
N ARG D 264 -13.06 -9.79 -33.50
CA ARG D 264 -14.45 -9.82 -33.92
C ARG D 264 -15.12 -8.47 -33.71
N TYR D 265 -14.82 -7.81 -32.58
CA TYR D 265 -15.46 -6.53 -32.30
C TYR D 265 -15.11 -5.50 -33.37
N LEU D 266 -13.83 -5.39 -33.70
CA LEU D 266 -13.42 -4.40 -34.69
C LEU D 266 -13.99 -4.73 -36.07
N LEU D 267 -13.99 -6.01 -36.44
CA LEU D 267 -14.53 -6.40 -37.75
C LEU D 267 -16.05 -6.25 -37.78
N ILE D 268 -16.73 -6.66 -36.70
CA ILE D 268 -18.17 -6.46 -36.63
C ILE D 268 -18.50 -4.97 -36.62
N ASP D 269 -17.72 -4.19 -35.88
CA ASP D 269 -17.88 -2.74 -35.91
C ASP D 269 -17.79 -2.20 -37.33
N ALA D 270 -16.73 -2.60 -38.05
CA ALA D 270 -16.51 -2.07 -39.39
C ALA D 270 -17.62 -2.48 -40.36
N LEU D 271 -17.96 -3.77 -40.38
CA LEU D 271 -19.00 -4.24 -41.29
C LEU D 271 -20.36 -3.67 -40.94
N GLY D 272 -20.64 -3.49 -39.64
CA GLY D 272 -21.88 -2.85 -39.26
C GLY D 272 -22.01 -1.45 -39.82
N GLN D 273 -20.93 -0.68 -39.75
CA GLN D 273 -20.94 0.66 -40.34
C GLN D 273 -21.17 0.58 -41.84
N ALA D 274 -20.45 -0.31 -42.53
CA ALA D 274 -20.62 -0.45 -43.97
C ALA D 274 -22.02 -0.93 -44.32
N ALA D 275 -22.53 -1.91 -43.58
CA ALA D 275 -23.86 -2.43 -43.89
C ALA D 275 -24.91 -1.33 -43.75
N ILE D 276 -24.80 -0.50 -42.72
CA ILE D 276 -25.73 0.61 -42.55
C ILE D 276 -25.66 1.56 -43.74
N ILE D 277 -24.45 1.88 -44.19
CA ILE D 277 -24.30 2.80 -45.31
C ILE D 277 -24.89 2.19 -46.58
N LEU D 278 -24.58 0.92 -46.85
CA LEU D 278 -25.11 0.27 -48.04
C LEU D 278 -26.63 0.18 -48.01
N ALA D 279 -27.19 -0.14 -46.85
CA ALA D 279 -28.65 -0.17 -46.72
C ALA D 279 -29.24 1.21 -47.02
N ALA D 280 -28.69 2.25 -46.39
CA ALA D 280 -29.16 3.60 -46.67
C ALA D 280 -29.06 3.94 -48.16
N GLY D 281 -27.89 3.71 -48.75
CA GLY D 281 -27.71 4.04 -50.15
C GLY D 281 -28.67 3.27 -51.05
N VAL D 282 -28.78 1.97 -50.84
CA VAL D 282 -29.63 1.14 -51.69
C VAL D 282 -31.10 1.50 -51.49
N ALA D 283 -31.51 1.68 -50.24
CA ALA D 283 -32.91 2.04 -49.98
C ALA D 283 -33.27 3.37 -50.64
N LEU D 284 -32.43 4.38 -50.46
CA LEU D 284 -32.71 5.68 -51.07
C LEU D 284 -32.65 5.59 -52.58
N GLY D 285 -31.63 4.93 -53.12
CA GLY D 285 -31.54 4.78 -54.57
C GLY D 285 -32.70 4.00 -55.16
N ALA D 286 -33.03 2.87 -54.55
CA ALA D 286 -34.12 2.04 -55.06
C ALA D 286 -35.47 2.71 -54.84
N GLY D 287 -35.60 3.49 -53.78
CA GLY D 287 -36.81 4.25 -53.55
C GLY D 287 -37.09 5.23 -54.67
N ILE D 288 -36.12 6.12 -54.93
CA ILE D 288 -36.28 7.05 -56.05
C ILE D 288 -36.47 6.30 -57.36
N GLY D 289 -35.86 5.13 -57.48
CA GLY D 289 -35.99 4.34 -58.69
C GLY D 289 -37.42 3.91 -58.96
N ALA D 290 -38.03 3.24 -57.98
CA ALA D 290 -39.41 2.80 -58.12
C ALA D 290 -40.34 3.98 -58.35
N LEU D 291 -40.07 5.11 -57.69
CA LEU D 291 -40.92 6.29 -57.85
C LEU D 291 -40.86 6.83 -59.28
N LEU D 292 -39.65 7.09 -59.78
CA LEU D 292 -39.51 7.56 -61.15
C LEU D 292 -40.07 6.57 -62.15
N GLY D 293 -39.88 5.26 -61.89
CA GLY D 293 -40.37 4.27 -62.83
C GLY D 293 -41.88 4.23 -62.90
N TRP D 294 -42.55 4.17 -61.74
CA TRP D 294 -44.01 4.22 -61.73
C TRP D 294 -44.52 5.51 -62.36
N LEU D 295 -43.80 6.62 -62.13
CA LEU D 295 -44.20 7.89 -62.72
C LEU D 295 -44.02 7.89 -64.23
N ILE D 296 -43.10 7.08 -64.75
CA ILE D 296 -42.79 7.07 -66.18
C ILE D 296 -43.44 5.89 -66.90
N ALA D 297 -43.92 4.88 -66.17
CA ALA D 297 -44.42 3.65 -66.77
C ALA D 297 -45.67 3.87 -67.64
N GLY D 298 -46.05 5.12 -67.84
CA GLY D 298 -47.18 5.45 -68.69
C GLY D 298 -46.74 5.84 -70.08
N SER D 299 -45.56 6.45 -70.17
CA SER D 299 -44.99 6.86 -71.45
C SER D 299 -44.03 5.85 -72.04
N VAL D 300 -43.31 5.10 -71.19
CA VAL D 300 -42.34 4.12 -71.66
C VAL D 300 -42.65 2.77 -71.02
N PRO D 301 -42.49 1.66 -71.75
CA PRO D 301 -42.75 0.34 -71.16
C PRO D 301 -41.84 0.05 -69.97
N PHE D 302 -42.45 -0.13 -68.80
CA PHE D 302 -41.70 -0.34 -67.57
C PHE D 302 -42.50 -1.29 -66.68
N SER D 303 -41.96 -2.48 -66.42
CA SER D 303 -42.60 -3.46 -65.55
C SER D 303 -42.08 -3.28 -64.14
N LEU D 304 -42.99 -3.02 -63.20
CA LEU D 304 -42.62 -2.64 -61.83
C LEU D 304 -43.39 -3.50 -60.85
N GLY D 305 -42.70 -4.46 -60.23
CA GLY D 305 -43.28 -5.22 -59.13
C GLY D 305 -42.47 -5.12 -57.85
N TRP D 306 -42.69 -6.05 -56.92
CA TRP D 306 -41.85 -6.08 -55.72
C TRP D 306 -40.53 -6.79 -55.99
N VAL D 307 -40.56 -7.86 -56.79
CA VAL D 307 -39.35 -8.63 -57.03
C VAL D 307 -38.41 -7.92 -57.99
N SER D 308 -38.94 -7.08 -58.88
CA SER D 308 -38.13 -6.40 -59.87
C SER D 308 -37.44 -5.15 -59.32
N VAL D 309 -37.80 -4.70 -58.12
CA VAL D 309 -37.12 -3.61 -57.44
C VAL D 309 -36.28 -4.10 -56.28
N LEU D 310 -36.80 -5.07 -55.51
CA LEU D 310 -36.11 -5.54 -54.31
C LEU D 310 -35.15 -6.68 -54.59
N GLY D 311 -35.39 -7.46 -55.64
CA GLY D 311 -34.47 -8.50 -56.03
C GLY D 311 -33.09 -7.94 -56.32
N PRO D 312 -33.01 -7.04 -57.31
CA PRO D 312 -31.72 -6.38 -57.58
C PRO D 312 -31.21 -5.57 -56.40
N ALA D 313 -32.10 -4.87 -55.70
CA ALA D 313 -31.67 -4.07 -54.55
C ALA D 313 -31.01 -4.95 -53.50
N LEU D 314 -31.66 -6.05 -53.13
CA LEU D 314 -31.08 -6.96 -52.14
C LEU D 314 -29.81 -7.61 -52.67
N GLY D 315 -29.79 -7.94 -53.96
CA GLY D 315 -28.59 -8.48 -54.56
C GLY D 315 -27.41 -7.52 -54.45
N ILE D 316 -27.64 -6.24 -54.75
CA ILE D 316 -26.58 -5.25 -54.66
C ILE D 316 -26.09 -5.13 -53.22
N TRP D 317 -27.01 -5.11 -52.26
CA TRP D 317 -26.62 -4.97 -50.87
C TRP D 317 -25.78 -6.15 -50.41
N LEU D 318 -26.12 -7.36 -50.87
CA LEU D 318 -25.33 -8.53 -50.50
C LEU D 318 -23.98 -8.52 -51.21
N LEU D 319 -23.95 -8.09 -52.47
CA LEU D 319 -22.68 -7.89 -53.16
C LEU D 319 -21.80 -6.89 -52.40
N GLY D 320 -22.41 -5.83 -51.87
CA GLY D 320 -21.64 -4.85 -51.12
C GLY D 320 -21.06 -5.43 -49.84
N LEU D 321 -21.83 -6.30 -49.17
CA LEU D 321 -21.33 -6.92 -47.94
C LEU D 321 -20.14 -7.83 -48.23
N ILE D 322 -20.20 -8.59 -49.32
CA ILE D 322 -19.06 -9.43 -49.70
C ILE D 322 -17.84 -8.57 -50.01
N GLY D 323 -18.05 -7.49 -50.77
CA GLY D 323 -16.95 -6.58 -51.04
C GLY D 323 -16.38 -5.95 -49.79
N ALA D 324 -17.26 -5.57 -48.84
CA ALA D 324 -16.80 -4.90 -47.64
C ALA D 324 -15.92 -5.80 -46.78
N THR D 325 -16.32 -7.05 -46.59
CA THR D 325 -15.50 -7.97 -45.81
C THR D 325 -14.11 -8.12 -46.42
N ILE D 326 -14.02 -8.15 -47.75
CA ILE D 326 -12.72 -8.21 -48.40
C ILE D 326 -11.91 -6.96 -48.08
N ALA D 327 -12.57 -5.80 -47.96
CA ALA D 327 -11.87 -4.54 -47.73
C ALA D 327 -11.53 -4.32 -46.26
N VAL D 328 -12.37 -4.85 -45.35
CA VAL D 328 -12.15 -4.67 -43.93
C VAL D 328 -11.26 -5.76 -43.33
N ARG D 329 -10.81 -6.72 -44.15
CA ARG D 329 -10.00 -7.82 -43.63
C ARG D 329 -8.84 -7.31 -42.79
N ASN D 330 -8.26 -6.16 -43.15
CA ASN D 330 -7.08 -5.63 -42.47
C ASN D 330 -7.43 -4.87 -41.20
N VAL D 331 -8.70 -4.86 -40.78
CA VAL D 331 -9.04 -4.19 -39.53
C VAL D 331 -8.57 -5.02 -38.35
N THR D 332 -8.44 -6.33 -38.54
CA THR D 332 -7.98 -7.23 -37.49
C THR D 332 -6.48 -7.43 -37.49
N LYS D 333 -5.79 -6.90 -38.51
CA LYS D 333 -4.35 -7.01 -38.66
C LYS D 333 -3.60 -5.77 -38.19
N VAL D 334 -4.27 -4.89 -37.45
CA VAL D 334 -3.66 -3.65 -36.98
C VAL D 334 -3.09 -3.88 -35.59
N ASP D 335 -1.80 -3.64 -35.43
CA ASP D 335 -1.15 -3.80 -34.13
C ASP D 335 -1.52 -2.64 -33.21
N PRO D 336 -1.84 -2.92 -31.95
CA PRO D 336 -2.24 -1.83 -31.03
C PRO D 336 -1.10 -0.93 -30.61
N GLN D 337 0.15 -1.31 -30.90
CA GLN D 337 1.27 -0.44 -30.54
C GLN D 337 1.26 0.88 -31.31
N ILE D 338 0.42 1.00 -32.35
CA ILE D 338 0.33 2.27 -33.07
C ILE D 338 -0.24 3.36 -32.17
N ALA D 339 -0.89 2.99 -31.08
CA ALA D 339 -1.49 3.94 -30.16
C ALA D 339 -0.51 4.44 -29.12
N LEU D 340 0.53 3.67 -28.82
CA LEU D 340 1.50 4.09 -27.82
C LEU D 340 2.38 5.22 -28.33
N GLY D 341 2.61 5.26 -29.64
CA GLY D 341 3.41 6.29 -30.26
C GLY D 341 2.58 7.26 -31.09
N ALA D 342 3.25 7.93 -32.02
CA ALA D 342 2.64 8.97 -32.84
C ALA D 342 2.53 8.49 -34.28
N THR D 343 1.45 8.90 -34.96
CA THR D 343 1.26 8.57 -36.37
C THR D 343 0.68 9.75 -37.14
N PRO E 5 28.35 61.13 1.50
CA PRO E 5 28.15 59.84 2.18
C PRO E 5 27.31 59.96 3.44
N VAL E 6 26.57 58.91 3.77
CA VAL E 6 25.80 58.89 5.02
C VAL E 6 26.60 58.26 6.16
N LEU E 7 27.29 57.16 5.90
CA LEU E 7 28.03 56.43 6.92
C LEU E 7 29.45 56.16 6.47
N SER E 8 30.41 56.33 7.39
CA SER E 8 31.82 56.05 7.14
C SER E 8 32.37 55.27 8.33
N ILE E 9 32.66 53.99 8.12
CA ILE E 9 33.29 53.14 9.13
C ILE E 9 34.77 53.05 8.80
N THR E 10 35.61 53.71 9.59
CA THR E 10 37.06 53.76 9.35
C THR E 10 37.78 52.97 10.44
N ASN E 11 38.47 51.91 10.04
CA ASN E 11 39.32 51.11 10.93
C ASN E 11 38.62 50.80 12.26
N ALA E 12 37.42 50.25 12.15
CA ALA E 12 36.62 49.92 13.33
C ALA E 12 36.90 48.49 13.77
N SER E 13 36.90 48.27 15.09
CA SER E 13 37.18 46.94 15.63
C SER E 13 36.54 46.84 17.01
N VAL E 14 35.86 45.73 17.26
CA VAL E 14 35.20 45.45 18.53
C VAL E 14 35.71 44.13 19.08
N VAL E 15 35.75 44.04 20.42
CA VAL E 15 36.15 42.82 21.12
C VAL E 15 34.90 42.24 21.76
N TYR E 16 34.58 40.99 21.41
CA TYR E 16 33.38 40.32 21.88
C TYR E 16 33.75 39.08 22.66
N PRO E 17 33.43 39.00 23.96
CA PRO E 17 33.68 37.78 24.73
C PRO E 17 32.78 36.62 24.35
N ASP E 18 33.34 35.61 23.69
CA ASP E 18 32.56 34.45 23.24
C ASP E 18 32.51 33.46 24.39
N GLY E 19 31.51 33.62 25.26
CA GLY E 19 31.40 32.70 26.36
C GLY E 19 32.67 32.75 27.19
N ILE E 20 33.25 31.59 27.42
CA ILE E 20 34.48 31.47 28.20
C ILE E 20 35.61 32.25 27.52
N SER E 21 35.60 32.34 26.19
CA SER E 21 36.66 33.00 25.46
C SER E 21 36.34 34.48 25.23
N THR E 22 37.26 35.18 24.54
CA THR E 22 37.10 36.59 24.25
C THR E 22 37.51 36.98 22.84
N VAL E 23 37.71 36.01 21.94
CA VAL E 23 38.09 36.27 20.55
C VAL E 23 37.36 37.49 20.01
N THR E 24 38.13 38.47 19.53
CA THR E 24 37.53 39.67 18.95
C THR E 24 36.78 39.32 17.67
N ALA E 25 35.57 39.85 17.53
CA ALA E 25 34.74 39.56 16.37
C ALA E 25 34.96 40.53 15.21
N LEU E 26 35.69 41.62 15.42
CA LEU E 26 35.99 42.53 14.33
C LEU E 26 37.44 42.99 14.42
N ASP E 27 38.12 43.02 13.27
CA ASP E 27 39.54 43.38 13.20
C ASP E 27 39.73 44.40 12.07
N SER E 28 39.78 45.68 12.44
CA SER E 28 40.11 46.76 11.50
C SER E 28 39.18 46.76 10.28
N ALA E 29 37.89 46.89 10.56
CA ALA E 29 36.92 46.99 9.49
C ALA E 29 36.84 48.40 8.95
N ASN E 30 36.79 48.52 7.62
CA ASN E 30 36.66 49.81 6.95
C ASN E 30 35.58 49.70 5.88
N VAL E 31 34.43 50.31 6.13
CA VAL E 31 33.30 50.24 5.21
C VAL E 31 32.63 51.61 5.15
N GLU E 32 32.25 52.02 3.94
CA GLU E 32 31.57 53.30 3.74
C GLU E 32 30.39 53.09 2.79
N ILE E 33 29.24 53.65 3.13
CA ILE E 33 28.01 53.48 2.37
C ILE E 33 27.47 54.86 2.01
N PHE E 34 27.14 55.04 0.74
CA PHE E 34 26.63 56.30 0.21
C PHE E 34 25.13 56.20 -0.09
N PRO E 35 24.45 57.34 -0.22
CA PRO E 35 23.01 57.29 -0.51
C PRO E 35 22.73 56.56 -1.82
N GLY E 36 21.67 55.77 -1.82
CA GLY E 36 21.26 55.01 -2.99
C GLY E 36 22.01 53.71 -3.21
N GLU E 37 22.95 53.36 -2.33
CA GLU E 37 23.67 52.11 -2.43
C GLU E 37 22.93 51.01 -1.70
N LEU E 38 22.96 49.81 -2.25
CA LEU E 38 22.58 48.59 -1.53
C LEU E 38 23.83 47.72 -1.46
N VAL E 39 24.47 47.71 -0.29
CA VAL E 39 25.69 46.95 -0.08
C VAL E 39 25.35 45.68 0.69
N ALA E 40 25.53 44.53 0.06
CA ALA E 40 25.33 43.24 0.72
C ALA E 40 26.60 42.84 1.45
N ILE E 41 26.43 42.22 2.62
CA ILE E 41 27.55 41.72 3.41
C ILE E 41 27.47 40.21 3.45
N VAL E 42 28.40 39.54 2.78
CA VAL E 42 28.43 38.10 2.70
C VAL E 42 29.61 37.61 3.53
N GLY E 43 29.58 36.34 3.87
CA GLY E 43 30.65 35.75 4.65
C GLY E 43 30.11 34.59 5.48
N GLU E 44 31.05 33.77 5.95
CA GLU E 44 30.69 32.63 6.76
C GLU E 44 29.94 33.07 8.02
N SER E 45 29.27 32.11 8.64
CA SER E 45 28.58 32.40 9.90
C SER E 45 29.62 32.68 10.98
N GLY E 46 29.55 33.88 11.57
CA GLY E 46 30.50 34.27 12.59
C GLY E 46 31.74 34.96 12.08
N SER E 47 31.70 35.51 10.87
CA SER E 47 32.85 36.21 10.30
C SER E 47 32.91 37.67 10.72
N GLY E 48 31.87 38.19 11.34
CA GLY E 48 31.80 39.57 11.75
C GLY E 48 30.86 40.44 10.94
N LYS E 49 30.02 39.85 10.09
CA LYS E 49 29.03 40.64 9.37
C LYS E 49 27.98 41.18 10.33
N SER E 50 27.38 40.29 11.13
CA SER E 50 26.40 40.73 12.11
C SER E 50 27.03 41.70 13.10
N THR E 51 28.28 41.45 13.49
CA THR E 51 28.99 42.37 14.36
C THR E 51 29.19 43.72 13.70
N LEU E 52 29.57 43.71 12.42
CA LEU E 52 29.70 44.97 11.68
C LEU E 52 28.36 45.70 11.60
N LEU E 53 27.28 44.96 11.37
CA LEU E 53 25.96 45.57 11.32
C LEU E 53 25.62 46.23 12.66
N SER E 54 25.75 45.49 13.76
CA SER E 54 25.47 46.06 15.07
C SER E 54 26.31 47.31 15.32
N ILE E 55 27.53 47.34 14.77
CA ILE E 55 28.36 48.54 14.88
C ILE E 55 27.78 49.68 14.05
N ALA E 56 27.37 49.36 12.81
CA ALA E 56 26.80 50.39 11.95
C ALA E 56 25.52 50.96 12.53
N GLY E 57 24.82 50.20 13.37
CA GLY E 57 23.60 50.66 13.98
C GLY E 57 23.77 51.31 15.34
N PHE E 58 25.00 51.61 15.74
CA PHE E 58 25.26 52.26 17.02
C PHE E 58 24.65 51.47 18.18
N LEU E 59 24.55 50.15 18.02
CA LEU E 59 24.05 49.30 19.09
C LEU E 59 25.12 48.95 20.11
N GLN E 60 26.39 49.15 19.76
CA GLN E 60 27.49 49.03 20.71
C GLN E 60 28.68 49.79 20.15
N GLU E 61 29.40 50.47 21.03
CA GLU E 61 30.55 51.23 20.56
C GLU E 61 31.73 50.31 20.28
N PRO E 62 32.54 50.63 19.28
CA PRO E 62 33.76 49.85 19.02
C PRO E 62 34.80 50.08 20.11
N THR E 63 35.58 49.03 20.38
CA THR E 63 36.69 49.13 21.31
C THR E 63 37.86 49.92 20.74
N SER E 64 37.87 50.18 19.44
CA SER E 64 38.90 50.99 18.81
C SER E 64 38.41 51.43 17.44
N GLY E 65 38.92 52.59 16.99
CA GLY E 65 38.46 53.17 15.76
C GLY E 65 37.24 54.05 15.97
N THR E 66 36.80 54.69 14.88
CA THR E 66 35.73 55.66 14.93
C THR E 66 34.66 55.30 13.90
N VAL E 67 33.41 55.63 14.23
CA VAL E 67 32.26 55.45 13.34
C VAL E 67 31.52 56.77 13.30
N THR E 68 31.42 57.36 12.11
CA THR E 68 30.84 58.69 11.94
C THR E 68 29.63 58.62 11.01
N LEU E 69 28.52 59.16 11.48
CA LEU E 69 27.32 59.33 10.67
C LEU E 69 27.17 60.81 10.39
N HIS E 70 27.34 61.20 9.13
CA HIS E 70 27.33 62.61 8.78
C HIS E 70 25.92 63.18 8.90
N GLY E 71 25.84 64.44 9.33
CA GLY E 71 24.58 65.03 9.69
C GLY E 71 24.09 64.71 11.09
N ALA E 72 24.79 63.84 11.82
CA ALA E 72 24.41 63.45 13.17
C ALA E 72 25.56 63.62 14.16
N GLU E 73 26.59 64.39 13.81
CA GLU E 73 27.70 64.61 14.73
C GLU E 73 27.21 65.32 15.98
N GLY E 74 27.80 64.97 17.12
CA GLY E 74 27.38 65.54 18.38
C GLY E 74 26.14 64.91 18.97
N LEU E 75 25.90 63.62 18.72
CA LEU E 75 24.74 62.90 19.22
C LEU E 75 25.18 61.56 19.78
N ASP E 76 24.55 61.15 20.87
CA ASP E 76 24.83 59.85 21.47
C ASP E 76 24.37 58.72 20.54
N ALA E 77 24.76 57.49 20.89
CA ALA E 77 24.43 56.34 20.07
C ALA E 77 22.92 56.17 19.93
N THR E 78 22.20 56.24 21.05
CA THR E 78 20.75 56.00 21.02
C THR E 78 20.03 57.05 20.20
N SER E 79 20.37 58.33 20.41
CA SER E 79 19.74 59.40 19.64
C SER E 79 20.02 59.25 18.14
N THR E 80 21.22 58.78 17.79
CA THR E 80 21.55 58.52 16.40
C THR E 80 20.61 57.48 15.80
N ARG E 81 20.46 56.34 16.47
CA ARG E 81 19.57 55.29 15.97
C ARG E 81 18.16 55.80 15.73
N ARG E 82 17.65 56.64 16.64
CA ARG E 82 16.25 57.05 16.58
C ARG E 82 15.94 57.87 15.34
N GLU E 83 16.88 58.71 14.90
CA GLU E 83 16.60 59.70 13.88
C GLU E 83 17.20 59.41 12.52
N HIS E 84 18.18 58.52 12.43
CA HIS E 84 18.92 58.33 11.18
C HIS E 84 19.00 56.90 10.69
N ILE E 85 18.54 55.91 11.45
CA ILE E 85 18.71 54.50 11.10
C ILE E 85 17.36 53.81 11.11
N GLY E 86 17.16 52.91 10.15
CA GLY E 86 16.00 52.03 10.16
C GLY E 86 16.43 50.58 10.19
N PHE E 87 15.85 49.80 11.10
CA PHE E 87 16.27 48.42 11.33
C PHE E 87 15.21 47.47 10.76
N VAL E 88 15.63 46.62 9.84
CA VAL E 88 14.82 45.48 9.38
C VAL E 88 15.39 44.26 10.09
N PHE E 89 14.90 44.02 11.31
CA PHE E 89 15.45 42.94 12.13
C PHE E 89 15.29 41.59 11.44
N GLN E 90 16.17 40.65 11.82
CA GLN E 90 16.10 39.30 11.29
C GLN E 90 14.72 38.70 11.52
N GLN E 91 14.29 38.63 12.77
CA GLN E 91 12.91 38.31 13.07
C GLN E 91 12.07 39.58 13.03
N PRO E 92 10.81 39.49 12.57
CA PRO E 92 10.01 40.71 12.37
C PRO E 92 9.93 41.61 13.60
N ASN E 93 9.97 41.04 14.80
CA ASN E 93 9.94 41.83 16.02
C ASN E 93 8.74 42.77 16.04
N LEU E 94 7.56 42.22 15.78
CA LEU E 94 6.32 42.97 15.87
C LEU E 94 5.81 42.94 17.30
N LEU E 95 5.41 44.11 17.82
CA LEU E 95 4.86 44.18 19.16
C LEU E 95 3.48 43.53 19.20
N GLY E 96 3.28 42.62 20.15
CA GLY E 96 2.09 41.78 20.13
C GLY E 96 0.80 42.57 20.18
N SER E 97 0.73 43.58 21.05
CA SER E 97 -0.53 44.27 21.32
C SER E 97 -0.87 45.33 20.28
N LEU E 98 -0.02 45.58 19.30
CA LEU E 98 -0.29 46.61 18.31
C LEU E 98 -0.74 46.00 16.99
N THR E 99 -1.53 46.78 16.25
CA THR E 99 -1.96 46.41 14.91
C THR E 99 -0.89 46.79 13.90
N ALA E 100 -1.08 46.29 12.67
CA ALA E 100 -0.14 46.59 11.58
C ALA E 100 0.12 48.09 11.48
N ARG E 101 -0.94 48.89 11.47
CA ARG E 101 -0.77 50.34 11.39
C ARG E 101 -0.06 50.88 12.62
N GLU E 102 -0.40 50.36 13.80
CA GLU E 102 0.24 50.85 15.02
C GLU E 102 1.74 50.51 15.04
N GLN E 103 2.15 49.48 14.32
CA GLN E 103 3.58 49.15 14.26
C GLN E 103 4.41 50.30 13.71
N LEU E 104 3.85 51.06 12.77
CA LEU E 104 4.55 52.23 12.25
C LEU E 104 4.36 53.46 13.14
N LEU E 105 3.13 53.67 13.63
CA LEU E 105 2.83 54.88 14.39
C LEU E 105 3.67 54.99 15.66
N ILE E 106 3.98 53.85 16.29
CA ILE E 106 4.72 53.90 17.55
C ILE E 106 6.10 54.48 17.34
N THR E 107 6.69 54.28 16.15
CA THR E 107 7.97 54.92 15.84
C THR E 107 7.82 56.44 15.82
N ASP E 108 6.74 56.95 15.22
CA ASP E 108 6.48 58.38 15.29
C ASP E 108 6.37 58.85 16.74
N HIS E 109 5.68 58.07 17.58
CA HIS E 109 5.49 58.48 18.97
C HIS E 109 6.81 58.52 19.72
N LEU E 110 7.66 57.51 19.54
CA LEU E 110 8.94 57.49 20.22
C LEU E 110 9.91 58.51 19.66
N ARG E 111 9.70 58.94 18.41
CA ARG E 111 10.49 60.02 17.83
C ARG E 111 9.96 61.40 18.20
N GLY E 112 8.87 61.48 18.97
CA GLY E 112 8.39 62.75 19.47
C GLY E 112 7.56 63.55 18.48
N ILE E 113 6.86 62.88 17.58
CA ILE E 113 6.03 63.54 16.59
C ILE E 113 4.62 62.96 16.64
N LYS E 114 3.65 63.81 16.38
CA LYS E 114 2.26 63.38 16.34
C LYS E 114 2.13 62.22 15.36
N PRO E 115 1.77 61.03 15.82
CA PRO E 115 1.75 59.87 14.90
C PRO E 115 0.96 60.18 13.64
N ARG E 116 1.57 59.90 12.49
CA ARG E 116 1.00 60.23 11.19
C ARG E 116 0.29 58.99 10.64
N LYS E 117 -1.05 59.01 10.69
CA LYS E 117 -1.82 57.87 10.23
C LYS E 117 -1.81 57.76 8.71
N ASP E 118 -1.89 58.89 8.02
CA ASP E 118 -1.89 58.86 6.56
C ASP E 118 -0.59 58.27 6.02
N ARG E 119 0.55 58.78 6.49
CA ARG E 119 1.83 58.23 6.07
C ARG E 119 1.93 56.75 6.41
N ALA E 120 1.47 56.37 7.60
CA ALA E 120 1.55 54.98 8.02
C ALA E 120 0.80 54.06 7.06
N ASP E 121 -0.40 54.47 6.65
CA ASP E 121 -1.18 53.64 5.73
C ASP E 121 -0.53 53.61 4.35
N GLU E 122 0.00 54.75 3.90
CA GLU E 122 0.70 54.79 2.62
C GLU E 122 1.88 53.81 2.61
N LEU E 123 2.69 53.82 3.68
CA LEU E 123 3.85 52.94 3.74
C LEU E 123 3.43 51.48 3.76
N LEU E 124 2.40 51.14 4.53
CA LEU E 124 1.89 49.77 4.54
C LEU E 124 1.45 49.35 3.14
N ALA E 125 0.83 50.26 2.39
CA ALA E 125 0.46 49.95 1.02
C ALA E 125 1.68 49.74 0.14
N ARG E 126 2.71 50.59 0.31
CA ARG E 126 3.91 50.47 -0.50
C ARG E 126 4.56 49.10 -0.34
N VAL E 127 4.46 48.51 0.85
CA VAL E 127 5.04 47.20 1.11
C VAL E 127 4.06 46.11 0.72
N GLY E 128 2.96 46.50 0.07
CA GLY E 128 1.99 45.53 -0.42
C GLY E 128 0.99 45.04 0.61
N LEU E 129 0.67 45.84 1.62
CA LEU E 129 -0.33 45.48 2.62
C LEU E 129 -1.43 46.54 2.70
N LYS E 130 -1.71 47.21 1.60
CA LYS E 130 -2.74 48.25 1.58
C LYS E 130 -4.03 47.75 2.20
N GLY E 131 -4.56 48.52 3.14
CA GLY E 131 -5.82 48.18 3.78
C GLY E 131 -5.71 47.25 4.96
N LEU E 132 -4.52 46.75 5.27
CA LEU E 132 -4.34 45.82 6.39
C LEU E 132 -3.94 46.53 7.67
N GLY E 133 -4.06 47.86 7.73
CA GLY E 133 -3.68 48.58 8.92
C GLY E 133 -4.38 48.09 10.17
N GLY E 134 -5.56 47.49 10.01
CA GLY E 134 -6.32 46.99 11.13
C GLY E 134 -5.98 45.58 11.55
N ARG E 135 -5.16 44.88 10.76
CA ARG E 135 -4.78 43.52 11.11
C ARG E 135 -3.98 43.51 12.40
N ARG E 136 -4.16 42.46 13.18
CA ARG E 136 -3.32 42.22 14.34
C ARG E 136 -2.19 41.25 13.96
N VAL E 137 -1.20 41.14 14.84
CA VAL E 137 -0.04 40.32 14.55
C VAL E 137 -0.46 38.88 14.29
N ALA E 138 -1.47 38.41 15.03
CA ALA E 138 -1.97 37.06 14.84
C ALA E 138 -2.63 36.86 13.48
N GLN E 139 -3.03 37.95 12.81
CA GLN E 139 -3.65 37.87 11.50
C GLN E 139 -2.68 38.17 10.37
N LEU E 140 -1.38 38.06 10.62
CA LEU E 140 -0.35 38.35 9.62
C LEU E 140 0.50 37.11 9.41
N SER E 141 0.76 36.78 8.14
CA SER E 141 1.59 35.64 7.82
C SER E 141 3.07 36.01 7.94
N GLY E 142 3.92 35.00 7.80
CA GLY E 142 5.36 35.23 7.90
C GLY E 142 5.84 36.30 6.93
N GLY E 143 5.46 36.16 5.66
CA GLY E 143 5.80 37.20 4.69
C GLY E 143 5.17 38.53 5.03
N GLN E 144 3.91 38.51 5.48
CA GLN E 144 3.23 39.75 5.82
C GLN E 144 3.91 40.47 6.98
N ARG E 145 4.31 39.73 8.01
CA ARG E 145 4.99 40.35 9.14
C ARG E 145 6.30 41.00 8.71
N GLN E 146 7.06 40.33 7.86
CA GLN E 146 8.31 40.90 7.37
C GLN E 146 8.06 42.14 6.52
N ARG E 147 6.96 42.15 5.77
CA ARG E 147 6.60 43.34 5.00
C ARG E 147 6.31 44.51 5.93
N VAL E 148 5.57 44.26 7.01
CA VAL E 148 5.30 45.31 7.99
C VAL E 148 6.60 45.83 8.58
N ASN E 149 7.53 44.92 8.90
CA ASN E 149 8.81 45.33 9.46
C ASN E 149 9.54 46.30 8.54
N ILE E 150 9.57 46.01 7.24
CA ILE E 150 10.20 46.91 6.28
C ILE E 150 9.54 48.29 6.35
N ALA E 151 8.20 48.32 6.34
CA ALA E 151 7.49 49.59 6.42
C ALA E 151 7.80 50.34 7.70
N ARG E 152 8.03 49.61 8.81
CA ARG E 152 8.33 50.26 10.07
C ARG E 152 9.70 50.95 10.06
N ALA E 153 10.64 50.42 9.29
CA ALA E 153 11.95 51.06 9.17
C ALA E 153 11.89 52.35 8.37
N LEU E 154 10.86 52.51 7.53
CA LEU E 154 10.71 53.69 6.69
C LEU E 154 9.87 54.78 7.34
N MET E 155 9.31 54.53 8.53
CA MET E 155 8.41 55.50 9.14
C MET E 155 9.15 56.80 9.48
N GLY E 156 10.37 56.69 9.98
CA GLY E 156 11.13 57.85 10.39
C GLY E 156 11.93 58.54 9.31
N ASN E 157 11.81 58.10 8.06
CA ASN E 157 12.57 58.66 6.95
C ASN E 157 14.07 58.68 7.28
N PRO E 158 14.69 57.53 7.51
CA PRO E 158 16.10 57.50 7.86
C PRO E 158 16.99 57.69 6.63
N GLN E 159 18.26 57.94 6.91
CA GLN E 159 19.30 58.00 5.88
C GLN E 159 20.08 56.70 5.74
N LEU E 160 19.83 55.73 6.61
CA LEU E 160 20.53 54.45 6.57
C LEU E 160 19.57 53.34 6.95
N LEU E 161 19.47 52.33 6.09
CA LEU E 161 18.61 51.18 6.32
C LEU E 161 19.49 49.94 6.49
N LEU E 162 19.33 49.25 7.62
CA LEU E 162 20.12 48.07 7.95
C LEU E 162 19.19 46.86 8.00
N ALA E 163 19.49 45.86 7.18
CA ALA E 163 18.71 44.62 7.13
C ALA E 163 19.61 43.46 7.53
N ASP E 164 19.22 42.74 8.57
CA ASP E 164 20.02 41.64 9.12
C ASP E 164 19.37 40.32 8.72
N GLU E 165 19.76 39.80 7.57
CA GLU E 165 19.30 38.50 7.08
C GLU E 165 17.77 38.38 7.16
N PRO E 166 17.03 39.31 6.56
CA PRO E 166 15.56 39.28 6.68
C PRO E 166 14.89 38.18 5.89
N THR E 167 15.64 37.37 5.13
CA THR E 167 15.06 36.29 4.34
C THR E 167 15.52 34.92 4.82
N SER E 168 15.91 34.80 6.09
CA SER E 168 16.48 33.55 6.58
C SER E 168 15.42 32.48 6.80
N ALA E 169 14.18 32.89 7.06
CA ALA E 169 13.07 31.96 7.26
C ALA E 169 12.01 32.10 6.17
N LEU E 170 12.41 32.50 4.97
CA LEU E 170 11.49 32.74 3.88
C LEU E 170 11.92 31.94 2.65
N ASP E 171 10.94 31.37 1.95
CA ASP E 171 11.21 30.58 0.77
C ASP E 171 11.74 31.48 -0.36
N ALA E 172 12.08 30.85 -1.48
CA ALA E 172 12.73 31.56 -2.58
C ALA E 172 11.82 32.62 -3.16
N ARG E 173 10.56 32.25 -3.44
CA ARG E 173 9.65 33.21 -4.06
C ARG E 173 9.42 34.43 -3.18
N LEU E 174 9.07 34.21 -1.92
CA LEU E 174 8.76 35.34 -1.04
C LEU E 174 9.98 36.21 -0.79
N SER E 175 11.16 35.59 -0.68
CA SER E 175 12.37 36.35 -0.41
C SER E 175 12.79 37.18 -1.62
N LYS E 176 12.54 36.68 -2.83
CA LYS E 176 12.78 37.49 -4.02
C LYS E 176 11.97 38.77 -3.98
N GLU E 177 10.67 38.65 -3.69
CA GLU E 177 9.81 39.83 -3.59
C GLU E 177 10.35 40.82 -2.55
N ILE E 178 10.87 40.30 -1.43
CA ILE E 178 11.32 41.19 -0.35
C ILE E 178 12.59 41.93 -0.76
N VAL E 179 13.52 41.24 -1.42
CA VAL E 179 14.77 41.88 -1.83
C VAL E 179 14.52 42.91 -2.91
N GLU E 180 13.63 42.61 -3.85
CA GLU E 180 13.22 43.61 -4.84
C GLU E 180 12.67 44.85 -4.14
N LEU E 181 11.82 44.66 -3.13
CA LEU E 181 11.29 45.77 -2.37
C LEU E 181 12.41 46.61 -1.75
N LEU E 182 13.41 45.93 -1.16
CA LEU E 182 14.50 46.67 -0.52
C LEU E 182 15.27 47.51 -1.53
N ARG E 183 15.65 46.92 -2.67
CA ARG E 183 16.36 47.69 -3.69
C ARG E 183 15.53 48.85 -4.20
N ASP E 184 14.25 48.60 -4.48
CA ASP E 184 13.40 49.65 -5.03
C ASP E 184 13.25 50.80 -4.06
N VAL E 185 13.08 50.50 -2.77
CA VAL E 185 12.97 51.57 -1.78
C VAL E 185 14.30 52.29 -1.62
N THR E 186 15.41 51.54 -1.62
CA THR E 186 16.73 52.18 -1.56
C THR E 186 16.90 53.16 -2.72
N LYS E 187 16.49 52.77 -3.93
CA LYS E 187 16.63 53.65 -5.07
C LYS E 187 15.61 54.78 -5.02
N GLU E 188 14.36 54.47 -4.64
CA GLU E 188 13.31 55.48 -4.67
C GLU E 188 13.57 56.59 -3.67
N PHE E 189 14.07 56.26 -2.48
CA PHE E 189 14.27 57.24 -1.42
C PHE E 189 15.73 57.57 -1.19
N ALA E 190 16.62 57.20 -2.11
CA ALA E 190 18.04 57.53 -2.00
C ALA E 190 18.60 57.11 -0.63
N LEU E 191 18.17 55.95 -0.16
CA LEU E 191 18.65 55.43 1.11
C LEU E 191 19.99 54.70 0.93
N ALA E 192 20.77 54.67 2.00
CA ALA E 192 21.96 53.84 2.09
C ALA E 192 21.62 52.60 2.89
N THR E 193 21.81 51.42 2.29
CA THR E 193 21.34 50.16 2.86
C THR E 193 22.49 49.18 2.97
N LEU E 194 22.77 48.75 4.19
CA LEU E 194 23.59 47.56 4.44
C LEU E 194 22.66 46.37 4.63
N MET E 195 22.92 45.28 3.92
CA MET E 195 22.04 44.11 3.93
C MET E 195 22.83 42.81 4.17
N VAL E 196 23.04 42.47 5.44
CA VAL E 196 23.61 41.18 5.78
C VAL E 196 22.72 40.11 5.18
N THR E 197 23.31 39.13 4.51
CA THR E 197 22.52 38.14 3.78
C THR E 197 23.09 36.74 3.95
N HIS E 198 22.18 35.77 3.85
CA HIS E 198 22.51 34.35 3.85
C HIS E 198 22.40 33.76 2.45
N ASP E 199 21.22 33.82 1.85
CA ASP E 199 21.06 33.37 0.48
C ASP E 199 21.91 34.25 -0.44
N ARG E 200 22.77 33.62 -1.23
CA ARG E 200 23.71 34.37 -2.06
C ARG E 200 23.11 34.83 -3.38
N SER E 201 21.90 34.37 -3.72
CA SER E 201 21.27 34.87 -4.93
C SER E 201 20.86 36.33 -4.79
N GLN E 202 20.78 36.84 -3.55
CA GLN E 202 20.36 38.21 -3.31
C GLN E 202 21.41 39.23 -3.76
N LEU E 203 22.64 38.79 -4.03
CA LEU E 203 23.69 39.72 -4.42
C LEU E 203 23.40 40.38 -5.76
N ALA E 204 22.55 39.77 -6.58
CA ALA E 204 22.17 40.37 -7.87
C ALA E 204 21.49 41.72 -7.67
N TYR E 205 21.00 42.01 -6.48
CA TYR E 205 20.29 43.24 -6.20
C TYR E 205 21.16 44.28 -5.52
N ALA E 206 22.40 43.93 -5.18
CA ALA E 206 23.29 44.81 -4.45
C ALA E 206 24.30 45.46 -5.39
N ASP E 207 24.62 46.73 -5.11
CA ASP E 207 25.58 47.44 -5.94
C ASP E 207 27.01 46.98 -5.65
N ARG E 208 27.33 46.72 -4.38
CA ARG E 208 28.62 46.17 -4.00
C ARG E 208 28.41 45.09 -2.94
N PHE E 209 29.48 44.38 -2.61
CA PHE E 209 29.43 43.40 -1.53
C PHE E 209 30.77 43.39 -0.83
N VAL E 210 30.75 43.23 0.48
CA VAL E 210 31.95 42.99 1.28
C VAL E 210 31.91 41.56 1.80
N GLU E 211 32.89 40.76 1.40
CA GLU E 211 33.04 39.42 1.97
C GLU E 211 33.97 39.47 3.18
N MET E 212 33.63 38.69 4.20
CA MET E 212 34.30 38.75 5.48
C MET E 212 34.64 37.34 5.96
N ALA E 213 35.78 37.22 6.65
CA ALA E 213 36.21 35.95 7.20
C ALA E 213 37.00 36.19 8.47
N ASP E 214 36.63 35.49 9.54
CA ASP E 214 37.33 35.56 10.83
C ASP E 214 37.45 37.01 11.31
N GLY E 215 36.40 37.79 11.10
CA GLY E 215 36.39 39.15 11.59
C GLY E 215 37.30 40.07 10.81
N LYS E 216 37.26 39.99 9.48
CA LYS E 216 38.10 40.81 8.64
C LYS E 216 37.45 40.94 7.27
N ALA E 217 37.39 42.15 6.74
CA ALA E 217 36.89 42.33 5.39
C ALA E 217 37.90 41.71 4.43
N LEU E 218 37.41 40.89 3.50
CA LEU E 218 38.30 40.18 2.58
C LEU E 218 38.47 40.93 1.26
N GLN E 219 37.37 41.40 0.67
CA GLN E 219 37.46 42.21 -0.55
C GLN E 219 36.11 42.84 -0.83
N THR E 220 36.14 44.10 -1.25
CA THR E 220 34.95 44.89 -1.54
C THR E 220 34.86 45.06 -3.05
N ALA E 221 33.88 44.43 -3.67
CA ALA E 221 33.69 44.53 -5.12
C ALA E 221 32.43 45.31 -5.45
N MET F 1 4.65 55.54 26.66
CA MET F 1 3.32 55.39 27.24
C MET F 1 2.34 54.88 26.18
N PHE F 2 2.78 54.91 24.92
CA PHE F 2 1.96 54.44 23.82
C PHE F 2 1.69 52.95 23.94
N LEU F 3 2.76 52.13 23.98
CA LEU F 3 2.60 50.69 24.12
C LEU F 3 1.96 50.33 25.44
N GLY F 4 2.34 51.03 26.52
CA GLY F 4 1.85 50.68 27.85
C GLY F 4 0.33 50.69 27.92
N ILE F 5 -0.30 51.72 27.35
CA ILE F 5 -1.75 51.84 27.45
C ILE F 5 -2.44 50.73 26.64
N ARG F 6 -1.86 50.38 25.49
CA ARG F 6 -2.44 49.36 24.63
C ARG F 6 -2.10 47.95 25.08
N ASP F 7 -1.01 47.78 25.83
CA ASP F 7 -0.80 46.52 26.53
C ASP F 7 -1.94 46.21 27.48
N ILE F 8 -2.44 47.24 28.18
CA ILE F 8 -3.54 47.05 29.11
C ILE F 8 -4.82 46.68 28.36
N ARG F 9 -5.09 47.38 27.26
CA ARG F 9 -6.29 47.10 26.48
C ARG F 9 -6.29 45.65 26.00
N ALA F 10 -5.17 45.18 25.46
CA ALA F 10 -5.08 43.87 24.84
C ALA F 10 -4.86 42.75 25.86
N ALA F 11 -4.48 43.10 27.10
CA ALA F 11 -4.30 42.12 28.17
C ALA F 11 -4.98 42.65 29.42
N ALA F 12 -6.31 42.77 29.35
CA ALA F 12 -7.07 43.28 30.48
C ALA F 12 -7.25 42.24 31.58
N GLY F 13 -7.06 40.97 31.28
CA GLY F 13 -7.24 39.93 32.27
C GLY F 13 -6.27 40.03 33.43
N ARG F 14 -4.96 39.97 33.14
CA ARG F 14 -3.96 39.98 34.21
C ARG F 14 -3.99 41.29 34.99
N PHE F 15 -4.19 42.42 34.31
CA PHE F 15 -4.24 43.70 35.00
C PHE F 15 -5.46 43.82 35.89
N ALA F 16 -6.59 43.23 35.48
CA ALA F 16 -7.76 43.21 36.34
C ALA F 16 -7.48 42.46 37.63
N LEU F 17 -6.76 41.34 37.54
CA LEU F 17 -6.42 40.58 38.73
C LEU F 17 -5.60 41.41 39.71
N ILE F 18 -4.55 42.07 39.21
CA ILE F 18 -3.67 42.85 40.09
C ILE F 18 -4.39 44.07 40.61
N ALA F 19 -5.17 44.75 39.76
CA ALA F 19 -5.89 45.93 40.20
C ALA F 19 -6.88 45.60 41.31
N SER F 20 -7.47 44.41 41.28
CA SER F 20 -8.36 43.98 42.35
C SER F 20 -7.59 43.84 43.66
N VAL F 21 -6.38 43.29 43.61
CA VAL F 21 -5.57 43.15 44.83
C VAL F 21 -5.28 44.52 45.43
N VAL F 22 -4.88 45.49 44.59
CA VAL F 22 -4.68 46.84 45.07
C VAL F 22 -5.99 47.43 45.58
N GLY F 23 -7.09 47.13 44.89
CA GLY F 23 -8.38 47.62 45.33
C GLY F 23 -8.81 47.05 46.67
N LEU F 24 -8.56 45.75 46.88
CA LEU F 24 -8.87 45.15 48.17
C LEU F 24 -8.08 45.80 49.29
N ILE F 25 -6.77 45.99 49.07
CA ILE F 25 -5.94 46.59 50.11
C ILE F 25 -6.38 48.02 50.39
N THR F 26 -6.71 48.78 49.34
CA THR F 26 -7.23 50.13 49.56
C THR F 26 -8.59 50.10 50.24
N LEU F 27 -9.44 49.15 49.87
CA LEU F 27 -10.72 49.01 50.55
C LEU F 27 -10.51 48.77 52.04
N LEU F 28 -9.65 47.82 52.39
CA LEU F 28 -9.36 47.58 53.81
C LEU F 28 -8.81 48.83 54.48
N ILE F 29 -7.91 49.54 53.80
CA ILE F 29 -7.30 50.72 54.40
C ILE F 29 -8.33 51.83 54.58
N VAL F 30 -9.22 52.02 53.60
CA VAL F 30 -10.20 53.11 53.67
C VAL F 30 -11.14 52.90 54.86
N MET F 31 -11.64 51.67 55.02
CA MET F 31 -12.53 51.42 56.16
C MET F 31 -11.76 51.32 57.46
N LEU F 32 -10.55 50.77 57.42
CA LEU F 32 -9.73 50.77 58.63
C LEU F 32 -9.42 52.20 59.06
N THR F 33 -9.08 53.06 58.09
CA THR F 33 -8.87 54.47 58.39
C THR F 33 -10.12 55.10 58.96
N GLY F 34 -11.26 54.90 58.29
CA GLY F 34 -12.50 55.45 58.79
C GLY F 34 -12.89 54.93 60.16
N LEU F 35 -12.55 53.67 60.44
CA LEU F 35 -12.93 53.08 61.73
C LEU F 35 -12.11 53.69 62.87
N THR F 36 -10.83 54.01 62.61
CA THR F 36 -10.00 54.62 63.63
C THR F 36 -10.46 56.04 63.94
N GLN F 37 -10.90 56.78 62.92
CA GLN F 37 -11.48 58.09 63.16
C GLN F 37 -12.81 57.97 63.89
N GLY F 38 -13.60 56.94 63.58
CA GLY F 38 -14.85 56.75 64.29
C GLY F 38 -14.66 56.42 65.76
N LEU F 39 -13.73 55.51 66.05
CA LEU F 39 -13.44 55.14 67.44
C LEU F 39 -12.84 56.31 68.22
N GLY F 40 -12.04 57.16 67.56
CA GLY F 40 -11.48 58.30 68.25
C GLY F 40 -12.53 59.25 68.79
N LYS F 41 -13.58 59.50 67.99
CA LYS F 41 -14.68 60.33 68.48
C LYS F 41 -15.51 59.62 69.53
N GLN F 42 -15.56 58.28 69.50
CA GLN F 42 -16.26 57.55 70.54
C GLN F 42 -15.65 57.82 71.91
N ASN F 43 -14.35 58.11 71.96
CA ASN F 43 -13.67 58.41 73.22
C ASN F 43 -13.53 59.89 73.48
N THR F 44 -13.48 60.73 72.45
CA THR F 44 -13.10 62.12 72.60
C THR F 44 -14.16 63.12 72.15
N SER F 45 -15.28 62.68 71.57
CA SER F 45 -16.21 63.63 70.99
C SER F 45 -16.70 64.63 72.02
N ALA F 46 -16.90 64.17 73.26
CA ALA F 46 -17.41 65.07 74.29
C ALA F 46 -16.38 66.13 74.67
N ILE F 47 -15.16 65.70 74.99
CA ILE F 47 -14.13 66.65 75.40
C ILE F 47 -13.81 67.62 74.26
N GLU F 48 -13.73 67.11 73.03
CA GLU F 48 -13.47 67.97 71.89
C GLU F 48 -14.53 69.06 71.77
N ALA F 49 -15.80 68.71 71.96
CA ALA F 49 -16.87 69.70 71.89
C ALA F 49 -16.61 70.87 72.83
N LEU F 50 -16.16 70.58 74.06
CA LEU F 50 -15.87 71.62 75.02
C LEU F 50 -14.71 72.50 74.59
N ALA F 51 -13.84 72.02 73.71
CA ALA F 51 -12.76 72.80 73.13
C ALA F 51 -11.95 73.57 74.17
N PRO F 52 -11.28 72.88 75.08
CA PRO F 52 -10.38 73.56 76.00
C PRO F 52 -9.01 73.81 75.39
N HIS F 53 -8.35 74.85 75.88
CA HIS F 53 -6.98 75.14 75.45
C HIS F 53 -5.99 74.21 76.14
N SER F 54 -5.92 74.30 77.47
CA SER F 54 -5.16 73.36 78.27
C SER F 54 -6.09 72.70 79.29
N VAL F 55 -5.63 71.61 79.88
CA VAL F 55 -6.43 70.87 80.86
C VAL F 55 -5.50 70.39 81.96
N VAL F 56 -5.83 70.74 83.21
CA VAL F 56 -5.00 70.43 84.37
C VAL F 56 -5.52 69.15 85.01
N PHE F 57 -4.63 68.20 85.25
CA PHE F 57 -4.93 66.91 85.85
C PHE F 57 -4.36 66.85 87.27
N THR F 58 -4.61 65.72 87.92
CA THR F 58 -4.04 65.41 89.24
C THR F 58 -3.47 64.00 89.17
N THR F 59 -2.26 63.82 89.68
CA THR F 59 -1.56 62.56 89.56
C THR F 59 -1.14 62.06 90.94
N ALA F 60 -0.56 60.86 90.98
CA ALA F 60 -0.01 60.28 92.18
C ALA F 60 1.31 59.59 91.84
N GLY F 61 2.33 59.86 92.64
CA GLY F 61 3.64 59.28 92.37
C GLY F 61 4.24 59.70 91.04
N GLY F 62 3.87 60.87 90.54
CA GLY F 62 4.39 61.36 89.27
C GLY F 62 4.15 60.43 88.10
N SER F 63 3.11 59.60 88.17
CA SER F 63 2.80 58.69 87.08
C SER F 63 2.07 59.43 85.96
N SER F 64 1.86 58.72 84.86
CA SER F 64 1.13 59.31 83.74
C SER F 64 -0.30 59.62 84.14
N PRO F 65 -0.85 60.78 83.74
CA PRO F 65 -2.22 61.11 84.12
C PRO F 65 -3.24 60.13 83.52
N GLU F 66 -4.29 59.86 84.29
CA GLU F 66 -5.37 58.99 83.86
C GLU F 66 -6.70 59.61 84.26
N PHE F 67 -7.64 59.67 83.31
CA PHE F 67 -8.98 60.15 83.62
C PHE F 67 -9.66 59.30 84.67
N THR F 68 -9.24 58.04 84.84
CA THR F 68 -9.86 57.16 85.81
C THR F 68 -9.39 57.40 87.25
N SER F 69 -8.38 58.24 87.45
CA SER F 69 -7.77 58.39 88.76
C SER F 69 -7.52 59.83 89.18
N SER F 70 -7.94 60.82 88.40
CA SER F 70 -7.67 62.22 88.69
C SER F 70 -8.85 62.87 89.39
N GLU F 71 -8.56 63.70 90.39
CA GLU F 71 -9.58 64.50 91.07
C GLU F 71 -9.00 65.87 91.37
N ILE F 72 -9.88 66.88 91.33
CA ILE F 72 -9.52 68.27 91.60
C ILE F 72 -10.19 68.67 92.90
N SER F 73 -9.38 69.09 93.89
CA SER F 73 -9.93 69.55 95.16
C SER F 73 -10.54 70.94 95.03
N GLU F 74 -11.38 71.29 95.99
CA GLU F 74 -12.08 72.58 95.94
C GLU F 74 -11.10 73.74 95.94
N GLN F 75 -10.09 73.68 96.82
CA GLN F 75 -9.06 74.71 96.82
C GLN F 75 -8.18 74.60 95.58
N GLN F 76 -7.92 73.36 95.14
CA GLN F 76 -7.16 73.15 93.92
C GLN F 76 -7.79 73.88 92.73
N ALA F 77 -9.11 73.89 92.67
CA ALA F 77 -9.80 74.59 91.58
C ALA F 77 -9.69 76.10 91.72
N GLU F 78 -9.68 76.61 92.95
CA GLU F 78 -9.61 78.06 93.14
C GLU F 78 -8.25 78.63 92.75
N ARG F 79 -7.19 77.82 92.84
CA ARG F 79 -5.85 78.30 92.47
C ARG F 79 -5.82 78.75 91.02
N TRP F 80 -6.07 77.82 90.09
CA TRP F 80 -6.05 78.11 88.66
C TRP F 80 -7.18 79.07 88.30
N LYS F 81 -6.82 80.30 87.94
CA LYS F 81 -7.80 81.30 87.55
C LYS F 81 -8.28 81.04 86.12
N ASP F 82 -9.49 81.52 85.83
CA ASP F 82 -10.11 81.35 84.52
C ASP F 82 -10.14 79.87 84.14
N SER F 83 -10.63 79.04 85.07
CA SER F 83 -10.65 77.60 84.87
C SER F 83 -11.99 77.05 85.31
N THR F 84 -12.42 75.98 84.65
CA THR F 84 -13.67 75.33 84.96
C THR F 84 -13.42 73.89 85.39
N PRO F 85 -13.97 73.45 86.53
CA PRO F 85 -13.78 72.06 86.94
C PRO F 85 -14.72 71.15 86.17
N LEU F 86 -14.16 70.08 85.61
CA LEU F 86 -14.93 69.08 84.88
C LEU F 86 -14.83 67.75 85.62
N GLY F 87 -15.97 67.19 85.99
CA GLY F 87 -16.02 65.87 86.60
C GLY F 87 -16.43 64.85 85.55
N VAL F 88 -15.64 63.78 85.46
CA VAL F 88 -15.86 62.74 84.46
C VAL F 88 -15.93 61.41 85.18
N SER F 89 -17.07 60.73 85.07
CA SER F 89 -17.23 59.41 85.65
C SER F 89 -18.10 58.57 84.74
N GLN F 90 -17.97 57.25 84.88
CA GLN F 90 -18.86 56.30 84.24
C GLN F 90 -19.53 55.47 85.31
N THR F 91 -20.85 55.37 85.25
CA THR F 91 -21.62 54.70 86.29
C THR F 91 -22.93 54.19 85.70
N ARG F 92 -23.70 53.50 86.54
CA ARG F 92 -24.95 52.92 86.09
C ARG F 92 -26.07 53.96 86.16
N ILE F 93 -26.85 54.05 85.09
CA ILE F 93 -28.06 54.87 85.07
C ILE F 93 -29.24 53.93 85.00
N GLU F 94 -30.25 54.18 85.83
CA GLU F 94 -31.41 53.31 85.92
C GLU F 94 -32.68 54.15 85.92
N SER F 95 -33.59 53.81 85.01
CA SER F 95 -34.91 54.41 84.94
C SER F 95 -35.95 53.43 85.46
N ASP F 96 -37.19 53.90 85.57
CA ASP F 96 -38.26 53.05 86.06
C ASP F 96 -38.46 51.81 85.19
N GLN F 97 -38.07 51.87 83.91
CA GLN F 97 -38.31 50.77 82.99
C GLN F 97 -37.05 50.05 82.51
N ASN F 98 -35.88 50.68 82.62
CA ASN F 98 -34.66 50.09 82.07
C ASN F 98 -33.47 50.70 82.77
N ALA F 99 -32.28 50.24 82.38
CA ALA F 99 -31.03 50.75 82.95
C ALA F 99 -29.88 50.43 82.01
N ASN F 100 -28.74 51.07 82.26
CA ASN F 100 -27.53 50.90 81.48
C ASN F 100 -26.42 51.69 82.15
N THR F 101 -25.21 51.53 81.64
CA THR F 101 -24.07 52.32 82.10
C THR F 101 -23.80 53.45 81.12
N THR F 102 -23.49 54.62 81.66
CA THR F 102 -23.25 55.80 80.84
C THR F 102 -22.19 56.66 81.49
N ALA F 103 -21.59 57.52 80.67
CA ALA F 103 -20.65 58.51 81.18
C ALA F 103 -21.39 59.74 81.67
N VAL F 104 -20.91 60.30 82.77
CA VAL F 104 -21.48 61.50 83.37
C VAL F 104 -20.38 62.55 83.43
N MET F 105 -20.63 63.70 82.82
CA MET F 105 -19.73 64.84 82.93
C MET F 105 -20.40 65.94 83.74
N GLY F 106 -19.63 66.52 84.66
CA GLY F 106 -20.16 67.57 85.51
C GLY F 106 -19.40 68.87 85.40
N LEU F 107 -20.12 69.97 85.23
CA LEU F 107 -19.53 71.30 85.16
C LEU F 107 -20.31 72.23 86.08
N PRO F 108 -19.75 73.40 86.40
CA PRO F 108 -20.47 74.32 87.29
C PRO F 108 -21.77 74.77 86.65
N GLU F 109 -22.79 74.95 87.49
CA GLU F 109 -24.12 75.29 86.99
C GLU F 109 -24.10 76.63 86.28
N GLY F 110 -24.82 76.68 85.17
CA GLY F 110 -24.93 77.89 84.37
C GLY F 110 -23.86 78.06 83.31
N THR F 111 -22.82 77.24 83.31
CA THR F 111 -21.81 77.33 82.27
C THR F 111 -22.42 76.97 80.92
N PRO F 112 -22.27 77.81 79.90
CA PRO F 112 -22.84 77.49 78.59
C PRO F 112 -22.17 76.26 77.98
N LEU F 113 -22.99 75.34 77.48
CA LEU F 113 -22.51 74.11 76.84
C LEU F 113 -22.19 74.36 75.37
N PRO F 114 -21.25 73.59 74.81
CA PRO F 114 -20.90 73.75 73.39
C PRO F 114 -22.11 73.56 72.49
N ASP F 115 -22.10 74.27 71.36
CA ASP F 115 -23.20 74.19 70.40
C ASP F 115 -23.48 72.75 69.98
N SER F 116 -22.47 71.88 70.04
CA SER F 116 -22.70 70.45 69.85
C SER F 116 -23.85 69.96 70.73
N VAL F 117 -23.94 70.48 71.96
CA VAL F 117 -24.98 70.08 72.87
C VAL F 117 -26.02 71.18 73.09
N GLY F 118 -25.63 72.45 72.98
CA GLY F 118 -26.55 73.55 73.16
C GLY F 118 -27.11 73.64 74.55
N GLY F 119 -27.96 74.63 74.80
CA GLY F 119 -28.46 74.80 76.14
C GLY F 119 -27.37 75.28 77.09
N PHE F 120 -27.71 75.22 78.38
CA PHE F 120 -26.81 75.62 79.45
C PHE F 120 -26.85 74.58 80.54
N ILE F 121 -25.76 74.49 81.31
CA ILE F 121 -25.74 73.58 82.45
C ILE F 121 -26.83 74.01 83.44
N GLU F 122 -27.79 73.12 83.66
CA GLU F 122 -28.86 73.37 84.60
C GLU F 122 -28.78 72.40 85.77
N GLN F 123 -29.43 72.77 86.87
CA GLN F 123 -29.48 71.90 88.03
C GLN F 123 -30.12 70.57 87.67
N GLY F 124 -29.41 69.49 87.97
CA GLY F 124 -29.86 68.15 87.62
C GLY F 124 -29.07 67.57 86.46
N ALA F 125 -29.69 66.64 85.72
CA ALA F 125 -29.01 65.94 84.64
C ALA F 125 -29.74 66.19 83.33
N LEU F 126 -28.98 66.55 82.30
CA LEU F 126 -29.50 66.71 80.95
C LEU F 126 -29.17 65.44 80.17
N LEU F 127 -30.20 64.73 79.76
CA LEU F 127 -29.93 63.45 79.12
C LEU F 127 -29.89 63.60 77.60
N PRO F 128 -29.03 62.82 76.95
CA PRO F 128 -29.09 62.72 75.49
C PRO F 128 -30.43 62.14 75.06
N ALA F 129 -30.98 62.69 73.98
CA ALA F 129 -32.32 62.29 73.54
C ALA F 129 -32.39 60.77 73.34
N GLU F 130 -31.32 60.19 72.80
CA GLU F 130 -31.31 58.74 72.57
C GLU F 130 -31.35 57.96 73.87
N LEU F 131 -30.64 58.44 74.89
CA LEU F 131 -30.66 57.77 76.19
C LEU F 131 -32.02 57.95 76.87
N ALA F 132 -32.59 59.16 76.78
CA ALA F 132 -33.91 59.38 77.36
C ALA F 132 -34.97 58.52 76.70
N ASP F 133 -34.87 58.33 75.38
CA ASP F 133 -35.80 57.44 74.70
C ASP F 133 -35.62 56.01 75.15
N PHE F 134 -34.37 55.57 75.32
CA PHE F 134 -34.12 54.21 75.79
C PHE F 134 -34.76 53.98 77.16
N LEU F 135 -34.60 54.94 78.07
CA LEU F 135 -35.13 54.81 79.42
C LEU F 135 -36.61 55.18 79.51
N HIS F 136 -37.20 55.73 78.46
CA HIS F 136 -38.60 56.14 78.46
C HIS F 136 -38.85 57.19 79.54
N VAL F 137 -37.99 58.20 79.58
CA VAL F 137 -38.08 59.28 80.55
C VAL F 137 -38.09 60.61 79.81
N ARG F 138 -38.85 61.56 80.34
CA ARG F 138 -38.96 62.91 79.78
C ARG F 138 -38.44 63.93 80.80
N ALA F 139 -38.59 65.21 80.45
CA ALA F 139 -38.16 66.26 81.35
C ALA F 139 -39.05 66.32 82.59
N GLY F 140 -38.42 66.26 83.76
CA GLY F 140 -39.11 66.30 85.03
C GLY F 140 -39.28 64.97 85.73
N ASP F 141 -38.86 63.88 85.11
CA ASP F 141 -38.96 62.56 85.71
C ASP F 141 -37.72 62.26 86.55
N HIS F 142 -37.90 61.44 87.57
CA HIS F 142 -36.81 61.06 88.45
C HIS F 142 -36.10 59.82 87.90
N ILE F 143 -34.77 59.83 87.98
CA ILE F 143 -33.95 58.72 87.50
C ILE F 143 -32.88 58.43 88.54
N THR F 144 -32.44 57.17 88.59
CA THR F 144 -31.38 56.73 89.49
C THR F 144 -30.06 56.77 88.73
N LEU F 145 -29.16 57.64 89.17
CA LEU F 145 -27.86 57.83 88.53
C LEU F 145 -26.79 57.44 89.55
N GLY F 146 -26.13 56.32 89.32
CA GLY F 146 -25.10 55.86 90.25
C GLY F 146 -25.60 55.68 91.66
N GLY F 147 -26.83 55.19 91.82
CA GLY F 147 -27.39 54.97 93.14
C GLY F 147 -28.01 56.20 93.78
N ALA F 148 -28.15 57.29 93.04
CA ALA F 148 -28.73 58.52 93.56
C ALA F 148 -29.87 58.99 92.67
N THR F 149 -30.93 59.48 93.29
CA THR F 149 -32.09 59.95 92.55
C THR F 149 -31.88 61.39 92.08
N VAL F 150 -32.02 61.60 90.78
CA VAL F 150 -31.82 62.91 90.17
C VAL F 150 -32.98 63.21 89.24
N THR F 151 -33.29 64.49 89.10
CA THR F 151 -34.37 64.92 88.22
C THR F 151 -33.81 65.23 86.83
N VAL F 152 -34.52 64.76 85.80
CA VAL F 152 -34.14 65.02 84.42
C VAL F 152 -34.47 66.48 84.11
N ALA F 153 -33.44 67.29 83.87
CA ALA F 153 -33.66 68.70 83.58
C ALA F 153 -34.08 68.94 82.15
N GLY F 154 -33.70 68.04 81.25
CA GLY F 154 -34.02 68.19 79.84
C GLY F 154 -33.15 67.30 79.00
N THR F 155 -33.46 67.28 77.71
CA THR F 155 -32.72 66.49 76.74
C THR F 155 -31.74 67.35 75.98
N VAL F 156 -30.70 66.71 75.45
CA VAL F 156 -29.65 67.39 74.70
C VAL F 156 -29.17 66.46 73.60
N LYS F 157 -28.17 66.91 72.83
CA LYS F 157 -27.59 66.06 71.81
C LYS F 157 -26.59 65.09 72.44
N THR F 158 -26.05 64.20 71.64
CA THR F 158 -25.21 63.10 72.12
C THR F 158 -23.75 63.40 71.82
N GLU F 159 -22.92 63.39 72.86
CA GLU F 159 -21.48 63.30 72.77
C GLU F 159 -21.02 62.06 73.51
N ASN F 160 -19.76 61.68 73.31
CA ASN F 160 -19.29 60.38 73.77
C ASN F 160 -18.04 60.53 74.62
N TYR F 161 -17.89 59.62 75.59
CA TYR F 161 -16.69 59.50 76.39
C TYR F 161 -16.50 58.02 76.69
N SER F 162 -15.37 57.46 76.26
CA SER F 162 -15.08 56.05 76.45
C SER F 162 -16.20 55.18 75.89
N HIS F 163 -16.55 55.43 74.63
CA HIS F 163 -17.56 54.66 73.89
C HIS F 163 -18.93 54.70 74.55
N THR F 164 -19.17 55.67 75.43
CA THR F 164 -20.46 55.85 76.09
C THR F 164 -20.94 57.28 75.88
N PRO F 165 -22.25 57.49 75.83
CA PRO F 165 -22.78 58.85 75.77
C PRO F 165 -22.59 59.59 77.09
N VAL F 166 -22.49 60.92 76.98
CA VAL F 166 -22.21 61.78 78.11
C VAL F 166 -23.52 62.41 78.60
N VAL F 167 -23.85 62.18 79.87
CA VAL F 167 -24.94 62.87 80.53
C VAL F 167 -24.36 64.08 81.26
N TRP F 168 -24.91 65.25 80.99
CA TRP F 168 -24.35 66.51 81.49
C TRP F 168 -25.13 66.98 82.72
N VAL F 169 -24.40 67.21 83.81
CA VAL F 169 -24.99 67.60 85.09
C VAL F 169 -24.17 68.76 85.66
N ASP F 170 -24.76 69.42 86.64
CA ASP F 170 -24.06 70.47 87.37
C ASP F 170 -23.02 69.88 88.31
N THR F 171 -21.99 70.68 88.61
CA THR F 171 -20.88 70.20 89.44
C THR F 171 -21.38 69.59 90.73
N ALA F 172 -22.45 70.15 91.30
CA ALA F 172 -22.99 69.60 92.55
C ALA F 172 -23.54 68.20 92.32
N THR F 173 -24.29 67.99 91.24
CA THR F 173 -24.88 66.68 90.99
C THR F 173 -23.81 65.63 90.76
N TRP F 174 -22.78 65.96 89.99
CA TRP F 174 -21.73 64.99 89.70
C TRP F 174 -21.05 64.52 90.99
N GLN F 175 -20.84 65.44 91.94
CA GLN F 175 -20.22 65.04 93.20
C GLN F 175 -21.05 64.00 93.94
N LEU F 176 -22.38 64.16 93.92
CA LEU F 176 -23.24 63.17 94.59
C LEU F 176 -23.19 61.83 93.88
N VAL F 177 -23.14 61.83 92.54
CA VAL F 177 -23.15 60.57 91.80
C VAL F 177 -21.79 59.88 91.84
N SER F 178 -20.69 60.65 91.96
CA SER F 178 -19.36 60.08 91.95
C SER F 178 -18.73 59.94 93.33
N HIS F 179 -19.44 60.36 94.38
CA HIS F 179 -19.01 60.12 95.75
C HIS F 179 -17.61 60.69 96.02
N THR F 180 -17.49 62.00 95.80
CA THR F 180 -16.19 62.65 95.97
C THR F 180 -16.38 64.08 96.46
N LYS F 181 -15.44 64.52 97.30
CA LYS F 181 -15.41 65.91 97.74
C LYS F 181 -14.75 66.82 96.72
N ALA F 182 -14.12 66.26 95.68
CA ALA F 182 -13.51 67.07 94.64
C ALA F 182 -14.57 67.81 93.84
N VAL F 183 -14.16 68.93 93.24
CA VAL F 183 -15.05 69.73 92.40
C VAL F 183 -15.04 69.25 90.95
N GLY F 184 -14.19 68.31 90.60
CA GLY F 184 -14.15 67.80 89.25
C GLY F 184 -12.99 66.83 89.10
N THR F 185 -12.87 66.30 87.89
CA THR F 185 -11.78 65.40 87.58
C THR F 185 -10.65 66.07 86.82
N VAL F 186 -10.94 67.12 86.05
CA VAL F 186 -9.92 67.90 85.37
C VAL F 186 -10.33 69.37 85.42
N LEU F 187 -9.41 70.24 85.01
CA LEU F 187 -9.68 71.68 84.94
C LEU F 187 -9.48 72.15 83.51
N LEU F 188 -10.52 72.73 82.92
CA LEU F 188 -10.46 73.23 81.55
C LEU F 188 -9.97 74.68 81.56
N LEU F 189 -8.90 74.95 80.81
CA LEU F 189 -8.31 76.28 80.69
C LEU F 189 -8.47 76.75 79.25
N ASN F 190 -9.11 77.89 79.06
CA ASN F 190 -9.31 78.41 77.70
C ASN F 190 -8.12 79.22 77.20
N GLN F 191 -7.36 79.86 78.09
CA GLN F 191 -6.15 80.56 77.71
C GLN F 191 -4.93 79.75 78.13
N GLU F 192 -3.75 80.27 77.82
CA GLU F 192 -2.51 79.60 78.22
C GLU F 192 -2.27 79.76 79.72
N PRO F 193 -1.85 78.71 80.41
CA PRO F 193 -1.63 78.82 81.86
C PRO F 193 -0.41 79.66 82.18
N THR F 194 -0.59 80.63 83.07
CA THR F 194 0.49 81.52 83.49
C THR F 194 0.99 81.19 84.90
N ILE F 195 0.52 80.09 85.49
CA ILE F 195 0.93 79.64 86.80
C ILE F 195 1.65 78.31 86.67
N GLN F 196 2.64 78.09 87.54
CA GLN F 196 3.35 76.82 87.55
C GLN F 196 2.59 75.80 88.40
N PRO F 197 2.55 74.55 87.98
CA PRO F 197 1.72 73.55 88.66
C PRO F 197 2.41 72.92 89.86
N GLN F 198 1.60 72.30 90.70
CA GLN F 198 2.07 71.66 91.92
C GLN F 198 2.63 70.27 91.61
N ASP F 199 3.30 69.69 92.60
CA ASP F 199 3.89 68.36 92.44
C ASP F 199 2.87 67.36 91.92
N ASN F 200 1.62 67.45 92.38
CA ASN F 200 0.58 66.52 91.98
C ASN F 200 -0.20 66.97 90.74
N GLU F 201 0.04 68.18 90.25
CA GLU F 201 -0.66 68.71 89.08
C GLU F 201 0.19 68.56 87.83
N VAL F 202 -0.50 68.56 86.68
CA VAL F 202 0.13 68.40 85.37
C VAL F 202 -0.74 69.07 84.32
N VAL F 203 -0.15 69.98 83.55
CA VAL F 203 -0.86 70.65 82.46
C VAL F 203 -0.58 69.91 81.15
N THR F 204 -1.63 69.78 80.34
CA THR F 204 -1.54 69.06 79.07
C THR F 204 -2.42 69.73 78.03
N ASP F 205 -2.04 69.59 76.76
CA ASP F 205 -2.84 70.09 75.66
C ASP F 205 -4.01 69.16 75.36
N LEU F 206 -4.92 69.63 74.51
CA LEU F 206 -6.11 68.86 74.18
C LEU F 206 -5.75 67.48 73.64
N LYS F 207 -4.78 67.42 72.72
CA LYS F 207 -4.38 66.13 72.19
C LYS F 207 -3.86 65.20 73.27
N GLY F 208 -2.88 65.67 74.06
CA GLY F 208 -2.34 64.83 75.13
C GLY F 208 -3.39 64.43 76.15
N ALA F 209 -4.45 65.23 76.29
CA ALA F 209 -5.52 64.89 77.21
C ALA F 209 -6.22 63.60 76.82
N PHE F 210 -6.27 63.28 75.53
CA PHE F 210 -6.92 62.04 75.10
C PHE F 210 -6.13 60.82 75.57
N GLN F 211 -4.80 60.92 75.62
CA GLN F 211 -3.98 59.81 76.09
C GLN F 211 -4.28 59.47 77.56
N ALA F 212 -4.93 60.37 78.29
CA ALA F 212 -5.32 60.07 79.66
C ALA F 212 -6.56 59.19 79.75
N MET F 213 -7.23 58.93 78.64
CA MET F 213 -8.36 58.01 78.67
C MET F 213 -7.86 56.58 78.57
N PRO F 214 -8.43 55.66 79.35
CA PRO F 214 -7.83 54.31 79.44
C PRO F 214 -7.84 53.55 78.13
N ALA F 215 -8.98 53.48 77.45
CA ALA F 215 -9.09 52.67 76.24
C ALA F 215 -8.47 53.33 75.02
N TYR F 216 -8.28 54.66 75.03
CA TYR F 216 -8.02 55.39 73.80
C TYR F 216 -6.64 55.10 73.24
N LYS F 217 -5.59 55.43 74.01
CA LYS F 217 -4.23 55.34 73.48
C LYS F 217 -3.88 53.91 73.09
N SER F 218 -4.15 52.95 73.97
CA SER F 218 -3.77 51.57 73.72
C SER F 218 -4.56 50.96 72.56
N GLU F 219 -5.60 51.65 72.08
CA GLU F 219 -6.44 51.15 71.01
C GLU F 219 -6.28 51.90 69.69
N ARG F 220 -6.03 53.21 69.74
CA ARG F 220 -5.75 53.94 68.50
C ARG F 220 -4.37 53.60 67.96
N SER F 221 -3.39 53.41 68.84
CA SER F 221 -2.04 53.07 68.39
C SER F 221 -2.05 51.78 67.60
N SER F 222 -2.76 50.76 68.10
CA SER F 222 -2.80 49.49 67.40
C SER F 222 -3.45 49.63 66.03
N LEU F 223 -4.50 50.46 65.93
CA LEU F 223 -5.14 50.68 64.63
C LEU F 223 -4.21 51.40 63.67
N LEU F 224 -3.46 52.38 64.16
CA LEU F 224 -2.51 53.09 63.29
C LEU F 224 -1.39 52.17 62.84
N SER F 225 -0.91 51.30 63.73
CA SER F 225 0.14 50.36 63.34
C SER F 225 -0.34 49.45 62.23
N MET F 226 -1.58 48.95 62.32
CA MET F 226 -2.12 48.14 61.22
C MET F 226 -2.17 48.93 59.92
N GLN F 227 -2.59 50.20 59.98
CA GLN F 227 -2.61 51.02 58.78
C GLN F 227 -1.21 51.17 58.20
N ALA F 228 -0.20 51.30 59.06
CA ALA F 228 1.18 51.42 58.59
C ALA F 228 1.62 50.14 57.87
N PHE F 229 1.31 48.97 58.46
CA PHE F 229 1.59 47.72 57.78
C PHE F 229 0.85 47.63 56.45
N LEU F 230 -0.40 48.10 56.41
CA LEU F 230 -1.17 48.02 55.17
C LEU F 230 -0.56 48.91 54.09
N TYR F 231 -0.12 50.12 54.45
CA TYR F 231 0.56 50.96 53.48
C TYR F 231 1.83 50.30 52.98
N ILE F 232 2.61 49.72 53.90
CA ILE F 232 3.84 49.03 53.50
C ILE F 232 3.53 47.84 52.62
N ILE F 233 2.53 47.04 53.01
CA ILE F 233 2.18 45.87 52.22
C ILE F 233 1.77 46.28 50.80
N SER F 234 1.01 47.37 50.68
CA SER F 234 0.64 47.85 49.34
C SER F 234 1.87 48.16 48.51
N ALA F 235 2.82 48.92 49.08
CA ALA F 235 4.03 49.29 48.36
C ALA F 235 4.77 48.06 47.85
N LEU F 236 4.96 47.06 48.72
CA LEU F 236 5.69 45.86 48.30
C LEU F 236 4.93 45.09 47.22
N VAL F 237 3.60 45.03 47.32
CA VAL F 237 2.82 44.30 46.33
C VAL F 237 3.09 44.84 44.93
N THR F 238 3.07 46.17 44.77
CA THR F 238 3.38 46.75 43.46
C THR F 238 4.82 46.46 43.07
N VAL F 239 5.76 46.66 43.99
CA VAL F 239 7.16 46.43 43.69
C VAL F 239 7.39 44.98 43.28
N ALA F 240 6.84 44.05 44.06
CA ALA F 240 6.97 42.63 43.73
C ALA F 240 6.36 42.34 42.36
N PHE F 241 5.14 42.80 42.14
CA PHE F 241 4.47 42.53 40.87
C PHE F 241 5.19 43.18 39.70
N LEU F 242 5.53 44.48 39.83
CA LEU F 242 6.08 45.21 38.69
C LEU F 242 7.46 44.71 38.31
N THR F 243 8.24 44.21 39.26
CA THR F 243 9.54 43.64 38.91
C THR F 243 9.37 42.41 38.01
N VAL F 244 8.50 41.48 38.42
CA VAL F 244 8.24 40.31 37.60
C VAL F 244 7.60 40.71 36.28
N TRP F 245 6.73 41.72 36.30
CA TRP F 245 6.05 42.13 35.08
C TRP F 245 7.01 42.79 34.09
N THR F 246 7.79 43.77 34.56
CA THR F 246 8.72 44.44 33.66
C THR F 246 9.73 43.45 33.08
N LEU F 247 10.11 42.43 33.84
CA LEU F 247 10.94 41.36 33.30
C LEU F 247 10.24 40.64 32.16
N GLN F 248 8.90 40.61 32.19
CA GLN F 248 8.15 39.99 31.10
C GLN F 248 8.24 40.79 29.81
N ARG F 249 8.42 42.10 29.90
CA ARG F 249 8.48 42.96 28.72
C ARG F 249 9.89 43.10 28.15
N THR F 250 10.89 42.49 28.77
CA THR F 250 12.29 42.66 28.37
C THR F 250 12.46 42.58 26.86
N ARG F 251 11.78 41.63 26.20
CA ARG F 251 11.96 41.48 24.76
C ARG F 251 11.36 42.65 24.01
N ASP F 252 10.13 43.03 24.35
CA ASP F 252 9.49 44.16 23.68
C ASP F 252 10.19 45.48 24.01
N ILE F 253 10.66 45.62 25.26
CA ILE F 253 11.39 46.83 25.63
C ILE F 253 12.69 46.94 24.84
N ALA F 254 13.36 45.79 24.64
CA ALA F 254 14.59 45.79 23.85
C ALA F 254 14.33 46.24 22.41
N VAL F 255 13.22 45.80 21.83
CA VAL F 255 12.91 46.18 20.46
C VAL F 255 12.73 47.68 20.35
N LEU F 256 11.99 48.28 21.28
CA LEU F 256 11.80 49.72 21.27
C LEU F 256 13.10 50.45 21.57
N ALA F 257 13.90 49.92 22.50
CA ALA F 257 15.21 50.49 22.78
C ALA F 257 16.10 50.41 21.54
N ALA F 258 16.11 49.25 20.88
CA ALA F 258 16.92 49.10 19.68
C ALA F 258 16.53 50.11 18.61
N LEU F 259 15.24 50.40 18.49
CA LEU F 259 14.78 51.36 17.48
C LEU F 259 15.25 52.78 17.77
N GLY F 260 15.63 53.09 19.01
CA GLY F 260 16.10 54.41 19.34
C GLY F 260 15.34 55.10 20.46
N ALA F 261 14.41 54.38 21.09
CA ALA F 261 13.65 54.97 22.19
C ALA F 261 14.58 55.38 23.33
N SER F 262 14.47 56.63 23.76
CA SER F 262 15.30 57.14 24.84
C SER F 262 14.98 56.42 26.15
N LYS F 263 15.90 56.54 27.12
CA LYS F 263 15.67 55.97 28.43
C LYS F 263 14.47 56.61 29.11
N ARG F 264 14.35 57.94 29.02
CA ARG F 264 13.20 58.62 29.58
C ARG F 264 11.90 58.09 29.00
N TYR F 265 11.88 57.82 27.69
CA TYR F 265 10.66 57.34 27.05
C TYR F 265 10.25 55.99 27.62
N LEU F 266 11.19 55.05 27.75
CA LEU F 266 10.85 53.72 28.24
C LEU F 266 10.39 53.77 29.70
N LEU F 267 11.03 54.59 30.52
CA LEU F 267 10.64 54.69 31.92
C LEU F 267 9.27 55.35 32.06
N ILE F 268 9.01 56.39 31.26
CA ILE F 268 7.70 57.02 31.28
C ILE F 268 6.63 56.02 30.82
N ASP F 269 6.97 55.22 29.81
CA ASP F 269 6.05 54.18 29.35
C ASP F 269 5.65 53.27 30.50
N ALA F 270 6.63 52.77 31.25
CA ALA F 270 6.34 51.82 32.33
C ALA F 270 5.50 52.47 33.43
N LEU F 271 5.89 53.67 33.87
CA LEU F 271 5.14 54.34 34.93
C LEU F 271 3.74 54.72 34.48
N GLY F 272 3.57 55.11 33.22
CA GLY F 272 2.24 55.37 32.71
C GLY F 272 1.34 54.15 32.83
N GLN F 273 1.86 52.99 32.45
CA GLN F 273 1.12 51.75 32.62
C GLN F 273 0.83 51.49 34.10
N ALA F 274 1.84 51.64 34.95
CA ALA F 274 1.64 51.42 36.37
C ALA F 274 0.69 52.46 36.97
N ALA F 275 0.85 53.73 36.61
CA ALA F 275 0.00 54.77 37.17
C ALA F 275 -1.45 54.55 36.80
N ILE F 276 -1.72 54.18 35.55
CA ILE F 276 -3.09 53.90 35.12
C ILE F 276 -3.65 52.72 35.92
N ILE F 277 -2.87 51.66 36.06
CA ILE F 277 -3.34 50.50 36.81
C ILE F 277 -3.56 50.86 38.27
N LEU F 278 -2.60 51.57 38.87
CA LEU F 278 -2.74 51.98 40.27
C LEU F 278 -3.95 52.89 40.46
N ALA F 279 -4.17 53.81 39.52
CA ALA F 279 -5.35 54.67 39.59
C ALA F 279 -6.62 53.85 39.62
N ALA F 280 -6.75 52.90 38.69
CA ALA F 280 -7.92 52.02 38.68
C ALA F 280 -8.09 51.33 40.02
N GLY F 281 -7.03 50.69 40.52
CA GLY F 281 -7.12 49.99 41.78
C GLY F 281 -7.53 50.89 42.94
N VAL F 282 -6.89 52.06 43.03
CA VAL F 282 -7.17 52.97 44.13
C VAL F 282 -8.59 53.53 44.02
N ALA F 283 -9.01 53.89 42.80
CA ALA F 283 -10.35 54.41 42.62
C ALA F 283 -11.40 53.37 43.04
N LEU F 284 -11.24 52.13 42.60
CA LEU F 284 -12.20 51.09 42.96
C LEU F 284 -12.22 50.85 44.46
N GLY F 285 -11.05 50.78 45.09
CA GLY F 285 -11.00 50.57 46.53
C GLY F 285 -11.65 51.70 47.30
N ALA F 286 -11.34 52.94 46.93
CA ALA F 286 -11.93 54.08 47.63
C ALA F 286 -13.41 54.22 47.33
N GLY F 287 -13.84 53.84 46.13
CA GLY F 287 -15.25 53.81 45.81
C GLY F 287 -16.02 52.85 46.68
N ILE F 288 -15.64 51.56 46.64
CA ILE F 288 -16.29 50.58 47.50
C ILE F 288 -16.12 50.92 48.97
N GLY F 289 -14.99 51.52 49.33
CA GLY F 289 -14.72 51.88 50.71
C GLY F 289 -15.71 52.88 51.25
N ALA F 290 -15.83 54.04 50.59
CA ALA F 290 -16.78 55.04 51.04
C ALA F 290 -18.21 54.51 51.00
N LEU F 291 -18.55 53.74 49.96
CA LEU F 291 -19.88 53.16 49.89
C LEU F 291 -20.09 52.12 50.97
N LEU F 292 -19.17 51.16 51.07
CA LEU F 292 -19.27 50.14 52.13
C LEU F 292 -19.21 50.77 53.50
N GLY F 293 -18.38 51.81 53.67
CA GLY F 293 -18.28 52.46 54.96
C GLY F 293 -19.56 53.18 55.35
N TRP F 294 -20.12 53.95 54.41
CA TRP F 294 -21.41 54.60 54.66
C TRP F 294 -22.48 53.57 55.00
N LEU F 295 -22.41 52.38 54.39
CA LEU F 295 -23.36 51.31 54.69
C LEU F 295 -23.19 50.76 56.09
N ILE F 296 -22.00 50.88 56.67
CA ILE F 296 -21.72 50.30 57.98
C ILE F 296 -21.81 51.32 59.12
N ALA F 297 -21.81 52.62 58.80
CA ALA F 297 -21.72 53.66 59.82
C ALA F 297 -22.94 53.66 60.75
N GLY F 298 -23.84 52.70 60.58
CA GLY F 298 -24.98 52.60 61.46
C GLY F 298 -24.83 51.56 62.55
N SER F 299 -24.09 50.49 62.26
CA SER F 299 -23.86 49.42 63.22
C SER F 299 -22.55 49.58 63.99
N VAL F 300 -21.53 50.16 63.36
CA VAL F 300 -20.23 50.32 63.99
C VAL F 300 -19.81 51.78 63.91
N PRO F 301 -19.18 52.33 64.95
CA PRO F 301 -18.74 53.73 64.89
C PRO F 301 -17.72 53.92 63.78
N PHE F 302 -18.09 54.73 62.79
CA PHE F 302 -17.24 54.92 61.61
C PHE F 302 -17.40 56.35 61.12
N SER F 303 -16.33 57.15 61.24
CA SER F 303 -16.32 58.51 60.75
C SER F 303 -15.63 58.55 59.40
N LEU F 304 -16.38 58.97 58.37
CA LEU F 304 -15.89 58.93 56.99
C LEU F 304 -16.23 60.26 56.32
N GLY F 305 -15.19 61.05 56.02
CA GLY F 305 -15.37 62.26 55.24
C GLY F 305 -14.62 62.19 53.92
N TRP F 306 -14.33 63.35 53.32
CA TRP F 306 -13.56 63.36 52.08
C TRP F 306 -12.07 63.15 52.36
N VAL F 307 -11.57 63.71 53.47
CA VAL F 307 -10.14 63.59 53.76
C VAL F 307 -9.84 62.17 54.20
N SER F 308 -10.82 61.47 54.76
CA SER F 308 -10.62 60.11 55.24
C SER F 308 -10.73 59.06 54.14
N VAL F 309 -11.16 59.44 52.94
CA VAL F 309 -11.18 58.55 51.79
C VAL F 309 -10.08 58.90 50.79
N LEU F 310 -9.83 60.18 50.56
CA LEU F 310 -8.85 60.58 49.56
C LEU F 310 -7.44 60.69 50.13
N GLY F 311 -7.32 60.93 51.42
CA GLY F 311 -6.02 60.92 52.07
C GLY F 311 -5.34 59.58 51.87
N PRO F 312 -5.97 58.50 52.34
CA PRO F 312 -5.41 57.17 52.11
C PRO F 312 -5.30 56.82 50.63
N ALA F 313 -6.30 57.20 49.83
CA ALA F 313 -6.27 56.91 48.40
C ALA F 313 -5.03 57.50 47.74
N LEU F 314 -4.80 58.80 47.95
CA LEU F 314 -3.64 59.43 47.34
C LEU F 314 -2.35 58.88 47.91
N GLY F 315 -2.32 58.59 49.21
CA GLY F 315 -1.14 57.99 49.80
C GLY F 315 -0.81 56.63 49.19
N ILE F 316 -1.82 55.78 49.05
CA ILE F 316 -1.59 54.46 48.48
C ILE F 316 -1.13 54.57 47.03
N TRP F 317 -1.75 55.46 46.26
CA TRP F 317 -1.38 55.61 44.86
C TRP F 317 0.05 56.11 44.72
N LEU F 318 0.46 57.05 45.58
CA LEU F 318 1.82 57.55 45.51
C LEU F 318 2.82 56.52 46.03
N LEU F 319 2.46 55.81 47.10
CA LEU F 319 3.29 54.69 47.53
C LEU F 319 3.45 53.65 46.43
N GLY F 320 2.35 53.35 45.72
CA GLY F 320 2.45 52.41 44.61
C GLY F 320 3.29 52.95 43.46
N LEU F 321 3.15 54.25 43.18
CA LEU F 321 3.93 54.86 42.10
C LEU F 321 5.42 54.86 42.44
N ILE F 322 5.76 55.22 43.68
CA ILE F 322 7.15 55.18 44.11
C ILE F 322 7.68 53.74 44.08
N GLY F 323 6.88 52.80 44.57
CA GLY F 323 7.28 51.40 44.49
C GLY F 323 7.50 50.94 43.06
N ALA F 324 6.67 51.43 42.13
CA ALA F 324 6.79 51.00 40.74
C ALA F 324 8.12 51.43 40.14
N THR F 325 8.55 52.66 40.41
CA THR F 325 9.83 53.12 39.89
C THR F 325 10.97 52.23 40.35
N ILE F 326 10.94 51.79 41.61
CA ILE F 326 11.97 50.88 42.10
C ILE F 326 11.96 49.57 41.32
N ALA F 327 10.77 49.10 40.94
CA ALA F 327 10.66 47.82 40.24
C ALA F 327 10.96 47.95 38.76
N VAL F 328 10.73 49.14 38.18
CA VAL F 328 10.95 49.36 36.75
C VAL F 328 12.36 49.87 36.46
N ARG F 329 13.17 50.12 37.49
CA ARG F 329 14.51 50.66 37.28
C ARG F 329 15.26 49.95 36.16
N ASN F 330 15.04 48.65 36.01
CA ASN F 330 15.80 47.83 35.06
C ASN F 330 15.29 47.96 33.63
N VAL F 331 14.35 48.87 33.36
CA VAL F 331 13.90 49.07 31.99
C VAL F 331 14.93 49.82 31.18
N THR F 332 15.82 50.58 31.83
CA THR F 332 16.86 51.31 31.15
C THR F 332 18.18 50.53 31.06
N LYS F 333 18.30 49.43 31.79
CA LYS F 333 19.49 48.60 31.76
C LYS F 333 19.42 47.48 30.73
N VAL F 334 18.28 47.30 30.08
CA VAL F 334 18.12 46.24 29.09
C VAL F 334 18.99 46.57 27.88
N ASP F 335 19.89 45.66 27.53
CA ASP F 335 20.76 45.86 26.37
C ASP F 335 19.93 45.73 25.10
N PRO F 336 20.05 46.66 24.15
CA PRO F 336 19.23 46.58 22.93
C PRO F 336 19.66 45.47 21.98
N GLN F 337 20.83 44.87 22.18
CA GLN F 337 21.28 43.77 21.35
C GLN F 337 20.41 42.54 21.50
N ILE F 338 19.51 42.51 22.48
CA ILE F 338 18.64 41.35 22.66
C ILE F 338 17.67 41.17 21.50
N ALA F 339 17.47 42.20 20.68
CA ALA F 339 16.53 42.10 19.57
C ALA F 339 17.15 41.52 18.31
N LEU F 340 18.46 41.67 18.12
CA LEU F 340 19.12 41.18 16.92
C LEU F 340 19.42 39.69 16.98
N GLY F 341 19.22 39.04 18.14
CA GLY F 341 19.51 37.63 18.30
C GLY F 341 18.25 36.79 18.16
N ALA F 342 18.39 35.69 17.41
CA ALA F 342 17.30 34.77 17.18
C ALA F 342 17.46 33.48 17.99
N ALA G 3 16.46 -6.62 8.64
CA ALA G 3 16.31 -5.46 9.52
C ALA G 3 14.89 -4.90 9.46
N ALA G 4 14.47 -4.24 10.53
CA ALA G 4 13.15 -3.63 10.61
C ALA G 4 13.26 -2.16 10.94
N PRO G 5 12.38 -1.32 10.39
CA PRO G 5 12.53 0.12 10.57
C PRO G 5 12.24 0.55 12.00
N VAL G 6 12.88 1.64 12.40
CA VAL G 6 12.60 2.25 13.70
C VAL G 6 11.46 3.26 13.60
N LEU G 7 11.48 4.08 12.56
CA LEU G 7 10.49 5.13 12.35
C LEU G 7 9.87 4.93 10.98
N SER G 8 8.56 5.11 10.89
CA SER G 8 7.84 4.97 9.62
C SER G 8 6.88 6.14 9.44
N ILE G 9 7.22 7.05 8.55
CA ILE G 9 6.35 8.15 8.17
C ILE G 9 5.71 7.76 6.84
N THR G 10 4.45 7.36 6.87
CA THR G 10 3.75 6.87 5.68
C THR G 10 2.65 7.87 5.31
N ASN G 11 2.76 8.43 4.11
CA ASN G 11 1.77 9.36 3.59
C ASN G 11 1.37 10.38 4.65
N ALA G 12 2.38 11.02 5.24
CA ALA G 12 2.14 12.01 6.27
C ALA G 12 1.95 13.37 5.60
N SER G 13 1.00 14.14 6.12
CA SER G 13 0.70 15.45 5.56
C SER G 13 0.31 16.38 6.69
N VAL G 14 0.74 17.63 6.58
CA VAL G 14 0.44 18.65 7.57
C VAL G 14 -0.11 19.88 6.87
N VAL G 15 -1.26 20.36 7.32
CA VAL G 15 -1.84 21.61 6.88
C VAL G 15 -1.78 22.52 8.10
N TYR G 16 -0.95 23.51 8.04
CA TYR G 16 -0.70 24.31 9.22
C TYR G 16 -1.47 25.60 9.15
N PRO G 17 -2.22 25.98 10.19
CA PRO G 17 -2.84 27.31 10.18
C PRO G 17 -1.77 28.38 10.26
N ASP G 18 -1.51 29.03 9.12
CA ASP G 18 -0.45 30.03 9.01
C ASP G 18 -1.11 31.34 8.62
N GLY G 19 -0.99 32.35 9.48
CA GLY G 19 -1.58 33.63 9.17
C GLY G 19 -3.07 33.45 8.94
N ILE G 20 -3.57 34.05 7.87
CA ILE G 20 -5.01 33.98 7.60
C ILE G 20 -5.48 32.68 6.95
N SER G 21 -4.64 32.01 6.16
CA SER G 21 -5.07 30.82 5.43
C SER G 21 -4.13 29.64 5.66
N THR G 22 -4.72 28.48 5.98
CA THR G 22 -3.94 27.27 6.15
C THR G 22 -3.24 26.90 4.83
N VAL G 23 -2.01 26.43 4.94
CA VAL G 23 -1.19 26.07 3.80
C VAL G 23 -0.73 24.63 3.97
N THR G 24 -0.70 23.88 2.87
CA THR G 24 -0.21 22.49 2.93
C THR G 24 1.30 22.54 3.11
N ALA G 25 1.75 22.38 4.37
CA ALA G 25 3.17 22.45 4.68
C ALA G 25 3.89 21.15 4.39
N LEU G 26 3.21 20.01 4.51
CA LEU G 26 3.76 18.71 4.17
C LEU G 26 2.73 17.95 3.36
N ASP G 27 3.16 17.36 2.23
CA ASP G 27 2.25 16.73 1.28
C ASP G 27 2.69 15.29 1.04
N SER G 28 2.04 14.35 1.72
CA SER G 28 2.23 12.92 1.50
C SER G 28 3.72 12.55 1.63
N ALA G 29 4.25 12.79 2.82
CA ALA G 29 5.64 12.47 3.08
C ALA G 29 5.78 10.98 3.38
N ASN G 30 6.83 10.38 2.80
CA ASN G 30 7.14 8.96 3.00
C ASN G 30 8.61 8.86 3.38
N VAL G 31 8.89 8.52 4.63
CA VAL G 31 10.26 8.39 5.11
C VAL G 31 10.34 7.18 6.01
N GLU G 32 11.42 6.42 5.89
CA GLU G 32 11.66 5.27 6.74
C GLU G 32 13.13 5.29 7.12
N ILE G 33 13.41 5.12 8.40
CA ILE G 33 14.76 5.16 8.92
C ILE G 33 15.00 3.92 9.76
N PHE G 34 16.14 3.26 9.54
CA PHE G 34 16.50 2.04 10.23
C PHE G 34 17.62 2.30 11.24
N PRO G 35 17.81 1.40 12.21
CA PRO G 35 18.84 1.63 13.22
C PRO G 35 20.21 1.75 12.59
N GLY G 36 20.98 2.73 13.06
CA GLY G 36 22.32 2.97 12.57
C GLY G 36 22.40 3.85 11.34
N GLU G 37 21.27 4.33 10.82
CA GLU G 37 21.28 5.22 9.67
C GLU G 37 21.40 6.67 10.12
N LEU G 38 22.14 7.46 9.35
CA LEU G 38 22.09 8.91 9.45
C LEU G 38 21.50 9.43 8.14
N VAL G 39 20.24 9.83 8.19
CA VAL G 39 19.52 10.34 7.02
C VAL G 39 19.43 11.85 7.14
N ALA G 40 20.01 12.54 6.16
CA ALA G 40 19.96 14.00 6.09
C ALA G 40 18.69 14.44 5.37
N ILE G 41 18.10 15.53 5.85
CA ILE G 41 16.92 16.13 5.26
C ILE G 41 17.34 17.45 4.62
N VAL G 42 17.36 17.48 3.29
CA VAL G 42 17.80 18.65 2.54
C VAL G 42 16.57 19.30 1.91
N GLY G 43 16.74 20.56 1.53
CA GLY G 43 15.67 21.29 0.88
C GLY G 43 15.78 22.78 1.16
N GLU G 44 15.12 23.55 0.30
CA GLU G 44 15.14 25.01 0.44
C GLU G 44 14.49 25.43 1.75
N SER G 45 14.67 26.70 2.09
CA SER G 45 14.08 27.24 3.31
C SER G 45 12.56 27.23 3.20
N GLY G 46 11.90 26.55 4.14
CA GLY G 46 10.46 26.48 4.12
C GLY G 46 9.88 25.45 3.16
N SER G 47 10.59 24.35 2.92
CA SER G 47 10.10 23.28 2.07
C SER G 47 9.38 22.19 2.84
N GLY G 48 9.32 22.29 4.16
CA GLY G 48 8.73 21.27 5.00
C GLY G 48 9.71 20.38 5.70
N LYS G 49 11.00 20.75 5.71
CA LYS G 49 12.00 19.99 6.47
C LYS G 49 11.69 20.02 7.96
N SER G 50 11.47 21.22 8.50
CA SER G 50 11.20 21.31 9.93
C SER G 50 9.90 20.62 10.30
N THR G 51 8.87 20.77 9.46
CA THR G 51 7.61 20.07 9.72
C THR G 51 7.82 18.56 9.75
N LEU G 52 8.61 18.04 8.80
CA LEU G 52 8.90 16.62 8.79
C LEU G 52 9.65 16.21 10.05
N LEU G 53 10.59 17.02 10.50
CA LEU G 53 11.30 16.68 11.73
C LEU G 53 10.34 16.65 12.92
N SER G 54 9.57 17.72 13.11
CA SER G 54 8.63 17.78 14.23
C SER G 54 7.60 16.65 14.18
N ILE G 55 7.17 16.26 12.98
CA ILE G 55 6.25 15.13 12.88
C ILE G 55 6.95 13.85 13.33
N ALA G 56 8.18 13.63 12.86
CA ALA G 56 8.94 12.44 13.27
C ALA G 56 9.22 12.44 14.76
N GLY G 57 9.25 13.61 15.40
CA GLY G 57 9.49 13.73 16.81
C GLY G 57 8.22 13.79 17.65
N PHE G 58 7.07 13.49 17.05
CA PHE G 58 5.79 13.50 17.77
C PHE G 58 5.51 14.82 18.47
N LEU G 59 6.05 15.91 17.92
CA LEU G 59 5.75 17.25 18.44
C LEU G 59 4.48 17.85 17.86
N GLN G 60 3.92 17.24 16.81
CA GLN G 60 2.62 17.65 16.30
C GLN G 60 2.09 16.53 15.40
N GLU G 61 0.79 16.27 15.50
CA GLU G 61 0.20 15.21 14.70
C GLU G 61 -0.02 15.68 13.25
N PRO G 62 0.10 14.77 12.29
CA PRO G 62 -0.20 15.13 10.91
C PRO G 62 -1.70 15.35 10.70
N THR G 63 -2.03 16.27 9.80
CA THR G 63 -3.43 16.45 9.45
C THR G 63 -3.98 15.25 8.71
N SER G 64 -3.12 14.41 8.15
CA SER G 64 -3.50 13.16 7.52
C SER G 64 -2.27 12.27 7.45
N GLY G 65 -2.51 10.97 7.26
CA GLY G 65 -1.43 10.01 7.28
C GLY G 65 -1.02 9.65 8.69
N THR G 66 -0.09 8.70 8.78
CA THR G 66 0.32 8.14 10.05
C THR G 66 1.83 8.19 10.18
N VAL G 67 2.30 8.34 11.41
CA VAL G 67 3.72 8.28 11.75
C VAL G 67 3.86 7.26 12.87
N THR G 68 4.67 6.23 12.64
CA THR G 68 4.80 5.12 13.57
C THR G 68 6.24 4.94 14.00
N LEU G 69 6.48 4.95 15.31
CA LEU G 69 7.77 4.61 15.89
C LEU G 69 7.61 3.23 16.52
N HIS G 70 8.28 2.23 15.94
CA HIS G 70 8.11 0.87 16.38
C HIS G 70 8.74 0.67 17.75
N GLY G 71 8.07 -0.11 18.59
CA GLY G 71 8.42 -0.23 19.99
C GLY G 71 7.69 0.73 20.91
N ALA G 72 6.92 1.67 20.35
CA ALA G 72 6.18 2.65 21.13
C ALA G 72 4.68 2.61 20.85
N GLU G 73 4.19 1.51 20.27
CA GLU G 73 2.77 1.39 19.99
C GLU G 73 1.97 1.44 21.30
N GLY G 74 0.83 2.12 21.25
CA GLY G 74 0.01 2.26 22.44
C GLY G 74 0.48 3.33 23.40
N LEU G 75 1.19 4.35 22.91
CA LEU G 75 1.70 5.43 23.72
C LEU G 75 1.29 6.76 23.11
N ASP G 76 0.94 7.72 23.97
CA ASP G 76 0.62 9.06 23.48
C ASP G 76 1.88 9.73 22.94
N ALA G 77 1.68 10.87 22.26
CA ALA G 77 2.79 11.57 21.63
C ALA G 77 3.84 11.96 22.65
N THR G 78 3.42 12.56 23.78
CA THR G 78 4.38 13.03 24.77
C THR G 78 5.17 11.88 25.36
N SER G 79 4.49 10.81 25.76
CA SER G 79 5.19 9.66 26.32
C SER G 79 6.15 9.05 25.31
N THR G 80 5.80 9.08 24.03
CA THR G 80 6.70 8.59 23.00
C THR G 80 7.99 9.41 22.96
N ARG G 81 7.87 10.75 22.99
CA ARG G 81 9.05 11.59 23.00
C ARG G 81 9.93 11.30 24.21
N ARG G 82 9.30 11.13 25.38
CA ARG G 82 10.06 11.02 26.62
C ARG G 82 10.91 9.75 26.66
N GLU G 83 10.42 8.64 26.09
CA GLU G 83 11.07 7.35 26.27
C GLU G 83 11.79 6.83 25.03
N HIS G 84 11.55 7.39 23.84
CA HIS G 84 12.09 6.83 22.61
C HIS G 84 12.82 7.82 21.71
N ILE G 85 12.76 9.12 21.98
CA ILE G 85 13.30 10.12 21.07
C ILE G 85 14.27 11.01 21.82
N GLY G 86 15.34 11.41 21.14
CA GLY G 86 16.25 12.42 21.66
C GLY G 86 16.29 13.61 20.74
N PHE G 87 16.06 14.82 21.27
CA PHE G 87 15.96 16.02 20.48
C PHE G 87 17.24 16.85 20.64
N VAL G 88 17.89 17.14 19.53
CA VAL G 88 18.96 18.13 19.49
C VAL G 88 18.36 19.37 18.83
N PHE G 89 17.74 20.22 19.65
CA PHE G 89 17.05 21.39 19.14
C PHE G 89 18.02 22.31 18.40
N GLN G 90 17.46 23.15 17.52
CA GLN G 90 18.27 24.13 16.80
C GLN G 90 19.02 25.03 17.79
N GLN G 91 18.27 25.68 18.68
CA GLN G 91 18.92 26.33 19.81
C GLN G 91 19.19 25.32 20.92
N PRO G 92 20.31 25.45 21.64
CA PRO G 92 20.65 24.44 22.66
C PRO G 92 19.52 24.18 23.66
N ASN G 93 18.69 25.18 23.96
CA ASN G 93 17.57 25.02 24.88
C ASN G 93 18.05 24.48 26.23
N LEU G 94 19.07 25.12 26.78
CA LEU G 94 19.58 24.80 28.10
C LEU G 94 18.81 25.57 29.15
N LEU G 95 18.41 24.88 30.22
CA LEU G 95 17.69 25.52 31.31
C LEU G 95 18.64 26.43 32.10
N GLY G 96 18.22 27.68 32.29
CA GLY G 96 19.14 28.68 32.81
C GLY G 96 19.68 28.35 34.18
N SER G 97 18.83 27.83 35.06
CA SER G 97 19.18 27.62 36.46
C SER G 97 19.88 26.29 36.72
N LEU G 98 20.03 25.45 35.70
CA LEU G 98 20.65 24.13 35.87
C LEU G 98 22.08 24.14 35.33
N THR G 99 22.89 23.26 35.90
CA THR G 99 24.25 23.04 35.42
C THR G 99 24.25 22.03 34.27
N ALA G 100 25.41 21.92 33.62
CA ALA G 100 25.55 20.97 32.50
C ALA G 100 25.09 19.58 32.90
N ARG G 101 25.63 19.06 34.01
CA ARG G 101 25.21 17.75 34.48
C ARG G 101 23.73 17.73 34.83
N GLU G 102 23.24 18.81 35.44
CA GLU G 102 21.81 18.89 35.76
C GLU G 102 20.97 18.91 34.48
N GLN G 103 21.53 19.44 33.40
CA GLN G 103 20.83 19.41 32.12
C GLN G 103 20.54 17.98 31.69
N LEU G 104 21.42 17.04 32.07
CA LEU G 104 21.20 15.63 31.78
C LEU G 104 20.27 14.97 32.78
N LEU G 105 20.47 15.26 34.07
CA LEU G 105 19.71 14.57 35.11
C LEU G 105 18.23 14.86 35.04
N ILE G 106 17.84 16.07 34.61
CA ILE G 106 16.43 16.44 34.65
C ILE G 106 15.60 15.53 33.74
N THR G 107 16.20 15.03 32.66
CA THR G 107 15.50 14.06 31.82
C THR G 107 15.26 12.75 32.57
N ASP G 108 16.28 12.27 33.30
CA ASP G 108 16.07 11.11 34.17
C ASP G 108 14.99 11.37 35.20
N HIS G 109 15.01 12.57 35.79
CA HIS G 109 14.02 12.89 36.82
C HIS G 109 12.62 12.93 36.25
N LEU G 110 12.46 13.50 35.05
CA LEU G 110 11.16 13.53 34.41
C LEU G 110 10.74 12.18 33.85
N ARG G 111 11.65 11.22 33.77
CA ARG G 111 11.30 9.85 33.39
C ARG G 111 10.97 8.97 34.59
N GLY G 112 11.07 9.50 35.80
CA GLY G 112 10.70 8.73 36.97
C GLY G 112 11.75 7.78 37.47
N ILE G 113 13.03 8.11 37.27
CA ILE G 113 14.14 7.29 37.73
C ILE G 113 15.11 8.17 38.49
N LYS G 114 15.69 7.63 39.55
CA LYS G 114 16.67 8.37 40.33
C LYS G 114 17.80 8.85 39.40
N PRO G 115 17.99 10.15 39.23
CA PRO G 115 18.97 10.64 38.26
C PRO G 115 20.33 9.97 38.43
N ARG G 116 20.90 9.55 37.30
CA ARG G 116 22.17 8.81 37.29
C ARG G 116 23.31 9.78 37.00
N LYS G 117 24.09 10.11 38.04
CA LYS G 117 25.21 11.02 37.85
C LYS G 117 26.33 10.36 37.06
N ASP G 118 26.56 9.06 37.28
CA ASP G 118 27.63 8.37 36.55
C ASP G 118 27.37 8.41 35.05
N ARG G 119 26.19 8.00 34.62
CA ARG G 119 25.85 8.08 33.20
C ARG G 119 26.01 9.50 32.68
N ALA G 120 25.60 10.49 33.47
CA ALA G 120 25.69 11.88 33.04
C ALA G 120 27.13 12.27 32.74
N ASP G 121 28.07 11.89 33.61
CA ASP G 121 29.47 12.23 33.38
C ASP G 121 30.03 11.48 32.18
N GLU G 122 29.70 10.20 32.04
CA GLU G 122 30.16 9.43 30.89
C GLU G 122 29.69 10.05 29.57
N LEU G 123 28.40 10.40 29.49
CA LEU G 123 27.89 10.99 28.27
C LEU G 123 28.50 12.37 28.03
N LEU G 124 28.66 13.16 29.10
CA LEU G 124 29.35 14.43 28.94
C LEU G 124 30.78 14.22 28.47
N ALA G 125 31.44 13.16 28.97
CA ALA G 125 32.77 12.83 28.49
C ALA G 125 32.73 12.33 27.05
N ARG G 126 31.75 11.48 26.72
CA ARG G 126 31.65 10.95 25.36
C ARG G 126 31.51 12.07 24.33
N VAL G 127 30.87 13.18 24.71
CA VAL G 127 30.70 14.32 23.81
C VAL G 127 31.88 15.27 23.85
N GLY G 128 32.92 14.96 24.63
CA GLY G 128 34.11 15.79 24.68
C GLY G 128 34.08 16.91 25.69
N LEU G 129 33.27 16.80 26.74
CA LEU G 129 33.20 17.81 27.80
C LEU G 129 33.56 17.22 29.15
N LYS G 130 34.45 16.25 29.17
CA LYS G 130 34.87 15.60 30.42
C LYS G 130 35.23 16.63 31.48
N GLY G 131 34.62 16.50 32.66
CA GLY G 131 34.92 17.35 33.79
C GLY G 131 34.24 18.70 33.82
N LEU G 132 33.49 19.06 32.78
CA LEU G 132 32.82 20.36 32.71
C LEU G 132 31.38 20.31 33.21
N GLY G 133 31.00 19.25 33.90
CA GLY G 133 29.63 19.12 34.39
C GLY G 133 29.16 20.26 35.27
N GLY G 134 30.08 21.03 35.84
CA GLY G 134 29.70 22.13 36.70
C GLY G 134 29.47 23.46 36.03
N ARG G 135 29.78 23.58 34.74
CA ARG G 135 29.61 24.85 34.04
C ARG G 135 28.14 25.24 33.97
N ARG G 136 27.88 26.54 34.05
CA ARG G 136 26.57 27.11 33.79
C ARG G 136 26.48 27.64 32.36
N VAL G 137 25.27 28.01 31.95
CA VAL G 137 25.04 28.45 30.58
C VAL G 137 25.87 29.69 30.27
N ALA G 138 26.02 30.58 31.25
CA ALA G 138 26.84 31.76 31.04
C ALA G 138 28.32 31.43 30.89
N GLN G 139 28.75 30.28 31.42
CA GLN G 139 30.14 29.86 31.31
C GLN G 139 30.36 28.86 30.19
N LEU G 140 29.43 28.77 29.24
CA LEU G 140 29.51 27.83 28.13
C LEU G 140 29.43 28.60 26.82
N SER G 141 30.32 28.25 25.89
CA SER G 141 30.35 28.87 24.57
C SER G 141 29.28 28.25 23.69
N GLY G 142 29.13 28.81 22.49
CA GLY G 142 28.15 28.27 21.56
C GLY G 142 28.33 26.78 21.31
N GLY G 143 29.56 26.38 20.97
CA GLY G 143 29.82 24.97 20.74
C GLY G 143 29.56 24.11 21.96
N GLN G 144 29.95 24.60 23.14
CA GLN G 144 29.76 23.81 24.37
C GLN G 144 28.28 23.60 24.68
N ARG G 145 27.48 24.64 24.48
CA ARG G 145 26.04 24.50 24.70
C ARG G 145 25.43 23.45 23.78
N GLN G 146 25.85 23.43 22.52
CA GLN G 146 25.34 22.43 21.58
C GLN G 146 25.77 21.01 21.96
N ARG G 147 26.98 20.85 22.51
CA ARG G 147 27.41 19.53 22.96
C ARG G 147 26.55 19.01 24.11
N VAL G 148 26.21 19.87 25.06
CA VAL G 148 25.32 19.45 26.14
C VAL G 148 23.98 18.98 25.58
N ASN G 149 23.46 19.69 24.58
CA ASN G 149 22.19 19.29 23.97
C ASN G 149 22.30 17.87 23.41
N ILE G 150 23.38 17.59 22.67
CA ILE G 150 23.57 16.24 22.13
C ILE G 150 23.60 15.21 23.26
N ALA G 151 24.35 15.50 24.32
CA ALA G 151 24.43 14.57 25.43
C ALA G 151 23.07 14.37 26.09
N ARG G 152 22.27 15.44 26.17
CA ARG G 152 20.95 15.32 26.78
C ARG G 152 20.04 14.42 25.96
N ALA G 153 20.16 14.48 24.63
CA ALA G 153 19.38 13.57 23.79
C ALA G 153 19.84 12.12 23.95
N LEU G 154 21.11 11.90 24.32
CA LEU G 154 21.64 10.56 24.47
C LEU G 154 21.43 9.99 25.86
N MET G 155 21.01 10.80 26.84
CA MET G 155 20.93 10.33 28.21
C MET G 155 19.90 9.21 28.36
N GLY G 156 18.75 9.34 27.69
CA GLY G 156 17.69 8.38 27.82
C GLY G 156 17.82 7.15 26.95
N ASN G 157 18.94 6.97 26.27
CA ASN G 157 19.15 5.85 25.36
C ASN G 157 17.98 5.72 24.38
N PRO G 158 17.76 6.71 23.52
CA PRO G 158 16.63 6.67 22.61
C PRO G 158 16.91 5.76 21.41
N GLN G 159 15.84 5.48 20.67
CA GLN G 159 15.96 4.79 19.40
C GLN G 159 15.97 5.74 18.21
N LEU G 160 15.55 6.98 18.40
CA LEU G 160 15.51 7.99 17.35
C LEU G 160 16.23 9.23 17.83
N LEU G 161 17.18 9.72 17.04
CA LEU G 161 17.90 10.95 17.34
C LEU G 161 17.57 11.97 16.26
N LEU G 162 17.03 13.11 16.67
CA LEU G 162 16.61 14.16 15.75
C LEU G 162 17.42 15.42 16.00
N ALA G 163 18.11 15.91 14.98
CA ALA G 163 18.90 17.13 15.07
C ALA G 163 18.33 18.14 14.08
N ASP G 164 17.94 19.31 14.58
CA ASP G 164 17.33 20.36 13.77
C ASP G 164 18.34 21.48 13.56
N GLU G 165 19.16 21.35 12.52
CA GLU G 165 20.14 22.37 12.14
C GLU G 165 21.01 22.81 13.32
N PRO G 166 21.68 21.88 14.00
CA PRO G 166 22.43 22.24 15.21
C PRO G 166 23.69 23.05 14.94
N THR G 167 24.05 23.28 13.67
CA THR G 167 25.26 24.03 13.33
C THR G 167 24.94 25.33 12.60
N SER G 168 23.72 25.86 12.77
CA SER G 168 23.31 27.03 12.00
C SER G 168 24.00 28.30 12.50
N ALA G 169 24.36 28.35 13.78
CA ALA G 169 25.05 29.49 14.36
C ALA G 169 26.48 29.15 14.75
N LEU G 170 27.08 28.17 14.07
CA LEU G 170 28.43 27.68 14.37
C LEU G 170 29.30 27.77 13.12
N ASP G 171 30.56 28.13 13.31
CA ASP G 171 31.51 28.24 12.22
C ASP G 171 31.81 26.86 11.64
N ALA G 172 32.65 26.85 10.60
CA ALA G 172 32.93 25.61 9.88
C ALA G 172 33.64 24.59 10.75
N ARG G 173 34.67 25.03 11.49
CA ARG G 173 35.45 24.10 12.30
C ARG G 173 34.58 23.38 13.32
N LEU G 174 33.81 24.13 14.12
CA LEU G 174 33.01 23.52 15.17
C LEU G 174 31.92 22.62 14.60
N SER G 175 31.31 23.03 13.47
CA SER G 175 30.19 22.26 12.92
C SER G 175 30.65 20.90 12.40
N LYS G 176 31.86 20.82 11.83
CA LYS G 176 32.38 19.52 11.41
C LYS G 176 32.55 18.58 12.58
N GLU G 177 33.14 19.06 13.67
CA GLU G 177 33.36 18.23 14.85
C GLU G 177 32.05 17.63 15.37
N ILE G 178 30.97 18.41 15.33
CA ILE G 178 29.69 17.94 15.88
C ILE G 178 29.08 16.87 14.99
N VAL G 179 29.21 17.02 13.66
CA VAL G 179 28.63 16.03 12.75
C VAL G 179 29.34 14.69 12.90
N GLU G 180 30.67 14.71 13.05
CA GLU G 180 31.40 13.48 13.33
C GLU G 180 30.85 12.81 14.59
N LEU G 181 30.66 13.59 15.66
CA LEU G 181 30.09 13.06 16.89
C LEU G 181 28.72 12.45 16.65
N LEU G 182 27.87 13.12 15.86
CA LEU G 182 26.55 12.60 15.59
C LEU G 182 26.61 11.28 14.84
N ARG G 183 27.41 11.23 13.76
CA ARG G 183 27.56 9.97 13.03
C ARG G 183 28.17 8.89 13.92
N ASP G 184 29.21 9.25 14.67
CA ASP G 184 29.88 8.26 15.51
C ASP G 184 28.95 7.73 16.59
N VAL G 185 28.19 8.62 17.23
CA VAL G 185 27.23 8.20 18.23
C VAL G 185 26.10 7.41 17.57
N THR G 186 25.66 7.85 16.39
CA THR G 186 24.61 7.13 15.67
C THR G 186 25.04 5.70 15.37
N LYS G 187 26.26 5.52 14.91
CA LYS G 187 26.74 4.18 14.61
C LYS G 187 27.05 3.40 15.88
N GLU G 188 27.71 4.06 16.85
CA GLU G 188 28.15 3.36 18.05
C GLU G 188 26.97 2.78 18.82
N PHE G 189 25.87 3.51 18.90
CA PHE G 189 24.72 3.09 19.70
C PHE G 189 23.55 2.64 18.85
N ALA G 190 23.79 2.33 17.57
CA ALA G 190 22.73 1.82 16.68
C ALA G 190 21.51 2.72 16.70
N LEU G 191 21.74 4.02 16.75
CA LEU G 191 20.65 5.00 16.74
C LEU G 191 20.15 5.21 15.31
N ALA G 192 18.88 5.59 15.21
CA ALA G 192 18.32 6.09 13.96
C ALA G 192 18.20 7.60 14.06
N THR G 193 18.92 8.32 13.21
CA THR G 193 19.07 9.77 13.33
C THR G 193 18.60 10.44 12.04
N LEU G 194 17.57 11.29 12.16
CA LEU G 194 17.21 12.25 11.13
C LEU G 194 17.83 13.60 11.45
N MET G 195 18.41 14.23 10.44
CA MET G 195 19.09 15.51 10.62
C MET G 195 18.67 16.46 9.51
N VAL G 196 18.51 17.74 9.85
CA VAL G 196 18.17 18.79 8.90
C VAL G 196 19.30 19.81 8.90
N THR G 197 19.79 20.16 7.70
CA THR G 197 20.91 21.08 7.59
C THR G 197 20.80 21.89 6.31
N HIS G 198 21.35 23.12 6.37
CA HIS G 198 21.47 23.98 5.21
C HIS G 198 22.88 24.00 4.63
N ASP G 199 23.85 23.39 5.32
CA ASP G 199 25.20 23.33 4.80
C ASP G 199 25.32 22.25 3.74
N ARG G 200 26.21 22.50 2.79
CA ARG G 200 26.43 21.58 1.69
C ARG G 200 27.66 20.70 1.91
N SER G 201 28.42 20.95 2.97
CA SER G 201 29.61 20.17 3.29
C SER G 201 29.33 19.02 4.25
N GLN G 202 28.16 18.98 4.89
CA GLN G 202 27.85 17.92 5.83
C GLN G 202 27.05 16.78 5.21
N LEU G 203 26.60 16.93 3.98
CA LEU G 203 25.86 15.86 3.32
C LEU G 203 26.72 14.62 3.08
N ALA G 204 28.02 14.68 3.37
CA ALA G 204 28.90 13.55 3.16
C ALA G 204 28.89 12.57 4.32
N TYR G 205 28.38 12.98 5.49
CA TYR G 205 28.30 12.13 6.66
C TYR G 205 27.01 11.32 6.71
N ALA G 206 26.08 11.54 5.77
CA ALA G 206 24.77 10.90 5.81
C ALA G 206 24.73 9.69 4.89
N ASP G 207 24.04 8.64 5.35
CA ASP G 207 23.90 7.41 4.60
C ASP G 207 22.89 7.54 3.46
N ARG G 208 21.77 8.22 3.72
CA ARG G 208 20.72 8.47 2.75
C ARG G 208 20.35 9.94 2.79
N PHE G 209 19.41 10.33 1.93
CA PHE G 209 18.89 11.68 1.95
C PHE G 209 17.39 11.67 1.70
N VAL G 210 16.72 12.63 2.34
CA VAL G 210 15.34 12.98 2.05
C VAL G 210 15.39 14.39 1.49
N GLU G 211 15.16 14.54 0.20
CA GLU G 211 15.11 15.85 -0.43
C GLU G 211 13.68 16.39 -0.31
N MET G 212 13.57 17.68 -0.05
CA MET G 212 12.29 18.28 0.26
C MET G 212 12.06 19.47 -0.65
N ALA G 213 10.90 19.51 -1.30
CA ALA G 213 10.51 20.63 -2.13
C ALA G 213 9.00 20.75 -2.08
N ASP G 214 8.52 21.95 -1.73
CA ASP G 214 7.09 22.22 -1.69
C ASP G 214 6.35 21.18 -0.85
N GLY G 215 6.99 20.74 0.23
CA GLY G 215 6.37 19.83 1.16
C GLY G 215 6.33 18.37 0.77
N LYS G 216 7.11 17.95 -0.23
CA LYS G 216 7.14 16.53 -0.63
C LYS G 216 8.54 15.98 -0.38
N ALA G 217 8.61 14.86 0.34
CA ALA G 217 9.87 14.20 0.61
C ALA G 217 10.15 13.10 -0.41
N LEU G 218 11.34 13.14 -1.00
CA LEU G 218 11.82 12.12 -1.92
C LEU G 218 12.97 11.39 -1.21
N GLN G 219 12.78 10.12 -0.88
CA GLN G 219 13.89 9.34 -0.33
C GLN G 219 14.86 8.99 -1.45
N THR G 220 16.09 9.52 -1.35
CA THR G 220 17.13 9.23 -2.32
C THR G 220 18.39 8.77 -1.59
N ALA G 221 19.27 8.12 -2.35
CA ALA G 221 20.58 7.72 -1.87
C ALA G 221 21.71 8.52 -2.51
N LYS G 222 21.39 9.41 -3.45
CA LYS G 222 22.36 10.30 -4.06
C LYS G 222 21.67 11.64 -4.32
N LEU G 223 22.43 12.72 -4.19
CA LEU G 223 21.84 14.05 -4.32
C LEU G 223 21.29 14.26 -5.73
N TRP G 224 20.01 14.58 -5.82
CA TRP G 224 19.37 14.95 -7.07
C TRP G 224 19.19 16.45 -7.23
N SER G 225 19.04 17.18 -6.12
CA SER G 225 18.82 18.63 -6.16
C SER G 225 19.67 19.27 -5.07
N HIS G 226 20.42 20.31 -5.45
CA HIS G 226 21.30 20.99 -4.51
C HIS G 226 20.49 21.78 -3.49
N PRO G 227 21.09 22.11 -2.33
CA PRO G 227 20.44 22.89 -1.28
C PRO G 227 20.46 24.39 -1.56
N MET H 1 9.57 18.93 39.98
CA MET H 1 10.13 19.58 41.16
C MET H 1 11.63 19.76 41.04
N PHE H 2 12.23 19.08 40.05
CA PHE H 2 13.67 19.19 39.84
C PHE H 2 14.06 20.61 39.46
N LEU H 3 13.53 21.10 38.34
CA LEU H 3 13.83 22.47 37.91
C LEU H 3 13.27 23.49 38.90
N GLY H 4 12.04 23.25 39.40
CA GLY H 4 11.41 24.22 40.27
C GLY H 4 12.22 24.54 41.51
N ILE H 5 12.77 23.50 42.15
CA ILE H 5 13.52 23.71 43.39
C ILE H 5 14.83 24.45 43.10
N ARG H 6 15.46 24.14 41.98
CA ARG H 6 16.74 24.75 41.61
C ARG H 6 16.56 26.12 40.97
N ASP H 7 15.37 26.41 40.42
CA ASP H 7 15.05 27.78 40.05
C ASP H 7 15.15 28.71 41.25
N ILE H 8 14.70 28.25 42.42
CA ILE H 8 14.72 29.08 43.63
C ILE H 8 16.16 29.37 44.04
N ARG H 9 17.03 28.37 44.00
CA ARG H 9 18.42 28.56 44.39
C ARG H 9 19.07 29.67 43.57
N ALA H 10 18.84 29.66 42.26
CA ALA H 10 19.52 30.56 41.33
C ALA H 10 18.84 31.92 41.18
N ALA H 11 17.60 32.07 41.64
CA ALA H 11 16.87 33.35 41.55
C ALA H 11 16.23 33.66 42.90
N ALA H 12 17.08 33.90 43.91
CA ALA H 12 16.59 34.20 45.25
C ALA H 12 16.12 35.65 45.39
N GLY H 13 16.52 36.54 44.47
CA GLY H 13 16.14 37.93 44.55
C GLY H 13 14.65 38.15 44.43
N ARG H 14 14.08 37.76 43.29
CA ARG H 14 12.66 37.97 43.06
C ARG H 14 11.81 37.21 44.08
N PHE H 15 12.24 36.00 44.44
CA PHE H 15 11.51 35.21 45.42
C PHE H 15 11.56 35.86 46.80
N ALA H 16 12.66 36.55 47.12
CA ALA H 16 12.74 37.26 48.39
C ALA H 16 11.63 38.31 48.51
N LEU H 17 11.36 39.04 47.43
CA LEU H 17 10.28 40.03 47.47
C LEU H 17 8.94 39.38 47.77
N ILE H 18 8.61 38.30 47.07
CA ILE H 18 7.31 37.66 47.25
C ILE H 18 7.23 36.99 48.61
N ALA H 19 8.29 36.30 49.03
CA ALA H 19 8.28 35.67 50.34
C ALA H 19 8.21 36.71 51.45
N SER H 20 8.85 37.86 51.25
CA SER H 20 8.73 38.95 52.22
C SER H 20 7.31 39.49 52.28
N VAL H 21 6.69 39.68 51.11
CA VAL H 21 5.31 40.16 51.07
C VAL H 21 4.38 39.15 51.74
N VAL H 22 4.56 37.85 51.40
CA VAL H 22 3.76 36.81 52.05
C VAL H 22 4.04 36.79 53.54
N GLY H 23 5.31 36.96 53.93
CA GLY H 23 5.64 36.98 55.35
C GLY H 23 5.00 38.15 56.08
N LEU H 24 4.98 39.33 55.45
CA LEU H 24 4.35 40.48 56.06
C LEU H 24 2.87 40.23 56.31
N ILE H 25 2.17 39.69 55.31
CA ILE H 25 0.74 39.43 55.46
C ILE H 25 0.50 38.40 56.56
N THR H 26 1.32 37.36 56.62
CA THR H 26 1.20 36.38 57.70
C THR H 26 1.56 37.02 59.04
N LEU H 27 2.58 37.88 59.06
CA LEU H 27 2.93 38.59 60.28
C LEU H 27 1.74 39.39 60.81
N LEU H 28 1.10 40.17 59.94
CA LEU H 28 -0.07 40.94 60.34
C LEU H 28 -1.19 40.05 60.85
N ILE H 29 -1.44 38.93 60.16
CA ILE H 29 -2.53 38.03 60.55
C ILE H 29 -2.26 37.39 61.91
N VAL H 30 -1.01 37.01 62.17
CA VAL H 30 -0.68 36.33 63.43
C VAL H 30 -0.95 37.24 64.62
N MET H 31 -0.57 38.51 64.53
CA MET H 31 -0.81 39.41 65.64
C MET H 31 -2.28 39.81 65.73
N LEU H 32 -2.94 39.99 64.59
CA LEU H 32 -4.37 40.25 64.60
C LEU H 32 -5.14 39.07 65.18
N THR H 33 -4.75 37.85 64.81
CA THR H 33 -5.37 36.66 65.38
C THR H 33 -5.17 36.63 66.89
N GLY H 34 -3.93 36.79 67.34
CA GLY H 34 -3.66 36.80 68.77
C GLY H 34 -4.32 37.96 69.49
N LEU H 35 -4.44 39.11 68.83
CA LEU H 35 -5.02 40.28 69.50
C LEU H 35 -6.52 40.11 69.69
N THR H 36 -7.19 39.46 68.74
CA THR H 36 -8.63 39.25 68.88
C THR H 36 -8.94 38.24 69.97
N GLN H 37 -8.14 37.18 70.06
CA GLN H 37 -8.27 36.24 71.16
C GLN H 37 -7.84 36.86 72.48
N GLY H 38 -6.81 37.71 72.45
CA GLY H 38 -6.38 38.38 73.66
C GLY H 38 -7.43 39.31 74.21
N LEU H 39 -8.07 40.09 73.35
CA LEU H 39 -9.13 40.98 73.80
C LEU H 39 -10.32 40.21 74.36
N GLY H 40 -10.59 39.02 73.81
CA GLY H 40 -11.69 38.22 74.32
C GLY H 40 -11.51 37.84 75.78
N LYS H 41 -10.27 37.51 76.17
CA LYS H 41 -10.00 37.23 77.58
C LYS H 41 -10.05 38.49 78.41
N GLN H 42 -9.76 39.64 77.82
CA GLN H 42 -9.87 40.91 78.54
C GLN H 42 -11.30 41.17 78.98
N ASN H 43 -12.28 40.68 78.22
CA ASN H 43 -13.69 40.87 78.56
C ASN H 43 -14.33 39.67 79.26
N THR H 44 -13.84 38.45 79.02
CA THR H 44 -14.54 37.24 79.43
C THR H 44 -13.76 36.35 80.39
N SER H 45 -12.50 36.68 80.70
CA SER H 45 -11.65 35.76 81.45
C SER H 45 -12.26 35.44 82.82
N ALA H 46 -12.91 36.42 83.44
CA ALA H 46 -13.47 36.20 84.78
C ALA H 46 -14.63 35.22 84.76
N ILE H 47 -15.62 35.46 83.90
CA ILE H 47 -16.80 34.59 83.85
C ILE H 47 -16.41 33.15 83.48
N GLU H 48 -15.49 33.00 82.53
CA GLU H 48 -15.06 31.66 82.13
C GLU H 48 -14.48 30.90 83.31
N ALA H 49 -13.67 31.57 84.14
CA ALA H 49 -13.07 30.91 85.29
C ALA H 49 -14.13 30.24 86.18
N LEU H 50 -15.24 30.92 86.42
CA LEU H 50 -16.29 30.34 87.24
C LEU H 50 -16.93 29.12 86.59
N ALA H 51 -16.79 28.98 85.27
CA ALA H 51 -17.26 27.80 84.54
C ALA H 51 -18.69 27.42 84.92
N PRO H 52 -19.66 28.30 84.68
CA PRO H 52 -21.06 27.92 84.87
C PRO H 52 -21.60 27.19 83.66
N HIS H 53 -22.62 26.36 83.91
CA HIS H 53 -23.27 25.65 82.81
C HIS H 53 -24.22 26.60 82.06
N SER H 54 -25.23 27.11 82.76
CA SER H 54 -26.10 28.15 82.24
C SER H 54 -26.03 29.37 83.17
N VAL H 55 -26.54 30.49 82.66
CA VAL H 55 -26.53 31.75 83.41
C VAL H 55 -27.83 32.48 83.15
N VAL H 56 -28.54 32.83 84.22
CA VAL H 56 -29.85 33.48 84.12
C VAL H 56 -29.65 34.99 84.20
N PHE H 57 -30.22 35.70 83.24
CA PHE H 57 -30.14 37.15 83.15
C PHE H 57 -31.50 37.77 83.46
N THR H 58 -31.54 39.10 83.43
CA THR H 58 -32.78 39.86 83.57
C THR H 58 -32.85 40.89 82.46
N THR H 59 -34.01 40.99 81.82
CA THR H 59 -34.18 41.87 80.67
C THR H 59 -35.35 42.81 80.91
N ALA H 60 -35.56 43.73 79.97
CA ALA H 60 -36.69 44.64 80.00
C ALA H 60 -37.22 44.81 78.59
N GLY H 61 -38.55 44.72 78.43
CA GLY H 61 -39.15 44.81 77.11
C GLY H 61 -38.70 43.72 76.17
N GLY H 62 -38.39 42.53 76.70
CA GLY H 62 -37.93 41.44 75.86
C GLY H 62 -36.72 41.76 75.02
N SER H 63 -35.90 42.72 75.46
CA SER H 63 -34.70 43.09 74.74
C SER H 63 -33.57 42.10 75.03
N SER H 64 -32.47 42.26 74.30
CA SER H 64 -31.31 41.41 74.52
C SER H 64 -30.75 41.64 75.92
N PRO H 65 -30.33 40.58 76.61
CA PRO H 65 -29.77 40.76 77.95
C PRO H 65 -28.51 41.61 77.91
N GLU H 66 -28.32 42.41 78.96
CA GLU H 66 -27.18 43.29 79.09
C GLU H 66 -26.62 43.20 80.50
N PHE H 67 -25.30 42.99 80.61
CA PHE H 67 -24.68 43.01 81.92
C PHE H 67 -24.84 44.36 82.61
N THR H 68 -25.03 45.43 81.83
CA THR H 68 -25.22 46.77 82.36
C THR H 68 -26.63 47.02 82.84
N SER H 69 -27.55 46.08 82.61
CA SER H 69 -28.97 46.31 82.85
C SER H 69 -29.64 45.16 83.60
N SER H 70 -28.88 44.17 84.06
CA SER H 70 -29.44 43.01 84.73
C SER H 70 -29.37 43.16 86.24
N GLU H 71 -30.44 42.77 86.93
CA GLU H 71 -30.49 42.72 88.38
C GLU H 71 -31.25 41.49 88.83
N ILE H 72 -30.83 40.91 89.95
CA ILE H 72 -31.46 39.73 90.53
C ILE H 72 -32.11 40.12 91.85
N SER H 73 -33.42 39.93 91.94
CA SER H 73 -34.15 40.21 93.17
C SER H 73 -33.89 39.11 94.19
N GLU H 74 -34.17 39.43 95.46
CA GLU H 74 -33.90 38.48 96.54
C GLU H 74 -34.67 37.19 96.36
N GLN H 75 -35.96 37.29 96.00
CA GLN H 75 -36.74 36.08 95.75
C GLN H 75 -36.32 35.41 94.45
N GLN H 76 -35.98 36.20 93.44
CA GLN H 76 -35.48 35.63 92.19
C GLN H 76 -34.24 34.79 92.43
N ALA H 77 -33.36 35.24 93.34
CA ALA H 77 -32.16 34.47 93.66
C ALA H 77 -32.50 33.24 94.49
N GLU H 78 -33.48 33.36 95.39
CA GLU H 78 -33.85 32.24 96.25
C GLU H 78 -34.53 31.13 95.46
N ARG H 79 -35.19 31.46 94.36
CA ARG H 79 -35.85 30.44 93.55
C ARG H 79 -34.85 29.41 93.03
N TRP H 80 -33.90 29.84 92.21
CA TRP H 80 -32.91 28.93 91.64
C TRP H 80 -31.97 28.43 92.73
N LYS H 81 -32.16 27.18 93.13
CA LYS H 81 -31.27 26.55 94.11
C LYS H 81 -30.04 25.96 93.42
N ASP H 82 -29.01 25.71 94.23
CA ASP H 82 -27.72 25.23 93.72
C ASP H 82 -27.20 26.19 92.66
N SER H 83 -27.36 27.48 92.91
CA SER H 83 -26.95 28.54 92.02
C SER H 83 -26.33 29.66 92.86
N THR H 84 -25.40 30.38 92.27
CA THR H 84 -24.75 31.48 92.97
C THR H 84 -25.03 32.79 92.25
N PRO H 85 -25.50 33.81 92.96
CA PRO H 85 -25.72 35.11 92.32
C PRO H 85 -24.39 35.86 92.19
N LEU H 86 -24.12 36.36 90.99
CA LEU H 86 -22.92 37.13 90.70
C LEU H 86 -23.30 38.57 90.37
N GLY H 87 -22.77 39.51 91.14
CA GLY H 87 -22.94 40.92 90.87
C GLY H 87 -21.71 41.46 90.16
N VAL H 88 -21.95 42.15 89.06
CA VAL H 88 -20.86 42.68 88.23
C VAL H 88 -21.08 44.18 88.05
N SER H 89 -20.12 44.97 88.51
CA SER H 89 -20.16 46.41 88.34
C SER H 89 -18.75 46.92 88.07
N GLN H 90 -18.67 48.10 87.47
CA GLN H 90 -17.41 48.81 87.29
C GLN H 90 -17.49 50.14 88.02
N THR H 91 -16.49 50.43 88.83
CA THR H 91 -16.49 51.63 89.64
C THR H 91 -15.04 52.04 89.95
N ARG H 92 -14.89 53.17 90.62
CA ARG H 92 -13.59 53.72 90.93
C ARG H 92 -13.06 53.12 92.23
N ILE H 93 -11.80 52.68 92.20
CA ILE H 93 -11.10 52.21 93.38
C ILE H 93 -9.99 53.22 93.70
N GLU H 94 -9.93 53.64 94.95
CA GLU H 94 -8.97 54.66 95.36
C GLU H 94 -8.33 54.26 96.68
N SER H 95 -7.01 54.26 96.72
CA SER H 95 -6.23 54.06 97.94
C SER H 95 -5.65 55.39 98.37
N ASP H 96 -5.03 55.39 99.56
CA ASP H 96 -4.45 56.63 100.07
C ASP H 96 -3.41 57.22 99.13
N GLN H 97 -2.79 56.39 98.28
CA GLN H 97 -1.71 56.83 97.42
C GLN H 97 -2.08 56.89 95.94
N ASN H 98 -3.14 56.21 95.52
CA ASN H 98 -3.50 56.15 94.10
C ASN H 98 -4.97 55.77 93.99
N ALA H 99 -5.45 55.71 92.74
CA ALA H 99 -6.83 55.33 92.46
C ALA H 99 -6.94 54.90 91.00
N ASN H 100 -8.05 54.28 90.67
CA ASN H 100 -8.32 53.82 89.31
C ASN H 100 -9.74 53.27 89.26
N THR H 101 -10.19 52.97 88.05
CA THR H 101 -11.47 52.31 87.85
C THR H 101 -11.24 50.83 87.57
N THR H 102 -12.08 49.99 88.18
CA THR H 102 -11.95 48.55 88.01
C THR H 102 -13.32 47.91 88.09
N ALA H 103 -13.41 46.70 87.58
CA ALA H 103 -14.64 45.93 87.67
C ALA H 103 -14.68 45.21 89.02
N VAL H 104 -15.88 45.16 89.61
CA VAL H 104 -16.10 44.49 90.89
C VAL H 104 -17.15 43.42 90.68
N MET H 105 -16.80 42.18 91.00
CA MET H 105 -17.74 41.07 91.00
C MET H 105 -18.00 40.62 92.44
N GLY H 106 -19.26 40.39 92.76
CA GLY H 106 -19.65 39.98 94.10
C GLY H 106 -20.38 38.66 94.11
N LEU H 107 -19.99 37.77 95.00
CA LEU H 107 -20.60 36.46 95.15
C LEU H 107 -20.90 36.20 96.62
N PRO H 108 -21.76 35.23 96.91
CA PRO H 108 -22.11 34.96 98.31
C PRO H 108 -20.89 34.49 99.10
N GLU H 109 -20.90 34.82 100.39
CA GLU H 109 -19.75 34.50 101.24
C GLU H 109 -19.56 32.99 101.30
N GLY H 110 -18.30 32.56 101.20
CA GLY H 110 -17.96 31.16 101.27
C GLY H 110 -18.01 30.42 99.95
N THR H 111 -18.53 31.03 98.90
CA THR H 111 -18.58 30.37 97.60
C THR H 111 -17.17 30.06 97.12
N PRO H 112 -16.86 28.80 96.76
CA PRO H 112 -15.50 28.48 96.30
C PRO H 112 -15.20 29.15 94.97
N LEU H 113 -14.03 29.77 94.89
CA LEU H 113 -13.59 30.42 93.66
C LEU H 113 -12.94 29.41 92.72
N PRO H 114 -13.00 29.66 91.41
CA PRO H 114 -12.38 28.74 90.47
C PRO H 114 -10.88 28.61 90.74
N ASP H 115 -10.36 27.40 90.47
CA ASP H 115 -8.94 27.15 90.70
C ASP H 115 -8.06 28.15 89.98
N SER H 116 -8.55 28.72 88.88
CA SER H 116 -7.85 29.82 88.21
C SER H 116 -7.47 30.93 89.20
N VAL H 117 -8.36 31.25 90.14
CA VAL H 117 -8.10 32.31 91.10
C VAL H 117 -7.84 31.78 92.50
N GLY H 118 -8.43 30.64 92.88
CA GLY H 118 -8.22 30.09 94.21
C GLY H 118 -8.73 30.97 95.32
N GLY H 119 -8.55 30.54 96.57
CA GLY H 119 -9.08 31.24 97.73
C GLY H 119 -10.59 31.16 97.83
N PHE H 120 -11.12 31.91 98.79
CA PHE H 120 -12.56 31.95 99.04
C PHE H 120 -13.01 33.39 99.26
N ILE H 121 -14.30 33.61 99.06
CA ILE H 121 -14.90 34.91 99.31
C ILE H 121 -14.84 35.24 100.79
N GLU H 122 -14.14 36.31 101.14
CA GLU H 122 -14.04 36.79 102.51
C GLU H 122 -14.71 38.16 102.63
N GLN H 123 -15.05 38.52 103.87
CA GLN H 123 -15.63 39.82 104.14
C GLN H 123 -14.72 40.93 103.64
N GLY H 124 -15.28 41.83 102.85
CA GLY H 124 -14.50 42.89 102.24
C GLY H 124 -14.25 42.67 100.77
N ALA H 125 -13.16 43.22 100.26
CA ALA H 125 -12.84 43.16 98.84
C ALA H 125 -11.53 42.42 98.64
N LEU H 126 -11.51 41.47 97.72
CA LEU H 126 -10.30 40.75 97.34
C LEU H 126 -9.73 41.38 96.08
N LEU H 127 -8.55 41.95 96.19
CA LEU H 127 -7.99 42.69 95.07
C LEU H 127 -7.05 41.82 94.26
N PRO H 128 -7.01 42.03 92.94
CA PRO H 128 -5.96 41.39 92.14
C PRO H 128 -4.58 41.83 92.61
N ALA H 129 -3.65 40.89 92.64
CA ALA H 129 -2.33 41.17 93.18
C ALA H 129 -1.69 42.36 92.47
N GLU H 130 -1.85 42.45 91.15
CA GLU H 130 -1.26 43.58 90.43
C GLU H 130 -1.94 44.89 90.80
N LEU H 131 -3.27 44.86 91.00
CA LEU H 131 -3.97 46.06 91.42
C LEU H 131 -3.63 46.45 92.84
N ALA H 132 -3.49 45.47 93.74
CA ALA H 132 -3.10 45.77 95.12
C ALA H 132 -1.72 46.39 95.16
N ASP H 133 -0.80 45.90 94.32
CA ASP H 133 0.52 46.51 94.22
C ASP H 133 0.40 47.93 93.67
N PHE H 134 -0.46 48.13 92.67
CA PHE H 134 -0.68 49.46 92.10
C PHE H 134 -1.12 50.45 93.17
N LEU H 135 -2.08 50.05 94.01
CA LEU H 135 -2.64 50.92 95.02
C LEU H 135 -1.78 51.02 96.27
N HIS H 136 -0.69 50.26 96.37
CA HIS H 136 0.15 50.25 97.56
C HIS H 136 -0.65 49.84 98.79
N VAL H 137 -1.46 48.80 98.63
CA VAL H 137 -2.31 48.31 99.70
C VAL H 137 -1.96 46.85 99.98
N ARG H 138 -2.09 46.47 101.25
CA ARG H 138 -1.82 45.12 101.72
C ARG H 138 -3.07 44.55 102.38
N ALA H 139 -2.95 43.31 102.86
CA ALA H 139 -4.07 42.67 103.54
C ALA H 139 -4.34 43.37 104.86
N GLY H 140 -5.55 43.88 105.02
CA GLY H 140 -5.94 44.59 106.22
C GLY H 140 -6.02 46.09 106.08
N ASP H 141 -5.70 46.62 104.90
CA ASP H 141 -5.73 48.06 104.64
C ASP H 141 -7.08 48.49 104.12
N HIS H 142 -7.43 49.74 104.39
CA HIS H 142 -8.70 50.30 103.95
C HIS H 142 -8.54 50.92 102.57
N ILE H 143 -9.55 50.71 101.72
CA ILE H 143 -9.57 51.24 100.36
C ILE H 143 -10.97 51.77 100.07
N THR H 144 -11.03 52.76 99.18
CA THR H 144 -12.30 53.36 98.77
C THR H 144 -12.78 52.65 97.51
N LEU H 145 -13.89 51.92 97.62
CA LEU H 145 -14.47 51.16 96.52
C LEU H 145 -15.87 51.71 96.26
N GLY H 146 -16.03 52.41 95.14
CA GLY H 146 -17.32 53.00 94.82
C GLY H 146 -17.84 53.93 95.89
N GLY H 147 -16.95 54.69 96.52
CA GLY H 147 -17.35 55.62 97.55
C GLY H 147 -17.50 55.03 98.95
N ALA H 148 -17.12 53.78 99.14
CA ALA H 148 -17.23 53.12 100.43
C ALA H 148 -15.89 52.49 100.81
N THR H 149 -15.56 52.58 102.10
CA THR H 149 -14.30 52.03 102.59
C THR H 149 -14.47 50.55 102.90
N VAL H 150 -13.62 49.72 102.31
CA VAL H 150 -13.65 48.28 102.49
C VAL H 150 -12.26 47.80 102.87
N THR H 151 -12.21 46.72 103.64
CA THR H 151 -10.95 46.15 104.10
C THR H 151 -10.45 45.12 103.09
N VAL H 152 -9.17 45.21 102.76
CA VAL H 152 -8.53 44.27 101.85
C VAL H 152 -8.33 42.94 102.58
N ALA H 153 -9.05 41.91 102.13
CA ALA H 153 -8.92 40.60 102.77
C ALA H 153 -7.66 39.87 102.32
N GLY H 154 -7.16 40.19 101.14
CA GLY H 154 -5.97 39.52 100.62
C GLY H 154 -5.83 39.75 99.13
N THR H 155 -4.71 39.29 98.61
CA THR H 155 -4.39 39.40 97.19
C THR H 155 -4.68 38.09 96.47
N VAL H 156 -4.91 38.20 95.17
CA VAL H 156 -5.22 37.08 94.29
C VAL H 156 -4.58 37.33 92.94
N LYS H 157 -4.84 36.43 91.98
CA LYS H 157 -4.37 36.64 90.63
C LYS H 157 -5.29 37.62 89.92
N THR H 158 -4.93 37.99 88.69
CA THR H 158 -5.63 39.03 87.95
C THR H 158 -6.51 38.39 86.89
N GLU H 159 -7.81 38.69 86.95
CA GLU H 159 -8.75 38.43 85.87
C GLU H 159 -9.35 39.75 85.42
N ASN H 160 -10.01 39.73 84.27
CA ASN H 160 -10.46 40.96 83.62
C ASN H 160 -11.94 40.86 83.28
N TYR H 161 -12.59 42.03 83.32
CA TYR H 161 -13.98 42.15 82.87
C TYR H 161 -14.13 43.53 82.25
N SER H 162 -14.48 43.58 80.96
CA SER H 162 -14.64 44.84 80.23
C SER H 162 -13.37 45.68 80.32
N HIS H 163 -12.24 45.06 79.97
CA HIS H 163 -10.93 45.71 79.92
C HIS H 163 -10.48 46.23 81.28
N THR H 164 -11.08 45.75 82.36
CA THR H 164 -10.70 46.13 83.70
C THR H 164 -10.42 44.89 84.53
N PRO H 165 -9.51 44.97 85.50
CA PRO H 165 -9.31 43.85 86.41
C PRO H 165 -10.51 43.66 87.32
N VAL H 166 -10.71 42.44 87.76
CA VAL H 166 -11.89 42.07 88.54
C VAL H 166 -11.52 42.08 90.01
N VAL H 167 -12.20 42.91 90.80
CA VAL H 167 -12.08 42.91 92.25
C VAL H 167 -13.21 42.05 92.80
N TRP H 168 -12.85 41.05 93.61
CA TRP H 168 -13.80 40.06 94.11
C TRP H 168 -14.17 40.40 95.54
N VAL H 169 -15.48 40.53 95.80
CA VAL H 169 -16.00 40.93 97.10
C VAL H 169 -17.15 40.03 97.47
N ASP H 170 -17.51 40.04 98.75
CA ASP H 170 -18.67 39.31 99.21
C ASP H 170 -19.96 39.98 98.73
N THR H 171 -21.03 39.18 98.64
CA THR H 171 -22.29 39.69 98.11
C THR H 171 -22.76 40.92 98.87
N ALA H 172 -22.53 40.95 100.18
CA ALA H 172 -22.93 42.11 100.97
C ALA H 172 -22.15 43.36 100.57
N THR H 173 -20.82 43.21 100.43
CA THR H 173 -20.00 44.36 100.08
C THR H 173 -20.35 44.92 98.71
N TRP H 174 -20.56 44.03 97.73
CA TRP H 174 -20.90 44.50 96.39
C TRP H 174 -22.19 45.33 96.41
N GLN H 175 -23.16 44.92 97.23
CA GLN H 175 -24.40 45.69 97.33
C GLN H 175 -24.14 47.11 97.79
N LEU H 176 -23.24 47.28 98.77
CA LEU H 176 -22.91 48.62 99.25
C LEU H 176 -22.17 49.41 98.17
N VAL H 177 -21.27 48.76 97.44
CA VAL H 177 -20.47 49.46 96.44
C VAL H 177 -21.30 49.78 95.18
N SER H 178 -22.30 48.95 94.88
CA SER H 178 -23.11 49.12 93.68
C SER H 178 -24.46 49.77 93.97
N HIS H 179 -24.76 50.06 95.23
CA HIS H 179 -25.97 50.80 95.60
C HIS H 179 -27.22 50.11 95.08
N THR H 180 -27.39 48.85 95.48
CA THR H 180 -28.53 48.06 95.06
C THR H 180 -28.90 47.08 96.17
N LYS H 181 -30.20 46.85 96.34
CA LYS H 181 -30.67 45.84 97.27
C LYS H 181 -30.66 44.44 96.65
N ALA H 182 -30.46 44.33 95.34
CA ALA H 182 -30.37 43.04 94.69
C ALA H 182 -29.12 42.29 95.15
N VAL H 183 -29.17 40.96 95.07
CA VAL H 183 -28.05 40.12 95.47
C VAL H 183 -27.05 39.88 94.34
N GLY H 184 -27.36 40.31 93.13
CA GLY H 184 -26.43 40.13 92.03
C GLY H 184 -27.04 40.57 90.72
N THR H 185 -26.23 40.45 89.67
CA THR H 185 -26.65 40.79 88.32
C THR H 185 -27.04 39.58 87.48
N VAL H 186 -26.45 38.41 87.74
CA VAL H 186 -26.80 37.17 87.04
C VAL H 186 -26.80 36.03 88.05
N LEU H 187 -27.27 34.87 87.59
CA LEU H 187 -27.27 33.64 88.38
C LEU H 187 -26.46 32.59 87.66
N LEU H 188 -25.43 32.06 88.32
CA LEU H 188 -24.58 31.02 87.76
C LEU H 188 -25.18 29.65 88.09
N LEU H 189 -25.40 28.85 87.06
CA LEU H 189 -25.95 27.50 87.20
C LEU H 189 -24.90 26.50 86.73
N ASN H 190 -24.54 25.57 87.62
CA ASN H 190 -23.55 24.56 87.23
C ASN H 190 -24.19 23.38 86.51
N GLN H 191 -25.46 23.11 86.78
CA GLN H 191 -26.21 22.09 86.06
C GLN H 191 -27.16 22.76 85.06
N GLU H 192 -27.85 21.92 84.30
CA GLU H 192 -28.83 22.43 83.33
C GLU H 192 -30.06 22.95 84.08
N PRO H 193 -30.62 24.08 83.63
CA PRO H 193 -31.77 24.65 84.34
C PRO H 193 -33.00 23.76 84.19
N THR H 194 -33.61 23.42 85.32
CA THR H 194 -34.77 22.55 85.36
C THR H 194 -36.07 23.28 85.63
N ILE H 195 -36.05 24.61 85.69
CA ILE H 195 -37.26 25.41 85.88
C ILE H 195 -37.46 26.27 84.65
N GLN H 196 -38.73 26.45 84.27
CA GLN H 196 -38.84 27.40 83.16
C GLN H 196 -38.95 28.82 83.69
N PRO H 197 -38.31 29.79 83.04
CA PRO H 197 -38.25 31.15 83.60
C PRO H 197 -39.47 31.98 83.23
N GLN H 198 -39.66 33.04 84.00
CA GLN H 198 -40.78 33.95 83.82
C GLN H 198 -40.49 34.96 82.72
N ASP H 199 -41.54 35.71 82.35
CA ASP H 199 -41.42 36.69 81.28
C ASP H 199 -40.19 37.58 81.45
N ASN H 200 -39.86 37.95 82.68
CA ASN H 200 -38.73 38.85 82.93
C ASN H 200 -37.40 38.11 83.07
N GLU H 201 -37.41 36.78 83.11
CA GLU H 201 -36.19 36.00 83.18
C GLU H 201 -35.84 35.43 81.82
N VAL H 202 -34.56 35.10 81.65
CA VAL H 202 -34.05 34.54 80.41
C VAL H 202 -32.83 33.68 80.72
N VAL H 203 -32.89 32.41 80.36
CA VAL H 203 -31.78 31.50 80.55
C VAL H 203 -30.94 31.44 79.29
N THR H 204 -29.63 31.40 79.46
CA THR H 204 -28.70 31.39 78.34
C THR H 204 -27.51 30.49 78.68
N ASP H 205 -26.92 29.90 77.66
CA ASP H 205 -25.72 29.12 77.84
C ASP H 205 -24.50 30.03 77.97
N LEU H 206 -23.37 29.43 78.35
CA LEU H 206 -22.15 30.21 78.53
C LEU H 206 -21.82 31.00 77.27
N LYS H 207 -21.94 30.37 76.10
CA LYS H 207 -21.67 31.06 74.85
C LYS H 207 -22.58 32.28 74.69
N GLY H 208 -23.90 32.05 74.75
CA GLY H 208 -24.84 33.15 74.63
C GLY H 208 -24.69 34.19 75.73
N ALA H 209 -24.16 33.78 76.89
CA ALA H 209 -23.95 34.72 77.98
C ALA H 209 -22.94 35.80 77.61
N PHE H 210 -21.97 35.48 76.74
CA PHE H 210 -20.99 36.47 76.33
C PHE H 210 -21.62 37.56 75.47
N GLN H 211 -22.60 37.20 74.63
CA GLN H 211 -23.29 38.19 73.82
C GLN H 211 -24.02 39.22 74.68
N ALA H 212 -24.27 38.92 75.95
CA ALA H 212 -24.88 39.88 76.85
C ALA H 212 -23.89 40.95 77.32
N MET H 213 -22.60 40.77 77.05
CA MET H 213 -21.63 41.82 77.35
C MET H 213 -21.60 42.86 76.23
N PRO H 214 -21.59 44.14 76.57
CA PRO H 214 -21.75 45.19 75.53
C PRO H 214 -20.60 45.22 74.54
N ALA H 215 -19.37 45.25 75.05
CA ALA H 215 -18.19 45.45 74.22
C ALA H 215 -17.76 44.22 73.44
N TYR H 216 -18.19 43.02 73.85
CA TYR H 216 -17.52 41.81 73.37
C TYR H 216 -17.83 41.55 71.89
N LYS H 217 -19.10 41.34 71.55
CA LYS H 217 -19.44 40.95 70.19
C LYS H 217 -19.11 42.05 69.19
N SER H 218 -19.46 43.30 69.51
CA SER H 218 -19.30 44.40 68.55
C SER H 218 -17.85 44.69 68.21
N GLU H 219 -16.90 44.11 68.95
CA GLU H 219 -15.47 44.34 68.71
C GLU H 219 -14.76 43.12 68.16
N ARG H 220 -15.17 41.92 68.56
CA ARG H 220 -14.61 40.71 67.98
C ARG H 220 -15.09 40.50 66.55
N SER H 221 -16.34 40.85 66.27
CA SER H 221 -16.87 40.68 64.91
C SER H 221 -16.07 41.49 63.90
N SER H 222 -15.76 42.75 64.22
CA SER H 222 -15.01 43.57 63.29
C SER H 222 -13.62 43.00 63.04
N LEU H 223 -12.97 42.47 64.07
CA LEU H 223 -11.66 41.87 63.89
C LEU H 223 -11.74 40.59 63.06
N LEU H 224 -12.76 39.77 63.28
CA LEU H 224 -12.91 38.55 62.49
C LEU H 224 -13.22 38.88 61.03
N SER H 225 -14.08 39.87 60.80
CA SER H 225 -14.34 40.31 59.44
C SER H 225 -13.08 40.83 58.79
N MET H 226 -12.30 41.63 59.54
CA MET H 226 -11.02 42.10 59.04
C MET H 226 -10.09 40.94 58.72
N GLN H 227 -10.08 39.91 59.56
CA GLN H 227 -9.27 38.73 59.27
C GLN H 227 -9.69 38.09 57.95
N ALA H 228 -10.99 38.11 57.66
CA ALA H 228 -11.47 37.53 56.40
C ALA H 228 -10.87 38.25 55.21
N PHE H 229 -10.84 39.58 55.24
CA PHE H 229 -10.14 40.34 54.20
C PHE H 229 -8.68 39.93 54.11
N LEU H 230 -8.04 39.71 55.26
CA LEU H 230 -6.63 39.35 55.24
C LEU H 230 -6.42 37.98 54.61
N TYR H 231 -7.26 37.01 54.94
CA TYR H 231 -7.18 35.70 54.30
C TYR H 231 -7.44 35.81 52.80
N ILE H 232 -8.47 36.58 52.43
CA ILE H 232 -8.79 36.75 51.02
C ILE H 232 -7.65 37.46 50.29
N ILE H 233 -7.10 38.52 50.88
CA ILE H 233 -6.03 39.27 50.23
C ILE H 233 -4.81 38.38 50.02
N SER H 234 -4.47 37.55 51.00
CA SER H 234 -3.33 36.64 50.86
C SER H 234 -3.52 35.72 49.66
N ALA H 235 -4.69 35.08 49.57
CA ALA H 235 -4.97 34.16 48.46
C ALA H 235 -4.80 34.87 47.12
N LEU H 236 -5.36 36.06 46.98
CA LEU H 236 -5.28 36.78 45.71
C LEU H 236 -3.84 37.18 45.40
N VAL H 237 -3.08 37.59 46.42
CA VAL H 237 -1.68 37.97 46.20
C VAL H 237 -0.90 36.82 45.57
N THR H 238 -1.07 35.61 46.10
CA THR H 238 -0.37 34.46 45.53
C THR H 238 -0.82 34.21 44.10
N VAL H 239 -2.14 34.26 43.86
CA VAL H 239 -2.66 34.01 42.51
C VAL H 239 -2.13 35.04 41.53
N ALA H 240 -2.15 36.32 41.91
CA ALA H 240 -1.63 37.37 41.05
C ALA H 240 -0.16 37.13 40.73
N PHE H 241 0.65 36.89 41.77
CA PHE H 241 2.08 36.69 41.57
C PHE H 241 2.36 35.43 40.74
N LEU H 242 1.74 34.31 41.11
CA LEU H 242 2.07 33.04 40.47
C LEU H 242 1.66 33.01 39.00
N THR H 243 0.58 33.71 38.63
CA THR H 243 0.20 33.77 37.22
C THR H 243 1.27 34.47 36.40
N VAL H 244 1.71 35.65 36.84
CA VAL H 244 2.76 36.36 36.13
C VAL H 244 4.05 35.56 36.15
N TRP H 245 4.32 34.85 37.25
CA TRP H 245 5.56 34.10 37.36
C TRP H 245 5.58 32.90 36.41
N THR H 246 4.50 32.12 36.38
CA THR H 246 4.46 30.96 35.49
C THR H 246 4.61 31.39 34.04
N LEU H 247 4.08 32.56 33.67
CA LEU H 247 4.32 33.08 32.33
C LEU H 247 5.80 33.31 32.08
N GLN H 248 6.57 33.60 33.13
CA GLN H 248 8.00 33.77 32.97
C GLN H 248 8.70 32.46 32.61
N ARG H 249 8.15 31.34 33.05
CA ARG H 249 8.76 30.04 32.80
C ARG H 249 8.27 29.39 31.51
N THR H 250 7.36 30.03 30.79
CA THR H 250 6.76 29.45 29.59
C THR H 250 7.80 28.78 28.70
N ARG H 251 8.97 29.43 28.55
CA ARG H 251 10.00 28.89 27.68
C ARG H 251 10.58 27.59 28.25
N ASP H 252 10.87 27.59 29.55
CA ASP H 252 11.42 26.38 30.18
C ASP H 252 10.40 25.25 30.19
N ILE H 253 9.12 25.58 30.37
CA ILE H 253 8.09 24.55 30.36
C ILE H 253 8.00 23.91 28.98
N ALA H 254 8.12 24.73 27.92
CA ALA H 254 8.08 24.18 26.57
C ALA H 254 9.24 23.21 26.35
N VAL H 255 10.43 23.54 26.85
CA VAL H 255 11.58 22.66 26.67
C VAL H 255 11.35 21.33 27.37
N LEU H 256 10.83 21.37 28.60
CA LEU H 256 10.53 20.14 29.32
C LEU H 256 9.41 19.35 28.64
N ALA H 257 8.39 20.05 28.15
CA ALA H 257 7.32 19.39 27.42
C ALA H 257 7.87 18.72 26.15
N ALA H 258 8.68 19.45 25.40
CA ALA H 258 9.28 18.89 24.19
C ALA H 258 10.10 17.64 24.51
N LEU H 259 10.82 17.66 25.64
CA LEU H 259 11.64 16.52 26.02
C LEU H 259 10.80 15.30 26.39
N GLY H 260 9.53 15.49 26.76
CA GLY H 260 8.67 14.38 27.09
C GLY H 260 8.07 14.46 28.48
N ALA H 261 8.31 15.56 29.18
CA ALA H 261 7.78 15.71 30.53
C ALA H 261 6.26 15.67 30.51
N SER H 262 5.69 14.78 31.32
CA SER H 262 4.23 14.67 31.41
C SER H 262 3.61 15.93 32.00
N LYS H 263 2.30 16.06 31.79
CA LYS H 263 1.58 17.20 32.37
C LYS H 263 1.62 17.14 33.89
N ARG H 264 1.43 15.95 34.46
CA ARG H 264 1.51 15.81 35.90
C ARG H 264 2.86 16.25 36.43
N TYR H 265 3.94 15.90 35.72
CA TYR H 265 5.27 16.28 36.16
C TYR H 265 5.43 17.80 36.16
N LEU H 266 5.01 18.45 35.08
CA LEU H 266 5.14 19.90 34.98
C LEU H 266 4.29 20.60 36.03
N LEU H 267 3.09 20.07 36.29
CA LEU H 267 2.23 20.67 37.30
C LEU H 267 2.81 20.50 38.70
N ILE H 268 3.38 19.34 38.99
CA ILE H 268 4.04 19.12 40.28
C ILE H 268 5.22 20.06 40.44
N ASP H 269 5.99 20.27 39.36
CA ASP H 269 7.10 21.20 39.40
C ASP H 269 6.65 22.57 39.88
N ALA H 270 5.60 23.11 39.25
CA ALA H 270 5.14 24.45 39.59
C ALA H 270 4.64 24.52 41.03
N LEU H 271 3.79 23.56 41.43
CA LEU H 271 3.25 23.58 42.77
C LEU H 271 4.33 23.33 43.82
N GLY H 272 5.31 22.48 43.50
CA GLY H 272 6.43 22.31 44.39
C GLY H 272 7.20 23.60 44.62
N GLN H 273 7.44 24.35 43.54
CA GLN H 273 8.11 25.64 43.66
C GLN H 273 7.29 26.60 44.52
N ALA H 274 5.99 26.71 44.24
CA ALA H 274 5.14 27.60 45.01
C ALA H 274 5.06 27.17 46.48
N ALA H 275 4.89 25.88 46.72
CA ALA H 275 4.75 25.40 48.10
C ALA H 275 6.00 25.72 48.92
N ILE H 276 7.17 25.52 48.35
CA ILE H 276 8.41 25.87 49.06
C ILE H 276 8.45 27.37 49.34
N ILE H 277 8.09 28.18 48.36
CA ILE H 277 8.12 29.64 48.53
C ILE H 277 7.09 30.07 49.58
N LEU H 278 5.88 29.53 49.48
CA LEU H 278 4.84 29.91 50.44
C LEU H 278 5.23 29.50 51.86
N ALA H 279 5.81 28.31 52.02
CA ALA H 279 6.26 27.87 53.32
C ALA H 279 7.29 28.84 53.91
N ALA H 280 8.30 29.19 53.13
CA ALA H 280 9.29 30.15 53.59
C ALA H 280 8.64 31.45 54.05
N GLY H 281 7.79 32.03 53.19
CA GLY H 281 7.13 33.27 53.56
C GLY H 281 6.29 33.15 54.82
N VAL H 282 5.48 32.10 54.90
CA VAL H 282 4.60 31.92 56.05
C VAL H 282 5.40 31.63 57.31
N ALA H 283 6.40 30.75 57.21
CA ALA H 283 7.24 30.43 58.36
C ALA H 283 7.97 31.67 58.86
N LEU H 284 8.58 32.42 57.94
CA LEU H 284 9.29 33.63 58.33
C LEU H 284 8.34 34.67 58.92
N GLY H 285 7.19 34.87 58.28
CA GLY H 285 6.22 35.83 58.81
C GLY H 285 5.69 35.43 60.16
N ALA H 286 5.31 34.15 60.31
CA ALA H 286 4.77 33.68 61.58
C ALA H 286 5.85 33.60 62.65
N GLY H 287 7.09 33.30 62.26
CA GLY H 287 8.19 33.32 63.17
C GLY H 287 8.40 34.69 63.76
N ILE H 288 8.62 35.69 62.90
CA ILE H 288 8.77 37.07 63.38
C ILE H 288 7.55 37.51 64.16
N GLY H 289 6.36 37.03 63.76
CA GLY H 289 5.13 37.40 64.43
C GLY H 289 5.05 36.97 65.89
N ALA H 290 5.22 35.68 66.14
CA ALA H 290 5.17 35.19 67.53
C ALA H 290 6.27 35.83 68.37
N LEU H 291 7.45 36.03 67.79
CA LEU H 291 8.54 36.65 68.53
C LEU H 291 8.22 38.10 68.87
N LEU H 292 7.85 38.90 67.87
CA LEU H 292 7.48 40.29 68.12
C LEU H 292 6.27 40.38 69.04
N GLY H 293 5.31 39.46 68.89
CA GLY H 293 4.13 39.51 69.73
C GLY H 293 4.43 39.24 71.20
N TRP H 294 5.23 38.20 71.46
CA TRP H 294 5.63 37.91 72.83
C TRP H 294 6.35 39.11 73.46
N LEU H 295 7.12 39.84 72.66
CA LEU H 295 7.80 41.03 73.17
C LEU H 295 6.81 42.14 73.52
N ILE H 296 5.63 42.16 72.88
CA ILE H 296 4.66 43.23 73.10
C ILE H 296 3.54 42.84 74.05
N ALA H 297 3.39 41.56 74.37
CA ALA H 297 2.25 41.07 75.15
C ALA H 297 2.26 41.62 76.57
N GLY H 298 3.16 42.55 76.85
CA GLY H 298 3.21 43.19 78.14
C GLY H 298 2.52 44.54 78.13
N SER H 299 2.55 45.20 76.97
CA SER H 299 1.91 46.50 76.82
C SER H 299 0.50 46.40 76.25
N VAL H 300 0.24 45.41 75.41
CA VAL H 300 -1.08 45.26 74.78
C VAL H 300 -1.57 43.84 75.03
N PRO H 301 -2.87 43.65 75.29
CA PRO H 301 -3.40 42.30 75.50
C PRO H 301 -3.20 41.43 74.26
N PHE H 302 -2.44 40.36 74.44
CA PHE H 302 -2.06 39.47 73.34
C PHE H 302 -2.01 38.05 73.86
N SER H 303 -2.89 37.20 73.34
CA SER H 303 -2.92 35.79 73.72
C SER H 303 -2.06 35.00 72.75
N LEU H 304 -1.05 34.31 73.27
CA LEU H 304 -0.03 33.65 72.46
C LEU H 304 0.10 32.20 72.91
N GLY H 305 -0.46 31.29 72.11
CA GLY H 305 -0.26 29.88 72.31
C GLY H 305 0.33 29.20 71.09
N TRP H 306 0.19 27.87 71.01
CA TRP H 306 0.61 27.16 69.81
C TRP H 306 -0.44 27.24 68.71
N VAL H 307 -1.71 27.16 69.07
CA VAL H 307 -2.77 27.11 68.08
C VAL H 307 -3.04 28.47 67.45
N SER H 308 -2.79 29.55 68.19
CA SER H 308 -3.09 30.89 67.69
C SER H 308 -2.01 31.44 66.76
N VAL H 309 -0.87 30.77 66.65
CA VAL H 309 0.17 31.14 65.71
C VAL H 309 0.23 30.16 64.53
N LEU H 310 0.03 28.88 64.79
CA LEU H 310 0.16 27.85 63.76
C LEU H 310 -1.15 27.60 63.03
N GLY H 311 -2.28 27.87 63.67
CA GLY H 311 -3.57 27.75 63.01
C GLY H 311 -3.67 28.63 61.79
N PRO H 312 -3.52 29.95 61.96
CA PRO H 312 -3.55 30.85 60.80
C PRO H 312 -2.46 30.56 59.78
N ALA H 313 -1.26 30.19 60.24
CA ALA H 313 -0.18 29.89 59.31
C ALA H 313 -0.56 28.75 58.36
N LEU H 314 -1.06 27.64 58.90
CA LEU H 314 -1.45 26.51 58.06
C LEU H 314 -2.64 26.87 57.17
N GLY H 315 -3.59 27.65 57.69
CA GLY H 315 -4.70 28.10 56.87
C GLY H 315 -4.25 28.88 55.65
N ILE H 316 -3.33 29.83 55.86
CA ILE H 316 -2.83 30.62 54.75
C ILE H 316 -2.11 29.75 53.74
N TRP H 317 -1.33 28.77 54.23
CA TRP H 317 -0.56 27.91 53.34
C TRP H 317 -1.49 27.08 52.45
N LEU H 318 -2.60 26.59 53.02
CA LEU H 318 -3.54 25.82 52.22
C LEU H 318 -4.32 26.71 51.26
N LEU H 319 -4.69 27.91 51.70
CA LEU H 319 -5.27 28.89 50.79
C LEU H 319 -4.31 29.21 49.65
N GLY H 320 -3.01 29.32 49.96
CA GLY H 320 -2.03 29.58 48.92
C GLY H 320 -1.91 28.44 47.94
N LEU H 321 -1.99 27.20 48.44
CA LEU H 321 -1.94 26.04 47.55
C LEU H 321 -3.16 26.01 46.63
N ILE H 322 -4.34 26.31 47.17
CA ILE H 322 -5.54 26.37 46.35
C ILE H 322 -5.40 27.47 45.30
N GLY H 323 -4.93 28.64 45.73
CA GLY H 323 -4.68 29.71 44.78
C GLY H 323 -3.63 29.34 43.74
N ALA H 324 -2.59 28.63 44.16
CA ALA H 324 -1.50 28.29 43.24
C ALA H 324 -1.98 27.39 42.12
N THR H 325 -2.78 26.36 42.45
CA THR H 325 -3.30 25.47 41.43
C THR H 325 -4.09 26.25 40.37
N ILE H 326 -4.86 27.25 40.80
CA ILE H 326 -5.60 28.08 39.85
C ILE H 326 -4.64 28.80 38.91
N ALA H 327 -3.48 29.23 39.43
CA ALA H 327 -2.54 30.00 38.62
C ALA H 327 -1.66 29.11 37.75
N VAL H 328 -1.39 27.88 38.18
CA VAL H 328 -0.52 26.98 37.42
C VAL H 328 -1.29 26.15 36.39
N ARG H 329 -2.62 26.26 36.36
CA ARG H 329 -3.43 25.48 35.43
C ARG H 329 -2.87 25.52 34.01
N ASN H 330 -2.26 26.63 33.61
CA ASN H 330 -1.79 26.80 32.23
C ASN H 330 -0.43 26.15 31.97
N VAL H 331 0.14 25.44 32.95
CA VAL H 331 1.41 24.76 32.73
C VAL H 331 1.21 23.52 31.85
N THR H 332 0.05 22.90 31.92
CA THR H 332 -0.25 21.72 31.11
C THR H 332 -0.81 22.07 29.75
N LYS H 333 -1.09 23.34 29.48
CA LYS H 333 -1.63 23.79 28.20
C LYS H 333 -0.58 24.37 27.28
N VAL H 334 0.67 24.51 27.76
CA VAL H 334 1.73 25.10 26.93
C VAL H 334 2.05 24.15 25.78
N ASP H 335 1.94 24.66 24.57
CA ASP H 335 2.27 23.85 23.40
C ASP H 335 3.79 23.67 23.33
N PRO H 336 4.27 22.43 23.12
CA PRO H 336 5.73 22.22 23.07
C PRO H 336 6.36 22.73 21.79
N GLN H 337 5.56 23.11 20.79
CA GLN H 337 6.12 23.64 19.55
C GLN H 337 6.83 24.97 19.76
N ILE H 338 6.65 25.61 20.92
CA ILE H 338 7.33 26.86 21.22
C ILE H 338 8.83 26.66 21.42
N ALA H 339 9.29 25.42 21.52
CA ALA H 339 10.70 25.13 21.74
C ALA H 339 11.49 25.00 20.45
N LEU H 340 10.84 24.67 19.35
CA LEU H 340 11.50 24.48 18.06
C LEU H 340 11.68 25.79 17.30
N GLY H 341 11.38 26.92 17.92
CA GLY H 341 11.51 28.21 17.25
C GLY H 341 12.79 28.93 17.58
N ALA I 3 -44.01 -47.53 5.81
CA ALA I 3 -44.98 -47.13 6.82
C ALA I 3 -44.36 -47.15 8.22
N ALA I 4 -43.05 -47.41 8.28
CA ALA I 4 -42.33 -47.53 9.53
C ALA I 4 -41.12 -46.61 9.53
N PRO I 5 -40.71 -46.11 10.69
CA PRO I 5 -39.57 -45.19 10.75
C PRO I 5 -38.29 -45.89 10.39
N VAL I 6 -37.39 -45.14 9.75
CA VAL I 6 -36.07 -45.68 9.42
C VAL I 6 -35.16 -45.62 10.63
N LEU I 7 -35.13 -44.48 11.32
CA LEU I 7 -34.28 -44.26 12.48
C LEU I 7 -35.16 -43.88 13.66
N SER I 8 -34.96 -44.56 14.79
CA SER I 8 -35.72 -44.31 16.02
C SER I 8 -34.75 -43.93 17.14
N ILE I 9 -34.56 -42.63 17.33
CA ILE I 9 -33.74 -42.09 18.40
C ILE I 9 -34.68 -41.74 19.55
N THR I 10 -34.67 -42.57 20.60
CA THR I 10 -35.55 -42.37 21.75
C THR I 10 -34.72 -42.15 23.00
N ASN I 11 -34.97 -41.03 23.69
CA ASN I 11 -34.32 -40.69 24.95
C ASN I 11 -32.81 -40.91 24.90
N ALA I 12 -32.18 -40.38 23.85
CA ALA I 12 -30.75 -40.54 23.67
C ALA I 12 -30.03 -39.37 24.32
N SER I 13 -28.88 -39.65 24.94
CA SER I 13 -28.11 -38.63 25.62
C SER I 13 -26.62 -38.96 25.51
N VAL I 14 -25.80 -37.92 25.54
CA VAL I 14 -24.34 -38.06 25.41
C VAL I 14 -23.70 -37.06 26.35
N VAL I 15 -22.82 -37.55 27.23
CA VAL I 15 -22.12 -36.73 28.21
C VAL I 15 -20.62 -36.94 28.05
N TYR I 16 -19.90 -35.88 27.69
CA TYR I 16 -18.45 -35.92 27.63
C TYR I 16 -17.87 -35.29 28.88
N PRO I 17 -16.65 -35.67 29.25
CA PRO I 17 -15.97 -34.97 30.36
C PRO I 17 -15.35 -33.67 29.88
N ASP I 18 -15.68 -32.58 30.57
CA ASP I 18 -15.20 -31.23 30.22
C ASP I 18 -14.25 -30.76 31.31
N GLY I 19 -12.98 -31.12 31.19
CA GLY I 19 -12.04 -30.76 32.25
C GLY I 19 -12.41 -31.43 33.55
N ILE I 20 -12.35 -30.67 34.64
CA ILE I 20 -12.69 -31.22 35.96
C ILE I 20 -14.06 -31.86 35.95
N SER I 21 -15.04 -31.14 35.40
CA SER I 21 -16.44 -31.56 35.38
C SER I 21 -16.79 -32.16 34.02
N THR I 22 -18.01 -32.69 33.92
CA THR I 22 -18.52 -33.24 32.68
C THR I 22 -19.43 -32.24 31.99
N VAL I 23 -19.93 -32.62 30.82
CA VAL I 23 -20.85 -31.79 30.04
C VAL I 23 -21.85 -32.69 29.33
N THR I 24 -23.13 -32.43 29.54
CA THR I 24 -24.20 -33.19 28.87
C THR I 24 -24.38 -32.62 27.47
N ALA I 25 -23.73 -33.25 26.48
CA ALA I 25 -23.84 -32.77 25.10
C ALA I 25 -25.23 -33.01 24.52
N LEU I 26 -25.93 -34.05 24.98
CA LEU I 26 -27.26 -34.37 24.50
C LEU I 26 -28.07 -34.94 25.66
N ASP I 27 -29.25 -34.40 25.89
CA ASP I 27 -30.06 -34.72 27.07
C ASP I 27 -31.43 -35.23 26.62
N SER I 28 -31.61 -36.55 26.66
CA SER I 28 -32.91 -37.17 26.40
C SER I 28 -33.47 -36.71 25.05
N ALA I 29 -32.70 -36.99 24.00
CA ALA I 29 -33.12 -36.66 22.65
C ALA I 29 -34.11 -37.68 22.14
N ASN I 30 -35.18 -37.21 21.50
CA ASN I 30 -36.21 -38.06 20.90
C ASN I 30 -36.44 -37.58 19.48
N VAL I 31 -35.98 -38.37 18.51
CA VAL I 31 -36.12 -38.03 17.10
C VAL I 31 -36.48 -39.30 16.33
N GLU I 32 -37.34 -39.16 15.34
CA GLU I 32 -37.77 -40.31 14.54
C GLU I 32 -37.98 -39.83 13.11
N ILE I 33 -37.36 -40.53 12.16
CA ILE I 33 -37.38 -40.14 10.76
C ILE I 33 -37.90 -41.30 9.92
N PHE I 34 -38.77 -40.99 8.97
CA PHE I 34 -39.40 -41.97 8.09
C PHE I 34 -38.84 -41.90 6.68
N PRO I 35 -38.98 -42.97 5.90
CA PRO I 35 -38.45 -42.97 4.53
C PRO I 35 -39.05 -41.85 3.69
N GLY I 36 -38.19 -41.20 2.90
CA GLY I 36 -38.60 -40.12 2.03
C GLY I 36 -38.64 -38.76 2.68
N GLU I 37 -38.32 -38.66 3.96
CA GLU I 37 -38.36 -37.39 4.67
C GLU I 37 -37.01 -36.69 4.58
N LEU I 38 -37.04 -35.37 4.49
CA LEU I 38 -35.87 -34.53 4.68
C LEU I 38 -36.08 -33.73 5.97
N VAL I 39 -35.37 -34.13 7.03
CA VAL I 39 -35.46 -33.46 8.33
C VAL I 39 -34.19 -32.66 8.53
N ALA I 40 -34.33 -31.35 8.61
CA ALA I 40 -33.19 -30.48 8.87
C ALA I 40 -32.96 -30.37 10.37
N ILE I 41 -31.71 -30.44 10.77
CA ILE I 41 -31.31 -30.23 12.17
C ILE I 41 -30.80 -28.80 12.28
N VAL I 42 -31.55 -27.97 12.98
CA VAL I 42 -31.26 -26.55 13.10
C VAL I 42 -30.89 -26.23 14.54
N GLY I 43 -30.21 -25.11 14.70
CA GLY I 43 -29.79 -24.63 16.01
C GLY I 43 -28.51 -23.85 15.89
N GLU I 44 -28.26 -23.01 16.88
CA GLU I 44 -27.05 -22.21 16.89
C GLU I 44 -25.84 -23.11 17.04
N SER I 45 -24.70 -22.63 16.56
CA SER I 45 -23.48 -23.44 16.58
C SER I 45 -23.15 -23.88 18.00
N GLY I 46 -23.03 -25.19 18.19
CA GLY I 46 -22.71 -25.74 19.50
C GLY I 46 -23.88 -26.08 20.38
N SER I 47 -25.05 -26.33 19.80
CA SER I 47 -26.25 -26.71 20.53
C SER I 47 -26.45 -28.22 20.60
N GLY I 48 -25.64 -29.00 19.89
CA GLY I 48 -25.78 -30.44 19.86
C GLY I 48 -26.22 -31.02 18.53
N LYS I 49 -26.27 -30.22 17.46
CA LYS I 49 -26.61 -30.76 16.15
C LYS I 49 -25.65 -31.84 15.73
N SER I 50 -24.35 -31.53 15.76
CA SER I 50 -23.37 -32.51 15.32
C SER I 50 -23.39 -33.73 16.22
N THR I 51 -23.61 -33.55 17.53
CA THR I 51 -23.68 -34.71 18.40
C THR I 51 -24.87 -35.60 18.03
N LEU I 52 -26.03 -34.99 17.79
CA LEU I 52 -27.18 -35.77 17.34
C LEU I 52 -26.89 -36.48 16.02
N LEU I 53 -26.21 -35.80 15.11
CA LEU I 53 -25.85 -36.43 13.83
C LEU I 53 -24.88 -37.58 14.06
N SER I 54 -23.82 -37.35 14.83
CA SER I 54 -22.90 -38.43 15.17
C SER I 54 -23.63 -39.61 15.80
N ILE I 55 -24.67 -39.35 16.58
CA ILE I 55 -25.43 -40.43 17.19
C ILE I 55 -26.22 -41.17 16.13
N ALA I 56 -26.89 -40.44 15.24
CA ALA I 56 -27.69 -41.07 14.19
C ALA I 56 -26.83 -41.86 13.21
N GLY I 57 -25.60 -41.41 12.99
CA GLY I 57 -24.70 -42.10 12.08
C GLY I 57 -23.90 -43.22 12.70
N PHE I 58 -24.22 -43.64 13.93
CA PHE I 58 -23.51 -44.71 14.61
C PHE I 58 -22.00 -44.46 14.65
N LEU I 59 -21.61 -43.18 14.69
CA LEU I 59 -20.20 -42.85 14.87
C LEU I 59 -19.78 -42.85 16.32
N GLN I 60 -20.74 -42.84 17.25
CA GLN I 60 -20.43 -42.99 18.67
C GLN I 60 -21.69 -43.44 19.39
N GLU I 61 -21.50 -44.25 20.44
CA GLU I 61 -22.69 -44.69 21.14
C GLU I 61 -23.11 -43.66 22.18
N PRO I 62 -24.42 -43.53 22.43
CA PRO I 62 -24.87 -42.63 23.48
C PRO I 62 -24.51 -43.15 24.86
N THR I 63 -24.36 -42.22 25.81
CA THR I 63 -24.12 -42.59 27.19
C THR I 63 -25.40 -43.03 27.90
N SER I 64 -26.57 -42.75 27.33
CA SER I 64 -27.84 -43.18 27.89
C SER I 64 -28.90 -43.08 26.80
N GLY I 65 -29.88 -43.98 26.88
CA GLY I 65 -30.88 -44.07 25.82
C GLY I 65 -30.43 -44.98 24.71
N THR I 66 -31.30 -45.12 23.71
CA THR I 66 -31.06 -46.07 22.63
C THR I 66 -31.28 -45.39 21.28
N VAL I 67 -30.52 -45.84 20.28
CA VAL I 67 -30.65 -45.38 18.90
C VAL I 67 -30.72 -46.62 18.03
N THR I 68 -31.87 -46.83 17.37
CA THR I 68 -32.11 -48.03 16.58
C THR I 68 -32.38 -47.65 15.14
N LEU I 69 -31.61 -48.24 14.23
CA LEU I 69 -31.86 -48.12 12.80
C LEU I 69 -32.48 -49.42 12.30
N HIS I 70 -33.72 -49.35 11.85
CA HIS I 70 -34.45 -50.56 11.46
C HIS I 70 -33.88 -51.16 10.19
N GLY I 71 -33.95 -52.49 10.12
CA GLY I 71 -33.29 -53.25 9.07
C GLY I 71 -31.83 -53.55 9.32
N ALA I 72 -31.23 -52.97 10.36
CA ALA I 72 -29.83 -53.20 10.67
C ALA I 72 -29.64 -53.81 12.06
N GLU I 73 -30.70 -54.35 12.65
CA GLU I 73 -30.60 -54.97 13.96
C GLU I 73 -29.63 -56.15 13.92
N GLY I 74 -28.88 -56.31 15.01
CA GLY I 74 -27.89 -57.37 15.09
C GLY I 74 -26.58 -57.05 14.41
N LEU I 75 -26.36 -55.80 14.02
CA LEU I 75 -25.12 -55.38 13.37
C LEU I 75 -24.36 -54.44 14.29
N ASP I 76 -23.03 -54.54 14.24
CA ASP I 76 -22.20 -53.61 14.98
C ASP I 76 -22.26 -52.22 14.35
N ALA I 77 -21.70 -51.24 15.07
CA ALA I 77 -21.78 -49.85 14.61
C ALA I 77 -21.17 -49.71 13.23
N THR I 78 -19.99 -50.30 13.01
CA THR I 78 -19.33 -50.19 11.71
C THR I 78 -20.14 -50.88 10.63
N SER I 79 -20.61 -52.10 10.89
CA SER I 79 -21.41 -52.82 9.90
C SER I 79 -22.69 -52.06 9.58
N THR I 80 -23.30 -51.44 10.59
CA THR I 80 -24.50 -50.63 10.35
C THR I 80 -24.17 -49.46 9.43
N ARG I 81 -23.06 -48.77 9.70
CA ARG I 81 -22.63 -47.68 8.83
C ARG I 81 -22.30 -48.18 7.44
N ARG I 82 -21.61 -49.32 7.35
CA ARG I 82 -21.17 -49.81 6.05
C ARG I 82 -22.35 -50.20 5.17
N GLU I 83 -23.39 -50.80 5.76
CA GLU I 83 -24.45 -51.43 4.98
C GLU I 83 -25.76 -50.66 4.95
N HIS I 84 -25.95 -49.65 5.80
CA HIS I 84 -27.26 -49.00 5.92
C HIS I 84 -27.24 -47.48 5.91
N ILE I 85 -26.07 -46.83 5.93
CA ILE I 85 -26.01 -45.38 6.08
C ILE I 85 -25.11 -44.80 5.00
N GLY I 86 -25.48 -43.62 4.50
CA GLY I 86 -24.64 -42.88 3.57
C GLY I 86 -24.31 -41.51 4.12
N PHE I 87 -23.03 -41.17 4.18
CA PHE I 87 -22.57 -39.93 4.80
C PHE I 87 -22.21 -38.92 3.72
N VAL I 88 -22.84 -37.75 3.78
CA VAL I 88 -22.44 -36.60 2.97
C VAL I 88 -21.70 -35.66 3.91
N PHE I 89 -20.39 -35.86 4.03
CA PHE I 89 -19.59 -35.10 4.97
C PHE I 89 -19.60 -33.61 4.63
N GLN I 90 -19.35 -32.79 5.65
CA GLN I 90 -19.25 -31.35 5.44
C GLN I 90 -18.22 -31.05 4.36
N GLN I 91 -16.99 -31.55 4.55
CA GLN I 91 -16.07 -31.52 3.42
C GLN I 91 -16.26 -32.79 2.59
N PRO I 92 -16.13 -32.68 1.26
CA PRO I 92 -16.42 -33.84 0.41
C PRO I 92 -15.65 -35.10 0.80
N ASN I 93 -14.46 -34.94 1.41
CA ASN I 93 -13.67 -36.07 1.86
C ASN I 93 -13.46 -37.09 0.74
N LEU I 94 -13.04 -36.59 -0.42
CA LEU I 94 -12.69 -37.45 -1.55
C LEU I 94 -11.24 -37.89 -1.42
N LEU I 95 -10.99 -39.19 -1.60
CA LEU I 95 -9.62 -39.70 -1.54
C LEU I 95 -8.84 -39.21 -2.76
N GLY I 96 -7.66 -38.64 -2.51
CA GLY I 96 -6.96 -37.91 -3.56
C GLY I 96 -6.57 -38.79 -4.73
N SER I 97 -6.15 -40.01 -4.46
CA SER I 97 -5.58 -40.88 -5.48
C SER I 97 -6.61 -41.56 -6.36
N LEU I 98 -7.90 -41.34 -6.12
CA LEU I 98 -8.96 -41.99 -6.89
C LEU I 98 -9.65 -40.99 -7.79
N THR I 99 -10.18 -41.49 -8.91
CA THR I 99 -10.99 -40.69 -9.80
C THR I 99 -12.43 -40.62 -9.30
N ALA I 100 -13.20 -39.73 -9.92
CA ALA I 100 -14.61 -39.57 -9.53
C ALA I 100 -15.31 -40.92 -9.49
N ARG I 101 -15.16 -41.73 -10.54
CA ARG I 101 -15.77 -43.05 -10.54
C ARG I 101 -15.22 -43.92 -9.43
N GLU I 102 -13.90 -43.87 -9.21
CA GLU I 102 -13.28 -44.69 -8.19
C GLU I 102 -13.75 -44.31 -6.79
N GLN I 103 -14.16 -43.05 -6.60
CA GLN I 103 -14.65 -42.62 -5.29
C GLN I 103 -15.92 -43.36 -4.91
N LEU I 104 -16.72 -43.76 -5.90
CA LEU I 104 -17.90 -44.58 -5.65
C LEU I 104 -17.56 -46.07 -5.62
N LEU I 105 -16.73 -46.53 -6.56
CA LEU I 105 -16.42 -47.96 -6.64
C LEU I 105 -15.75 -48.46 -5.38
N ILE I 106 -14.95 -47.63 -4.71
CA ILE I 106 -14.20 -48.09 -3.56
C ILE I 106 -15.13 -48.51 -2.43
N THR I 107 -16.31 -47.88 -2.35
CA THR I 107 -17.29 -48.31 -1.35
C THR I 107 -17.79 -49.71 -1.64
N ASP I 108 -18.08 -50.01 -2.91
CA ASP I 108 -18.39 -51.38 -3.29
C ASP I 108 -17.30 -52.33 -2.86
N HIS I 109 -16.04 -51.94 -3.07
CA HIS I 109 -14.93 -52.84 -2.75
C HIS I 109 -14.84 -53.10 -1.25
N LEU I 110 -15.04 -52.07 -0.42
CA LEU I 110 -14.99 -52.27 1.02
C LEU I 110 -16.23 -52.99 1.54
N ARG I 111 -17.31 -53.03 0.77
CA ARG I 111 -18.46 -53.85 1.10
C ARG I 111 -18.33 -55.28 0.60
N GLY I 112 -17.25 -55.61 -0.11
CA GLY I 112 -17.03 -56.97 -0.55
C GLY I 112 -17.80 -57.39 -1.78
N ILE I 113 -18.06 -56.46 -2.69
CA ILE I 113 -18.79 -56.74 -3.93
C ILE I 113 -18.00 -56.19 -5.11
N LYS I 114 -18.04 -56.90 -6.22
CA LYS I 114 -17.35 -56.49 -7.43
C LYS I 114 -17.76 -55.07 -7.81
N PRO I 115 -16.84 -54.11 -7.81
CA PRO I 115 -17.21 -52.72 -8.10
C PRO I 115 -17.96 -52.61 -9.42
N ARG I 116 -19.05 -51.82 -9.40
CA ARG I 116 -19.95 -51.67 -10.54
C ARG I 116 -19.60 -50.37 -11.27
N LYS I 117 -18.94 -50.50 -12.42
CA LYS I 117 -18.52 -49.31 -13.15
C LYS I 117 -19.72 -48.58 -13.75
N ASP I 118 -20.68 -49.32 -14.31
CA ASP I 118 -21.85 -48.69 -14.91
C ASP I 118 -22.68 -47.96 -13.86
N ARG I 119 -22.96 -48.62 -12.73
CA ARG I 119 -23.70 -47.98 -11.66
C ARG I 119 -22.99 -46.72 -11.17
N ALA I 120 -21.66 -46.77 -11.05
CA ALA I 120 -20.92 -45.59 -10.62
C ALA I 120 -21.08 -44.46 -11.62
N ASP I 121 -21.01 -44.76 -12.91
CA ASP I 121 -21.22 -43.75 -13.93
C ASP I 121 -22.68 -43.30 -13.97
N GLU I 122 -23.60 -44.25 -13.79
CA GLU I 122 -25.02 -43.89 -13.70
C GLU I 122 -25.25 -42.89 -12.57
N LEU I 123 -24.73 -43.20 -11.38
CA LEU I 123 -24.94 -42.32 -10.22
C LEU I 123 -24.19 -41.01 -10.39
N LEU I 124 -23.00 -41.05 -10.99
CA LEU I 124 -22.29 -39.81 -11.27
C LEU I 124 -23.10 -38.92 -12.23
N ALA I 125 -23.75 -39.52 -13.21
CA ALA I 125 -24.63 -38.74 -14.09
C ALA I 125 -25.87 -38.28 -13.36
N ARG I 126 -26.38 -39.11 -12.46
CA ARG I 126 -27.58 -38.75 -11.71
C ARG I 126 -27.36 -37.57 -10.79
N VAL I 127 -26.14 -37.41 -10.27
CA VAL I 127 -25.84 -36.29 -9.39
C VAL I 127 -25.44 -35.03 -10.15
N GLY I 128 -25.22 -35.14 -11.45
CA GLY I 128 -24.89 -34.01 -12.29
C GLY I 128 -23.46 -33.96 -12.76
N LEU I 129 -22.76 -35.09 -12.79
CA LEU I 129 -21.39 -35.17 -13.25
C LEU I 129 -21.26 -36.18 -14.38
N LYS I 130 -22.29 -36.32 -15.20
CA LYS I 130 -22.28 -37.31 -16.27
C LYS I 130 -21.05 -37.13 -17.15
N GLY I 131 -20.23 -38.17 -17.22
CA GLY I 131 -19.06 -38.20 -18.06
C GLY I 131 -17.75 -37.93 -17.36
N LEU I 132 -17.77 -37.53 -16.10
CA LEU I 132 -16.54 -37.18 -15.38
C LEU I 132 -16.08 -38.30 -14.45
N GLY I 133 -16.55 -39.53 -14.67
CA GLY I 133 -16.16 -40.61 -13.78
C GLY I 133 -14.67 -40.84 -13.73
N GLY I 134 -13.95 -40.53 -14.80
CA GLY I 134 -12.52 -40.72 -14.85
C GLY I 134 -11.68 -39.53 -14.47
N ARG I 135 -12.30 -38.41 -14.12
CA ARG I 135 -11.54 -37.21 -13.73
C ARG I 135 -10.88 -37.39 -12.38
N ARG I 136 -9.78 -36.67 -12.19
CA ARG I 136 -9.08 -36.68 -10.91
C ARG I 136 -9.73 -35.71 -9.93
N VAL I 137 -9.23 -35.75 -8.68
CA VAL I 137 -9.79 -34.89 -7.65
C VAL I 137 -9.32 -33.45 -7.81
N ALA I 138 -8.11 -33.24 -8.35
CA ALA I 138 -7.60 -31.90 -8.56
C ALA I 138 -8.30 -31.17 -9.69
N GLN I 139 -9.05 -31.88 -10.53
CA GLN I 139 -9.81 -31.29 -11.62
C GLN I 139 -11.29 -31.16 -11.29
N LEU I 140 -11.65 -31.23 -10.01
CA LEU I 140 -13.03 -31.15 -9.58
C LEU I 140 -13.24 -29.92 -8.71
N SER I 141 -14.34 -29.21 -8.96
CA SER I 141 -14.70 -28.01 -8.21
C SER I 141 -15.38 -28.39 -6.90
N GLY I 142 -15.55 -27.38 -6.04
CA GLY I 142 -16.21 -27.60 -4.77
C GLY I 142 -17.57 -28.26 -4.93
N GLY I 143 -18.38 -27.72 -5.84
CA GLY I 143 -19.67 -28.35 -6.10
C GLY I 143 -19.52 -29.77 -6.64
N GLN I 144 -18.59 -29.97 -7.57
CA GLN I 144 -18.42 -31.30 -8.15
C GLN I 144 -17.98 -32.30 -7.08
N ARG I 145 -17.04 -31.90 -6.22
CA ARG I 145 -16.58 -32.80 -5.17
C ARG I 145 -17.72 -33.16 -4.24
N GLN I 146 -18.55 -32.18 -3.87
CA GLN I 146 -19.69 -32.48 -3.02
C GLN I 146 -20.71 -33.35 -3.75
N ARG I 147 -20.82 -33.18 -5.07
CA ARG I 147 -21.71 -34.04 -5.85
C ARG I 147 -21.20 -35.48 -5.86
N VAL I 148 -19.89 -35.66 -6.00
CA VAL I 148 -19.29 -36.99 -5.91
C VAL I 148 -19.53 -37.59 -4.53
N ASN I 149 -19.40 -36.76 -3.48
CA ASN I 149 -19.66 -37.23 -2.13
C ASN I 149 -21.10 -37.71 -1.99
N ILE I 150 -22.05 -36.92 -2.50
CA ILE I 150 -23.45 -37.34 -2.46
C ILE I 150 -23.65 -38.63 -3.24
N ALA I 151 -23.06 -38.70 -4.44
CA ALA I 151 -23.17 -39.91 -5.23
C ALA I 151 -22.49 -41.08 -4.53
N ARG I 152 -21.34 -40.85 -3.90
CA ARG I 152 -20.69 -41.91 -3.16
C ARG I 152 -21.58 -42.42 -2.04
N ALA I 153 -22.34 -41.51 -1.40
CA ALA I 153 -23.27 -41.92 -0.35
C ALA I 153 -24.40 -42.75 -0.93
N LEU I 154 -24.72 -42.56 -2.20
CA LEU I 154 -25.81 -43.28 -2.83
C LEU I 154 -25.37 -44.62 -3.40
N MET I 155 -24.06 -44.86 -3.54
CA MET I 155 -23.61 -46.10 -4.17
C MET I 155 -24.13 -47.32 -3.43
N GLY I 156 -23.92 -47.36 -2.11
CA GLY I 156 -24.33 -48.52 -1.33
C GLY I 156 -25.82 -48.66 -1.11
N ASN I 157 -26.62 -47.78 -1.72
CA ASN I 157 -28.07 -47.77 -1.58
C ASN I 157 -28.45 -47.81 -0.10
N PRO I 158 -28.14 -46.77 0.65
CA PRO I 158 -28.45 -46.76 2.08
C PRO I 158 -29.91 -46.40 2.33
N GLN I 159 -30.33 -46.62 3.58
CA GLN I 159 -31.65 -46.16 4.00
C GLN I 159 -31.59 -44.80 4.67
N LEU I 160 -30.46 -44.44 5.24
CA LEU I 160 -30.26 -43.18 5.93
C LEU I 160 -29.21 -42.36 5.19
N LEU I 161 -29.55 -41.12 4.85
CA LEU I 161 -28.62 -40.19 4.25
C LEU I 161 -28.39 -39.05 5.23
N LEU I 162 -27.14 -38.90 5.69
CA LEU I 162 -26.78 -37.89 6.69
C LEU I 162 -25.90 -36.84 6.02
N ALA I 163 -26.40 -35.62 5.91
CA ALA I 163 -25.65 -34.50 5.33
C ALA I 163 -25.36 -33.49 6.41
N ASP I 164 -24.09 -33.19 6.62
CA ASP I 164 -23.64 -32.29 7.67
C ASP I 164 -23.17 -30.98 7.03
N GLU I 165 -24.09 -30.02 6.93
CA GLU I 165 -23.84 -28.72 6.34
C GLU I 165 -23.03 -28.86 5.04
N PRO I 166 -23.53 -29.64 4.08
CA PRO I 166 -22.76 -29.94 2.87
C PRO I 166 -22.59 -28.74 1.95
N THR I 167 -23.17 -27.59 2.28
CA THR I 167 -23.10 -26.39 1.46
C THR I 167 -22.24 -25.31 2.11
N SER I 168 -21.28 -25.73 2.93
CA SER I 168 -20.51 -24.81 3.77
C SER I 168 -19.50 -24.01 2.96
N ALA I 169 -19.02 -24.56 1.84
CA ALA I 169 -18.04 -23.88 1.01
C ALA I 169 -18.60 -23.50 -0.35
N LEU I 170 -19.91 -23.31 -0.46
CA LEU I 170 -20.56 -23.06 -1.73
C LEU I 170 -21.31 -21.74 -1.69
N ASP I 171 -21.23 -20.99 -2.79
CA ASP I 171 -21.94 -19.73 -2.92
C ASP I 171 -23.44 -19.99 -2.93
N ALA I 172 -24.22 -18.92 -2.97
CA ALA I 172 -25.66 -19.04 -2.82
C ALA I 172 -26.24 -20.01 -3.85
N ARG I 173 -25.95 -19.79 -5.14
CA ARG I 173 -26.52 -20.64 -6.17
C ARG I 173 -26.11 -22.09 -5.99
N LEU I 174 -24.81 -22.34 -5.84
CA LEU I 174 -24.33 -23.71 -5.76
C LEU I 174 -24.89 -24.43 -4.54
N SER I 175 -25.03 -23.72 -3.42
CA SER I 175 -25.55 -24.37 -2.21
C SER I 175 -27.02 -24.73 -2.38
N LYS I 176 -27.79 -23.89 -3.09
CA LYS I 176 -29.17 -24.23 -3.40
C LYS I 176 -29.26 -25.51 -4.21
N GLU I 177 -28.44 -25.60 -5.28
CA GLU I 177 -28.44 -26.78 -6.13
C GLU I 177 -28.16 -28.05 -5.32
N ILE I 178 -27.23 -27.97 -4.37
CA ILE I 178 -26.88 -29.17 -3.61
C ILE I 178 -28.04 -29.60 -2.71
N VAL I 179 -28.69 -28.64 -2.05
CA VAL I 179 -29.82 -28.97 -1.20
C VAL I 179 -30.98 -29.49 -2.03
N GLU I 180 -31.23 -28.86 -3.18
CA GLU I 180 -32.20 -29.41 -4.12
C GLU I 180 -31.85 -30.84 -4.49
N LEU I 181 -30.59 -31.08 -4.85
CA LEU I 181 -30.15 -32.43 -5.19
C LEU I 181 -30.34 -33.38 -4.02
N LEU I 182 -30.05 -32.91 -2.80
CA LEU I 182 -30.26 -33.75 -1.63
C LEU I 182 -31.74 -34.09 -1.48
N ARG I 183 -32.61 -33.08 -1.54
CA ARG I 183 -34.04 -33.33 -1.48
C ARG I 183 -34.49 -34.22 -2.64
N ASP I 184 -34.04 -33.89 -3.85
CA ASP I 184 -34.45 -34.66 -5.01
C ASP I 184 -34.01 -36.12 -4.89
N VAL I 185 -32.77 -36.35 -4.45
CA VAL I 185 -32.30 -37.72 -4.27
C VAL I 185 -33.04 -38.41 -3.13
N THR I 186 -33.29 -37.68 -2.04
CA THR I 186 -34.06 -38.25 -0.93
C THR I 186 -35.45 -38.70 -1.40
N LYS I 187 -36.11 -37.90 -2.23
CA LYS I 187 -37.46 -38.24 -2.65
C LYS I 187 -37.48 -39.37 -3.67
N GLU I 188 -36.55 -39.34 -4.64
CA GLU I 188 -36.60 -40.32 -5.71
C GLU I 188 -36.30 -41.72 -5.20
N PHE I 189 -35.40 -41.85 -4.22
CA PHE I 189 -34.93 -43.14 -3.73
C PHE I 189 -35.51 -43.49 -2.36
N ALA I 190 -36.50 -42.75 -1.88
CA ALA I 190 -37.15 -43.04 -0.60
C ALA I 190 -36.15 -43.04 0.54
N LEU I 191 -35.16 -42.16 0.47
CA LEU I 191 -34.18 -42.04 1.53
C LEU I 191 -34.76 -41.31 2.73
N ALA I 192 -34.25 -41.65 3.91
CA ALA I 192 -34.49 -40.88 5.12
C ALA I 192 -33.23 -40.07 5.41
N THR I 193 -33.34 -38.75 5.37
CA THR I 193 -32.19 -37.87 5.40
C THR I 193 -32.26 -36.92 6.57
N LEU I 194 -31.25 -36.95 7.43
CA LEU I 194 -30.99 -35.91 8.41
C LEU I 194 -29.93 -34.98 7.84
N MET I 195 -30.21 -33.68 7.83
CA MET I 195 -29.28 -32.70 7.30
C MET I 195 -29.08 -31.60 8.34
N VAL I 196 -27.88 -31.53 8.91
CA VAL I 196 -27.54 -30.45 9.83
C VAL I 196 -27.16 -29.21 9.03
N THR I 197 -27.70 -28.06 9.42
CA THR I 197 -27.44 -26.83 8.69
C THR I 197 -27.69 -25.63 9.59
N HIS I 198 -26.84 -24.61 9.42
CA HIS I 198 -27.06 -23.32 10.07
C HIS I 198 -27.68 -22.28 9.13
N ASP I 199 -27.53 -22.47 7.82
CA ASP I 199 -28.09 -21.54 6.84
C ASP I 199 -29.56 -21.88 6.68
N ARG I 200 -30.43 -21.08 7.32
CA ARG I 200 -31.86 -21.33 7.25
C ARG I 200 -32.43 -21.03 5.88
N SER I 201 -31.68 -20.32 5.02
CA SER I 201 -32.06 -20.17 3.63
C SER I 201 -32.31 -21.51 2.95
N GLN I 202 -31.82 -22.60 3.52
CA GLN I 202 -31.96 -23.92 2.94
C GLN I 202 -33.08 -24.72 3.60
N LEU I 203 -33.65 -24.20 4.69
CA LEU I 203 -34.72 -24.91 5.38
C LEU I 203 -35.97 -25.07 4.53
N ALA I 204 -36.11 -24.27 3.47
CA ALA I 204 -37.29 -24.39 2.63
C ALA I 204 -37.42 -25.76 1.99
N TYR I 205 -36.34 -26.52 1.88
CA TYR I 205 -36.37 -27.84 1.26
C TYR I 205 -36.61 -28.96 2.24
N ALA I 206 -36.76 -28.67 3.53
CA ALA I 206 -36.90 -29.71 4.55
C ALA I 206 -38.37 -29.90 4.89
N ASP I 207 -38.76 -31.17 5.04
CA ASP I 207 -40.14 -31.52 5.37
C ASP I 207 -40.46 -31.16 6.82
N ARG I 208 -39.53 -31.42 7.73
CA ARG I 208 -39.66 -31.13 9.14
C ARG I 208 -38.36 -30.52 9.64
N PHE I 209 -38.34 -30.14 10.91
CA PHE I 209 -37.12 -29.66 11.54
C PHE I 209 -36.98 -30.29 12.91
N VAL I 210 -35.73 -30.53 13.29
CA VAL I 210 -35.35 -30.82 14.67
C VAL I 210 -34.54 -29.62 15.13
N GLU I 211 -35.10 -28.83 16.03
CA GLU I 211 -34.46 -27.62 16.52
C GLU I 211 -33.71 -27.94 17.81
N MET I 212 -32.47 -27.48 17.90
CA MET I 212 -31.59 -27.90 18.98
C MET I 212 -31.20 -26.69 19.83
N ALA I 213 -31.21 -26.87 21.15
CA ALA I 213 -30.74 -25.85 22.06
C ALA I 213 -30.18 -26.53 23.29
N ASP I 214 -28.96 -26.17 23.66
CA ASP I 214 -28.33 -26.68 24.88
C ASP I 214 -28.48 -28.20 25.02
N GLY I 215 -28.41 -28.89 23.89
CA GLY I 215 -28.41 -30.35 23.92
C GLY I 215 -29.76 -31.02 23.93
N LYS I 216 -30.85 -30.26 23.80
CA LYS I 216 -32.18 -30.84 23.75
C LYS I 216 -32.81 -30.62 22.38
N ALA I 217 -33.44 -31.66 21.86
CA ALA I 217 -34.05 -31.64 20.55
C ALA I 217 -35.55 -31.42 20.66
N LEU I 218 -36.09 -30.58 19.77
CA LEU I 218 -37.52 -30.31 19.66
C LEU I 218 -37.94 -30.59 18.23
N GLN I 219 -38.63 -31.71 18.02
CA GLN I 219 -39.24 -31.99 16.72
C GLN I 219 -40.37 -31.02 16.46
N THR I 220 -40.21 -30.20 15.41
CA THR I 220 -41.21 -29.22 15.02
C THR I 220 -41.37 -29.23 13.51
N ALA I 221 -42.53 -28.75 13.06
CA ALA I 221 -42.80 -28.63 11.63
C ALA I 221 -42.90 -27.19 11.16
N LYS I 222 -43.00 -26.23 12.07
CA LYS I 222 -43.06 -24.80 11.73
C LYS I 222 -42.02 -24.07 12.56
N LEU I 223 -40.94 -23.65 11.92
CA LEU I 223 -39.85 -22.97 12.61
C LEU I 223 -40.30 -21.61 13.13
N MET J 1 -7.14 -53.30 -0.40
CA MET J 1 -6.17 -53.44 -1.48
C MET J 1 -6.49 -52.50 -2.64
N PHE J 2 -7.73 -51.98 -2.63
CA PHE J 2 -8.16 -51.07 -3.68
C PHE J 2 -7.38 -49.74 -3.62
N LEU J 3 -7.51 -49.03 -2.49
CA LEU J 3 -6.81 -47.76 -2.34
C LEU J 3 -5.29 -47.95 -2.36
N GLY J 4 -4.81 -49.02 -1.73
CA GLY J 4 -3.37 -49.22 -1.62
C GLY J 4 -2.67 -49.25 -2.96
N ILE J 5 -3.25 -49.96 -3.93
CA ILE J 5 -2.58 -50.11 -5.22
C ILE J 5 -2.55 -48.79 -5.96
N ARG J 6 -3.62 -48.01 -5.88
CA ARG J 6 -3.66 -46.72 -6.56
C ARG J 6 -2.94 -45.62 -5.80
N ASP J 7 -2.76 -45.77 -4.49
CA ASP J 7 -1.85 -44.87 -3.78
C ASP J 7 -0.45 -44.95 -4.35
N ILE J 8 0.01 -46.15 -4.70
CA ILE J 8 1.35 -46.30 -5.26
C ILE J 8 1.44 -45.60 -6.61
N ARG J 9 0.46 -45.84 -7.48
CA ARG J 9 0.40 -45.15 -8.76
C ARG J 9 0.50 -43.64 -8.56
N ALA J 10 -0.44 -43.08 -7.77
CA ALA J 10 -0.56 -41.63 -7.62
C ALA J 10 0.59 -41.01 -6.84
N ALA J 11 1.39 -41.83 -6.15
CA ALA J 11 2.56 -41.36 -5.42
C ALA J 11 3.73 -42.28 -5.77
N ALA J 12 4.13 -42.25 -7.04
CA ALA J 12 5.20 -43.12 -7.48
C ALA J 12 6.57 -42.65 -7.02
N GLY J 13 6.71 -41.39 -6.63
CA GLY J 13 7.98 -40.87 -6.18
C GLY J 13 8.51 -41.55 -4.94
N ARG J 14 7.73 -41.49 -3.85
CA ARG J 14 8.21 -42.03 -2.59
C ARG J 14 8.21 -43.56 -2.58
N PHE J 15 7.27 -44.21 -3.27
CA PHE J 15 7.30 -45.66 -3.33
C PHE J 15 8.47 -46.16 -4.15
N ALA J 16 8.86 -45.43 -5.21
CA ALA J 16 10.09 -45.76 -5.91
C ALA J 16 11.28 -45.62 -4.98
N LEU J 17 11.28 -44.56 -4.16
CA LEU J 17 12.35 -44.38 -3.19
C LEU J 17 12.43 -45.56 -2.23
N ILE J 18 11.28 -45.98 -1.69
CA ILE J 18 11.29 -47.06 -0.72
C ILE J 18 11.69 -48.38 -1.38
N ALA J 19 11.14 -48.66 -2.55
CA ALA J 19 11.49 -49.90 -3.24
C ALA J 19 12.95 -49.92 -3.64
N SER J 20 13.48 -48.77 -4.07
CA SER J 20 14.90 -48.69 -4.42
C SER J 20 15.79 -48.86 -3.19
N VAL J 21 15.44 -48.21 -2.09
CA VAL J 21 16.24 -48.35 -0.86
C VAL J 21 16.22 -49.79 -0.38
N VAL J 22 15.03 -50.41 -0.35
CA VAL J 22 14.94 -51.81 0.04
C VAL J 22 15.74 -52.69 -0.91
N GLY J 23 15.66 -52.38 -2.21
CA GLY J 23 16.45 -53.13 -3.18
C GLY J 23 17.93 -52.90 -3.01
N LEU J 24 18.33 -51.67 -2.69
CA LEU J 24 19.74 -51.38 -2.46
C LEU J 24 20.28 -52.20 -1.29
N ILE J 25 19.52 -52.24 -0.18
CA ILE J 25 19.96 -53.03 0.96
C ILE J 25 20.00 -54.51 0.59
N THR J 26 19.01 -54.98 -0.16
CA THR J 26 19.03 -56.36 -0.63
C THR J 26 20.20 -56.60 -1.59
N LEU J 27 20.50 -55.62 -2.45
CA LEU J 27 21.67 -55.72 -3.30
C LEU J 27 22.93 -55.90 -2.46
N LEU J 28 23.13 -55.04 -1.46
CA LEU J 28 24.28 -55.18 -0.58
C LEU J 28 24.25 -56.50 0.16
N ILE J 29 23.08 -56.90 0.67
CA ILE J 29 22.99 -58.13 1.45
C ILE J 29 23.24 -59.34 0.57
N VAL J 30 22.69 -59.36 -0.65
CA VAL J 30 22.85 -60.53 -1.51
C VAL J 30 24.31 -60.74 -1.88
N MET J 31 25.02 -59.67 -2.23
CA MET J 31 26.43 -59.83 -2.57
C MET J 31 27.28 -60.06 -1.33
N LEU J 32 26.93 -59.41 -0.21
CA LEU J 32 27.63 -59.68 1.04
C LEU J 32 27.42 -61.12 1.48
N THR J 33 26.20 -61.64 1.32
CA THR J 33 25.93 -63.03 1.68
C THR J 33 26.79 -63.98 0.85
N GLY J 34 26.76 -63.82 -0.48
CA GLY J 34 27.54 -64.69 -1.34
C GLY J 34 29.03 -64.59 -1.11
N LEU J 35 29.51 -63.39 -0.77
CA LEU J 35 30.95 -63.21 -0.58
C LEU J 35 31.45 -63.92 0.68
N THR J 36 30.63 -63.97 1.73
CA THR J 36 31.06 -64.63 2.96
C THR J 36 31.12 -66.15 2.78
N GLN J 37 30.15 -66.71 2.04
CA GLN J 37 30.21 -68.15 1.75
C GLN J 37 31.37 -68.46 0.82
N GLY J 38 31.65 -67.57 -0.13
CA GLY J 38 32.79 -67.78 -1.02
C GLY J 38 34.11 -67.76 -0.27
N LEU J 39 34.27 -66.78 0.63
CA LEU J 39 35.49 -66.71 1.43
C LEU J 39 35.65 -67.92 2.33
N GLY J 40 34.54 -68.50 2.79
CA GLY J 40 34.62 -69.69 3.63
C GLY J 40 35.27 -70.85 2.90
N LYS J 41 34.98 -71.00 1.61
CA LYS J 41 35.61 -72.06 0.83
C LYS J 41 37.10 -71.77 0.61
N GLN J 42 37.50 -70.51 0.65
CA GLN J 42 38.92 -70.18 0.58
C GLN J 42 39.68 -70.73 1.78
N ASN J 43 39.00 -70.90 2.92
CA ASN J 43 39.62 -71.42 4.12
C ASN J 43 39.41 -72.92 4.32
N THR J 44 38.31 -73.48 3.81
CA THR J 44 37.93 -74.85 4.12
C THR J 44 37.85 -75.77 2.92
N SER J 45 38.02 -75.26 1.70
CA SER J 45 37.79 -76.09 0.51
C SER J 45 38.72 -77.30 0.51
N ALA J 46 39.95 -77.13 1.00
CA ALA J 46 40.91 -78.24 1.01
C ALA J 46 40.50 -79.31 2.01
N ILE J 47 40.29 -78.91 3.26
CA ILE J 47 39.93 -79.88 4.29
C ILE J 47 38.61 -80.56 3.95
N GLU J 48 37.64 -79.78 3.48
CA GLU J 48 36.35 -80.33 3.10
C GLU J 48 36.48 -81.37 1.99
N ALA J 49 37.35 -81.11 1.01
CA ALA J 49 37.56 -82.05 -0.09
C ALA J 49 37.90 -83.45 0.43
N LEU J 50 38.79 -83.53 1.44
CA LEU J 50 39.14 -84.83 1.99
C LEU J 50 37.98 -85.50 2.70
N ALA J 51 36.98 -84.73 3.11
CA ALA J 51 35.76 -85.27 3.71
C ALA J 51 36.02 -86.32 4.78
N PRO J 52 36.67 -85.94 5.88
CA PRO J 52 36.79 -86.86 7.01
C PRO J 52 35.55 -86.82 7.90
N HIS J 53 35.31 -87.95 8.58
CA HIS J 53 34.20 -88.02 9.53
C HIS J 53 34.58 -87.37 10.85
N SER J 54 35.61 -87.89 11.51
CA SER J 54 36.17 -87.28 12.71
C SER J 54 37.63 -86.90 12.45
N VAL J 55 38.17 -86.07 13.33
CA VAL J 55 39.53 -85.55 13.18
C VAL J 55 40.18 -85.46 14.56
N VAL J 56 41.35 -86.10 14.70
CA VAL J 56 42.07 -86.14 15.96
C VAL J 56 43.12 -85.03 15.96
N PHE J 57 43.12 -84.22 17.02
CA PHE J 57 44.05 -83.11 17.17
C PHE J 57 45.03 -83.40 18.30
N THR J 58 45.96 -82.46 18.48
CA THR J 58 46.89 -82.45 19.60
C THR J 58 46.88 -81.06 20.19
N THR J 59 46.72 -80.96 21.51
CA THR J 59 46.59 -79.69 22.20
C THR J 59 47.57 -79.65 23.37
N ALA J 60 47.57 -78.51 24.06
CA ALA J 60 48.35 -78.33 25.27
C ALA J 60 47.48 -77.59 26.27
N GLY J 61 47.45 -78.09 27.51
CA GLY J 61 46.58 -77.52 28.51
C GLY J 61 45.11 -77.60 28.18
N GLY J 62 44.71 -78.62 27.43
CA GLY J 62 43.31 -78.78 27.06
C GLY J 62 42.73 -77.59 26.33
N SER J 63 43.56 -76.84 25.61
CA SER J 63 43.08 -75.67 24.90
C SER J 63 42.39 -76.07 23.60
N SER J 64 41.80 -75.08 22.95
CA SER J 64 41.11 -75.32 21.69
C SER J 64 42.10 -75.78 20.63
N PRO J 65 41.75 -76.75 19.79
CA PRO J 65 42.68 -77.21 18.76
C PRO J 65 43.00 -76.10 17.77
N GLU J 66 44.26 -76.06 17.34
CA GLU J 66 44.74 -75.07 16.38
C GLU J 66 45.66 -75.75 15.39
N PHE J 67 45.43 -75.52 14.09
CA PHE J 67 46.33 -76.04 13.08
C PHE J 67 47.74 -75.48 13.23
N THR J 68 47.89 -74.32 13.87
CA THR J 68 49.20 -73.72 14.06
C THR J 68 49.97 -74.34 15.22
N SER J 69 49.32 -75.19 16.02
CA SER J 69 49.93 -75.74 17.22
C SER J 69 49.70 -77.24 17.37
N SER J 70 49.11 -77.89 16.38
CA SER J 70 48.82 -79.32 16.45
C SER J 70 49.89 -80.11 15.73
N GLU J 71 50.33 -81.21 16.34
CA GLU J 71 51.26 -82.15 15.72
C GLU J 71 50.89 -83.56 16.14
N ILE J 72 51.10 -84.51 15.23
CA ILE J 72 50.81 -85.92 15.47
C ILE J 72 52.12 -86.70 15.50
N SER J 73 52.38 -87.37 16.63
CA SER J 73 53.55 -88.23 16.76
C SER J 73 53.32 -89.55 16.02
N GLU J 74 54.42 -90.26 15.77
CA GLU J 74 54.33 -91.52 15.03
C GLU J 74 53.50 -92.55 15.78
N GLN J 75 53.75 -92.70 17.08
CA GLN J 75 52.96 -93.63 17.88
C GLN J 75 51.50 -93.18 17.94
N GLN J 76 51.28 -91.88 18.12
CA GLN J 76 49.92 -91.34 18.10
C GLN J 76 49.20 -91.71 16.80
N ALA J 77 49.92 -91.72 15.68
CA ALA J 77 49.30 -92.06 14.41
C ALA J 77 48.89 -93.52 14.35
N GLU J 78 49.71 -94.41 14.92
CA GLU J 78 49.40 -95.83 14.89
C GLU J 78 48.26 -96.21 15.84
N ARG J 79 47.99 -95.41 16.87
CA ARG J 79 46.92 -95.73 17.81
C ARG J 79 45.58 -95.86 17.09
N TRP J 80 45.03 -94.76 16.59
CA TRP J 80 43.78 -94.82 15.85
C TRP J 80 44.00 -95.61 14.56
N LYS J 81 43.43 -96.80 14.49
CA LYS J 81 43.50 -97.57 13.25
C LYS J 81 42.63 -96.92 12.19
N ASP J 82 42.99 -97.17 10.93
CA ASP J 82 42.24 -96.62 9.78
C ASP J 82 42.29 -95.09 9.79
N SER J 83 43.48 -94.54 10.04
CA SER J 83 43.67 -93.10 10.11
C SER J 83 44.87 -92.71 9.27
N THR J 84 44.80 -91.51 8.68
CA THR J 84 45.84 -90.98 7.83
C THR J 84 46.36 -89.67 8.39
N PRO J 85 47.68 -89.50 8.52
CA PRO J 85 48.22 -88.22 9.00
C PRO J 85 48.22 -87.18 7.89
N LEU J 86 47.69 -86.01 8.20
CA LEU J 86 47.67 -84.87 7.28
C LEU J 86 48.52 -83.75 7.87
N GLY J 87 49.52 -83.30 7.11
CA GLY J 87 50.33 -82.17 7.50
C GLY J 87 49.87 -80.91 6.80
N VAL J 88 49.65 -79.86 7.59
CA VAL J 88 49.17 -78.58 7.09
C VAL J 88 50.12 -77.50 7.58
N SER J 89 50.76 -76.79 6.64
CA SER J 89 51.60 -75.66 6.98
C SER J 89 51.49 -74.60 5.89
N GLN J 90 51.85 -73.38 6.25
CA GLN J 90 52.00 -72.29 5.30
C GLN J 90 53.43 -71.78 5.36
N THR J 91 54.08 -71.65 4.20
CA THR J 91 55.47 -71.26 4.14
C THR J 91 55.75 -70.59 2.79
N ARG J 92 56.99 -70.14 2.62
CA ARG J 92 57.38 -69.35 1.47
C ARG J 92 57.86 -70.27 0.35
N ILE J 93 57.16 -70.24 -0.79
CA ILE J 93 57.56 -70.98 -1.99
C ILE J 93 58.26 -70.01 -2.94
N GLU J 94 59.41 -70.41 -3.45
CA GLU J 94 60.23 -69.56 -4.31
C GLU J 94 60.70 -70.37 -5.51
N SER J 95 60.47 -69.85 -6.70
CA SER J 95 60.95 -70.44 -7.94
C SER J 95 62.13 -69.64 -8.49
N ASP J 96 62.76 -70.19 -9.54
CA ASP J 96 63.90 -69.53 -10.14
C ASP J 96 63.56 -68.14 -10.69
N GLN J 97 62.32 -67.94 -11.13
CA GLN J 97 61.93 -66.71 -11.81
C GLN J 97 60.89 -65.89 -11.06
N ASN J 98 60.27 -66.45 -10.03
CA ASN J 98 59.23 -65.75 -9.29
C ASN J 98 59.17 -66.34 -7.89
N ALA J 99 58.25 -65.82 -7.07
CA ALA J 99 58.06 -66.32 -5.72
C ALA J 99 56.67 -65.92 -5.25
N ASN J 100 56.23 -66.56 -4.16
CA ASN J 100 54.92 -66.31 -3.58
C ASN J 100 54.82 -67.14 -2.29
N THR J 101 53.74 -66.90 -1.55
CA THR J 101 53.42 -67.68 -0.36
C THR J 101 52.30 -68.66 -0.67
N THR J 102 52.41 -69.87 -0.15
CA THR J 102 51.40 -70.90 -0.38
C THR J 102 51.30 -71.81 0.83
N ALA J 103 50.17 -72.49 0.93
CA ALA J 103 49.96 -73.52 1.94
C ALA J 103 50.47 -74.85 1.43
N VAL J 104 51.07 -75.64 2.32
CA VAL J 104 51.60 -76.95 1.98
C VAL J 104 50.88 -77.99 2.84
N MET J 105 50.23 -78.95 2.19
CA MET J 105 49.63 -80.10 2.84
C MET J 105 50.42 -81.35 2.51
N GLY J 106 50.70 -82.16 3.52
CA GLY J 106 51.45 -83.37 3.32
C GLY J 106 50.70 -84.62 3.73
N LEU J 107 50.67 -85.61 2.85
CA LEU J 107 50.01 -86.89 3.09
C LEU J 107 50.93 -88.03 2.70
N PRO J 108 50.61 -89.25 3.14
CA PRO J 108 51.47 -90.39 2.80
C PRO J 108 51.53 -90.63 1.30
N GLU J 109 52.70 -91.07 0.84
CA GLU J 109 52.93 -91.28 -0.57
C GLU J 109 51.95 -92.31 -1.14
N GLY J 110 51.37 -91.99 -2.30
CA GLY J 110 50.44 -92.88 -2.96
C GLY J 110 48.99 -92.68 -2.57
N THR J 111 48.70 -91.87 -1.56
CA THR J 111 47.32 -91.63 -1.17
C THR J 111 46.57 -90.97 -2.32
N PRO J 112 45.42 -91.51 -2.74
CA PRO J 112 44.67 -90.88 -3.84
C PRO J 112 44.13 -89.52 -3.42
N LEU J 113 44.31 -88.55 -4.30
CA LEU J 113 43.81 -87.21 -4.01
C LEU J 113 42.32 -87.11 -4.37
N PRO J 114 41.59 -86.23 -3.68
CA PRO J 114 40.17 -86.08 -3.98
C PRO J 114 39.95 -85.71 -5.44
N ASP J 115 38.81 -86.17 -5.98
CA ASP J 115 38.50 -85.87 -7.37
C ASP J 115 38.53 -84.38 -7.65
N SER J 116 38.30 -83.55 -6.62
CA SER J 116 38.53 -82.12 -6.74
C SER J 116 39.93 -81.83 -7.30
N VAL J 117 40.92 -82.58 -6.86
CA VAL J 117 42.29 -82.41 -7.34
C VAL J 117 42.74 -83.58 -8.21
N GLY J 118 42.22 -84.78 -7.99
CA GLY J 118 42.60 -85.93 -8.79
C GLY J 118 44.06 -86.31 -8.64
N GLY J 119 44.47 -87.37 -9.34
CA GLY J 119 45.82 -87.89 -9.24
C GLY J 119 46.08 -88.54 -7.88
N PHE J 120 47.36 -88.78 -7.63
CA PHE J 120 47.84 -89.44 -6.42
C PHE J 120 49.04 -88.68 -5.86
N ILE J 121 49.19 -88.73 -4.54
CA ILE J 121 50.38 -88.15 -3.91
C ILE J 121 51.62 -88.89 -4.38
N GLU J 122 52.51 -88.18 -5.05
CA GLU J 122 53.75 -88.72 -5.57
C GLU J 122 54.94 -88.10 -4.84
N GLN J 123 56.11 -88.71 -5.04
CA GLN J 123 57.33 -88.16 -4.47
C GLN J 123 57.59 -86.77 -5.03
N GLY J 124 57.81 -85.81 -4.14
CA GLY J 124 57.98 -84.44 -4.56
C GLY J 124 56.78 -83.59 -4.23
N ALA J 125 56.58 -82.51 -4.98
CA ALA J 125 55.48 -81.57 -4.73
C ALA J 125 54.62 -81.49 -5.98
N LEU J 126 53.31 -81.60 -5.78
CA LEU J 126 52.34 -81.41 -6.86
C LEU J 126 51.80 -80.00 -6.76
N LEU J 127 52.11 -79.18 -7.74
CA LEU J 127 51.75 -77.77 -7.65
C LEU J 127 50.42 -77.50 -8.35
N PRO J 128 49.62 -76.57 -7.83
CA PRO J 128 48.45 -76.11 -8.58
C PRO J 128 48.88 -75.49 -9.91
N ALA J 129 48.13 -75.80 -10.96
CA ALA J 129 48.50 -75.35 -12.31
C ALA J 129 48.63 -73.83 -12.36
N GLU J 130 47.75 -73.11 -11.67
CA GLU J 130 47.78 -71.66 -11.71
C GLU J 130 49.04 -71.10 -11.03
N LEU J 131 49.45 -71.71 -9.92
CA LEU J 131 50.66 -71.24 -9.24
C LEU J 131 51.91 -71.58 -10.04
N ALA J 132 51.96 -72.78 -10.62
CA ALA J 132 53.10 -73.16 -11.44
C ALA J 132 53.22 -72.25 -12.66
N ASP J 133 52.09 -71.86 -13.24
CA ASP J 133 52.12 -70.90 -14.35
C ASP J 133 52.65 -69.55 -13.88
N PHE J 134 52.26 -69.10 -12.69
CA PHE J 134 52.73 -67.83 -12.17
C PHE J 134 54.26 -67.80 -12.09
N LEU J 135 54.85 -68.86 -11.56
CA LEU J 135 56.30 -68.91 -11.36
C LEU J 135 57.06 -69.26 -12.63
N HIS J 136 56.37 -69.55 -13.73
CA HIS J 136 57.01 -69.95 -14.98
C HIS J 136 57.81 -71.24 -14.76
N VAL J 137 57.20 -72.20 -14.07
CA VAL J 137 57.83 -73.46 -13.74
C VAL J 137 56.98 -74.59 -14.30
N ARG J 138 57.66 -75.65 -14.74
CA ARG J 138 57.03 -76.84 -15.29
C ARG J 138 57.40 -78.06 -14.44
N ALA J 139 57.08 -79.23 -14.95
CA ALA J 139 57.42 -80.46 -14.24
C ALA J 139 58.93 -80.66 -14.27
N GLY J 140 59.53 -80.85 -13.09
CA GLY J 140 60.95 -81.01 -12.97
C GLY J 140 61.70 -79.79 -12.48
N ASP J 141 61.02 -78.67 -12.29
CA ASP J 141 61.67 -77.46 -11.81
C ASP J 141 61.79 -77.48 -10.29
N HIS J 142 62.82 -76.81 -9.78
CA HIS J 142 63.11 -76.77 -8.36
C HIS J 142 62.49 -75.54 -7.70
N ILE J 143 61.97 -75.73 -6.48
CA ILE J 143 61.36 -74.66 -5.71
C ILE J 143 61.82 -74.78 -4.26
N THR J 144 61.90 -73.65 -3.59
CA THR J 144 62.28 -73.58 -2.18
C THR J 144 61.03 -73.49 -1.32
N LEU J 145 60.80 -74.50 -0.50
CA LEU J 145 59.63 -74.57 0.38
C LEU J 145 60.11 -74.59 1.82
N GLY J 146 59.87 -73.50 2.54
CA GLY J 146 60.27 -73.43 3.94
C GLY J 146 61.74 -73.66 4.17
N GLY J 147 62.59 -73.14 3.29
CA GLY J 147 64.02 -73.30 3.42
C GLY J 147 64.60 -74.57 2.84
N ALA J 148 63.80 -75.36 2.13
CA ALA J 148 64.27 -76.59 1.51
C ALA J 148 63.88 -76.61 0.04
N THR J 149 64.75 -77.20 -0.78
CA THR J 149 64.45 -77.40 -2.19
C THR J 149 63.67 -78.70 -2.40
N VAL J 150 62.69 -78.64 -3.31
CA VAL J 150 61.81 -79.77 -3.58
C VAL J 150 61.57 -79.85 -5.08
N THR J 151 61.33 -81.07 -5.56
CA THR J 151 61.07 -81.30 -6.98
C THR J 151 59.57 -81.26 -7.25
N VAL J 152 59.19 -80.54 -8.31
CA VAL J 152 57.79 -80.47 -8.73
C VAL J 152 57.41 -81.78 -9.39
N ALA J 153 56.50 -82.53 -8.77
CA ALA J 153 56.09 -83.82 -9.32
C ALA J 153 55.07 -83.67 -10.44
N GLY J 154 54.31 -82.58 -10.43
CA GLY J 154 53.29 -82.37 -11.44
C GLY J 154 52.29 -81.34 -11.00
N THR J 155 51.38 -81.01 -11.93
CA THR J 155 50.34 -80.03 -11.69
C THR J 155 49.02 -80.72 -11.34
N VAL J 156 48.17 -80.00 -10.61
CA VAL J 156 46.87 -80.51 -10.17
C VAL J 156 45.88 -79.36 -10.16
N LYS J 157 44.67 -79.62 -9.69
CA LYS J 157 43.68 -78.55 -9.53
C LYS J 157 43.94 -77.80 -8.22
N THR J 158 43.17 -76.75 -7.98
CA THR J 158 43.40 -75.82 -6.88
C THR J 158 42.39 -76.06 -5.76
N GLU J 159 42.92 -76.29 -4.56
CA GLU J 159 42.18 -76.20 -3.30
C GLU J 159 42.83 -75.14 -2.43
N ASN J 160 42.14 -74.75 -1.36
CA ASN J 160 42.55 -73.60 -0.57
C ASN J 160 42.62 -73.93 0.91
N TYR J 161 43.55 -73.26 1.59
CA TYR J 161 43.66 -73.33 3.05
C TYR J 161 44.13 -71.96 3.53
N SER J 162 43.31 -71.30 4.35
CA SER J 162 43.65 -69.98 4.88
C SER J 162 44.01 -69.02 3.75
N HIS J 163 43.13 -68.92 2.77
CA HIS J 163 43.28 -68.02 1.63
C HIS J 163 44.54 -68.31 0.81
N THR J 164 45.09 -69.51 0.93
CA THR J 164 46.25 -69.90 0.16
C THR J 164 45.98 -71.20 -0.60
N PRO J 165 46.57 -71.36 -1.78
CA PRO J 165 46.43 -72.64 -2.49
C PRO J 165 47.22 -73.74 -1.80
N VAL J 166 46.75 -74.96 -1.99
CA VAL J 166 47.32 -76.13 -1.32
C VAL J 166 48.27 -76.82 -2.28
N VAL J 167 49.53 -76.92 -1.89
CA VAL J 167 50.52 -77.72 -2.59
C VAL J 167 50.58 -79.09 -1.90
N TRP J 168 50.43 -80.15 -2.68
CA TRP J 168 50.31 -81.50 -2.14
C TRP J 168 51.65 -82.22 -2.28
N VAL J 169 52.17 -82.71 -1.16
CA VAL J 169 53.48 -83.35 -1.11
C VAL J 169 53.36 -84.62 -0.27
N ASP J 170 54.37 -85.48 -0.41
CA ASP J 170 54.41 -86.70 0.38
C ASP J 170 54.78 -86.39 1.83
N THR J 171 54.32 -87.26 2.74
CA THR J 171 54.54 -87.03 4.16
C THR J 171 56.01 -86.77 4.47
N ALA J 172 56.91 -87.46 3.77
CA ALA J 172 58.33 -87.24 3.99
C ALA J 172 58.73 -85.82 3.59
N THR J 173 58.26 -85.36 2.43
CA THR J 173 58.62 -84.03 1.95
C THR J 173 58.09 -82.96 2.89
N TRP J 174 56.86 -83.12 3.38
CA TRP J 174 56.29 -82.13 4.29
C TRP J 174 57.14 -81.97 5.54
N GLN J 175 57.72 -83.08 6.04
CA GLN J 175 58.61 -82.98 7.19
C GLN J 175 59.79 -82.08 6.91
N LEU J 176 60.35 -82.19 5.70
CA LEU J 176 61.48 -81.33 5.32
C LEU J 176 61.05 -79.88 5.17
N VAL J 177 59.84 -79.64 4.66
CA VAL J 177 59.40 -78.27 4.41
C VAL J 177 59.02 -77.57 5.72
N SER J 178 58.52 -78.32 6.70
CA SER J 178 58.12 -77.74 7.98
C SER J 178 59.11 -78.01 9.11
N HIS J 179 60.18 -78.75 8.84
CA HIS J 179 61.25 -78.95 9.81
C HIS J 179 60.73 -79.53 11.13
N THR J 180 60.12 -80.71 11.03
CA THR J 180 59.55 -81.38 12.19
C THR J 180 59.68 -82.88 12.00
N LYS J 181 59.91 -83.58 13.12
CA LYS J 181 59.99 -85.04 13.11
C LYS J 181 58.62 -85.72 13.12
N ALA J 182 57.55 -84.97 13.37
CA ALA J 182 56.21 -85.55 13.37
C ALA J 182 55.84 -86.01 11.96
N VAL J 183 54.92 -86.98 11.90
CA VAL J 183 54.44 -87.49 10.62
C VAL J 183 53.28 -86.68 10.06
N GLY J 184 52.78 -85.71 10.82
CA GLY J 184 51.72 -84.86 10.33
C GLY J 184 51.26 -83.92 11.42
N THR J 185 50.32 -83.06 11.06
CA THR J 185 49.74 -82.11 11.99
C THR J 185 48.39 -82.55 12.54
N VAL J 186 47.64 -83.33 11.77
CA VAL J 186 46.35 -83.87 12.21
C VAL J 186 46.23 -85.30 11.69
N LEU J 187 45.21 -86.01 12.19
CA LEU J 187 44.88 -87.36 11.74
C LEU J 187 43.46 -87.36 11.21
N LEU J 188 43.30 -87.76 9.95
CA LEU J 188 41.98 -87.83 9.33
C LEU J 188 41.33 -89.18 9.59
N LEU J 189 40.11 -89.15 10.14
CA LEU J 189 39.32 -90.34 10.43
C LEU J 189 38.08 -90.34 9.56
N ASN J 190 37.90 -91.39 8.76
CA ASN J 190 36.75 -91.50 7.88
C ASN J 190 35.53 -92.09 8.57
N GLN J 191 35.73 -93.04 9.48
CA GLN J 191 34.64 -93.59 10.27
C GLN J 191 34.67 -92.99 11.69
N GLU J 192 33.83 -93.51 12.57
CA GLU J 192 33.81 -93.01 13.94
C GLU J 192 34.96 -93.61 14.75
N PRO J 193 35.66 -92.79 15.54
CA PRO J 193 36.79 -93.30 16.33
C PRO J 193 36.29 -94.19 17.47
N THR J 194 36.94 -95.34 17.63
CA THR J 194 36.57 -96.31 18.66
C THR J 194 37.57 -96.33 19.81
N ILE J 195 38.53 -95.41 19.82
CA ILE J 195 39.52 -95.30 20.90
C ILE J 195 39.33 -93.96 21.59
N GLN J 196 39.52 -93.94 22.90
CA GLN J 196 39.40 -92.66 23.59
C GLN J 196 40.73 -91.90 23.54
N PRO J 197 40.68 -90.59 23.36
CA PRO J 197 41.90 -89.81 23.18
C PRO J 197 42.52 -89.40 24.51
N GLN J 198 43.79 -88.99 24.43
CA GLN J 198 44.55 -88.59 25.59
C GLN J 198 44.25 -87.14 25.95
N ASP J 199 44.67 -86.73 27.15
CA ASP J 199 44.39 -85.38 27.64
C ASP J 199 44.77 -84.32 26.61
N ASN J 200 45.87 -84.53 25.91
CA ASN J 200 46.34 -83.59 24.89
C ASN J 200 45.74 -83.89 23.52
N GLU J 201 44.96 -84.95 23.41
CA GLU J 201 44.31 -85.36 22.17
C GLU J 201 42.87 -84.89 22.15
N VAL J 202 42.33 -84.73 20.94
CA VAL J 202 40.96 -84.24 20.78
C VAL J 202 40.37 -84.73 19.47
N VAL J 203 39.23 -85.40 19.56
CA VAL J 203 38.48 -85.82 18.38
C VAL J 203 37.45 -84.75 18.08
N THR J 204 37.29 -84.42 16.80
CA THR J 204 36.41 -83.33 16.41
C THR J 204 35.69 -83.65 15.12
N ASP J 205 34.51 -83.06 14.96
CA ASP J 205 33.76 -83.12 13.72
C ASP J 205 34.34 -82.14 12.71
N LEU J 206 33.86 -82.22 11.47
CA LEU J 206 34.36 -81.31 10.43
C LEU J 206 34.23 -79.86 10.86
N LYS J 207 33.11 -79.52 11.52
CA LYS J 207 32.92 -78.16 12.03
C LYS J 207 34.03 -77.78 13.00
N GLY J 208 34.25 -78.59 14.03
CA GLY J 208 35.28 -78.28 15.00
C GLY J 208 36.67 -78.21 14.40
N ALA J 209 36.92 -78.93 13.31
CA ALA J 209 38.20 -78.84 12.63
C ALA J 209 38.45 -77.44 12.08
N PHE J 210 37.38 -76.74 11.70
CA PHE J 210 37.51 -75.36 11.24
C PHE J 210 37.90 -74.42 12.37
N GLN J 211 37.48 -74.72 13.60
CA GLN J 211 37.90 -73.93 14.75
C GLN J 211 39.41 -73.86 14.88
N ALA J 212 40.14 -74.80 14.29
CA ALA J 212 41.59 -74.82 14.36
C ALA J 212 42.27 -74.03 13.25
N MET J 213 41.51 -73.58 12.26
CA MET J 213 42.10 -72.74 11.21
C MET J 213 42.19 -71.29 11.70
N PRO J 214 43.30 -70.60 11.44
CA PRO J 214 43.51 -69.28 12.04
C PRO J 214 42.52 -68.23 11.54
N ALA J 215 42.40 -68.10 10.23
CA ALA J 215 41.58 -67.03 9.65
C ALA J 215 40.09 -67.33 9.70
N TYR J 216 39.69 -68.60 9.83
CA TYR J 216 38.30 -68.96 9.58
C TYR J 216 37.38 -68.43 10.68
N LYS J 217 37.63 -68.82 11.93
CA LYS J 217 36.74 -68.44 13.02
C LYS J 217 36.67 -66.92 13.17
N SER J 218 37.83 -66.26 13.15
CA SER J 218 37.90 -64.82 13.37
C SER J 218 37.31 -64.01 12.22
N GLU J 219 37.05 -64.62 11.07
CA GLU J 219 36.57 -63.91 9.89
C GLU J 219 35.12 -64.19 9.55
N ARG J 220 34.65 -65.44 9.69
CA ARG J 220 33.25 -65.72 9.43
C ARG J 220 32.33 -65.00 10.41
N SER J 221 32.77 -64.84 11.66
CA SER J 221 31.94 -64.15 12.65
C SER J 221 31.79 -62.67 12.30
N SER J 222 32.89 -62.02 11.92
CA SER J 222 32.82 -60.59 11.60
C SER J 222 31.95 -60.34 10.38
N LEU J 223 32.00 -61.23 9.38
CA LEU J 223 31.16 -61.06 8.20
C LEU J 223 29.67 -61.20 8.54
N LEU J 224 29.34 -62.14 9.42
CA LEU J 224 27.93 -62.31 9.80
C LEU J 224 27.41 -61.09 10.53
N SER J 225 28.22 -60.48 11.40
CA SER J 225 27.77 -59.29 12.10
C SER J 225 27.43 -58.16 11.12
N MET J 226 28.26 -57.96 10.11
CA MET J 226 27.95 -56.97 9.08
C MET J 226 26.64 -57.31 8.37
N GLN J 227 26.43 -58.59 8.06
CA GLN J 227 25.15 -58.98 7.47
C GLN J 227 24.00 -58.69 8.42
N ALA J 228 24.21 -58.91 9.71
CA ALA J 228 23.17 -58.62 10.70
C ALA J 228 22.84 -57.13 10.72
N PHE J 229 23.88 -56.28 10.66
CA PHE J 229 23.64 -54.85 10.55
C PHE J 229 22.80 -54.53 9.31
N LEU J 230 23.07 -55.21 8.20
CA LEU J 230 22.32 -54.94 6.97
C LEU J 230 20.85 -55.34 7.12
N TYR J 231 20.59 -56.51 7.74
CA TYR J 231 19.21 -56.90 8.00
C TYR J 231 18.53 -55.92 8.94
N ILE J 232 19.24 -55.48 9.98
CA ILE J 232 18.66 -54.54 10.93
C ILE J 232 18.30 -53.23 10.23
N ILE J 233 19.21 -52.73 9.39
CA ILE J 233 18.95 -51.48 8.69
C ILE J 233 17.72 -51.60 7.79
N SER J 234 17.57 -52.75 7.10
CA SER J 234 16.40 -52.95 6.26
C SER J 234 15.11 -52.83 7.06
N ALA J 235 15.02 -53.54 8.19
CA ALA J 235 13.83 -53.47 9.02
C ALA J 235 13.54 -52.04 9.46
N LEU J 236 14.57 -51.32 9.93
CA LEU J 236 14.37 -49.96 10.38
C LEU J 236 13.96 -49.05 9.23
N VAL J 237 14.59 -49.21 8.06
CA VAL J 237 14.24 -48.39 6.91
C VAL J 237 12.77 -48.56 6.56
N THR J 238 12.32 -49.82 6.49
CA THR J 238 10.91 -50.08 6.18
C THR J 238 9.98 -49.53 7.26
N VAL J 239 10.31 -49.79 8.53
CA VAL J 239 9.46 -49.30 9.61
C VAL J 239 9.41 -47.78 9.60
N ALA J 240 10.56 -47.14 9.44
CA ALA J 240 10.60 -45.68 9.39
C ALA J 240 9.74 -45.16 8.24
N PHE J 241 10.02 -45.62 7.03
CA PHE J 241 9.25 -45.18 5.87
C PHE J 241 7.75 -45.40 6.08
N LEU J 242 7.36 -46.60 6.52
CA LEU J 242 5.94 -46.96 6.52
C LEU J 242 5.17 -46.26 7.64
N THR J 243 5.79 -46.02 8.79
CA THR J 243 5.13 -45.27 9.86
C THR J 243 4.84 -43.84 9.42
N VAL J 244 5.84 -43.17 8.84
CA VAL J 244 5.61 -41.81 8.34
C VAL J 244 4.54 -41.84 7.25
N TRP J 245 4.49 -42.90 6.45
CA TRP J 245 3.51 -42.95 5.38
C TRP J 245 2.10 -43.12 5.93
N THR J 246 1.90 -44.11 6.80
CA THR J 246 0.56 -44.32 7.36
C THR J 246 0.09 -43.13 8.18
N LEU J 247 1.01 -42.44 8.88
CA LEU J 247 0.62 -41.25 9.62
C LEU J 247 0.08 -40.16 8.70
N GLN J 248 0.62 -40.07 7.48
CA GLN J 248 0.13 -39.07 6.53
C GLN J 248 -1.22 -39.45 5.93
N ARG J 249 -1.63 -40.71 6.06
CA ARG J 249 -2.91 -41.19 5.56
C ARG J 249 -4.02 -41.07 6.59
N THR J 250 -3.72 -40.60 7.80
CA THR J 250 -4.69 -40.54 8.88
C THR J 250 -6.05 -40.03 8.39
N ARG J 251 -6.03 -39.02 7.52
CA ARG J 251 -7.29 -38.44 7.04
C ARG J 251 -8.05 -39.43 6.16
N ASP J 252 -7.35 -40.08 5.23
CA ASP J 252 -8.00 -41.02 4.32
C ASP J 252 -8.45 -42.27 5.07
N ILE J 253 -7.68 -42.72 6.07
CA ILE J 253 -8.08 -43.89 6.83
C ILE J 253 -9.35 -43.62 7.63
N ALA J 254 -9.48 -42.41 8.17
CA ALA J 254 -10.67 -42.06 8.92
C ALA J 254 -11.92 -42.09 8.04
N VAL J 255 -11.81 -41.60 6.80
CA VAL J 255 -12.97 -41.56 5.92
C VAL J 255 -13.47 -42.97 5.62
N LEU J 256 -12.55 -43.89 5.34
CA LEU J 256 -12.94 -45.27 5.08
C LEU J 256 -13.53 -45.92 6.33
N ALA J 257 -12.94 -45.64 7.50
CA ALA J 257 -13.48 -46.17 8.75
C ALA J 257 -14.90 -45.64 8.98
N ALA J 258 -15.09 -44.32 8.81
CA ALA J 258 -16.41 -43.74 8.98
C ALA J 258 -17.43 -44.34 8.03
N LEU J 259 -17.03 -44.58 6.78
CA LEU J 259 -17.94 -45.16 5.80
C LEU J 259 -18.34 -46.58 6.14
N GLY J 260 -17.58 -47.28 6.98
CA GLY J 260 -17.94 -48.62 7.37
C GLY J 260 -16.86 -49.66 7.12
N ALA J 261 -15.68 -49.23 6.69
CA ALA J 261 -14.58 -50.17 6.45
C ALA J 261 -14.19 -50.86 7.75
N SER J 262 -14.20 -52.18 7.73
CA SER J 262 -13.83 -52.95 8.91
C SER J 262 -12.35 -52.75 9.24
N LYS J 263 -11.99 -53.08 10.48
CA LYS J 263 -10.58 -53.00 10.88
C LYS J 263 -9.73 -54.00 10.09
N ARG J 264 -10.26 -55.21 9.86
CA ARG J 264 -9.52 -56.18 9.07
C ARG J 264 -9.29 -55.67 7.64
N TYR J 265 -10.30 -55.04 7.06
CA TYR J 265 -10.15 -54.47 5.72
C TYR J 265 -9.02 -53.44 5.69
N LEU J 266 -9.01 -52.53 6.67
CA LEU J 266 -8.01 -51.47 6.67
C LEU J 266 -6.61 -52.03 6.86
N LEU J 267 -6.45 -53.02 7.73
CA LEU J 267 -5.14 -53.59 7.99
C LEU J 267 -4.62 -54.35 6.77
N ILE J 268 -5.50 -55.08 6.08
CA ILE J 268 -5.08 -55.80 4.87
C ILE J 268 -4.61 -54.83 3.80
N ASP J 269 -5.29 -53.69 3.67
CA ASP J 269 -4.85 -52.68 2.72
C ASP J 269 -3.40 -52.27 2.97
N ALA J 270 -3.07 -51.94 4.21
CA ALA J 270 -1.73 -51.44 4.52
C ALA J 270 -0.66 -52.49 4.28
N LEU J 271 -0.86 -53.71 4.81
CA LEU J 271 0.15 -54.74 4.63
C LEU J 271 0.27 -55.17 3.17
N GLY J 272 -0.85 -55.19 2.44
CA GLY J 272 -0.78 -55.48 1.03
C GLY J 272 0.07 -54.48 0.27
N GLN J 273 -0.11 -53.19 0.57
CA GLN J 273 0.71 -52.16 -0.06
C GLN J 273 2.19 -52.35 0.29
N ALA J 274 2.47 -52.57 1.57
CA ALA J 274 3.86 -52.77 1.97
C ALA J 274 4.44 -54.03 1.34
N ALA J 275 3.68 -55.12 1.32
CA ALA J 275 4.17 -56.37 0.77
C ALA J 275 4.51 -56.22 -0.70
N ILE J 276 3.66 -55.52 -1.46
CA ILE J 276 3.94 -55.31 -2.88
C ILE J 276 5.23 -54.53 -3.06
N ILE J 277 5.39 -53.44 -2.29
CA ILE J 277 6.59 -52.62 -2.41
C ILE J 277 7.82 -53.41 -1.94
N LEU J 278 7.70 -54.08 -0.78
CA LEU J 278 8.82 -54.84 -0.27
C LEU J 278 9.20 -55.97 -1.22
N ALA J 279 8.21 -56.67 -1.79
CA ALA J 279 8.49 -57.70 -2.77
C ALA J 279 9.18 -57.11 -4.00
N ALA J 280 8.61 -56.03 -4.55
CA ALA J 280 9.24 -55.37 -5.69
C ALA J 280 10.67 -54.97 -5.37
N GLY J 281 10.88 -54.27 -4.25
CA GLY J 281 12.22 -53.85 -3.88
C GLY J 281 13.17 -55.02 -3.73
N VAL J 282 12.74 -56.07 -3.04
CA VAL J 282 13.60 -57.21 -2.79
C VAL J 282 13.90 -57.94 -4.10
N ALA J 283 12.90 -58.10 -4.96
CA ALA J 283 13.13 -58.76 -6.25
C ALA J 283 14.15 -58.01 -7.08
N LEU J 284 13.99 -56.68 -7.17
CA LEU J 284 14.95 -55.89 -7.94
C LEU J 284 16.34 -55.95 -7.33
N GLY J 285 16.42 -55.80 -6.00
CA GLY J 285 17.72 -55.87 -5.34
C GLY J 285 18.39 -57.22 -5.52
N ALA J 286 17.63 -58.30 -5.34
CA ALA J 286 18.20 -59.63 -5.48
C ALA J 286 18.54 -59.94 -6.92
N GLY J 287 17.76 -59.40 -7.86
CA GLY J 287 18.08 -59.54 -9.27
C GLY J 287 19.41 -58.89 -9.63
N ILE J 288 19.51 -57.58 -9.37
CA ILE J 288 20.75 -56.86 -9.63
C ILE J 288 21.90 -57.47 -8.86
N GLY J 289 21.63 -57.99 -7.66
CA GLY J 289 22.66 -58.59 -6.84
C GLY J 289 23.29 -59.82 -7.49
N ALA J 290 22.45 -60.79 -7.86
CA ALA J 290 22.97 -61.99 -8.50
C ALA J 290 23.68 -61.65 -9.80
N LEU J 291 23.17 -60.67 -10.54
CA LEU J 291 23.81 -60.28 -11.80
C LEU J 291 25.18 -59.67 -11.55
N LEU J 292 25.27 -58.68 -10.66
CA LEU J 292 26.55 -58.07 -10.35
C LEU J 292 27.54 -59.10 -9.81
N GLY J 293 27.05 -60.03 -8.98
CA GLY J 293 27.94 -61.04 -8.44
C GLY J 293 28.43 -62.01 -9.50
N TRP J 294 27.51 -62.53 -10.31
CA TRP J 294 27.90 -63.40 -11.42
C TRP J 294 28.85 -62.70 -12.36
N LEU J 295 28.67 -61.39 -12.57
CA LEU J 295 29.60 -60.64 -13.39
C LEU J 295 30.96 -60.52 -12.71
N ILE J 296 30.98 -60.59 -11.38
CA ILE J 296 32.22 -60.44 -10.62
C ILE J 296 32.81 -61.77 -10.17
N ALA J 297 32.05 -62.87 -10.26
CA ALA J 297 32.47 -64.16 -9.72
C ALA J 297 33.70 -64.72 -10.43
N GLY J 298 34.30 -63.93 -11.31
CA GLY J 298 35.52 -64.35 -11.97
C GLY J 298 36.74 -63.73 -11.33
N SER J 299 36.57 -62.52 -10.79
CA SER J 299 37.66 -61.81 -10.13
C SER J 299 37.68 -61.99 -8.62
N VAL J 300 36.51 -62.13 -8.00
CA VAL J 300 36.42 -62.24 -6.54
C VAL J 300 35.64 -63.50 -6.17
N PRO J 301 36.03 -64.21 -5.11
CA PRO J 301 35.31 -65.43 -4.72
C PRO J 301 33.86 -65.15 -4.41
N PHE J 302 32.97 -65.75 -5.18
CA PHE J 302 31.53 -65.50 -5.07
C PHE J 302 30.76 -66.79 -5.35
N SER J 303 30.08 -67.31 -4.34
CA SER J 303 29.25 -68.49 -4.48
C SER J 303 27.82 -68.07 -4.80
N LEU J 304 27.29 -68.54 -5.92
CA LEU J 304 25.99 -68.10 -6.43
C LEU J 304 25.12 -69.32 -6.72
N GLY J 305 24.20 -69.61 -5.81
CA GLY J 305 23.20 -70.63 -6.03
C GLY J 305 21.80 -70.09 -5.92
N TRP J 306 20.83 -70.98 -5.70
CA TRP J 306 19.46 -70.54 -5.46
C TRP J 306 19.28 -70.06 -4.03
N VAL J 307 19.93 -70.72 -3.07
CA VAL J 307 19.76 -70.37 -1.67
C VAL J 307 20.49 -69.08 -1.32
N SER J 308 21.54 -68.74 -2.05
CA SER J 308 22.33 -67.56 -1.74
C SER J 308 21.74 -66.27 -2.30
N VAL J 309 20.74 -66.36 -3.18
CA VAL J 309 20.04 -65.19 -3.67
C VAL J 309 18.62 -65.10 -3.10
N LEU J 310 17.92 -66.24 -3.00
CA LEU J 310 16.54 -66.24 -2.54
C LEU J 310 16.41 -66.41 -1.03
N GLY J 311 17.40 -67.01 -0.38
CA GLY J 311 17.39 -67.11 1.06
C GLY J 311 17.29 -65.76 1.72
N PRO J 312 18.27 -64.88 1.45
CA PRO J 312 18.20 -63.53 2.02
C PRO J 312 16.97 -62.75 1.60
N ALA J 313 16.52 -62.93 0.35
CA ALA J 313 15.33 -62.22 -0.12
C ALA J 313 14.12 -62.53 0.74
N LEU J 314 13.86 -63.82 0.99
CA LEU J 314 12.71 -64.19 1.81
C LEU J 314 12.89 -63.72 3.25
N GLY J 315 14.12 -63.79 3.77
CA GLY J 315 14.37 -63.26 5.09
C GLY J 315 14.05 -61.78 5.19
N ILE J 316 14.50 -61.01 4.21
CA ILE J 316 14.22 -59.57 4.19
C ILE J 316 12.72 -59.33 4.05
N TRP J 317 12.06 -60.06 3.15
CA TRP J 317 10.63 -59.82 2.92
C TRP J 317 9.79 -60.14 4.15
N LEU J 318 10.12 -61.23 4.85
CA LEU J 318 9.38 -61.57 6.06
C LEU J 318 9.74 -60.63 7.19
N LEU J 319 11.02 -60.25 7.30
CA LEU J 319 11.41 -59.22 8.25
C LEU J 319 10.66 -57.93 7.98
N GLY J 320 10.50 -57.57 6.71
CA GLY J 320 9.77 -56.35 6.37
C GLY J 320 8.30 -56.43 6.73
N LEU J 321 7.68 -57.60 6.51
CA LEU J 321 6.27 -57.77 6.86
C LEU J 321 6.06 -57.70 8.37
N ILE J 322 6.94 -58.36 9.13
CA ILE J 322 6.86 -58.26 10.58
C ILE J 322 7.07 -56.81 11.02
N GLY J 323 8.07 -56.15 10.43
CA GLY J 323 8.27 -54.74 10.71
C GLY J 323 7.09 -53.89 10.30
N ALA J 324 6.48 -54.20 9.16
CA ALA J 324 5.36 -53.40 8.67
C ALA J 324 4.16 -53.47 9.61
N THR J 325 3.83 -54.67 10.08
CA THR J 325 2.73 -54.81 11.02
C THR J 325 2.98 -53.97 12.27
N ILE J 326 4.23 -53.90 12.72
CA ILE J 326 4.57 -53.03 13.85
C ILE J 326 4.26 -51.57 13.52
N ALA J 327 4.48 -51.18 12.26
CA ALA J 327 4.29 -49.78 11.88
C ALA J 327 2.82 -49.45 11.61
N VAL J 328 2.02 -50.44 11.19
CA VAL J 328 0.62 -50.20 10.87
C VAL J 328 -0.30 -50.44 12.06
N ARG J 329 0.22 -50.92 13.18
CA ARG J 329 -0.58 -51.27 14.35
C ARG J 329 -1.66 -50.24 14.69
N ASN J 330 -1.37 -48.95 14.49
CA ASN J 330 -2.29 -47.89 14.87
C ASN J 330 -3.27 -47.52 13.76
N VAL J 331 -3.27 -48.27 12.65
CA VAL J 331 -4.22 -47.98 11.58
C VAL J 331 -5.63 -48.42 11.97
N THR J 332 -5.77 -49.39 12.87
CA THR J 332 -7.07 -49.87 13.28
C THR J 332 -7.65 -49.14 14.48
N LYS J 333 -6.86 -48.30 15.14
CA LYS J 333 -7.34 -47.54 16.30
C LYS J 333 -7.76 -46.12 15.96
N VAL J 334 -7.51 -45.65 14.74
CA VAL J 334 -7.90 -44.30 14.35
C VAL J 334 -9.43 -44.24 14.35
N ASP J 335 -9.99 -43.34 15.18
CA ASP J 335 -11.43 -43.22 15.27
C ASP J 335 -11.99 -42.52 14.03
N PRO J 336 -13.20 -42.91 13.60
CA PRO J 336 -13.75 -42.35 12.37
C PRO J 336 -14.26 -40.93 12.53
N GLN J 337 -14.29 -40.40 13.75
CA GLN J 337 -14.76 -39.04 13.96
C GLN J 337 -13.80 -37.99 13.41
N ILE J 338 -12.61 -38.40 12.94
CA ILE J 338 -11.68 -37.43 12.37
C ILE J 338 -12.19 -36.89 11.04
N ALA J 339 -13.16 -37.57 10.42
CA ALA J 339 -13.71 -37.15 9.13
C ALA J 339 -14.82 -36.12 9.26
N LEU J 340 -15.50 -36.06 10.41
CA LEU J 340 -16.58 -35.12 10.62
C LEU J 340 -16.11 -33.67 10.80
N GLY J 341 -14.82 -33.45 10.99
CA GLY J 341 -14.32 -32.10 11.16
C GLY J 341 -13.88 -31.48 9.85
N ALA J 342 -13.97 -30.15 9.79
CA ALA J 342 -13.62 -29.38 8.60
C ALA J 342 -12.24 -28.76 8.79
N THR J 343 -11.27 -29.23 8.00
CA THR J 343 -9.92 -28.71 8.06
C THR J 343 -9.89 -27.22 7.70
N ALA K 3 -9.70 8.87 15.58
CA ALA K 3 -10.16 8.90 14.20
C ALA K 3 -9.12 8.29 13.27
N ALA K 4 -8.20 7.50 13.83
CA ALA K 4 -7.17 6.84 13.05
C ALA K 4 -7.52 5.37 12.88
N PRO K 5 -7.74 4.89 11.66
CA PRO K 5 -8.12 3.49 11.48
C PRO K 5 -6.98 2.55 11.82
N VAL K 6 -7.32 1.39 12.38
CA VAL K 6 -6.32 0.38 12.68
C VAL K 6 -6.04 -0.48 11.46
N LEU K 7 -7.09 -0.98 10.80
CA LEU K 7 -6.98 -1.88 9.67
C LEU K 7 -7.73 -1.30 8.48
N SER K 8 -7.11 -1.35 7.30
CA SER K 8 -7.71 -0.87 6.07
C SER K 8 -7.64 -1.95 5.00
N ILE K 9 -8.77 -2.56 4.69
CA ILE K 9 -8.89 -3.51 3.59
C ILE K 9 -9.54 -2.78 2.43
N THR K 10 -8.76 -2.48 1.40
CA THR K 10 -9.23 -1.70 0.26
C THR K 10 -9.21 -2.55 -1.00
N ASN K 11 -10.39 -2.70 -1.62
CA ASN K 11 -10.53 -3.41 -2.90
C ASN K 11 -9.78 -4.74 -2.88
N ALA K 12 -9.99 -5.51 -1.82
CA ALA K 12 -9.30 -6.77 -1.63
C ALA K 12 -10.08 -7.92 -2.27
N SER K 13 -9.35 -8.83 -2.91
CA SER K 13 -9.96 -9.95 -3.62
C SER K 13 -9.07 -11.18 -3.48
N VAL K 14 -9.69 -12.34 -3.43
CA VAL K 14 -9.01 -13.62 -3.29
C VAL K 14 -9.60 -14.59 -4.30
N VAL K 15 -8.75 -15.18 -5.12
CA VAL K 15 -9.16 -16.13 -6.14
C VAL K 15 -8.41 -17.43 -5.90
N TYR K 16 -9.12 -18.48 -5.55
CA TYR K 16 -8.52 -19.80 -5.41
C TYR K 16 -8.77 -20.60 -6.68
N PRO K 17 -7.92 -21.59 -6.97
CA PRO K 17 -8.19 -22.48 -8.11
C PRO K 17 -9.22 -23.53 -7.73
N ASP K 18 -10.30 -23.59 -8.51
CA ASP K 18 -11.42 -24.49 -8.24
C ASP K 18 -11.52 -25.47 -9.40
N GLY K 19 -10.74 -26.54 -9.31
CA GLY K 19 -10.71 -27.50 -10.41
C GLY K 19 -10.18 -26.86 -11.68
N ILE K 20 -10.85 -27.16 -12.80
CA ILE K 20 -10.44 -26.57 -14.07
C ILE K 20 -10.48 -25.05 -14.00
N SER K 21 -11.55 -24.50 -13.44
CA SER K 21 -11.78 -23.07 -13.38
C SER K 21 -11.38 -22.54 -12.00
N THR K 22 -11.59 -21.25 -11.80
CA THR K 22 -11.29 -20.61 -10.53
C THR K 22 -12.57 -20.15 -9.84
N VAL K 23 -12.42 -19.77 -8.57
CA VAL K 23 -13.53 -19.31 -7.75
C VAL K 23 -13.10 -18.04 -7.03
N THR K 24 -13.90 -16.98 -7.17
CA THR K 24 -13.62 -15.70 -6.52
C THR K 24 -14.18 -15.75 -5.10
N ALA K 25 -13.34 -16.16 -4.15
CA ALA K 25 -13.79 -16.26 -2.75
C ALA K 25 -14.04 -14.88 -2.13
N LEU K 26 -13.35 -13.86 -2.62
CA LEU K 26 -13.53 -12.49 -2.15
C LEU K 26 -13.46 -11.55 -3.35
N ASP K 27 -14.41 -10.62 -3.46
CA ASP K 27 -14.56 -9.78 -4.65
C ASP K 27 -14.59 -8.31 -4.21
N SER K 28 -13.46 -7.63 -4.33
CA SER K 28 -13.37 -6.18 -4.11
C SER K 28 -13.97 -5.80 -2.75
N ALA K 29 -13.36 -6.34 -1.69
CA ALA K 29 -13.79 -6.04 -0.33
C ALA K 29 -13.20 -4.72 0.15
N ASN K 30 -14.05 -3.92 0.79
CA ASN K 30 -13.64 -2.64 1.38
C ASN K 30 -14.11 -2.60 2.83
N VAL K 31 -13.18 -2.71 3.77
CA VAL K 31 -13.50 -2.73 5.19
C VAL K 31 -12.43 -1.96 5.96
N GLU K 32 -12.87 -1.20 6.98
CA GLU K 32 -11.98 -0.40 7.81
C GLU K 32 -12.46 -0.44 9.25
N ILE K 33 -11.53 -0.64 10.18
CA ILE K 33 -11.86 -0.80 11.59
C ILE K 33 -11.06 0.23 12.39
N PHE K 34 -11.72 0.90 13.32
CA PHE K 34 -11.10 1.90 14.17
C PHE K 34 -10.93 1.37 15.58
N PRO K 35 -10.04 1.98 16.37
CA PRO K 35 -9.82 1.51 17.74
C PRO K 35 -11.10 1.57 18.58
N GLY K 36 -11.34 0.51 19.35
CA GLY K 36 -12.50 0.42 20.20
C GLY K 36 -13.74 -0.19 19.54
N GLU K 37 -13.72 -0.44 18.24
CA GLU K 37 -14.87 -0.99 17.54
C GLU K 37 -14.86 -2.51 17.61
N LEU K 38 -16.05 -3.09 17.72
CA LEU K 38 -16.24 -4.52 17.50
C LEU K 38 -17.14 -4.66 16.28
N VAL K 39 -16.57 -5.06 15.15
CA VAL K 39 -17.31 -5.20 13.91
C VAL K 39 -17.57 -6.69 13.68
N ALA K 40 -18.84 -7.07 13.65
CA ALA K 40 -19.21 -8.45 13.37
C ALA K 40 -19.25 -8.68 11.87
N ILE K 41 -18.81 -9.88 11.46
CA ILE K 41 -18.87 -10.30 10.07
C ILE K 41 -19.91 -11.40 9.98
N VAL K 42 -21.04 -11.09 9.36
CA VAL K 42 -22.18 -12.00 9.27
C VAL K 42 -22.35 -12.43 7.82
N GLY K 43 -23.03 -13.53 7.63
CA GLY K 43 -23.27 -14.06 6.30
C GLY K 43 -23.45 -15.56 6.34
N GLU K 44 -24.06 -16.07 5.28
CA GLU K 44 -24.30 -17.50 5.16
C GLU K 44 -22.98 -18.26 5.08
N SER K 45 -23.05 -19.53 5.49
CA SER K 45 -21.85 -20.35 5.49
C SER K 45 -21.28 -20.45 4.07
N GLY K 46 -20.03 -20.08 3.91
CA GLY K 46 -19.39 -20.10 2.61
C GLY K 46 -19.56 -18.83 1.80
N SER K 47 -19.82 -17.70 2.45
CA SER K 47 -19.96 -16.42 1.77
C SER K 47 -18.67 -15.62 1.68
N GLY K 48 -17.62 -16.05 2.39
CA GLY K 48 -16.36 -15.36 2.42
C GLY K 48 -15.99 -14.78 3.77
N LYS K 49 -16.69 -15.15 4.85
CA LYS K 49 -16.35 -14.66 6.18
C LYS K 49 -14.94 -15.10 6.58
N SER K 50 -14.67 -16.40 6.52
CA SER K 50 -13.37 -16.91 6.94
C SER K 50 -12.25 -16.37 6.07
N THR K 51 -12.51 -16.19 4.77
CA THR K 51 -11.49 -15.64 3.88
C THR K 51 -11.14 -14.21 4.27
N LEU K 52 -12.16 -13.38 4.52
CA LEU K 52 -11.91 -12.02 4.98
C LEU K 52 -11.12 -12.01 6.27
N LEU K 53 -11.43 -12.93 7.18
CA LEU K 53 -10.70 -13.04 8.45
C LEU K 53 -9.25 -13.44 8.21
N SER K 54 -9.03 -14.47 7.40
CA SER K 54 -7.68 -14.90 7.06
C SER K 54 -6.87 -13.75 6.49
N ILE K 55 -7.51 -12.88 5.72
CA ILE K 55 -6.78 -11.74 5.15
C ILE K 55 -6.46 -10.71 6.21
N ALA K 56 -7.42 -10.40 7.08
CA ALA K 56 -7.19 -9.39 8.11
C ALA K 56 -6.09 -9.82 9.07
N GLY K 57 -5.93 -11.11 9.29
CA GLY K 57 -4.89 -11.61 10.17
C GLY K 57 -3.58 -11.91 9.48
N PHE K 58 -3.41 -11.45 8.24
CA PHE K 58 -2.17 -11.66 7.50
C PHE K 58 -1.77 -13.12 7.49
N LEU K 59 -2.77 -14.00 7.48
CA LEU K 59 -2.52 -15.43 7.34
C LEU K 59 -2.46 -15.86 5.88
N GLN K 60 -2.85 -14.99 4.94
CA GLN K 60 -2.65 -15.22 3.52
C GLN K 60 -2.83 -13.90 2.79
N GLU K 61 -2.06 -13.72 1.73
CA GLU K 61 -2.17 -12.48 1.00
C GLU K 61 -3.30 -12.52 -0.03
N PRO K 62 -3.96 -11.40 -0.26
CA PRO K 62 -4.99 -11.35 -1.31
C PRO K 62 -4.36 -11.49 -2.69
N THR K 63 -5.14 -12.03 -3.63
CA THR K 63 -4.70 -12.10 -5.02
C THR K 63 -4.79 -10.76 -5.72
N SER K 64 -5.51 -9.80 -5.13
CA SER K 64 -5.60 -8.44 -5.64
C SER K 64 -6.11 -7.56 -4.52
N GLY K 65 -5.80 -6.27 -4.61
CA GLY K 65 -6.12 -5.34 -3.56
C GLY K 65 -5.05 -5.34 -2.48
N THR K 66 -5.27 -4.51 -1.46
CA THR K 66 -4.28 -4.30 -0.42
C THR K 66 -4.94 -4.38 0.95
N VAL K 67 -4.19 -4.88 1.91
CA VAL K 67 -4.60 -4.94 3.32
C VAL K 67 -3.49 -4.33 4.14
N THR K 68 -3.77 -3.22 4.80
CA THR K 68 -2.76 -2.45 5.51
C THR K 68 -3.12 -2.35 6.99
N LEU K 69 -2.20 -2.78 7.85
CA LEU K 69 -2.34 -2.62 9.30
C LEU K 69 -1.44 -1.47 9.74
N HIS K 70 -2.06 -0.36 10.14
CA HIS K 70 -1.30 0.82 10.50
C HIS K 70 -0.52 0.58 11.78
N GLY K 71 0.67 1.15 11.84
CA GLY K 71 1.62 0.84 12.90
C GLY K 71 2.49 -0.35 12.61
N ALA K 72 2.25 -1.06 11.50
CA ALA K 72 3.02 -2.23 11.11
C ALA K 72 3.61 -2.10 9.71
N GLU K 73 3.75 -0.87 9.22
CA GLU K 73 4.33 -0.66 7.90
C GLU K 73 5.78 -1.11 7.89
N GLY K 74 6.21 -1.70 6.78
CA GLY K 74 7.55 -2.20 6.66
C GLY K 74 7.79 -3.52 7.34
N LEU K 75 6.73 -4.28 7.63
CA LEU K 75 6.84 -5.57 8.29
C LEU K 75 6.31 -6.66 7.38
N ASP K 76 6.95 -7.82 7.43
CA ASP K 76 6.45 -8.98 6.70
C ASP K 76 5.16 -9.49 7.35
N ALA K 77 4.48 -10.39 6.63
CA ALA K 77 3.20 -10.90 7.10
C ALA K 77 3.34 -11.55 8.47
N THR K 78 4.35 -12.40 8.64
CA THR K 78 4.52 -13.11 9.90
C THR K 78 4.81 -12.14 11.03
N SER K 79 5.71 -11.19 10.81
CA SER K 79 6.02 -10.21 11.84
C SER K 79 4.79 -9.38 12.20
N THR K 80 3.96 -9.05 11.20
CA THR K 80 2.73 -8.31 11.48
C THR K 80 1.82 -9.09 12.44
N ARG K 81 1.65 -10.38 12.20
CA ARG K 81 0.81 -11.18 13.10
C ARG K 81 1.38 -11.20 14.51
N ARG K 82 2.70 -11.36 14.62
CA ARG K 82 3.33 -11.52 15.93
C ARG K 82 3.24 -10.25 16.78
N GLU K 83 3.31 -9.08 16.14
CA GLU K 83 3.49 -7.83 16.87
C GLU K 83 2.24 -6.96 16.95
N HIS K 84 1.22 -7.21 16.14
CA HIS K 84 0.06 -6.33 16.08
C HIS K 84 -1.29 -7.02 16.11
N ILE K 85 -1.34 -8.35 16.09
CA ILE K 85 -2.59 -9.09 15.95
C ILE K 85 -2.69 -10.13 17.05
N GLY K 86 -3.92 -10.32 17.55
CA GLY K 86 -4.21 -11.39 18.49
C GLY K 86 -5.29 -12.30 17.97
N PHE K 87 -5.00 -13.60 17.93
CA PHE K 87 -5.91 -14.56 17.31
C PHE K 87 -6.68 -15.32 18.39
N VAL K 88 -8.01 -15.27 18.27
CA VAL K 88 -8.89 -16.13 19.06
C VAL K 88 -9.42 -17.24 18.15
N PHE K 89 -8.70 -18.34 18.05
CA PHE K 89 -9.07 -19.42 17.13
C PHE K 89 -10.42 -20.02 17.53
N GLN K 90 -11.11 -20.58 16.53
CA GLN K 90 -12.37 -21.27 16.79
C GLN K 90 -12.16 -22.39 17.80
N GLN K 91 -11.19 -23.26 17.55
CA GLN K 91 -10.76 -24.16 18.61
C GLN K 91 -9.71 -23.48 19.47
N PRO K 92 -9.73 -23.69 20.79
CA PRO K 92 -8.82 -22.94 21.66
C PRO K 92 -7.37 -23.06 21.25
N ASN K 93 -6.99 -24.17 20.60
CA ASN K 93 -5.62 -24.35 20.12
C ASN K 93 -4.61 -24.09 21.24
N LEU K 94 -4.84 -24.75 22.38
CA LEU K 94 -3.89 -24.71 23.49
C LEU K 94 -2.86 -25.81 23.29
N LEU K 95 -1.59 -25.45 23.45
CA LEU K 95 -0.52 -26.43 23.32
C LEU K 95 -0.58 -27.43 24.47
N GLY K 96 -0.51 -28.71 24.14
CA GLY K 96 -0.82 -29.73 25.13
C GLY K 96 0.12 -29.71 26.32
N SER K 97 1.41 -29.49 26.07
CA SER K 97 2.42 -29.60 27.11
C SER K 97 2.57 -28.35 27.96
N LEU K 98 1.73 -27.33 27.76
CA LEU K 98 1.82 -26.11 28.52
C LEU K 98 0.62 -25.95 29.45
N THR K 99 0.84 -25.27 30.57
CA THR K 99 -0.23 -24.93 31.49
C THR K 99 -0.94 -23.66 31.05
N ALA K 100 -2.09 -23.40 31.67
CA ALA K 100 -2.86 -22.20 31.35
C ALA K 100 -1.98 -20.97 31.37
N ARG K 101 -1.21 -20.79 32.45
CA ARG K 101 -0.30 -19.64 32.51
C ARG K 101 0.74 -19.72 31.40
N GLU K 102 1.27 -20.92 31.14
CA GLU K 102 2.29 -21.09 30.10
C GLU K 102 1.73 -20.84 28.71
N GLN K 103 0.42 -21.07 28.50
CA GLN K 103 -0.17 -20.76 27.20
C GLN K 103 0.02 -19.30 26.84
N LEU K 104 0.05 -18.41 27.84
CA LEU K 104 0.32 -17.01 27.59
C LEU K 104 1.82 -16.74 27.52
N LEU K 105 2.59 -17.37 28.41
CA LEU K 105 4.02 -17.11 28.49
C LEU K 105 4.73 -17.48 27.19
N ILE K 106 4.28 -18.53 26.51
CA ILE K 106 4.97 -18.96 25.30
C ILE K 106 4.89 -17.88 24.23
N THR K 107 3.81 -17.10 24.21
CA THR K 107 3.73 -15.99 23.26
C THR K 107 4.77 -14.92 23.58
N ASP K 108 4.94 -14.58 24.85
CA ASP K 108 6.04 -13.69 25.23
C ASP K 108 7.38 -14.26 24.77
N HIS K 109 7.56 -15.57 24.93
CA HIS K 109 8.84 -16.19 24.59
C HIS K 109 9.13 -16.07 23.09
N LEU K 110 8.10 -16.26 22.25
CA LEU K 110 8.30 -16.14 20.81
C LEU K 110 8.45 -14.70 20.34
N ARG K 111 8.11 -13.71 21.17
CA ARG K 111 8.50 -12.33 20.87
C ARG K 111 9.90 -12.00 21.36
N GLY K 112 10.58 -12.93 22.03
CA GLY K 112 11.94 -12.68 22.46
C GLY K 112 12.07 -11.85 23.69
N ILE K 113 11.14 -11.99 24.65
CA ILE K 113 11.18 -11.25 25.90
C ILE K 113 10.99 -12.24 27.04
N LYS K 114 11.68 -12.02 28.14
CA LYS K 114 11.56 -12.88 29.31
C LYS K 114 10.10 -12.99 29.73
N PRO K 115 9.50 -14.18 29.68
CA PRO K 115 8.07 -14.30 29.93
C PRO K 115 7.65 -13.66 31.25
N ARG K 116 6.52 -12.95 31.22
CA ARG K 116 6.02 -12.22 32.38
C ARG K 116 4.95 -13.07 33.06
N LYS K 117 5.31 -13.68 34.19
CA LYS K 117 4.36 -14.54 34.89
C LYS K 117 3.24 -13.73 35.52
N ASP K 118 3.56 -12.55 36.07
CA ASP K 118 2.56 -11.73 36.73
C ASP K 118 1.49 -11.28 35.73
N ARG K 119 1.91 -10.76 34.57
CA ARG K 119 0.94 -10.37 33.54
C ARG K 119 0.03 -11.52 33.16
N ALA K 120 0.59 -12.73 33.03
CA ALA K 120 -0.21 -13.88 32.65
C ALA K 120 -1.31 -14.16 33.68
N ASP K 121 -0.97 -14.07 34.96
CA ASP K 121 -1.97 -14.30 36.01
C ASP K 121 -2.99 -13.15 36.05
N GLU K 122 -2.53 -11.92 35.90
CA GLU K 122 -3.45 -10.78 35.83
C GLU K 122 -4.46 -10.96 34.71
N LEU K 123 -3.97 -11.32 33.52
CA LEU K 123 -4.86 -11.47 32.37
C LEU K 123 -5.75 -12.70 32.52
N LEU K 124 -5.22 -13.78 33.10
CA LEU K 124 -6.06 -14.95 33.38
C LEU K 124 -7.21 -14.57 34.30
N ALA K 125 -6.97 -13.69 35.28
CA ALA K 125 -8.07 -13.21 36.10
C ALA K 125 -9.02 -12.35 35.28
N ARG K 126 -8.47 -11.42 34.48
CA ARG K 126 -9.30 -10.55 33.65
C ARG K 126 -10.25 -11.35 32.77
N VAL K 127 -9.83 -12.54 32.35
CA VAL K 127 -10.67 -13.40 31.51
C VAL K 127 -11.60 -14.28 32.33
N GLY K 128 -11.50 -14.24 33.65
CA GLY K 128 -12.37 -15.04 34.50
C GLY K 128 -11.80 -16.37 34.91
N LEU K 129 -10.47 -16.51 34.87
CA LEU K 129 -9.79 -17.73 35.28
C LEU K 129 -8.75 -17.43 36.34
N LYS K 130 -8.99 -16.41 37.16
CA LYS K 130 -8.03 -16.02 38.19
C LYS K 130 -7.65 -17.21 39.05
N GLY K 131 -6.34 -17.42 39.21
CA GLY K 131 -5.84 -18.50 40.02
C GLY K 131 -5.70 -19.82 39.31
N LEU K 132 -6.20 -19.94 38.07
CA LEU K 132 -6.14 -21.18 37.34
C LEU K 132 -4.92 -21.25 36.42
N GLY K 133 -3.96 -20.35 36.58
CA GLY K 133 -2.79 -20.34 35.72
C GLY K 133 -1.99 -21.63 35.76
N GLY K 134 -2.09 -22.39 36.84
CA GLY K 134 -1.37 -23.62 36.96
C GLY K 134 -2.09 -24.85 36.47
N ARG K 135 -3.35 -24.72 36.06
CA ARG K 135 -4.07 -25.87 35.54
C ARG K 135 -3.46 -26.34 34.22
N ARG K 136 -3.54 -27.64 34.00
CA ARG K 136 -3.17 -28.22 32.72
C ARG K 136 -4.35 -28.13 31.75
N VAL K 137 -4.12 -28.54 30.50
CA VAL K 137 -5.19 -28.42 29.52
C VAL K 137 -6.30 -29.42 29.81
N ALA K 138 -5.95 -30.60 30.32
CA ALA K 138 -6.98 -31.58 30.65
C ALA K 138 -7.88 -31.13 31.79
N GLN K 139 -7.47 -30.12 32.56
CA GLN K 139 -8.26 -29.61 33.68
C GLN K 139 -9.02 -28.33 33.31
N LEU K 140 -9.14 -28.02 32.03
CA LEU K 140 -9.84 -26.84 31.59
C LEU K 140 -11.06 -27.24 30.76
N SER K 141 -12.20 -26.59 31.04
CA SER K 141 -13.39 -26.86 30.28
C SER K 141 -13.37 -26.07 28.98
N GLY K 142 -14.34 -26.36 28.11
CA GLY K 142 -14.42 -25.63 26.85
C GLY K 142 -14.43 -24.13 27.06
N GLY K 143 -15.30 -23.65 27.95
CA GLY K 143 -15.31 -22.23 28.25
C GLY K 143 -13.97 -21.75 28.77
N GLN K 144 -13.37 -22.52 29.68
CA GLN K 144 -12.08 -22.12 30.22
C GLN K 144 -11.01 -22.11 29.15
N ARG K 145 -11.01 -23.11 28.26
CA ARG K 145 -10.02 -23.11 27.18
C ARG K 145 -10.21 -21.91 26.26
N GLN K 146 -11.45 -21.57 25.95
CA GLN K 146 -11.71 -20.38 25.15
C GLN K 146 -11.36 -19.11 25.93
N ARG K 147 -11.56 -19.13 27.25
CA ARG K 147 -11.14 -18.00 28.06
C ARG K 147 -9.62 -17.86 28.05
N VAL K 148 -8.91 -18.99 28.20
CA VAL K 148 -7.44 -18.97 28.11
C VAL K 148 -7.01 -18.48 26.74
N ASN K 149 -7.71 -18.93 25.69
CA ASN K 149 -7.41 -18.48 24.34
C ASN K 149 -7.54 -16.96 24.22
N ILE K 150 -8.61 -16.40 24.76
CA ILE K 150 -8.80 -14.95 24.71
C ILE K 150 -7.67 -14.25 25.44
N ALA K 151 -7.26 -14.79 26.60
CA ALA K 151 -6.17 -14.18 27.36
C ALA K 151 -4.88 -14.20 26.57
N ARG K 152 -4.62 -15.30 25.83
CA ARG K 152 -3.40 -15.37 25.05
C ARG K 152 -3.35 -14.31 23.97
N ALA K 153 -4.51 -13.97 23.39
CA ALA K 153 -4.55 -12.92 22.38
C ALA K 153 -4.27 -11.56 23.00
N LEU K 154 -4.55 -11.39 24.29
CA LEU K 154 -4.32 -10.13 24.96
C LEU K 154 -2.90 -9.99 25.49
N MET K 155 -2.13 -11.08 25.52
CA MET K 155 -0.81 -11.04 26.15
C MET K 155 0.09 -9.97 25.52
N GLY K 156 0.18 -9.94 24.20
CA GLY K 156 1.08 -9.03 23.53
C GLY K 156 0.54 -7.64 23.26
N ASN K 157 -0.56 -7.26 23.89
CA ASN K 157 -1.20 -5.96 23.69
C ASN K 157 -1.31 -5.64 22.21
N PRO K 158 -2.12 -6.38 21.47
CA PRO K 158 -2.26 -6.11 20.03
C PRO K 158 -3.26 -4.98 19.77
N GLN K 159 -3.25 -4.49 18.53
CA GLN K 159 -4.25 -3.53 18.07
C GLN K 159 -5.41 -4.17 17.33
N LEU K 160 -5.19 -5.35 16.74
CA LEU K 160 -6.23 -6.06 16.01
C LEU K 160 -6.53 -7.37 16.74
N LEU K 161 -7.79 -7.58 17.10
CA LEU K 161 -8.25 -8.83 17.69
C LEU K 161 -9.17 -9.52 16.70
N LEU K 162 -8.84 -10.75 16.32
CA LEU K 162 -9.61 -11.50 15.33
C LEU K 162 -10.22 -12.71 16.03
N ALA K 163 -11.55 -12.81 15.99
CA ALA K 163 -12.27 -13.92 16.61
C ALA K 163 -13.02 -14.69 15.52
N ASP K 164 -12.72 -15.97 15.40
CA ASP K 164 -13.27 -16.83 14.36
C ASP K 164 -14.31 -17.77 14.99
N GLU K 165 -15.57 -17.34 14.98
CA GLU K 165 -16.68 -18.12 15.53
C GLU K 165 -16.27 -18.71 16.86
N PRO K 166 -15.77 -17.89 17.79
CA PRO K 166 -15.16 -18.44 19.02
C PRO K 166 -16.15 -19.08 19.96
N THR K 167 -17.45 -19.10 19.63
CA THR K 167 -18.46 -19.67 20.50
C THR K 167 -19.14 -20.87 19.84
N SER K 168 -18.45 -21.53 18.91
CA SER K 168 -19.08 -22.56 18.10
C SER K 168 -19.29 -23.86 18.87
N ALA K 169 -18.59 -24.08 19.98
CA ALA K 169 -18.75 -25.29 20.77
C ALA K 169 -19.26 -24.99 22.17
N LEU K 170 -19.98 -23.89 22.33
CA LEU K 170 -20.44 -23.44 23.64
C LEU K 170 -21.94 -23.22 23.63
N ASP K 171 -22.58 -23.59 24.74
CA ASP K 171 -24.01 -23.40 24.93
C ASP K 171 -24.35 -21.92 25.02
N ALA K 172 -25.65 -21.63 25.13
CA ALA K 172 -26.11 -20.25 25.08
C ALA K 172 -25.46 -19.41 26.17
N ARG K 173 -25.49 -19.88 27.42
CA ARG K 173 -24.93 -19.11 28.52
C ARG K 173 -23.47 -18.81 28.27
N LEU K 174 -22.68 -19.85 27.98
CA LEU K 174 -21.24 -19.67 27.82
C LEU K 174 -20.93 -18.78 26.62
N SER K 175 -21.73 -18.88 25.56
CA SER K 175 -21.45 -18.09 24.36
C SER K 175 -21.71 -16.61 24.59
N LYS K 176 -22.73 -16.29 25.39
CA LYS K 176 -22.95 -14.89 25.77
C LYS K 176 -21.76 -14.38 26.58
N GLU K 177 -21.32 -15.17 27.57
CA GLU K 177 -20.21 -14.75 28.40
C GLU K 177 -18.98 -14.45 27.57
N ILE K 178 -18.70 -15.28 26.56
CA ILE K 178 -17.49 -15.09 25.77
C ILE K 178 -17.60 -13.84 24.91
N VAL K 179 -18.77 -13.60 24.31
CA VAL K 179 -18.94 -12.40 23.50
C VAL K 179 -18.91 -11.16 24.36
N GLU K 180 -19.55 -11.20 25.53
CA GLU K 180 -19.46 -10.11 26.49
C GLU K 180 -18.00 -9.81 26.83
N LEU K 181 -17.23 -10.85 27.14
CA LEU K 181 -15.82 -10.67 27.44
C LEU K 181 -15.09 -10.03 26.25
N LEU K 182 -15.40 -10.49 25.04
CA LEU K 182 -14.76 -9.93 23.85
C LEU K 182 -15.06 -8.44 23.71
N ARG K 183 -16.33 -8.06 23.79
CA ARG K 183 -16.69 -6.65 23.70
C ARG K 183 -16.07 -5.85 24.84
N ASP K 184 -16.20 -6.35 26.07
CA ASP K 184 -15.67 -5.63 27.23
C ASP K 184 -14.16 -5.40 27.11
N VAL K 185 -13.44 -6.42 26.66
CA VAL K 185 -12.00 -6.29 26.48
C VAL K 185 -11.70 -5.34 25.33
N THR K 186 -12.47 -5.45 24.24
CA THR K 186 -12.31 -4.53 23.11
C THR K 186 -12.42 -3.08 23.55
N LYS K 187 -13.37 -2.79 24.44
CA LYS K 187 -13.58 -1.42 24.87
C LYS K 187 -12.56 -1.00 25.91
N GLU K 188 -12.19 -1.90 26.83
CA GLU K 188 -11.32 -1.52 27.93
C GLU K 188 -9.92 -1.18 27.43
N PHE K 189 -9.44 -1.89 26.40
CA PHE K 189 -8.08 -1.74 25.91
C PHE K 189 -8.02 -1.07 24.54
N ALA K 190 -9.13 -0.49 24.09
CA ALA K 190 -9.19 0.23 22.81
C ALA K 190 -8.79 -0.66 21.64
N LEU K 191 -9.13 -1.94 21.70
CA LEU K 191 -8.85 -2.85 20.60
C LEU K 191 -9.84 -2.66 19.46
N ALA K 192 -9.40 -2.99 18.26
CA ALA K 192 -10.27 -3.11 17.09
C ALA K 192 -10.43 -4.60 16.79
N THR K 193 -11.67 -5.08 16.82
CA THR K 193 -11.94 -6.51 16.79
C THR K 193 -12.83 -6.84 15.59
N LEU K 194 -12.38 -7.75 14.74
CA LEU K 194 -13.22 -8.44 13.77
C LEU K 194 -13.64 -9.78 14.34
N MET K 195 -14.93 -10.08 14.27
CA MET K 195 -15.46 -11.32 14.81
C MET K 195 -16.38 -11.96 13.77
N VAL K 196 -15.96 -13.09 13.22
CA VAL K 196 -16.82 -13.85 12.35
C VAL K 196 -17.76 -14.69 13.21
N THR K 197 -19.05 -14.67 12.89
CA THR K 197 -20.04 -15.37 13.69
C THR K 197 -21.24 -15.69 12.82
N HIS K 198 -21.85 -16.85 13.06
CA HIS K 198 -23.11 -17.19 12.43
C HIS K 198 -24.30 -17.00 13.36
N ASP K 199 -24.07 -16.91 14.66
CA ASP K 199 -25.15 -16.66 15.62
C ASP K 199 -25.47 -15.17 15.55
N ARG K 200 -26.58 -14.83 14.89
CA ARG K 200 -26.93 -13.43 14.80
C ARG K 200 -27.40 -12.87 16.14
N SER K 201 -27.69 -13.73 17.10
CA SER K 201 -27.96 -13.28 18.46
C SER K 201 -26.84 -12.43 19.02
N GLN K 202 -25.66 -12.44 18.41
CA GLN K 202 -24.52 -11.71 18.94
C GLN K 202 -24.29 -10.37 18.25
N LEU K 203 -25.02 -10.05 17.18
CA LEU K 203 -24.82 -8.75 16.56
C LEU K 203 -25.16 -7.61 17.50
N ALA K 204 -25.95 -7.88 18.54
CA ALA K 204 -26.27 -6.83 19.51
C ALA K 204 -25.01 -6.29 20.17
N TYR K 205 -23.96 -7.11 20.28
CA TYR K 205 -22.71 -6.72 20.94
C TYR K 205 -21.73 -6.05 20.00
N ALA K 206 -22.05 -5.93 18.72
CA ALA K 206 -21.17 -5.37 17.72
C ALA K 206 -21.54 -3.93 17.44
N ASP K 207 -20.54 -3.08 17.27
CA ASP K 207 -20.83 -1.68 16.97
C ASP K 207 -21.44 -1.54 15.58
N ARG K 208 -20.84 -2.22 14.61
CA ARG K 208 -21.39 -2.36 13.27
C ARG K 208 -21.13 -3.79 12.83
N PHE K 209 -21.61 -4.14 11.64
CA PHE K 209 -21.31 -5.43 11.05
C PHE K 209 -21.16 -5.26 9.55
N VAL K 210 -20.34 -6.13 8.97
CA VAL K 210 -20.16 -6.25 7.52
C VAL K 210 -20.85 -7.52 7.08
N GLU K 211 -21.92 -7.37 6.29
CA GLU K 211 -22.68 -8.50 5.79
C GLU K 211 -22.15 -8.89 4.41
N MET K 212 -21.92 -10.19 4.22
CA MET K 212 -21.25 -10.69 3.03
C MET K 212 -22.10 -11.71 2.30
N ALA K 213 -22.05 -11.66 0.97
CA ALA K 213 -22.77 -12.61 0.13
C ALA K 213 -21.96 -12.85 -1.13
N ASP K 214 -21.75 -14.12 -1.47
CA ASP K 214 -21.03 -14.50 -2.68
C ASP K 214 -19.69 -13.76 -2.80
N GLY K 215 -19.03 -13.56 -1.66
CA GLY K 215 -17.70 -12.99 -1.64
C GLY K 215 -17.65 -11.48 -1.68
N LYS K 216 -18.78 -10.79 -1.65
CA LYS K 216 -18.82 -9.33 -1.63
C LYS K 216 -19.27 -8.86 -0.25
N ALA K 217 -18.55 -7.89 0.29
CA ALA K 217 -18.86 -7.34 1.61
C ALA K 217 -19.58 -6.01 1.49
N LEU K 218 -20.60 -5.83 2.33
CA LEU K 218 -21.33 -4.57 2.41
C LEU K 218 -21.39 -4.16 3.88
N GLN K 219 -20.64 -3.12 4.23
CA GLN K 219 -20.66 -2.62 5.60
C GLN K 219 -21.99 -1.95 5.91
N THR K 220 -22.66 -2.41 6.97
CA THR K 220 -23.98 -1.90 7.33
C THR K 220 -24.05 -1.61 8.82
N ALA K 221 -25.16 -1.00 9.23
CA ALA K 221 -25.37 -0.63 10.63
C ALA K 221 -26.37 -1.57 11.31
N MET L 1 12.82 -22.96 22.12
CA MET L 1 13.29 -23.86 23.17
C MET L 1 12.30 -23.96 24.31
N PHE L 2 11.34 -23.04 24.35
CA PHE L 2 10.32 -23.04 25.40
C PHE L 2 9.43 -24.27 25.29
N LEU L 3 8.73 -24.41 24.15
CA LEU L 3 7.85 -25.56 23.96
C LEU L 3 8.66 -26.86 23.96
N GLY L 4 9.83 -26.83 23.32
CA GLY L 4 10.63 -28.05 23.19
C GLY L 4 10.98 -28.66 24.53
N ILE L 5 11.36 -27.83 25.49
CA ILE L 5 11.79 -28.36 26.78
C ILE L 5 10.62 -28.98 27.52
N ARG L 6 9.44 -28.33 27.46
CA ARG L 6 8.28 -28.87 28.16
C ARG L 6 7.57 -29.96 27.38
N ASP L 7 7.72 -30.00 26.05
CA ASP L 7 7.26 -31.17 25.30
C ASP L 7 7.97 -32.43 25.77
N ILE L 8 9.27 -32.33 26.05
CA ILE L 8 10.02 -33.49 26.50
C ILE L 8 9.50 -33.96 27.86
N ARG L 9 9.32 -33.01 28.78
CA ARG L 9 8.75 -33.34 30.08
C ARG L 9 7.46 -34.14 29.94
N ALA L 10 6.50 -33.60 29.19
CA ALA L 10 5.16 -34.18 29.16
C ALA L 10 5.13 -35.52 28.41
N ALA L 11 6.16 -35.83 27.64
CA ALA L 11 6.25 -37.10 26.91
C ALA L 11 7.64 -37.71 27.14
N ALA L 12 7.91 -38.05 28.40
CA ALA L 12 9.22 -38.60 28.74
C ALA L 12 9.36 -40.06 28.33
N GLY L 13 8.27 -40.77 28.07
CA GLY L 13 8.35 -42.15 27.69
C GLY L 13 9.11 -42.34 26.39
N ARG L 14 8.62 -41.70 25.32
CA ARG L 14 9.23 -41.88 24.01
C ARG L 14 10.61 -41.25 23.95
N PHE L 15 10.82 -40.13 24.66
CA PHE L 15 12.16 -39.55 24.71
C PHE L 15 13.11 -40.43 25.52
N ALA L 16 12.60 -41.10 26.56
CA ALA L 16 13.41 -42.09 27.25
C ALA L 16 13.80 -43.21 26.30
N LEU L 17 12.85 -43.66 25.47
CA LEU L 17 13.14 -44.66 24.46
C LEU L 17 14.21 -44.17 23.49
N ILE L 18 14.07 -42.94 23.00
CA ILE L 18 15.02 -42.42 22.04
C ILE L 18 16.38 -42.19 22.69
N ALA L 19 16.38 -41.59 23.89
CA ALA L 19 17.66 -41.37 24.58
C ALA L 19 18.31 -42.68 24.97
N SER L 20 17.51 -43.66 25.39
CA SER L 20 18.07 -44.98 25.73
C SER L 20 18.62 -45.68 24.49
N VAL L 21 17.87 -45.66 23.39
CA VAL L 21 18.34 -46.29 22.15
C VAL L 21 19.61 -45.60 21.66
N VAL L 22 19.60 -44.26 21.66
CA VAL L 22 20.79 -43.53 21.25
C VAL L 22 21.95 -43.84 22.19
N GLY L 23 21.66 -43.94 23.48
CA GLY L 23 22.71 -44.30 24.44
C GLY L 23 23.26 -45.70 24.21
N LEU L 24 22.37 -46.64 23.88
CA LEU L 24 22.82 -48.01 23.60
C LEU L 24 23.76 -48.03 22.40
N ILE L 25 23.40 -47.33 21.33
CA ILE L 25 24.25 -47.30 20.14
C ILE L 25 25.59 -46.65 20.46
N THR L 26 25.57 -45.57 21.25
CA THR L 26 26.83 -44.94 21.66
C THR L 26 27.63 -45.88 22.54
N LEU L 27 26.95 -46.65 23.40
CA LEU L 27 27.64 -47.66 24.17
C LEU L 27 28.37 -48.64 23.26
N LEU L 28 27.67 -49.13 22.24
CA LEU L 28 28.30 -50.04 21.28
C LEU L 28 29.48 -49.38 20.58
N ILE L 29 29.32 -48.13 20.15
CA ILE L 29 30.40 -47.44 19.44
C ILE L 29 31.60 -47.21 20.34
N VAL L 30 31.34 -46.78 21.58
CA VAL L 30 32.44 -46.48 22.51
C VAL L 30 33.24 -47.75 22.81
N MET L 31 32.55 -48.87 23.02
CA MET L 31 33.25 -50.11 23.33
C MET L 31 33.95 -50.68 22.10
N LEU L 32 33.34 -50.50 20.92
CA LEU L 32 34.02 -50.89 19.69
C LEU L 32 35.27 -50.04 19.46
N THR L 33 35.19 -48.74 19.76
CA THR L 33 36.34 -47.87 19.61
C THR L 33 37.49 -48.33 20.48
N GLY L 34 37.24 -48.53 21.77
CA GLY L 34 38.30 -48.97 22.66
C GLY L 34 38.86 -50.32 22.28
N LEU L 35 38.00 -51.23 21.80
CA LEU L 35 38.46 -52.55 21.41
C LEU L 35 39.29 -52.51 20.14
N THR L 36 38.95 -51.61 19.22
CA THR L 36 39.71 -51.50 17.97
C THR L 36 41.10 -50.94 18.21
N GLN L 37 41.21 -49.95 19.10
CA GLN L 37 42.53 -49.43 19.45
C GLN L 37 43.33 -50.46 20.23
N GLY L 38 42.68 -51.24 21.09
CA GLY L 38 43.39 -52.27 21.83
C GLY L 38 43.94 -53.36 20.93
N LEU L 39 43.11 -53.85 20.00
CA LEU L 39 43.58 -54.90 19.10
C LEU L 39 44.67 -54.41 18.16
N GLY L 40 44.62 -53.13 17.75
CA GLY L 40 45.67 -52.60 16.90
C GLY L 40 47.02 -52.60 17.59
N LYS L 41 47.03 -52.25 18.88
CA LYS L 41 48.27 -52.32 19.64
C LYS L 41 48.65 -53.77 19.92
N GLN L 42 47.67 -54.68 19.92
CA GLN L 42 47.98 -56.10 20.04
C GLN L 42 48.78 -56.60 18.85
N ASN L 43 48.62 -55.98 17.68
CA ASN L 43 49.31 -56.39 16.48
C ASN L 43 50.57 -55.57 16.18
N THR L 44 50.63 -54.31 16.63
CA THR L 44 51.69 -53.41 16.20
C THR L 44 52.56 -52.89 17.33
N SER L 45 52.23 -53.20 18.59
CA SER L 45 52.94 -52.60 19.71
C SER L 45 54.44 -52.88 19.65
N ALA L 46 54.82 -54.05 19.16
CA ALA L 46 56.24 -54.40 19.11
C ALA L 46 56.97 -53.55 18.08
N ILE L 47 56.48 -53.52 16.84
CA ILE L 47 57.17 -52.76 15.79
C ILE L 47 57.19 -51.28 16.14
N GLU L 48 56.07 -50.74 16.61
CA GLU L 48 56.02 -49.34 17.01
C GLU L 48 57.00 -49.06 18.15
N ALA L 49 57.09 -49.98 19.12
CA ALA L 49 58.02 -49.80 20.22
C ALA L 49 59.43 -49.56 19.72
N LEU L 50 59.85 -50.31 18.70
CA LEU L 50 61.18 -50.10 18.13
C LEU L 50 61.32 -48.74 17.48
N ALA L 51 60.21 -48.11 17.13
CA ALA L 51 60.20 -46.74 16.61
C ALA L 51 61.23 -46.52 15.50
N PRO L 52 61.10 -47.21 14.38
CA PRO L 52 61.94 -46.91 13.22
C PRO L 52 61.37 -45.76 12.40
N HIS L 53 62.28 -45.06 11.70
CA HIS L 53 61.84 -44.01 10.80
C HIS L 53 61.31 -44.60 9.50
N SER L 54 62.17 -45.32 8.78
CA SER L 54 61.76 -46.09 7.61
C SER L 54 62.12 -47.55 7.84
N VAL L 55 61.55 -48.42 7.01
CA VAL L 55 61.79 -49.86 7.10
C VAL L 55 61.86 -50.42 5.69
N VAL L 56 62.95 -51.11 5.38
CA VAL L 56 63.19 -51.64 4.05
C VAL L 56 62.71 -53.09 3.99
N PHE L 57 61.90 -53.40 2.97
CA PHE L 57 61.34 -54.72 2.75
C PHE L 57 62.00 -55.36 1.53
N THR L 58 61.61 -56.61 1.27
CA THR L 58 62.04 -57.32 0.07
C THR L 58 60.82 -57.94 -0.59
N THR L 59 60.70 -57.74 -1.90
CA THR L 59 59.55 -58.21 -2.66
C THR L 59 60.04 -58.99 -3.88
N ALA L 60 59.09 -59.55 -4.61
CA ALA L 60 59.37 -60.24 -5.87
C ALA L 60 58.28 -59.87 -6.86
N GLY L 61 58.68 -59.50 -8.07
CA GLY L 61 57.71 -59.06 -9.07
C GLY L 61 56.96 -57.81 -8.67
N GLY L 62 57.58 -56.93 -7.90
CA GLY L 62 56.92 -55.72 -7.46
C GLY L 62 55.64 -55.94 -6.68
N SER L 63 55.53 -57.07 -5.98
CA SER L 63 54.32 -57.36 -5.22
C SER L 63 54.32 -56.60 -3.90
N SER L 64 53.19 -56.65 -3.20
CA SER L 64 53.05 -55.99 -1.92
C SER L 64 53.98 -56.61 -0.88
N PRO L 65 54.62 -55.80 -0.04
CA PRO L 65 55.50 -56.36 0.99
C PRO L 65 54.71 -57.18 2.00
N GLU L 66 55.31 -58.29 2.44
CA GLU L 66 54.69 -59.19 3.41
C GLU L 66 55.74 -59.67 4.41
N PHE L 67 55.40 -59.58 5.70
CA PHE L 67 56.29 -60.13 6.72
C PHE L 67 56.50 -61.62 6.55
N THR L 68 55.57 -62.32 5.89
CA THR L 68 55.68 -63.76 5.71
C THR L 68 56.62 -64.16 4.58
N SER L 69 57.05 -63.21 3.74
CA SER L 69 57.80 -63.55 2.54
C SER L 69 59.03 -62.67 2.34
N SER L 70 59.34 -61.79 3.29
CA SER L 70 60.48 -60.89 3.15
C SER L 70 61.68 -61.45 3.90
N GLU L 71 62.85 -61.34 3.27
CA GLU L 71 64.11 -61.70 3.90
C GLU L 71 65.19 -60.71 3.47
N ILE L 72 66.14 -60.46 4.37
CA ILE L 72 67.23 -59.52 4.12
C ILE L 72 68.52 -60.33 3.97
N SER L 73 69.15 -60.22 2.81
CA SER L 73 70.44 -60.87 2.57
C SER L 73 71.57 -60.11 3.25
N GLU L 74 72.69 -60.80 3.42
CA GLU L 74 73.84 -60.19 4.08
C GLU L 74 74.41 -59.03 3.27
N GLN L 75 74.54 -59.22 1.95
CA GLN L 75 75.02 -58.12 1.11
C GLN L 75 74.06 -56.95 1.12
N GLN L 76 72.74 -57.24 1.06
CA GLN L 76 71.74 -56.18 1.16
C GLN L 76 71.90 -55.37 2.43
N ALA L 77 72.29 -56.03 3.53
CA ALA L 77 72.48 -55.32 4.78
C ALA L 77 73.68 -54.39 4.73
N GLU L 78 74.74 -54.79 4.02
CA GLU L 78 75.92 -53.93 3.94
C GLU L 78 75.68 -52.72 3.05
N ARG L 79 74.76 -52.83 2.09
CA ARG L 79 74.41 -51.70 1.25
C ARG L 79 73.87 -50.54 2.07
N TRP L 80 72.69 -50.71 2.66
CA TRP L 80 72.07 -49.67 3.48
C TRP L 80 72.90 -49.37 4.72
N LYS L 81 73.55 -48.21 4.74
CA LYS L 81 74.29 -47.79 5.91
C LYS L 81 73.33 -47.36 7.02
N ASP L 82 73.79 -47.50 8.27
CA ASP L 82 73.03 -47.06 9.44
C ASP L 82 71.69 -47.80 9.55
N SER L 83 71.72 -49.11 9.35
CA SER L 83 70.51 -49.92 9.38
C SER L 83 70.74 -51.15 10.25
N THR L 84 69.67 -51.61 10.89
CA THR L 84 69.70 -52.78 11.76
C THR L 84 68.74 -53.84 11.25
N PRO L 85 69.19 -55.10 11.10
CA PRO L 85 68.27 -56.16 10.64
C PRO L 85 67.39 -56.66 11.78
N LEU L 86 66.10 -56.75 11.50
CA LEU L 86 65.12 -57.29 12.45
C LEU L 86 64.50 -58.55 11.84
N GLY L 87 64.60 -59.66 12.55
CA GLY L 87 63.97 -60.91 12.14
C GLY L 87 62.68 -61.12 12.90
N VAL L 88 61.61 -61.42 12.16
CA VAL L 88 60.29 -61.62 12.74
C VAL L 88 59.75 -62.96 12.27
N SER L 89 59.48 -63.85 13.22
CA SER L 89 58.88 -65.14 12.91
C SER L 89 57.92 -65.52 14.03
N GLN L 90 56.98 -66.41 13.70
CA GLN L 90 56.10 -67.02 14.68
C GLN L 90 56.25 -68.53 14.60
N THR L 91 56.45 -69.16 15.76
CA THR L 91 56.69 -70.59 15.80
C THR L 91 56.29 -71.13 17.17
N ARG L 92 56.45 -72.43 17.35
CA ARG L 92 55.99 -73.14 18.53
C ARG L 92 57.10 -73.14 19.59
N ILE L 93 56.78 -72.59 20.76
CA ILE L 93 57.69 -72.59 21.91
C ILE L 93 57.25 -73.69 22.86
N GLU L 94 58.18 -74.52 23.30
CA GLU L 94 57.87 -75.66 24.16
C GLU L 94 58.88 -75.74 25.29
N SER L 95 58.37 -75.79 26.52
CA SER L 95 59.18 -75.98 27.71
C SER L 95 59.00 -77.40 28.23
N ASP L 96 59.76 -77.73 29.26
CA ASP L 96 59.66 -79.07 29.85
C ASP L 96 58.27 -79.37 30.37
N GLN L 97 57.53 -78.34 30.80
CA GLN L 97 56.25 -78.53 31.44
C GLN L 97 55.07 -77.95 30.67
N ASN L 98 55.30 -77.12 29.65
CA ASN L 98 54.22 -76.47 28.93
C ASN L 98 54.68 -76.16 27.51
N ALA L 99 53.77 -75.58 26.73
CA ALA L 99 54.06 -75.18 25.35
C ALA L 99 53.04 -74.15 24.92
N ASN L 100 53.35 -73.46 23.83
CA ASN L 100 52.47 -72.44 23.26
C ASN L 100 53.11 -71.96 21.97
N THR L 101 52.35 -71.15 21.22
CA THR L 101 52.86 -70.48 20.03
C THR L 101 53.15 -69.02 20.36
N THR L 102 54.27 -68.52 19.85
CA THR L 102 54.67 -67.15 20.11
C THR L 102 55.43 -66.60 18.91
N ALA L 103 55.50 -65.27 18.84
CA ALA L 103 56.30 -64.59 17.83
C ALA L 103 57.73 -64.43 18.34
N VAL L 104 58.69 -64.59 17.43
CA VAL L 104 60.10 -64.46 17.75
C VAL L 104 60.68 -63.35 16.88
N MET L 105 61.23 -62.32 17.51
CA MET L 105 61.93 -61.26 16.82
C MET L 105 63.42 -61.34 17.14
N GLY L 106 64.24 -61.18 16.11
CA GLY L 106 65.68 -61.29 16.27
C GLY L 106 66.42 -60.04 15.86
N LEU L 107 67.34 -59.59 16.71
CA LEU L 107 68.17 -58.42 16.47
C LEU L 107 69.61 -58.78 16.79
N PRO L 108 70.56 -57.95 16.34
CA PRO L 108 71.97 -58.25 16.63
C PRO L 108 72.23 -58.19 18.12
N GLU L 109 73.10 -59.08 18.60
CA GLU L 109 73.38 -59.13 20.03
C GLU L 109 73.96 -57.80 20.48
N GLY L 110 73.49 -57.34 21.64
CA GLY L 110 73.92 -56.07 22.21
C GLY L 110 73.11 -54.88 21.79
N THR L 111 72.23 -55.01 20.81
CA THR L 111 71.39 -53.89 20.39
C THR L 111 70.51 -53.47 21.56
N PRO L 112 70.50 -52.19 21.93
CA PRO L 112 69.66 -51.77 23.07
C PRO L 112 68.19 -51.94 22.73
N LEU L 113 67.45 -52.54 23.66
CA LEU L 113 66.02 -52.72 23.48
C LEU L 113 65.29 -51.45 23.89
N PRO L 114 64.12 -51.20 23.30
CA PRO L 114 63.35 -50.00 23.66
C PRO L 114 63.02 -49.99 25.15
N ASP L 115 62.98 -48.77 25.71
CA ASP L 115 62.67 -48.64 27.12
C ASP L 115 61.34 -49.31 27.47
N SER L 116 60.44 -49.44 26.48
CA SER L 116 59.25 -50.25 26.65
C SER L 116 59.61 -51.64 27.18
N VAL L 117 60.72 -52.20 26.70
CA VAL L 117 61.16 -53.52 27.11
C VAL L 117 62.39 -53.47 28.02
N GLY L 118 63.24 -52.46 27.87
CA GLY L 118 64.43 -52.34 28.69
C GLY L 118 65.41 -53.47 28.49
N GLY L 119 66.54 -53.42 29.20
CA GLY L 119 67.56 -54.41 29.01
C GLY L 119 68.23 -54.26 27.65
N PHE L 120 68.98 -55.30 27.29
CA PHE L 120 69.70 -55.33 26.02
C PHE L 120 69.58 -56.72 25.41
N ILE L 121 69.71 -56.78 24.09
CA ILE L 121 69.71 -58.07 23.41
C ILE L 121 70.92 -58.87 23.85
N GLU L 122 70.67 -60.01 24.47
CA GLU L 122 71.74 -60.92 24.87
C GLU L 122 71.62 -62.19 24.04
N GLN L 123 72.70 -62.96 23.98
CA GLN L 123 72.65 -64.22 23.25
C GLN L 123 71.69 -65.18 23.92
N GLY L 124 70.76 -65.69 23.13
CA GLY L 124 69.69 -66.55 23.63
C GLY L 124 68.34 -65.90 23.47
N ALA L 125 67.38 -66.27 24.32
CA ALA L 125 66.02 -65.79 24.23
C ALA L 125 65.65 -65.05 25.50
N LEU L 126 65.10 -63.84 25.33
CA LEU L 126 64.57 -63.05 26.44
C LEU L 126 63.06 -63.23 26.43
N LEU L 127 62.53 -63.85 27.48
CA LEU L 127 61.12 -64.17 27.53
C LEU L 127 60.33 -63.10 28.29
N PRO L 128 59.10 -62.84 27.87
CA PRO L 128 58.21 -62.02 28.69
C PRO L 128 57.97 -62.65 30.05
N ALA L 129 57.94 -61.82 31.09
CA ALA L 129 57.85 -62.33 32.45
C ALA L 129 56.63 -63.23 32.63
N GLU L 130 55.50 -62.86 32.01
CA GLU L 130 54.30 -63.67 32.16
C GLU L 130 54.44 -65.02 31.49
N LEU L 131 55.10 -65.06 30.32
CA LEU L 131 55.30 -66.33 29.64
C LEU L 131 56.30 -67.20 30.38
N ALA L 132 57.37 -66.60 30.90
CA ALA L 132 58.34 -67.36 31.67
C ALA L 132 57.71 -67.96 32.93
N ASP L 133 56.81 -67.23 33.57
CA ASP L 133 56.08 -67.77 34.71
C ASP L 133 55.19 -68.93 34.27
N PHE L 134 54.55 -68.80 33.11
CA PHE L 134 53.69 -69.87 32.60
C PHE L 134 54.47 -71.17 32.43
N LEU L 135 55.67 -71.08 31.84
CA LEU L 135 56.47 -72.27 31.56
C LEU L 135 57.24 -72.78 32.77
N HIS L 136 57.22 -72.05 33.89
CA HIS L 136 57.97 -72.44 35.08
C HIS L 136 59.46 -72.57 34.76
N VAL L 137 60.00 -71.57 34.07
CA VAL L 137 61.39 -71.58 33.63
C VAL L 137 62.11 -70.35 34.18
N ARG L 138 63.40 -70.53 34.47
CA ARG L 138 64.27 -69.48 34.95
C ARG L 138 65.42 -69.30 33.95
N ALA L 139 66.32 -68.38 34.29
CA ALA L 139 67.48 -68.12 33.43
C ALA L 139 68.40 -69.33 33.41
N GLY L 140 68.74 -69.80 32.22
CA GLY L 140 69.62 -70.94 32.04
C GLY L 140 68.94 -72.25 31.69
N ASP L 141 67.60 -72.27 31.62
CA ASP L 141 66.88 -73.48 31.28
C ASP L 141 66.75 -73.61 29.78
N HIS L 142 66.69 -74.86 29.31
CA HIS L 142 66.57 -75.15 27.89
C HIS L 142 65.11 -75.24 27.47
N ILE L 143 64.81 -74.71 26.29
CA ILE L 143 63.46 -74.71 25.73
C ILE L 143 63.56 -74.98 24.24
N THR L 144 62.52 -75.61 23.69
CA THR L 144 62.44 -75.92 22.27
C THR L 144 61.66 -74.81 21.57
N LEU L 145 62.34 -74.07 20.70
CA LEU L 145 61.75 -72.95 19.96
C LEU L 145 61.84 -73.27 18.48
N GLY L 146 60.68 -73.54 17.87
CA GLY L 146 60.64 -73.85 16.46
C GLY L 146 61.52 -75.03 16.07
N GLY L 147 61.55 -76.06 16.90
CA GLY L 147 62.34 -77.25 16.61
C GLY L 147 63.80 -77.18 17.00
N ALA L 148 64.21 -76.14 17.72
CA ALA L 148 65.59 -75.99 18.16
C ALA L 148 65.61 -75.69 19.66
N THR L 149 66.56 -76.28 20.36
CA THR L 149 66.73 -76.01 21.79
C THR L 149 67.48 -74.70 21.99
N VAL L 150 66.98 -73.87 22.91
CA VAL L 150 67.55 -72.55 23.17
C VAL L 150 67.57 -72.31 24.67
N THR L 151 68.55 -71.51 25.12
CA THR L 151 68.71 -71.17 26.52
C THR L 151 67.98 -69.88 26.85
N VAL L 152 67.28 -69.88 27.98
CA VAL L 152 66.57 -68.69 28.46
C VAL L 152 67.60 -67.70 28.98
N ALA L 153 67.77 -66.56 28.30
CA ALA L 153 68.75 -65.56 28.71
C ALA L 153 68.24 -64.68 29.84
N GLY L 154 66.93 -64.48 29.94
CA GLY L 154 66.38 -63.62 30.97
C GLY L 154 64.96 -63.22 30.63
N THR L 155 64.34 -62.52 31.58
CA THR L 155 62.97 -62.05 31.44
C THR L 155 62.94 -60.57 31.07
N VAL L 156 61.85 -60.17 30.42
CA VAL L 156 61.66 -58.78 29.99
C VAL L 156 60.17 -58.45 30.06
N LYS L 157 59.81 -57.25 29.62
CA LYS L 157 58.40 -56.86 29.57
C LYS L 157 57.75 -57.41 28.29
N THR L 158 56.45 -57.18 28.15
CA THR L 158 55.64 -57.79 27.11
C THR L 158 55.33 -56.79 26.00
N GLU L 159 55.67 -57.16 24.77
CA GLU L 159 55.17 -56.53 23.56
C GLU L 159 54.46 -57.59 22.71
N ASN L 160 53.73 -57.15 21.69
CA ASN L 160 52.86 -58.04 20.95
C ASN L 160 53.12 -57.93 19.45
N TYR L 161 52.93 -59.05 18.76
CA TYR L 161 52.98 -59.10 17.30
C TYR L 161 51.96 -60.13 16.82
N SER L 162 50.98 -59.68 16.06
CA SER L 162 49.92 -60.56 15.53
C SER L 162 49.27 -61.35 16.67
N HIS L 163 48.83 -60.63 17.70
CA HIS L 163 48.15 -61.20 18.86
C HIS L 163 49.03 -62.21 19.60
N THR L 164 50.35 -62.15 19.41
CA THR L 164 51.26 -63.03 20.11
C THR L 164 52.33 -62.21 20.82
N PRO L 165 52.82 -62.68 21.96
CA PRO L 165 53.93 -62.00 22.62
C PRO L 165 55.22 -62.17 21.85
N VAL L 166 56.13 -61.20 22.01
CA VAL L 166 57.38 -61.17 21.27
C VAL L 166 58.48 -61.71 22.18
N VAL L 167 59.13 -62.78 21.74
CA VAL L 167 60.33 -63.30 22.38
C VAL L 167 61.53 -62.73 21.65
N TRP L 168 62.46 -62.13 22.40
CA TRP L 168 63.57 -61.39 21.82
C TRP L 168 64.83 -62.26 21.87
N VAL L 169 65.44 -62.46 20.70
CA VAL L 169 66.61 -63.32 20.55
C VAL L 169 67.62 -62.61 19.66
N ASP L 170 68.86 -63.08 19.73
CA ASP L 170 69.92 -62.53 18.89
C ASP L 170 69.74 -62.99 17.45
N THR L 171 70.27 -62.17 16.53
CA THR L 171 70.09 -62.43 15.10
C THR L 171 70.52 -63.84 14.73
N ALA L 172 71.59 -64.33 15.36
CA ALA L 172 72.06 -65.68 15.09
C ALA L 172 71.02 -66.72 15.50
N THR L 173 70.46 -66.56 16.71
CA THR L 173 69.48 -67.52 17.20
C THR L 173 68.23 -67.53 16.32
N TRP L 174 67.76 -66.35 15.91
CA TRP L 174 66.58 -66.29 15.06
C TRP L 174 66.80 -67.05 13.75
N GLN L 175 68.01 -66.99 13.20
CA GLN L 175 68.31 -67.73 11.98
C GLN L 175 68.09 -69.22 12.18
N LEU L 176 68.48 -69.75 13.33
CA LEU L 176 68.28 -71.17 13.61
C LEU L 176 66.79 -71.49 13.77
N VAL L 177 66.03 -70.59 14.40
CA VAL L 177 64.62 -70.88 14.65
C VAL L 177 63.79 -70.77 13.37
N SER L 178 64.21 -69.90 12.44
CA SER L 178 63.48 -69.68 11.20
C SER L 178 64.11 -70.38 10.00
N HIS L 179 65.25 -71.06 10.18
CA HIS L 179 65.87 -71.86 9.13
C HIS L 179 66.13 -71.03 7.87
N THR L 180 66.92 -69.97 8.05
CA THR L 180 67.18 -69.06 6.94
C THR L 180 68.60 -68.52 7.05
N LYS L 181 69.23 -68.32 5.88
CA LYS L 181 70.56 -67.72 5.81
C LYS L 181 70.52 -66.20 5.91
N ALA L 182 69.34 -65.59 5.80
CA ALA L 182 69.21 -64.16 5.92
C ALA L 182 69.52 -63.69 7.34
N VAL L 183 69.92 -62.42 7.46
CA VAL L 183 70.21 -61.82 8.75
C VAL L 183 68.98 -61.20 9.39
N GLY L 184 67.84 -61.20 8.70
CA GLY L 184 66.63 -60.66 9.27
C GLY L 184 65.52 -60.67 8.24
N THR L 185 64.35 -60.22 8.68
CA THR L 185 63.18 -60.15 7.81
C THR L 185 62.93 -58.76 7.26
N VAL L 186 63.32 -57.71 7.98
CA VAL L 186 63.19 -56.33 7.52
C VAL L 186 64.45 -55.58 7.94
N LEU L 187 64.58 -54.34 7.43
CA LEU L 187 65.67 -53.45 7.80
C LEU L 187 65.09 -52.19 8.42
N LEU L 188 65.49 -51.91 9.66
CA LEU L 188 65.03 -50.72 10.38
C LEU L 188 65.97 -49.56 10.08
N LEU L 189 65.40 -48.43 9.66
CA LEU L 189 66.14 -47.22 9.36
C LEU L 189 65.76 -46.16 10.40
N ASN L 190 66.75 -45.64 11.12
CA ASN L 190 66.48 -44.64 12.14
C ASN L 190 66.40 -43.23 11.56
N GLN L 191 67.22 -42.94 10.56
CA GLN L 191 67.16 -41.68 9.84
C GLN L 191 66.54 -41.90 8.46
N GLU L 192 66.42 -40.82 7.69
CA GLU L 192 65.92 -40.95 6.34
C GLU L 192 66.95 -41.68 5.47
N PRO L 193 66.50 -42.55 4.58
CA PRO L 193 67.46 -43.29 3.74
C PRO L 193 68.14 -42.36 2.75
N THR L 194 69.46 -42.45 2.68
CA THR L 194 70.26 -41.63 1.78
C THR L 194 70.73 -42.39 0.55
N ILE L 195 70.30 -43.64 0.40
CA ILE L 195 70.59 -44.45 -0.77
C ILE L 195 69.27 -44.77 -1.46
N GLN L 196 69.30 -44.83 -2.78
CA GLN L 196 68.07 -45.19 -3.47
C GLN L 196 67.95 -46.72 -3.51
N PRO L 197 66.74 -47.25 -3.36
CA PRO L 197 66.58 -48.70 -3.24
C PRO L 197 66.51 -49.37 -4.61
N GLN L 198 66.76 -50.67 -4.60
CA GLN L 198 66.80 -51.47 -5.81
C GLN L 198 65.38 -51.89 -6.20
N ASP L 199 65.26 -52.37 -7.45
CA ASP L 199 63.94 -52.76 -7.96
C ASP L 199 63.22 -53.69 -7.00
N ASN L 200 63.95 -54.59 -6.36
CA ASN L 200 63.36 -55.54 -5.42
C ASN L 200 63.27 -55.01 -4.00
N GLU L 201 63.82 -53.82 -3.73
CA GLU L 201 63.76 -53.20 -2.42
C GLU L 201 62.64 -52.17 -2.36
N VAL L 202 62.17 -51.91 -1.15
CA VAL L 202 61.10 -50.94 -0.93
C VAL L 202 61.21 -50.37 0.48
N VAL L 203 61.34 -49.05 0.59
CA VAL L 203 61.38 -48.37 1.87
C VAL L 203 60.00 -47.87 2.20
N THR L 204 59.59 -48.02 3.47
CA THR L 204 58.27 -47.63 3.91
C THR L 204 58.36 -47.07 5.32
N ASP L 205 57.42 -46.19 5.65
CA ASP L 205 57.31 -45.62 6.98
C ASP L 205 56.61 -46.60 7.92
N LEU L 206 56.60 -46.24 9.21
CA LEU L 206 56.00 -47.09 10.23
C LEU L 206 54.55 -47.44 9.87
N LYS L 207 53.82 -46.48 9.27
CA LYS L 207 52.44 -46.74 8.86
C LYS L 207 52.37 -47.96 7.96
N GLY L 208 53.13 -47.95 6.86
CA GLY L 208 53.13 -49.08 5.94
C GLY L 208 53.61 -50.36 6.59
N ALA L 209 54.46 -50.26 7.61
CA ALA L 209 54.93 -51.46 8.30
C ALA L 209 53.78 -52.21 8.98
N PHE L 210 52.78 -51.49 9.46
CA PHE L 210 51.61 -52.16 10.03
C PHE L 210 50.80 -52.84 8.93
N GLN L 211 50.72 -52.21 7.75
CA GLN L 211 50.05 -52.82 6.61
C GLN L 211 50.67 -54.14 6.20
N ALA L 212 51.92 -54.40 6.57
CA ALA L 212 52.60 -55.62 6.19
C ALA L 212 52.39 -56.76 7.18
N MET L 213 51.77 -56.51 8.31
CA MET L 213 51.48 -57.59 9.25
C MET L 213 50.22 -58.33 8.80
N PRO L 214 50.22 -59.67 8.89
CA PRO L 214 49.11 -60.43 8.29
C PRO L 214 47.76 -60.14 8.95
N ALA L 215 47.69 -60.21 10.29
CA ALA L 215 46.42 -60.06 10.98
C ALA L 215 45.95 -58.61 11.05
N TYR L 216 46.85 -57.65 10.88
CA TYR L 216 46.53 -56.26 11.22
C TYR L 216 45.53 -55.68 10.23
N LYS L 217 45.88 -55.68 8.94
CA LYS L 217 45.03 -55.04 7.95
C LYS L 217 43.65 -55.66 7.91
N SER L 218 43.58 -57.00 7.94
CA SER L 218 42.29 -57.68 7.85
C SER L 218 41.41 -57.47 9.08
N GLU L 219 41.96 -56.92 10.16
CA GLU L 219 41.22 -56.73 11.40
C GLU L 219 40.87 -55.28 11.69
N ARG L 220 41.77 -54.34 11.42
CA ARG L 220 41.44 -52.93 11.60
C ARG L 220 40.36 -52.48 10.61
N SER L 221 40.35 -53.05 9.41
CA SER L 221 39.34 -52.69 8.42
C SER L 221 37.96 -53.18 8.85
N SER L 222 37.88 -54.43 9.31
CA SER L 222 36.58 -55.00 9.70
C SER L 222 35.98 -54.26 10.88
N LEU L 223 36.81 -53.86 11.85
CA LEU L 223 36.28 -53.12 12.99
C LEU L 223 35.75 -51.75 12.57
N LEU L 224 36.44 -51.08 11.64
CA LEU L 224 35.97 -49.77 11.20
C LEU L 224 34.65 -49.87 10.44
N SER L 225 34.49 -50.89 9.59
CA SER L 225 33.24 -51.04 8.87
C SER L 225 32.07 -51.25 9.82
N MET L 226 32.24 -52.11 10.83
CA MET L 226 31.17 -52.30 11.81
C MET L 226 30.84 -51.00 12.52
N GLN L 227 31.85 -50.23 12.89
CA GLN L 227 31.59 -48.93 13.52
C GLN L 227 30.82 -48.01 12.58
N ALA L 228 31.13 -48.08 11.29
CA ALA L 228 30.42 -47.26 10.32
C ALA L 228 28.94 -47.62 10.28
N PHE L 229 28.63 -48.92 10.30
CA PHE L 229 27.23 -49.34 10.38
C PHE L 229 26.56 -48.76 11.62
N LEU L 230 27.25 -48.75 12.76
CA LEU L 230 26.66 -48.20 13.97
C LEU L 230 26.41 -46.71 13.84
N TYR L 231 27.37 -45.98 13.26
CA TYR L 231 27.15 -44.56 13.02
C TYR L 231 25.97 -44.32 12.09
N ILE L 232 25.87 -45.14 11.04
CA ILE L 232 24.73 -45.02 10.12
C ILE L 232 23.43 -45.32 10.85
N ILE L 233 23.42 -46.38 11.65
CA ILE L 233 22.21 -46.74 12.38
C ILE L 233 21.79 -45.61 13.31
N SER L 234 22.76 -45.00 14.00
CA SER L 234 22.42 -43.87 14.89
C SER L 234 21.78 -42.75 14.10
N ALA L 235 22.39 -42.35 12.97
CA ALA L 235 21.84 -41.28 12.15
C ALA L 235 20.41 -41.60 11.71
N LEU L 236 20.19 -42.82 11.20
CA LEU L 236 18.84 -43.17 10.75
C LEU L 236 17.86 -43.25 11.91
N VAL L 237 18.29 -43.82 13.04
CA VAL L 237 17.41 -43.93 14.21
C VAL L 237 16.95 -42.55 14.66
N THR L 238 17.86 -41.59 14.76
CA THR L 238 17.47 -40.24 15.16
C THR L 238 16.55 -39.63 14.12
N VAL L 239 16.89 -39.75 12.84
CA VAL L 239 16.06 -39.19 11.77
C VAL L 239 14.67 -39.81 11.78
N ALA L 240 14.61 -41.14 11.91
CA ALA L 240 13.31 -41.82 11.95
C ALA L 240 12.47 -41.32 13.12
N PHE L 241 13.02 -41.40 14.34
CA PHE L 241 12.30 -40.94 15.52
C PHE L 241 11.83 -39.50 15.35
N LEU L 242 12.75 -38.62 14.96
CA LEU L 242 12.45 -37.18 14.98
C LEU L 242 11.50 -36.78 13.86
N THR L 243 11.56 -37.48 12.72
CA THR L 243 10.63 -37.19 11.64
C THR L 243 9.19 -37.50 12.07
N VAL L 244 8.98 -38.69 12.64
CA VAL L 244 7.64 -39.05 13.10
C VAL L 244 7.16 -38.08 14.15
N TRP L 245 8.07 -37.58 14.99
CA TRP L 245 7.68 -36.67 16.06
C TRP L 245 7.23 -35.32 15.51
N THR L 246 8.06 -34.72 14.64
CA THR L 246 7.72 -33.40 14.10
C THR L 246 6.43 -33.44 13.29
N LEU L 247 6.18 -34.53 12.58
CA LEU L 247 4.91 -34.63 11.87
C LEU L 247 3.73 -34.63 12.82
N GLN L 248 3.88 -35.22 14.00
CA GLN L 248 2.80 -35.24 14.98
C GLN L 248 2.59 -33.88 15.63
N ARG L 249 3.57 -33.00 15.57
CA ARG L 249 3.46 -31.66 16.13
C ARG L 249 2.84 -30.67 15.15
N THR L 250 2.54 -31.09 13.93
CA THR L 250 2.06 -30.18 12.90
C THR L 250 1.02 -29.22 13.47
N ARG L 251 0.13 -29.75 14.32
CA ARG L 251 -0.94 -28.92 14.86
C ARG L 251 -0.37 -27.86 15.79
N ASP L 252 0.54 -28.26 16.68
CA ASP L 252 1.15 -27.28 17.59
C ASP L 252 2.05 -26.32 16.85
N ILE L 253 2.79 -26.81 15.85
CA ILE L 253 3.67 -25.93 15.08
C ILE L 253 2.84 -24.94 14.27
N ALA L 254 1.71 -25.39 13.71
CA ALA L 254 0.84 -24.48 12.97
C ALA L 254 0.31 -23.38 13.88
N VAL L 255 -0.05 -23.73 15.11
CA VAL L 255 -0.59 -22.74 16.04
C VAL L 255 0.45 -21.67 16.35
N LEU L 256 1.70 -22.08 16.61
CA LEU L 256 2.76 -21.12 16.89
C LEU L 256 3.09 -20.27 15.68
N ALA L 257 3.10 -20.87 14.49
CA ALA L 257 3.36 -20.11 13.27
C ALA L 257 2.29 -19.03 13.06
N ALA L 258 1.01 -19.42 13.22
CA ALA L 258 -0.08 -18.46 13.05
C ALA L 258 0.06 -17.30 14.03
N LEU L 259 0.48 -17.58 15.26
CA LEU L 259 0.63 -16.54 16.27
C LEU L 259 1.72 -15.54 15.91
N GLY L 260 2.65 -15.90 15.03
CA GLY L 260 3.70 -15.00 14.62
C GLY L 260 5.09 -15.54 14.83
N ALA L 261 5.20 -16.80 15.26
CA ALA L 261 6.51 -17.38 15.48
C ALA L 261 7.30 -17.41 14.19
N SER L 262 8.48 -16.82 14.22
CA SER L 262 9.33 -16.78 13.04
C SER L 262 9.79 -18.18 12.64
N LYS L 263 10.26 -18.30 11.41
CA LYS L 263 10.82 -19.57 10.95
C LYS L 263 12.04 -19.96 11.77
N ARG L 264 12.87 -18.98 12.11
CA ARG L 264 14.06 -19.26 12.90
C ARG L 264 13.70 -19.78 14.29
N TYR L 265 12.69 -19.19 14.92
CA TYR L 265 12.25 -19.63 16.25
C TYR L 265 11.80 -21.08 16.24
N LEU L 266 10.96 -21.46 15.27
CA LEU L 266 10.43 -22.81 15.26
C LEU L 266 11.52 -23.85 15.01
N LEU L 267 12.47 -23.54 14.12
CA LEU L 267 13.53 -24.50 13.83
C LEU L 267 14.46 -24.68 15.03
N ILE L 268 14.78 -23.61 15.74
CA ILE L 268 15.62 -23.72 16.92
C ILE L 268 14.94 -24.58 17.98
N ASP L 269 13.63 -24.42 18.14
CA ASP L 269 12.88 -25.25 19.09
C ASP L 269 13.09 -26.73 18.80
N ALA L 270 12.90 -27.15 17.54
CA ALA L 270 13.01 -28.56 17.19
C ALA L 270 14.43 -29.07 17.40
N LEU L 271 15.42 -28.34 16.89
CA LEU L 271 16.80 -28.79 17.03
C LEU L 271 17.25 -28.73 18.48
N GLY L 272 16.79 -27.72 19.22
CA GLY L 272 17.11 -27.67 20.64
C GLY L 272 16.59 -28.88 21.38
N GLN L 273 15.35 -29.27 21.09
CA GLN L 273 14.79 -30.47 21.70
C GLN L 273 15.58 -31.71 21.29
N ALA L 274 15.89 -31.84 20.00
CA ALA L 274 16.66 -32.98 19.53
C ALA L 274 18.07 -32.99 20.14
N ALA L 275 18.71 -31.83 20.20
CA ALA L 275 20.06 -31.75 20.74
C ALA L 275 20.11 -32.18 22.20
N ILE L 276 19.11 -31.77 22.98
CA ILE L 276 19.07 -32.17 24.39
C ILE L 276 18.95 -33.68 24.52
N ILE L 277 18.06 -34.28 23.74
CA ILE L 277 17.88 -35.73 23.80
C ILE L 277 19.13 -36.45 23.33
N LEU L 278 19.70 -35.99 22.20
CA LEU L 278 20.92 -36.62 21.69
C LEU L 278 22.06 -36.48 22.68
N ALA L 279 22.20 -35.30 23.29
CA ALA L 279 23.23 -35.11 24.31
C ALA L 279 23.02 -36.05 25.48
N ALA L 280 21.80 -36.09 26.03
CA ALA L 280 21.50 -37.01 27.11
C ALA L 280 21.80 -38.44 26.71
N GLY L 281 21.27 -38.88 25.56
CA GLY L 281 21.49 -40.25 25.13
C GLY L 281 22.96 -40.56 24.95
N VAL L 282 23.69 -39.67 24.27
CA VAL L 282 25.10 -39.92 24.00
C VAL L 282 25.93 -39.89 25.27
N ALA L 283 25.65 -38.93 26.16
CA ALA L 283 26.40 -38.84 27.41
C ALA L 283 26.24 -40.09 28.24
N LEU L 284 25.00 -40.55 28.41
CA LEU L 284 24.76 -41.76 29.20
C LEU L 284 25.41 -42.98 28.57
N GLY L 285 25.27 -43.13 27.25
CA GLY L 285 25.89 -44.27 26.58
C GLY L 285 27.40 -44.29 26.71
N ALA L 286 28.03 -43.13 26.48
CA ALA L 286 29.48 -43.06 26.56
C ALA L 286 29.98 -43.23 27.99
N GLY L 287 29.22 -42.75 28.96
CA GLY L 287 29.55 -42.98 30.35
C GLY L 287 29.56 -44.45 30.70
N ILE L 288 28.45 -45.13 30.46
CA ILE L 288 28.37 -46.57 30.71
C ILE L 288 29.43 -47.32 29.91
N GLY L 289 29.74 -46.85 28.70
CA GLY L 289 30.74 -47.51 27.88
C GLY L 289 32.11 -47.51 28.52
N ALA L 290 32.61 -46.32 28.88
CA ALA L 290 33.92 -46.22 29.50
C ALA L 290 33.96 -47.02 30.80
N LEU L 291 32.86 -47.03 31.55
CA LEU L 291 32.83 -47.79 32.79
C LEU L 291 32.93 -49.28 32.51
N LEU L 292 32.08 -49.81 31.62
CA LEU L 292 32.14 -51.22 31.27
C LEU L 292 33.50 -51.57 30.67
N GLY L 293 34.06 -50.67 29.84
CA GLY L 293 35.34 -50.96 29.21
C GLY L 293 36.49 -50.98 30.21
N TRP L 294 36.57 -49.96 31.07
CA TRP L 294 37.59 -49.96 32.11
C TRP L 294 37.48 -51.19 33.00
N LEU L 295 36.26 -51.66 33.24
CA LEU L 295 36.05 -52.88 34.02
C LEU L 295 36.56 -54.12 33.29
N ILE L 296 36.62 -54.08 31.95
CA ILE L 296 36.99 -55.25 31.16
C ILE L 296 38.45 -55.23 30.72
N ALA L 297 39.14 -54.10 30.83
CA ALA L 297 40.47 -53.94 30.28
C ALA L 297 41.52 -54.86 30.90
N GLY L 298 41.09 -55.78 31.76
CA GLY L 298 42.01 -56.73 32.34
C GLY L 298 41.98 -58.09 31.65
N SER L 299 40.79 -58.48 31.16
CA SER L 299 40.62 -59.75 30.47
C SER L 299 40.67 -59.63 28.96
N VAL L 300 40.21 -58.53 28.40
CA VAL L 300 40.15 -58.35 26.95
C VAL L 300 40.88 -57.06 26.57
N PRO L 301 41.60 -57.05 25.45
CA PRO L 301 42.34 -55.83 25.06
C PRO L 301 41.39 -54.66 24.85
N PHE L 302 41.56 -53.63 25.68
CA PHE L 302 40.69 -52.46 25.63
C PHE L 302 41.51 -51.22 25.95
N SER L 303 41.70 -50.36 24.96
CA SER L 303 42.43 -49.11 25.14
C SER L 303 41.42 -48.00 25.43
N LEU L 304 41.58 -47.34 26.57
CA LEU L 304 40.61 -46.35 27.05
C LEU L 304 41.33 -45.05 27.38
N GLY L 305 41.20 -44.07 26.49
CA GLY L 305 41.68 -42.73 26.75
C GLY L 305 40.57 -41.71 26.71
N TRP L 306 40.94 -40.44 26.52
CA TRP L 306 39.93 -39.40 26.36
C TRP L 306 39.38 -39.38 24.95
N VAL L 307 40.23 -39.64 23.96
CA VAL L 307 39.80 -39.59 22.56
C VAL L 307 38.96 -40.80 22.18
N SER L 308 39.11 -41.93 22.87
CA SER L 308 38.40 -43.15 22.52
C SER L 308 36.97 -43.17 23.04
N VAL L 309 36.60 -42.24 23.91
CA VAL L 309 35.23 -42.10 24.37
C VAL L 309 34.56 -40.85 23.80
N LEU L 310 35.30 -39.75 23.70
CA LEU L 310 34.73 -38.48 23.29
C LEU L 310 34.75 -38.28 21.78
N GLY L 311 35.67 -38.91 21.08
CA GLY L 311 35.68 -38.86 19.64
C GLY L 311 34.38 -39.33 19.06
N PRO L 312 34.03 -40.59 19.31
CA PRO L 312 32.74 -41.11 18.81
C PRO L 312 31.54 -40.36 19.36
N ALA L 313 31.58 -39.95 20.63
CA ALA L 313 30.44 -39.23 21.20
C ALA L 313 30.16 -37.96 20.42
N LEU L 314 31.19 -37.14 20.19
CA LEU L 314 30.99 -35.91 19.44
C LEU L 314 30.61 -36.21 17.99
N GLY L 315 31.21 -37.26 17.41
CA GLY L 315 30.80 -37.67 16.07
C GLY L 315 29.34 -38.06 16.00
N ILE L 316 28.88 -38.85 16.97
CA ILE L 316 27.47 -39.25 16.99
C ILE L 316 26.58 -38.03 17.18
N TRP L 317 26.97 -37.12 18.07
CA TRP L 317 26.12 -35.96 18.35
C TRP L 317 25.99 -35.07 17.13
N LEU L 318 27.06 -34.91 16.37
CA LEU L 318 26.99 -34.08 15.16
C LEU L 318 26.19 -34.78 14.06
N LEU L 319 26.35 -36.10 13.93
CA LEU L 319 25.47 -36.84 13.03
C LEU L 319 24.01 -36.67 13.40
N GLY L 320 23.71 -36.67 14.70
CA GLY L 320 22.33 -36.47 15.12
C GLY L 320 21.79 -35.10 14.77
N LEU L 321 22.63 -34.06 14.90
CA LEU L 321 22.19 -32.71 14.55
C LEU L 321 21.94 -32.60 13.05
N ILE L 322 22.85 -33.15 12.24
CA ILE L 322 22.62 -33.20 10.80
C ILE L 322 21.41 -34.06 10.49
N GLY L 323 21.31 -35.22 11.13
CA GLY L 323 20.13 -36.04 10.98
C GLY L 323 18.87 -35.34 11.45
N ALA L 324 18.98 -34.61 12.58
CA ALA L 324 17.81 -33.93 13.13
C ALA L 324 17.30 -32.86 12.18
N THR L 325 18.22 -32.05 11.63
CA THR L 325 17.81 -31.04 10.66
C THR L 325 17.11 -31.67 9.46
N ILE L 326 17.59 -32.83 9.01
CA ILE L 326 16.91 -33.53 7.93
C ILE L 326 15.48 -33.87 8.33
N ALA L 327 15.27 -34.26 9.59
CA ALA L 327 13.94 -34.67 10.03
C ALA L 327 13.05 -33.47 10.35
N VAL L 328 13.66 -32.35 10.77
CA VAL L 328 12.91 -31.16 11.15
C VAL L 328 12.69 -30.21 9.98
N ARG L 329 13.28 -30.48 8.82
CA ARG L 329 13.22 -29.59 7.68
C ARG L 329 11.81 -29.05 7.44
N ASN L 330 10.80 -29.89 7.68
CA ASN L 330 9.41 -29.53 7.37
C ASN L 330 8.75 -28.72 8.48
N VAL L 331 9.50 -28.31 9.51
CA VAL L 331 8.90 -27.48 10.55
C VAL L 331 8.69 -26.06 10.07
N THR L 332 9.42 -25.63 9.05
CA THR L 332 9.28 -24.27 8.52
C THR L 332 8.36 -24.16 7.33
N LYS L 333 7.90 -25.29 6.78
CA LYS L 333 7.01 -25.29 5.62
C LYS L 333 5.54 -25.39 5.99
N VAL L 334 5.22 -25.72 7.24
CA VAL L 334 3.83 -25.84 7.67
C VAL L 334 3.18 -24.45 7.67
N ASP L 335 2.13 -24.28 6.87
CA ASP L 335 1.47 -22.98 6.85
C ASP L 335 0.63 -22.80 8.12
N PRO L 336 0.52 -21.55 8.61
CA PRO L 336 -0.19 -21.32 9.86
C PRO L 336 -1.70 -21.43 9.73
N GLN L 337 -2.24 -21.51 8.52
CA GLN L 337 -3.67 -21.67 8.39
C GLN L 337 -4.15 -23.03 8.89
N ILE L 338 -3.26 -23.97 9.17
CA ILE L 338 -3.70 -25.27 9.68
C ILE L 338 -4.35 -25.14 11.05
N ALA L 339 -4.15 -24.01 11.73
CA ALA L 339 -4.71 -23.86 13.07
C ALA L 339 -6.15 -23.41 13.03
N LEU L 340 -6.57 -22.73 11.96
CA LEU L 340 -7.95 -22.30 11.88
C LEU L 340 -8.89 -23.46 11.57
N GLY L 341 -8.35 -24.58 11.12
CA GLY L 341 -9.13 -25.76 10.83
C GLY L 341 -9.09 -26.77 11.96
N ALA L 342 -10.13 -27.59 12.04
CA ALA L 342 -10.24 -28.64 13.05
C ALA L 342 -9.85 -29.96 12.40
N THR L 343 -8.70 -30.50 12.79
CA THR L 343 -8.21 -31.77 12.24
C THR L 343 -8.11 -32.84 13.33
#